data_6M39
#
_entry.id   6M39
#
_cell.length_a   1.00
_cell.length_b   1.00
_cell.length_c   1.00
_cell.angle_alpha   90.00
_cell.angle_beta   90.00
_cell.angle_gamma   90.00
#
_symmetry.space_group_name_H-M   'P 1'
#
loop_
_entity.id
_entity.type
_entity.pdbx_description
1 polymer 'Spike glycoprotein'
2 non-polymer 2-acetamido-2-deoxy-beta-D-glucopyranose
#
_entity_poly.entity_id   1
_entity_poly.type   'polypeptide(L)'
_entity_poly.pdbx_seq_one_letter_code
;GCESVDFNLFNTIFSTHRGLSNTTSVITGAYPSTNKSDWSCNTRTGHLSGSGFGIGLYVQTPREQYQYDGSGAGGYTIAV
SPIHVTNLTWELWIHRKWGVNSVVTVRLCRWWQFMSFNSTSHAADAGPTNAFECLINGSYPTHRNTGYMFGVTWYNDLVR
IVFPPTVLEMQLDGLQWERVQFNSPVNAGHATRFNVVKDISTVLVETNSGGSVFRYSYCADGFVNGLQCKLRLFDIPPGV
YSNSEVEYPTALYTVVHNMSACPERPDSYCGSNSCPFKRAVFSNCIVNYTTWVNPDQRDFQHLILPNGKFNPFTECNGLN
RIVDGCVPGFVLRVGRGKAVNRTIVTPYLKPYECFGWSWNDNQDSIYDWWIADFVSTGAFVCESNPEAPKTGVCVTYTVE
KVTFQGVLYESNFTFAQYYNLLYVGSQLRYVRILGKVYEVSSCFEASYDVLYRNNQSFGLLYRSFDCNQLHIKSARFVDR
LLPSHNGTATVLGCLFNASYAPNDTMVNCTNPLGDGFCADLLGNVAVRRMTFEKHDTTYVAPVTNERYTEMPLDHQLILT
EQFLQTTMPKFSVSCETYICDVSKACKNLLFRYGGFCQKVEADIRGAGILLDGDVSSLYSTIAAKTSSVVPTTDRFNVSQ
FFLPKTQSSANKYESRSAIEDLLFSKIETTGPGFYGDYYNCKKNAIQDLTCAQYHNGILVIPPIMDAETLGMYGGIAAAS
VTLGIFGGQAGMATWSVAMAGRLNALGVVQNALVDDVNKLANGFNQLTASVSKLALTTSSALQAIQAVVNQNAAQVESLV
SGITENFGAISTNFKVISQRLDKLEADVQMDRLINGRMNVLQLFVTNYKLKIAELRNTHRYVQSLINECVYAQSLRNGFC
GQGLHVLSLMQNAPSGIMFFHYSLIPNNTITVKTTPGLCESDELGSKCIVAKDGVLVSANLSYWQWSPRNLYKPENLTFA
NVIAVSRGANYTTLNKTFDIP
;
_entity_poly.pdbx_strand_id   A,B,C
#
loop_
_chem_comp.id
_chem_comp.type
_chem_comp.name
_chem_comp.formula
NAG D-saccharide, beta linking 2-acetamido-2-deoxy-beta-D-glucopyranose 'C8 H15 N O6'
#
# COMPACT_ATOMS: atom_id res chain seq x y z
N GLY A 1 -28.27 18.86 -42.15
CA GLY A 1 -28.18 20.27 -42.49
C GLY A 1 -27.53 20.52 -43.83
N CYS A 2 -26.98 19.46 -44.43
CA CYS A 2 -26.33 19.55 -45.71
C CYS A 2 -26.92 18.53 -46.67
N GLU A 3 -26.46 18.57 -47.92
CA GLU A 3 -27.03 17.71 -48.95
C GLU A 3 -26.58 16.27 -48.77
N SER A 4 -25.28 16.03 -48.86
CA SER A 4 -24.73 14.68 -48.82
C SER A 4 -23.48 14.72 -47.95
N VAL A 5 -23.64 14.34 -46.69
CA VAL A 5 -22.54 14.11 -45.78
C VAL A 5 -22.70 12.71 -45.21
N ASP A 6 -21.74 11.84 -45.46
CA ASP A 6 -21.80 10.47 -44.97
C ASP A 6 -21.39 10.50 -43.50
N PHE A 7 -22.28 10.04 -42.63
CA PHE A 7 -21.97 9.91 -41.23
C PHE A 7 -21.70 8.48 -40.81
N ASN A 8 -22.23 7.50 -41.54
CA ASN A 8 -22.02 6.10 -41.19
C ASN A 8 -20.58 5.68 -41.40
N LEU A 9 -19.87 6.34 -42.31
CA LEU A 9 -18.52 5.93 -42.66
C LEU A 9 -17.46 6.86 -42.09
N PHE A 10 -17.74 7.54 -40.98
CA PHE A 10 -16.65 8.10 -40.19
C PHE A 10 -15.85 7.00 -39.52
N ASN A 11 -16.48 5.88 -39.18
CA ASN A 11 -15.86 4.81 -38.40
C ASN A 11 -14.75 4.08 -39.13
N THR A 12 -14.55 4.33 -40.42
CA THR A 12 -13.42 3.75 -41.13
C THR A 12 -12.12 4.47 -40.83
N ILE A 13 -12.15 5.58 -40.10
CA ILE A 13 -10.95 6.38 -39.88
C ILE A 13 -10.52 6.39 -38.41
N PHE A 14 -11.38 5.96 -37.50
CA PHE A 14 -11.01 5.98 -36.09
C PHE A 14 -10.14 4.80 -35.78
N SER A 15 -9.14 5.01 -34.92
CA SER A 15 -8.24 3.94 -34.55
C SER A 15 -7.85 4.09 -33.10
N THR A 16 -7.93 3.00 -32.34
CA THR A 16 -7.48 2.99 -30.96
C THR A 16 -5.97 2.83 -30.93
N HIS A 17 -5.40 2.64 -29.75
CA HIS A 17 -3.94 2.55 -29.68
C HIS A 17 -3.45 1.18 -30.18
N ARG A 18 -3.90 0.08 -29.56
CA ARG A 18 -3.37 -1.23 -29.89
C ARG A 18 -4.49 -2.29 -29.83
N GLY A 19 -5.02 -2.61 -31.00
CA GLY A 19 -5.92 -3.71 -31.32
C GLY A 19 -6.98 -4.15 -30.33
N LEU A 20 -7.62 -3.22 -29.64
CA LEU A 20 -8.56 -3.58 -28.59
C LEU A 20 -9.81 -4.15 -29.26
N SER A 21 -10.19 -5.39 -28.89
CA SER A 21 -11.06 -6.17 -29.76
C SER A 21 -12.52 -5.76 -29.66
N ASN A 22 -13.16 -6.03 -28.53
CA ASN A 22 -14.58 -6.25 -28.61
C ASN A 22 -15.33 -5.41 -27.59
N THR A 23 -14.63 -4.52 -26.88
CA THR A 23 -15.23 -3.60 -25.93
C THR A 23 -14.94 -2.17 -26.36
N THR A 24 -15.59 -1.23 -25.69
CA THR A 24 -15.45 0.16 -26.10
C THR A 24 -14.11 0.71 -25.65
N SER A 25 -13.82 1.93 -26.11
CA SER A 25 -12.65 2.69 -25.73
C SER A 25 -12.87 4.13 -26.14
N VAL A 26 -12.40 5.06 -25.32
CA VAL A 26 -12.38 6.45 -25.70
C VAL A 26 -10.98 6.79 -26.17
N ILE A 27 -10.89 7.61 -27.20
CA ILE A 27 -9.62 8.01 -27.79
C ILE A 27 -9.67 9.49 -28.14
N THR A 28 -8.64 10.22 -27.74
CA THR A 28 -8.59 11.66 -27.91
C THR A 28 -7.68 11.98 -29.08
N GLY A 29 -8.04 13.02 -29.84
CA GLY A 29 -7.21 13.47 -30.93
C GLY A 29 -7.98 14.38 -31.84
N ALA A 30 -7.29 14.83 -32.89
CA ALA A 30 -7.94 15.63 -33.92
C ALA A 30 -8.77 14.73 -34.82
N TYR A 31 -10.07 14.90 -34.78
CA TYR A 31 -11.03 14.05 -35.46
C TYR A 31 -12.07 14.95 -36.12
N PRO A 32 -12.73 14.49 -37.19
CA PRO A 32 -13.59 15.40 -37.96
C PRO A 32 -14.85 15.82 -37.20
N SER A 33 -15.59 16.75 -37.78
CA SER A 33 -16.60 17.49 -37.03
C SER A 33 -17.98 16.83 -37.11
N THR A 34 -18.85 17.24 -36.18
CA THR A 34 -20.25 16.83 -36.21
C THR A 34 -21.04 17.72 -37.15
N ASN A 35 -20.57 18.96 -37.30
CA ASN A 35 -21.32 20.06 -37.88
C ASN A 35 -21.62 19.81 -39.34
N LYS A 36 -22.90 19.88 -39.71
CA LYS A 36 -23.27 19.66 -41.11
C LYS A 36 -22.90 20.86 -41.97
N SER A 37 -22.55 21.98 -41.34
CA SER A 37 -22.19 23.17 -42.11
C SER A 37 -20.71 23.18 -42.44
N ASP A 38 -19.88 22.51 -41.63
CA ASP A 38 -18.43 22.62 -41.83
C ASP A 38 -17.97 21.83 -43.04
N TRP A 39 -18.72 20.80 -43.42
CA TRP A 39 -18.52 20.17 -44.71
C TRP A 39 -19.20 21.01 -45.79
N SER A 40 -18.62 21.01 -46.99
CA SER A 40 -19.16 21.84 -48.07
C SER A 40 -20.46 21.28 -48.60
N CYS A 41 -21.29 22.13 -49.19
CA CYS A 41 -22.60 21.71 -49.66
C CYS A 41 -22.83 22.19 -51.10
N LEU A 48 -14.29 24.31 -56.22
CA LEU A 48 -14.76 24.68 -54.89
C LEU A 48 -13.59 24.83 -53.94
N SER A 49 -12.84 25.92 -54.11
CA SER A 49 -11.62 26.17 -53.34
C SER A 49 -11.98 26.53 -51.91
N GLY A 50 -11.31 25.90 -50.95
CA GLY A 50 -11.56 26.14 -49.55
C GLY A 50 -10.33 26.66 -48.83
N SER A 51 -10.53 27.70 -48.03
CA SER A 51 -9.49 28.25 -47.18
C SER A 51 -9.97 28.27 -45.74
N GLY A 52 -9.08 27.96 -44.82
CA GLY A 52 -9.44 27.94 -43.42
C GLY A 52 -8.22 27.63 -42.58
N PHE A 53 -8.38 27.84 -41.28
CA PHE A 53 -7.33 27.58 -40.31
C PHE A 53 -7.76 26.44 -39.40
N GLY A 54 -6.78 25.67 -38.94
CA GLY A 54 -7.09 24.57 -38.05
C GLY A 54 -5.88 23.69 -37.84
N ILE A 55 -6.14 22.52 -37.27
CA ILE A 55 -5.11 21.51 -37.02
C ILE A 55 -5.58 20.20 -37.63
N GLY A 56 -5.27 19.98 -38.89
CA GLY A 56 -5.68 18.81 -39.61
C GLY A 56 -6.87 19.09 -40.51
N LEU A 57 -7.17 18.12 -41.36
CA LEU A 57 -8.36 18.18 -42.20
C LEU A 57 -8.76 16.77 -42.59
N TYR A 58 -9.97 16.66 -43.15
CA TYR A 58 -10.58 15.38 -43.46
C TYR A 58 -11.49 15.58 -44.66
N VAL A 59 -11.41 14.66 -45.63
CA VAL A 59 -12.36 14.66 -46.75
C VAL A 59 -12.88 13.26 -46.94
N GLN A 60 -13.93 13.14 -47.74
CA GLN A 60 -14.28 11.88 -48.36
C GLN A 60 -14.75 12.15 -49.78
N THR A 61 -15.31 11.13 -50.42
CA THR A 61 -15.90 11.33 -51.73
C THR A 61 -17.16 10.49 -51.89
N PRO A 62 -18.20 11.05 -52.51
CA PRO A 62 -19.43 10.29 -52.72
C PRO A 62 -19.37 9.43 -53.96
N ARG A 63 -20.51 8.88 -54.36
CA ARG A 63 -20.66 8.20 -55.64
C ARG A 63 -20.32 9.11 -56.82
N TYR A 76 -8.76 16.70 -55.91
CA TYR A 76 -8.39 17.16 -54.58
C TYR A 76 -6.92 17.54 -54.56
N THR A 77 -6.62 18.84 -54.63
CA THR A 77 -5.25 19.32 -54.48
C THR A 77 -5.21 20.13 -53.20
N ILE A 78 -4.77 19.50 -52.13
CA ILE A 78 -4.89 20.03 -50.79
C ILE A 78 -3.55 20.57 -50.32
N ALA A 79 -3.49 21.87 -50.02
CA ALA A 79 -2.24 22.56 -49.67
C ALA A 79 -2.26 22.93 -48.19
N VAL A 80 -1.20 22.54 -47.48
CA VAL A 80 -1.04 22.81 -46.05
C VAL A 80 0.27 23.55 -45.83
N SER A 81 0.19 24.72 -45.20
CA SER A 81 1.35 25.58 -45.06
C SER A 81 1.25 26.31 -43.73
N PRO A 82 2.36 26.89 -43.24
CA PRO A 82 2.26 27.87 -42.16
C PRO A 82 1.83 29.22 -42.68
N ILE A 83 1.73 30.19 -41.78
CA ILE A 83 1.37 31.54 -42.19
C ILE A 83 2.58 32.24 -42.82
N HIS A 84 3.64 32.46 -42.04
CA HIS A 84 4.85 33.11 -42.52
C HIS A 84 5.75 32.07 -43.14
N VAL A 85 5.93 32.16 -44.46
CA VAL A 85 6.80 31.24 -45.19
C VAL A 85 8.11 31.96 -45.50
N THR A 86 9.21 31.30 -45.17
CA THR A 86 10.53 31.78 -45.52
C THR A 86 11.18 30.82 -46.51
N ASN A 87 12.47 31.05 -46.78
CA ASN A 87 13.20 30.19 -47.71
C ASN A 87 13.34 28.77 -47.17
N LEU A 88 13.51 28.61 -45.87
CA LEU A 88 13.61 27.30 -45.26
C LEU A 88 12.45 27.12 -44.29
N THR A 89 11.36 26.53 -44.80
CA THR A 89 10.24 26.11 -43.98
C THR A 89 9.87 24.70 -44.41
N TRP A 90 8.71 24.23 -43.95
CA TRP A 90 8.18 22.95 -44.37
C TRP A 90 6.67 23.06 -44.55
N GLU A 91 6.18 22.60 -45.70
CA GLU A 91 4.78 22.63 -46.05
C GLU A 91 4.41 21.24 -46.54
N LEU A 92 3.18 21.09 -47.05
CA LEU A 92 2.89 19.98 -47.92
C LEU A 92 1.84 20.37 -48.93
N TRP A 93 1.74 19.59 -50.00
CA TRP A 93 0.53 19.58 -50.79
C TRP A 93 0.34 18.20 -51.41
N ILE A 94 -0.91 17.76 -51.39
CA ILE A 94 -1.31 16.49 -51.96
C ILE A 94 -1.93 16.81 -53.31
N HIS A 95 -1.79 15.89 -54.25
CA HIS A 95 -2.12 16.14 -55.65
C HIS A 95 -3.07 15.07 -56.16
N ARG A 96 -4.10 15.50 -56.88
CA ARG A 96 -4.98 14.57 -57.58
C ARG A 96 -5.30 15.10 -58.97
N LYS A 97 -5.42 14.19 -59.93
CA LYS A 97 -5.93 14.48 -61.26
C LYS A 97 -6.79 13.33 -61.75
N TRP A 98 -8.10 13.55 -61.79
CA TRP A 98 -9.06 12.73 -62.55
C TRP A 98 -9.15 11.29 -62.04
N GLY A 99 -8.89 11.14 -60.74
CA GLY A 99 -9.16 9.85 -60.12
C GLY A 99 -8.09 8.82 -60.39
N VAL A 100 -8.49 7.71 -61.00
CA VAL A 100 -7.66 6.50 -60.99
C VAL A 100 -6.54 6.63 -62.02
N ASN A 101 -6.66 7.58 -62.95
CA ASN A 101 -5.62 7.80 -63.96
C ASN A 101 -4.35 8.37 -63.33
N SER A 102 -4.46 9.44 -62.54
CA SER A 102 -3.33 10.06 -61.85
C SER A 102 -3.76 10.27 -60.39
N VAL A 103 -3.40 9.31 -59.53
CA VAL A 103 -4.13 9.17 -58.27
C VAL A 103 -3.64 10.17 -57.22
N VAL A 104 -2.41 10.01 -56.74
CA VAL A 104 -1.94 10.81 -55.60
C VAL A 104 -0.41 10.83 -55.53
N THR A 105 0.14 12.04 -55.37
CA THR A 105 1.54 12.24 -54.98
C THR A 105 1.55 13.14 -53.76
N VAL A 106 2.48 12.89 -52.83
CA VAL A 106 2.59 13.64 -51.59
C VAL A 106 4.04 14.07 -51.42
N ARG A 107 4.25 15.37 -51.20
CA ARG A 107 5.59 15.93 -51.03
C ARG A 107 5.61 16.93 -49.89
N LEU A 108 6.82 17.19 -49.37
CA LEU A 108 7.05 18.11 -48.26
C LEU A 108 8.16 19.07 -48.67
N CYS A 109 7.81 20.15 -49.37
CA CYS A 109 8.85 20.99 -49.95
C CYS A 109 8.29 22.39 -50.19
N ARG A 110 9.10 23.23 -50.84
CA ARG A 110 8.69 24.56 -51.27
C ARG A 110 8.49 24.62 -52.78
N PRO A 128 5.61 23.28 -57.98
CA PRO A 128 6.19 23.56 -59.31
C PRO A 128 7.67 23.89 -59.23
N THR A 129 8.11 24.45 -58.11
CA THR A 129 9.51 24.77 -57.89
C THR A 129 10.02 23.87 -56.77
N ASN A 130 10.94 22.98 -57.12
CA ASN A 130 11.57 22.12 -56.12
C ASN A 130 12.80 22.82 -55.52
N ALA A 131 12.62 24.05 -55.04
CA ALA A 131 13.75 24.93 -54.73
C ALA A 131 14.46 24.50 -53.46
N PHE A 132 13.75 23.84 -52.55
CA PHE A 132 14.31 23.58 -51.23
C PHE A 132 14.16 22.13 -50.80
N GLU A 133 14.38 21.91 -49.50
CA GLU A 133 14.29 20.61 -48.83
C GLU A 133 13.00 19.87 -49.13
N CYS A 134 13.14 18.67 -49.71
CA CYS A 134 12.04 17.78 -50.05
C CYS A 134 12.19 16.50 -49.22
N LEU A 135 11.32 16.31 -48.23
CA LEU A 135 11.45 15.14 -47.38
C LEU A 135 10.96 13.88 -48.06
N ILE A 136 9.67 13.81 -48.37
CA ILE A 136 9.07 12.55 -48.79
C ILE A 136 8.54 12.70 -50.22
N ASN A 137 8.64 11.63 -50.98
CA ASN A 137 7.99 11.49 -52.27
C ASN A 137 7.33 10.11 -52.27
N GLY A 138 6.12 10.04 -51.71
CA GLY A 138 5.41 8.78 -51.59
C GLY A 138 4.06 8.81 -52.29
N SER A 139 3.79 7.81 -53.13
CA SER A 139 2.53 7.82 -53.86
C SER A 139 1.35 7.49 -52.96
N TYR A 140 1.36 6.29 -52.37
CA TYR A 140 0.23 5.69 -51.67
C TYR A 140 -1.08 5.72 -52.48
N PRO A 141 -1.16 4.98 -53.58
CA PRO A 141 -2.34 5.09 -54.46
C PRO A 141 -3.59 4.48 -53.82
N THR A 142 -4.66 5.27 -53.79
CA THR A 142 -5.86 4.95 -53.04
C THR A 142 -6.88 4.32 -53.96
N HIS A 143 -7.92 3.73 -53.37
CA HIS A 143 -9.04 3.25 -54.14
C HIS A 143 -10.21 4.22 -54.04
N ARG A 144 -10.60 4.80 -55.18
CA ARG A 144 -11.80 5.60 -55.24
C ARG A 144 -12.99 4.66 -55.28
N ASN A 145 -13.89 4.79 -54.30
CA ASN A 145 -15.03 3.91 -54.21
C ASN A 145 -16.28 4.79 -54.05
N THR A 146 -17.40 4.16 -53.74
CA THR A 146 -18.58 4.94 -53.36
C THR A 146 -18.39 5.59 -52.00
N GLY A 147 -17.71 4.90 -51.10
CA GLY A 147 -17.40 5.44 -49.78
C GLY A 147 -15.91 5.26 -49.47
N TYR A 148 -15.24 6.39 -49.22
CA TYR A 148 -13.82 6.38 -48.87
C TYR A 148 -13.45 7.68 -48.16
N MET A 149 -13.07 7.61 -46.89
CA MET A 149 -12.74 8.78 -46.11
C MET A 149 -11.29 8.69 -45.65
N PHE A 150 -10.57 9.80 -45.72
CA PHE A 150 -9.22 9.88 -45.17
C PHE A 150 -9.02 11.30 -44.66
N GLY A 151 -7.82 11.56 -44.14
CA GLY A 151 -7.48 12.90 -43.75
C GLY A 151 -6.05 12.98 -43.30
N VAL A 152 -5.70 14.14 -42.74
CA VAL A 152 -4.41 14.35 -42.09
C VAL A 152 -4.67 15.10 -40.79
N THR A 153 -3.70 15.03 -39.88
CA THR A 153 -3.70 15.82 -38.66
C THR A 153 -2.32 16.41 -38.48
N TRP A 154 -2.24 17.53 -37.77
CA TRP A 154 -0.95 18.01 -37.30
C TRP A 154 -1.07 18.65 -35.92
N TYR A 155 -1.92 18.11 -35.05
CA TYR A 155 -2.05 18.65 -33.71
C TYR A 155 -0.78 18.36 -32.92
N ASN A 156 -0.24 19.43 -32.29
CA ASN A 156 1.08 19.60 -31.68
C ASN A 156 2.19 18.82 -32.40
N ASP A 157 2.22 18.99 -33.73
CA ASP A 157 3.24 18.49 -34.65
C ASP A 157 3.28 16.97 -34.71
N LEU A 158 2.17 16.32 -34.33
CA LEU A 158 2.03 14.88 -34.44
C LEU A 158 1.38 14.63 -35.79
N VAL A 159 2.19 14.74 -36.84
CA VAL A 159 1.66 14.79 -38.20
C VAL A 159 1.29 13.38 -38.63
N ARG A 160 0.00 13.06 -38.62
CA ARG A 160 -0.52 11.81 -39.13
C ARG A 160 -1.07 12.05 -40.52
N ILE A 161 -0.88 11.06 -41.39
CA ILE A 161 -1.43 11.08 -42.74
C ILE A 161 -2.17 9.75 -42.86
N VAL A 162 -3.46 9.77 -42.59
CA VAL A 162 -4.22 8.54 -42.41
C VAL A 162 -4.92 8.19 -43.70
N PHE A 163 -5.08 6.90 -43.92
CA PHE A 163 -5.83 6.26 -44.98
C PHE A 163 -6.38 4.97 -44.38
N PRO A 164 -7.53 4.50 -44.84
CA PRO A 164 -8.18 3.32 -44.21
C PRO A 164 -7.35 2.05 -44.18
N PRO A 165 -6.40 1.79 -45.13
CA PRO A 165 -5.44 0.73 -44.81
C PRO A 165 -4.39 1.10 -43.77
N THR A 166 -3.71 2.24 -43.94
CA THR A 166 -2.49 2.53 -43.18
C THR A 166 -2.41 3.99 -42.79
N VAL A 167 -1.72 4.24 -41.69
CA VAL A 167 -1.38 5.60 -41.24
C VAL A 167 0.08 5.87 -41.57
N LEU A 168 0.47 7.13 -41.48
CA LEU A 168 1.89 7.49 -41.51
C LEU A 168 2.09 8.55 -40.44
N GLU A 169 2.86 8.24 -39.43
CA GLU A 169 3.10 9.15 -38.32
C GLU A 169 4.46 9.81 -38.47
N MET A 170 4.52 11.10 -38.17
CA MET A 170 5.77 11.85 -38.06
C MET A 170 5.66 12.84 -36.91
N GLN A 171 6.80 13.19 -36.34
CA GLN A 171 6.93 14.40 -35.54
C GLN A 171 8.13 15.17 -36.05
N LEU A 172 7.94 16.47 -36.25
CA LEU A 172 9.02 17.31 -36.74
C LEU A 172 9.18 18.47 -35.77
N ASP A 173 10.44 18.78 -35.45
CA ASP A 173 10.75 19.74 -34.40
C ASP A 173 10.41 21.16 -34.83
N GLY A 174 10.96 21.60 -35.95
CA GLY A 174 10.73 22.93 -36.50
C GLY A 174 9.50 23.06 -37.36
N LEU A 175 8.40 22.41 -37.00
CA LEU A 175 7.19 22.35 -37.79
C LEU A 175 6.07 23.03 -37.01
N GLN A 176 5.19 23.74 -37.72
CA GLN A 176 3.87 24.14 -37.23
C GLN A 176 3.02 24.57 -38.41
N TRP A 177 1.80 24.03 -38.49
CA TRP A 177 0.93 24.24 -39.63
C TRP A 177 -0.38 24.84 -39.16
N GLU A 178 -0.81 25.90 -39.83
CA GLU A 178 -1.97 26.64 -39.39
C GLU A 178 -2.90 26.98 -40.54
N ARG A 179 -2.44 26.86 -41.78
CA ARG A 179 -3.20 27.31 -42.94
C ARG A 179 -3.56 26.13 -43.81
N VAL A 180 -4.77 26.14 -44.35
CA VAL A 180 -5.27 25.09 -45.23
C VAL A 180 -5.79 25.73 -46.50
N GLN A 181 -5.24 25.32 -47.64
CA GLN A 181 -5.74 25.74 -48.94
C GLN A 181 -6.30 24.49 -49.63
N PHE A 182 -7.56 24.20 -49.36
CA PHE A 182 -8.24 23.13 -50.07
C PHE A 182 -8.55 23.57 -51.49
N ASN A 183 -8.50 22.63 -52.43
CA ASN A 183 -9.01 22.84 -53.77
C ASN A 183 -9.75 21.59 -54.20
N SER A 184 -10.65 21.78 -55.15
CA SER A 184 -11.59 20.75 -55.58
C SER A 184 -11.35 20.40 -57.05
N PRO A 185 -11.76 19.23 -57.49
CA PRO A 185 -11.88 18.98 -58.93
C PRO A 185 -12.99 19.82 -59.54
N VAL A 186 -13.02 19.80 -60.87
CA VAL A 186 -13.89 20.69 -61.65
C VAL A 186 -15.36 20.34 -61.47
N ASN A 187 -15.70 19.06 -61.47
CA ASN A 187 -17.08 18.62 -61.38
C ASN A 187 -17.16 17.31 -60.62
N ALA A 188 -18.08 17.23 -59.67
CA ALA A 188 -18.40 16.00 -58.98
C ALA A 188 -19.87 15.68 -59.20
N GLY A 189 -20.20 14.39 -59.15
CA GLY A 189 -21.57 13.97 -59.41
C GLY A 189 -22.51 14.41 -58.32
N HIS A 190 -22.23 14.01 -57.09
CA HIS A 190 -22.85 14.60 -55.93
C HIS A 190 -21.96 15.75 -55.45
N ALA A 191 -22.19 16.28 -54.26
CA ALA A 191 -21.37 17.36 -53.71
C ALA A 191 -20.09 16.77 -53.16
N THR A 192 -18.95 17.22 -53.68
CA THR A 192 -17.67 16.92 -53.04
C THR A 192 -17.54 17.78 -51.78
N ARG A 193 -16.73 17.29 -50.84
CA ARG A 193 -16.82 17.71 -49.45
C ARG A 193 -15.45 17.76 -48.80
N PHE A 194 -15.27 18.73 -47.91
CA PHE A 194 -14.01 18.93 -47.20
C PHE A 194 -14.28 19.57 -45.85
N ASN A 195 -13.38 19.33 -44.91
CA ASN A 195 -13.56 19.76 -43.54
C ASN A 195 -12.20 20.08 -42.94
N VAL A 196 -12.04 21.31 -42.46
CA VAL A 196 -10.91 21.69 -41.62
C VAL A 196 -11.37 21.60 -40.17
N VAL A 197 -10.59 20.92 -39.34
CA VAL A 197 -10.96 20.69 -37.95
C VAL A 197 -10.26 21.73 -37.07
N LYS A 198 -11.04 22.33 -36.17
CA LYS A 198 -10.55 23.46 -35.39
C LYS A 198 -9.77 23.01 -34.15
N ASP A 199 -10.34 22.12 -33.35
CA ASP A 199 -9.71 21.73 -32.10
C ASP A 199 -9.87 20.24 -31.88
N ILE A 200 -9.60 19.83 -30.67
CA ILE A 200 -9.45 18.44 -30.29
C ILE A 200 -10.82 17.79 -30.14
N SER A 201 -10.85 16.48 -30.14
CA SER A 201 -12.04 15.69 -29.83
C SER A 201 -11.63 14.46 -29.05
N THR A 202 -12.56 13.90 -28.29
CA THR A 202 -12.19 12.85 -27.34
C THR A 202 -13.16 11.66 -27.44
N VAL A 203 -13.46 11.28 -28.68
CA VAL A 203 -14.60 10.45 -29.04
C VAL A 203 -14.51 9.04 -28.46
N LEU A 204 -15.65 8.48 -28.06
CA LEU A 204 -15.78 7.06 -27.75
C LEU A 204 -15.83 6.23 -29.02
N VAL A 205 -15.31 5.01 -28.93
CA VAL A 205 -15.17 4.10 -30.05
C VAL A 205 -15.58 2.71 -29.61
N GLU A 206 -16.58 2.12 -30.29
CA GLU A 206 -16.79 0.69 -30.19
C GLU A 206 -16.00 -0.02 -31.27
N THR A 207 -15.84 -1.33 -31.11
CA THR A 207 -15.06 -2.09 -32.07
C THR A 207 -15.48 -3.55 -32.10
N ASN A 208 -15.54 -4.13 -33.30
CA ASN A 208 -16.10 -5.45 -33.50
C ASN A 208 -15.01 -6.51 -33.37
N SER A 209 -15.35 -7.75 -33.74
CA SER A 209 -14.46 -8.90 -33.52
C SER A 209 -13.16 -8.79 -34.28
N GLY A 210 -13.14 -8.10 -35.40
CA GLY A 210 -11.93 -7.91 -36.16
C GLY A 210 -11.11 -6.70 -35.77
N GLY A 211 -11.45 -6.04 -34.66
CA GLY A 211 -10.76 -4.82 -34.29
C GLY A 211 -11.20 -3.59 -35.04
N SER A 212 -12.18 -3.69 -35.92
CA SER A 212 -12.62 -2.55 -36.69
C SER A 212 -13.67 -1.75 -35.94
N VAL A 213 -13.56 -0.43 -35.99
CA VAL A 213 -14.54 0.46 -35.38
C VAL A 213 -15.84 0.38 -36.17
N PHE A 214 -16.97 0.36 -35.46
CA PHE A 214 -18.23 0.41 -36.16
C PHE A 214 -19.28 1.32 -35.53
N ARG A 215 -19.07 1.80 -34.31
CA ARG A 215 -19.95 2.81 -33.72
C ARG A 215 -19.10 3.82 -32.97
N TYR A 216 -19.62 5.03 -32.83
CA TYR A 216 -18.85 6.13 -32.25
C TYR A 216 -19.82 7.16 -31.73
N SER A 217 -19.30 8.06 -30.89
CA SER A 217 -20.07 9.19 -30.42
C SER A 217 -19.12 10.26 -29.91
N TYR A 218 -19.09 11.41 -30.57
CA TYR A 218 -18.33 12.57 -30.11
C TYR A 218 -18.86 13.01 -28.75
N CYS A 219 -17.98 13.57 -27.92
CA CYS A 219 -18.38 13.84 -26.54
C CYS A 219 -19.06 15.20 -26.41
N ALA A 220 -18.90 16.07 -27.40
CA ALA A 220 -19.41 17.43 -27.26
C ALA A 220 -20.65 17.66 -28.10
N ASP A 221 -21.19 16.59 -28.70
CA ASP A 221 -22.39 16.76 -29.52
C ASP A 221 -23.61 17.03 -28.66
N GLY A 222 -23.77 16.30 -27.57
CA GLY A 222 -24.91 16.48 -26.70
C GLY A 222 -24.55 16.44 -25.24
N PHE A 223 -25.46 15.94 -24.40
CA PHE A 223 -25.16 15.82 -22.99
C PHE A 223 -25.04 14.36 -22.58
N VAL A 224 -25.87 13.49 -23.15
CA VAL A 224 -25.87 12.08 -22.78
C VAL A 224 -24.59 11.40 -23.24
N ASN A 225 -24.05 11.81 -24.38
CA ASN A 225 -22.78 11.26 -24.83
C ASN A 225 -21.60 11.81 -24.05
N GLY A 226 -21.79 12.89 -23.30
CA GLY A 226 -20.77 13.32 -22.36
C GLY A 226 -20.51 12.29 -21.29
N LEU A 227 -21.58 11.72 -20.73
CA LEU A 227 -21.38 10.67 -19.74
C LEU A 227 -21.17 9.31 -20.41
N GLN A 228 -21.49 9.17 -21.69
CA GLN A 228 -21.00 8.01 -22.41
C GLN A 228 -19.48 8.05 -22.50
N CYS A 229 -18.92 9.22 -22.76
CA CYS A 229 -17.48 9.36 -22.74
C CYS A 229 -16.90 9.29 -21.34
N LYS A 230 -17.71 9.50 -20.30
CA LYS A 230 -17.20 9.32 -18.95
C LYS A 230 -16.98 7.85 -18.64
N LEU A 231 -18.05 7.06 -18.62
CA LEU A 231 -17.95 5.64 -18.36
C LEU A 231 -18.11 4.92 -19.68
N ARG A 232 -17.10 4.12 -20.05
CA ARG A 232 -16.92 3.65 -21.41
C ARG A 232 -17.98 2.60 -21.74
N LEU A 233 -19.19 3.09 -21.94
CA LEU A 233 -20.34 2.25 -22.24
C LEU A 233 -21.23 3.08 -23.15
N PHE A 234 -21.78 2.46 -24.18
CA PHE A 234 -22.40 3.24 -25.24
C PHE A 234 -23.89 3.44 -24.99
N ASP A 235 -24.62 2.36 -24.75
CA ASP A 235 -26.04 2.42 -24.40
C ASP A 235 -26.18 2.14 -22.92
N ILE A 236 -26.06 3.18 -22.11
CA ILE A 236 -25.85 3.05 -20.67
C ILE A 236 -27.19 2.77 -20.01
N PRO A 237 -27.25 1.83 -19.06
CA PRO A 237 -28.52 1.48 -18.45
C PRO A 237 -28.95 2.54 -17.45
N PRO A 238 -30.23 2.57 -17.04
CA PRO A 238 -30.64 3.55 -16.02
C PRO A 238 -30.00 3.33 -14.66
N GLY A 239 -29.81 4.42 -13.93
CA GLY A 239 -29.07 4.37 -12.68
C GLY A 239 -28.49 5.73 -12.39
N VAL A 240 -27.99 5.87 -11.17
CA VAL A 240 -27.30 7.09 -10.75
C VAL A 240 -25.83 6.92 -11.13
N TYR A 241 -25.24 7.98 -11.68
CA TYR A 241 -23.87 7.92 -12.13
C TYR A 241 -23.11 9.09 -11.54
N SER A 242 -22.19 8.76 -10.64
CA SER A 242 -21.56 9.73 -9.78
C SER A 242 -20.41 10.45 -10.47
N ASN A 243 -20.14 11.65 -9.98
CA ASN A 243 -18.86 12.33 -10.14
C ASN A 243 -18.58 12.68 -11.60
N SER A 244 -19.54 13.28 -12.27
CA SER A 244 -19.32 13.70 -13.65
C SER A 244 -18.94 15.18 -13.64
N GLU A 245 -17.84 15.48 -14.31
CA GLU A 245 -17.15 16.76 -14.13
C GLU A 245 -17.69 17.82 -15.09
N VAL A 246 -17.23 19.06 -14.90
CA VAL A 246 -17.46 20.13 -15.86
C VAL A 246 -16.12 20.74 -16.23
N GLU A 247 -15.81 20.73 -17.53
CA GLU A 247 -14.56 21.29 -18.02
C GLU A 247 -14.58 22.82 -17.91
N TYR A 248 -13.53 23.37 -17.30
CA TYR A 248 -13.43 24.81 -17.12
C TYR A 248 -12.18 25.34 -17.80
N PRO A 249 -12.24 26.56 -18.38
CA PRO A 249 -11.04 27.13 -18.97
C PRO A 249 -10.07 27.57 -17.88
N THR A 250 -8.83 27.83 -18.30
CA THR A 250 -7.75 28.03 -17.38
C THR A 250 -7.20 29.45 -17.48
N ALA A 251 -6.49 29.84 -16.43
CA ALA A 251 -5.78 31.11 -16.40
C ALA A 251 -4.42 30.88 -15.75
N LEU A 252 -3.40 31.57 -16.28
CA LEU A 252 -2.02 31.29 -15.94
C LEU A 252 -1.35 32.56 -15.44
N TYR A 253 -0.85 32.52 -14.21
CA TYR A 253 -0.24 33.68 -13.55
C TYR A 253 1.12 33.23 -13.01
N THR A 254 2.14 33.26 -13.86
CA THR A 254 3.48 32.98 -13.37
C THR A 254 4.01 34.09 -12.50
N VAL A 255 3.75 35.33 -12.88
CA VAL A 255 4.09 36.46 -12.03
C VAL A 255 2.79 37.11 -11.58
N VAL A 256 2.89 37.85 -10.48
CA VAL A 256 1.76 38.44 -9.81
C VAL A 256 1.90 39.95 -9.68
N HIS A 257 3.01 40.40 -9.11
CA HIS A 257 3.27 41.81 -8.90
C HIS A 257 3.46 42.49 -10.24
N ASN A 258 3.16 43.79 -10.26
CA ASN A 258 3.33 44.57 -11.47
C ASN A 258 4.82 44.67 -11.79
N MET A 259 5.12 44.74 -13.07
CA MET A 259 6.43 44.34 -13.54
C MET A 259 7.10 45.47 -14.30
N SER A 260 8.39 45.69 -14.00
CA SER A 260 9.14 46.80 -14.54
C SER A 260 9.83 46.41 -15.85
N ALA A 261 10.74 47.25 -16.30
CA ALA A 261 11.52 47.00 -17.50
C ALA A 261 12.93 46.54 -17.13
N CYS A 262 13.79 46.43 -18.12
CA CYS A 262 15.16 45.95 -17.99
C CYS A 262 16.06 46.79 -18.88
N PRO A 263 17.37 46.78 -18.62
CA PRO A 263 18.29 47.29 -19.63
C PRO A 263 18.31 46.37 -20.84
N GLU A 264 18.62 46.98 -21.99
CA GLU A 264 18.51 46.33 -23.28
C GLU A 264 19.69 45.42 -23.55
N ARG A 265 19.83 45.02 -24.82
CA ARG A 265 21.00 44.28 -25.26
C ARG A 265 22.25 45.12 -25.03
N PRO A 266 23.34 44.51 -24.58
CA PRO A 266 24.56 45.26 -24.27
C PRO A 266 25.24 45.84 -25.50
N ASP A 267 26.42 46.43 -25.24
CA ASP A 267 27.12 47.19 -26.26
C ASP A 267 27.61 46.33 -27.43
N SER A 268 27.75 45.02 -27.20
CA SER A 268 28.27 44.04 -28.18
C SER A 268 29.65 44.47 -28.68
N TYR A 269 30.55 44.68 -27.74
CA TYR A 269 31.88 45.23 -27.97
C TYR A 269 32.82 44.07 -28.31
N CYS A 270 34.13 44.27 -28.26
CA CYS A 270 35.06 43.20 -28.60
C CYS A 270 35.13 42.13 -27.48
N GLY A 271 36.05 41.18 -27.65
CA GLY A 271 36.06 40.01 -26.80
C GLY A 271 36.45 40.33 -25.36
N SER A 272 36.04 39.45 -24.45
CA SER A 272 36.09 39.78 -23.03
C SER A 272 37.50 39.67 -22.45
N ASN A 273 38.46 39.21 -23.26
CA ASN A 273 39.83 39.12 -22.79
C ASN A 273 40.65 40.33 -23.23
N SER A 274 40.55 40.70 -24.51
CA SER A 274 41.35 41.80 -25.04
C SER A 274 40.88 43.14 -24.52
N CYS A 275 39.57 43.29 -24.32
CA CYS A 275 38.96 44.53 -23.87
C CYS A 275 37.90 44.19 -22.85
N PRO A 276 37.58 45.11 -21.93
CA PRO A 276 36.57 44.80 -20.90
C PRO A 276 35.18 44.63 -21.49
N PHE A 277 34.52 43.53 -21.12
CA PHE A 277 33.18 43.24 -21.57
C PHE A 277 32.32 42.77 -20.40
N LYS A 278 31.03 43.10 -20.46
CA LYS A 278 30.08 42.77 -19.41
C LYS A 278 28.86 42.06 -20.00
N ARG A 279 28.35 41.10 -19.23
CA ARG A 279 27.07 40.49 -19.51
C ARG A 279 25.97 41.20 -18.72
N ALA A 280 24.73 41.05 -19.16
CA ALA A 280 23.61 41.81 -18.63
C ALA A 280 22.60 40.87 -17.98
N VAL A 281 22.01 41.31 -16.86
CA VAL A 281 21.08 40.47 -16.13
C VAL A 281 19.65 40.82 -16.53
N PHE A 282 18.72 39.89 -16.32
CA PHE A 282 17.32 40.04 -16.68
C PHE A 282 16.46 39.34 -15.63
N SER A 283 15.78 40.11 -14.78
CA SER A 283 15.05 39.54 -13.66
C SER A 283 13.54 39.77 -13.76
N ASN A 284 13.10 41.02 -13.86
CA ASN A 284 11.68 41.32 -13.83
C ASN A 284 11.34 42.29 -14.94
N CYS A 285 11.77 41.97 -16.16
CA CYS A 285 11.58 42.88 -17.27
C CYS A 285 10.44 42.45 -18.16
N ILE A 286 9.69 43.43 -18.62
CA ILE A 286 8.79 43.23 -19.76
C ILE A 286 9.66 43.37 -21.01
N VAL A 287 10.21 42.25 -21.46
CA VAL A 287 11.09 42.22 -22.62
C VAL A 287 10.28 42.42 -23.89
N ASN A 288 10.97 42.66 -25.00
CA ASN A 288 10.30 42.66 -26.30
C ASN A 288 10.81 41.55 -27.21
N TYR A 289 12.02 41.02 -26.95
CA TYR A 289 12.65 39.92 -27.71
C TYR A 289 12.89 40.22 -29.18
N THR A 290 12.69 41.46 -29.58
CA THR A 290 13.01 41.93 -30.91
C THR A 290 13.64 43.30 -30.86
N THR A 291 13.77 43.89 -29.68
CA THR A 291 14.65 45.03 -29.44
C THR A 291 16.02 44.60 -28.96
N TRP A 292 16.32 43.30 -29.04
CA TRP A 292 17.68 42.85 -28.80
C TRP A 292 18.54 42.99 -30.04
N VAL A 293 17.96 43.40 -31.15
CA VAL A 293 18.66 43.53 -32.41
C VAL A 293 18.41 44.91 -32.98
N ASN A 294 19.16 45.27 -34.01
CA ASN A 294 18.87 46.41 -34.85
C ASN A 294 17.90 45.99 -35.92
N PRO A 295 16.92 46.83 -36.32
CA PRO A 295 15.71 46.32 -37.00
C PRO A 295 15.97 45.65 -38.33
N ASP A 296 16.85 46.22 -39.16
CA ASP A 296 17.36 45.63 -40.42
C ASP A 296 16.29 45.39 -41.49
N GLN A 297 15.04 45.80 -41.22
CA GLN A 297 13.91 45.70 -42.15
C GLN A 297 13.69 44.26 -42.62
N ARG A 298 13.21 43.41 -41.68
CA ARG A 298 12.74 42.04 -41.91
C ARG A 298 13.89 41.08 -42.21
N ASP A 299 15.13 41.51 -42.00
CA ASP A 299 16.29 40.71 -42.40
C ASP A 299 16.75 39.73 -41.34
N PHE A 300 15.84 39.20 -40.51
CA PHE A 300 16.19 38.14 -39.57
C PHE A 300 15.55 36.83 -40.00
N GLN A 301 16.42 35.89 -40.32
CA GLN A 301 15.97 34.62 -40.89
C GLN A 301 15.83 33.56 -39.82
N HIS A 302 16.64 33.64 -38.78
CA HIS A 302 16.77 32.52 -37.85
C HIS A 302 15.89 32.72 -36.64
N LEU A 303 15.63 33.97 -36.26
CA LEU A 303 14.83 34.23 -35.07
C LEU A 303 13.36 34.02 -35.35
N ILE A 304 12.96 34.16 -36.61
CA ILE A 304 11.55 34.17 -36.95
C ILE A 304 10.99 32.75 -36.89
N LEU A 305 9.75 32.64 -36.45
CA LEU A 305 9.04 31.37 -36.48
C LEU A 305 8.23 31.29 -37.75
N PRO A 306 7.77 30.09 -38.12
CA PRO A 306 6.85 30.02 -39.27
C PRO A 306 5.44 30.53 -38.97
N ASN A 307 5.13 30.86 -37.72
CA ASN A 307 3.96 31.67 -37.43
C ASN A 307 4.25 32.85 -36.51
N GLY A 308 5.08 32.64 -35.49
CA GLY A 308 5.32 33.65 -34.50
C GLY A 308 6.51 34.48 -34.89
N LYS A 309 6.90 35.38 -33.99
CA LYS A 309 7.94 36.35 -34.32
C LYS A 309 8.98 36.42 -33.21
N PHE A 310 10.23 36.14 -33.60
CA PHE A 310 11.43 36.44 -32.83
C PHE A 310 11.49 35.70 -31.49
N ASN A 311 11.60 34.39 -31.54
CA ASN A 311 12.14 33.67 -30.38
C ASN A 311 13.66 33.68 -30.47
N PRO A 312 14.34 34.45 -29.63
CA PRO A 312 15.77 34.69 -29.87
C PRO A 312 16.67 33.59 -29.31
N PHE A 313 16.28 32.34 -29.47
CA PHE A 313 16.94 31.24 -28.79
C PHE A 313 17.08 30.03 -29.70
N THR A 314 17.69 30.25 -30.88
CA THR A 314 17.65 29.32 -32.00
C THR A 314 18.16 27.90 -31.73
N GLU A 315 18.87 27.66 -30.62
CA GLU A 315 19.23 26.31 -30.21
C GLU A 315 19.61 26.34 -28.75
N CYS A 316 18.97 25.52 -27.91
CA CYS A 316 19.23 25.56 -26.48
C CYS A 316 19.29 24.15 -25.93
N ASN A 317 19.99 24.00 -24.81
CA ASN A 317 20.20 22.72 -24.16
C ASN A 317 19.20 22.53 -23.04
N GLY A 318 18.47 21.43 -23.07
CA GLY A 318 17.66 21.03 -21.95
C GLY A 318 16.39 21.82 -21.75
N LEU A 319 16.04 22.71 -22.67
CA LEU A 319 14.82 23.49 -22.54
C LEU A 319 14.39 23.96 -23.93
N ASN A 320 13.20 24.55 -23.99
CA ASN A 320 12.59 24.86 -25.28
C ASN A 320 13.32 25.98 -26.02
N ARG A 321 13.58 25.70 -27.30
CA ARG A 321 13.89 26.75 -28.26
C ARG A 321 12.77 27.77 -28.35
N ILE A 322 11.53 27.30 -28.32
CA ILE A 322 10.37 28.17 -28.44
C ILE A 322 10.19 28.87 -27.10
N VAL A 323 10.24 30.21 -27.10
CA VAL A 323 9.96 30.91 -25.85
C VAL A 323 8.61 31.62 -25.92
N ASP A 324 7.69 31.18 -25.07
CA ASP A 324 6.38 31.80 -24.93
C ASP A 324 6.09 32.00 -23.46
N GLY A 325 5.17 32.90 -23.16
CA GLY A 325 4.74 33.10 -21.79
C GLY A 325 5.84 33.75 -20.98
N CYS A 326 6.18 33.10 -19.87
CA CYS A 326 7.22 33.62 -18.98
C CYS A 326 8.28 32.56 -18.71
N VAL A 327 9.54 32.99 -18.74
CA VAL A 327 10.70 32.12 -18.56
C VAL A 327 11.47 32.63 -17.35
N PRO A 328 12.27 31.80 -16.67
CA PRO A 328 12.99 32.27 -15.49
C PRO A 328 14.12 33.22 -15.86
N GLY A 329 14.59 33.93 -14.83
CA GLY A 329 15.55 34.99 -15.04
C GLY A 329 16.93 34.47 -15.39
N PHE A 330 17.68 35.32 -16.08
CA PHE A 330 18.93 34.92 -16.68
C PHE A 330 19.88 36.11 -16.73
N VAL A 331 21.16 35.81 -16.74
CA VAL A 331 22.15 36.81 -17.10
C VAL A 331 22.62 36.48 -18.51
N LEU A 332 22.89 37.51 -19.29
CA LEU A 332 22.86 37.38 -20.75
C LEU A 332 24.22 37.75 -21.33
N ARG A 333 25.01 36.74 -21.70
CA ARG A 333 26.25 36.98 -22.41
C ARG A 333 25.96 37.43 -23.84
N VAL A 334 26.90 38.17 -24.43
CA VAL A 334 26.81 38.65 -25.80
C VAL A 334 28.19 38.46 -26.43
N GLY A 335 28.24 38.02 -27.68
CA GLY A 335 29.47 38.03 -28.45
C GLY A 335 29.27 38.65 -29.81
N ARG A 336 30.36 39.18 -30.37
CA ARG A 336 30.38 39.68 -31.74
C ARG A 336 31.68 39.21 -32.37
N GLY A 337 31.59 38.25 -33.28
CA GLY A 337 32.78 37.67 -33.87
C GLY A 337 32.64 37.50 -35.37
N LYS A 338 33.75 37.08 -35.98
CA LYS A 338 33.79 36.80 -37.40
C LYS A 338 33.28 35.39 -37.66
N ALA A 339 33.07 35.08 -38.93
CA ALA A 339 32.55 33.77 -39.29
C ALA A 339 33.06 33.40 -40.68
N VAL A 340 32.39 32.43 -41.30
CA VAL A 340 32.61 32.01 -42.67
C VAL A 340 31.28 32.26 -43.37
N ASN A 341 31.11 31.70 -44.57
CA ASN A 341 30.14 32.19 -45.54
C ASN A 341 28.72 31.96 -45.07
N ARG A 342 28.22 32.92 -44.27
CA ARG A 342 26.84 32.96 -43.75
C ARG A 342 26.51 31.74 -42.88
N THR A 343 27.53 31.12 -42.29
CA THR A 343 27.37 29.82 -41.63
C THR A 343 28.19 29.84 -40.35
N ILE A 344 27.55 30.23 -39.25
CA ILE A 344 28.25 30.21 -37.98
C ILE A 344 28.08 28.82 -37.37
N VAL A 345 28.87 28.53 -36.34
CA VAL A 345 28.75 27.29 -35.59
C VAL A 345 28.32 27.65 -34.19
N THR A 346 27.29 26.96 -33.69
CA THR A 346 26.90 27.12 -32.30
C THR A 346 28.01 26.61 -31.38
N PRO A 347 28.31 27.34 -30.31
CA PRO A 347 29.33 26.88 -29.38
C PRO A 347 28.77 25.86 -28.40
N TYR A 348 29.68 25.13 -27.75
CA TYR A 348 29.29 24.34 -26.61
C TYR A 348 28.83 25.26 -25.49
N LEU A 349 27.87 24.79 -24.72
CA LEU A 349 27.19 25.62 -23.75
C LEU A 349 26.69 24.75 -22.61
N LYS A 350 26.54 25.38 -21.45
CA LYS A 350 26.14 24.71 -20.22
C LYS A 350 24.78 24.03 -20.40
N PRO A 351 24.54 22.90 -19.71
CA PRO A 351 23.40 22.05 -20.09
C PRO A 351 22.03 22.66 -19.87
N TYR A 352 21.92 23.76 -19.12
CA TYR A 352 20.64 24.46 -19.02
C TYR A 352 20.82 25.94 -19.27
N GLU A 353 21.69 26.28 -20.21
CA GLU A 353 21.77 27.62 -20.77
C GLU A 353 21.34 27.58 -22.23
N CYS A 354 21.11 28.77 -22.79
CA CYS A 354 20.25 28.89 -23.96
C CYS A 354 20.86 29.90 -24.94
N PHE A 355 20.96 29.51 -26.21
CA PHE A 355 21.74 30.23 -27.20
C PHE A 355 20.87 30.76 -28.34
N GLY A 356 21.13 32.00 -28.73
CA GLY A 356 20.54 32.56 -29.94
C GLY A 356 21.48 33.57 -30.54
N TRP A 357 21.31 33.81 -31.84
CA TRP A 357 22.18 34.74 -32.55
C TRP A 357 21.39 35.41 -33.66
N SER A 358 21.99 36.45 -34.24
CA SER A 358 21.33 37.21 -35.28
C SER A 358 22.37 37.99 -36.07
N TRP A 359 21.88 38.89 -36.92
CA TRP A 359 22.64 39.96 -37.57
C TRP A 359 23.71 39.41 -38.50
N ASN A 360 23.23 38.66 -39.49
CA ASN A 360 23.94 38.52 -40.75
C ASN A 360 23.43 39.61 -41.69
N ASP A 361 23.69 39.46 -42.99
CA ASP A 361 23.15 40.30 -44.06
C ASP A 361 23.62 41.75 -43.93
N ASN A 362 24.95 41.91 -43.83
CA ASN A 362 25.55 43.22 -43.83
C ASN A 362 26.83 43.22 -44.67
N GLN A 363 26.89 42.32 -45.66
CA GLN A 363 27.94 42.22 -46.66
C GLN A 363 29.32 41.94 -46.06
N ASP A 364 29.35 41.39 -44.85
CA ASP A 364 30.54 40.78 -44.27
C ASP A 364 30.07 39.72 -43.28
N SER A 365 31.02 38.94 -42.77
CA SER A 365 30.69 37.71 -42.05
C SER A 365 30.82 37.88 -40.54
N ILE A 366 30.40 39.03 -40.02
CA ILE A 366 30.30 39.25 -38.60
C ILE A 366 28.84 39.21 -38.19
N TYR A 367 28.61 39.01 -36.89
CA TYR A 367 27.30 38.68 -36.36
C TYR A 367 27.33 38.88 -34.87
N ASP A 368 26.15 38.97 -34.28
CA ASP A 368 25.97 39.01 -32.84
C ASP A 368 25.37 37.71 -32.36
N TRP A 369 25.91 37.18 -31.27
CA TRP A 369 25.36 35.99 -30.64
C TRP A 369 25.21 36.22 -29.15
N TRP A 370 24.29 35.50 -28.54
CA TRP A 370 24.04 35.68 -27.11
C TRP A 370 23.71 34.36 -26.43
N ILE A 371 23.96 34.33 -25.13
CA ILE A 371 23.71 33.18 -24.27
C ILE A 371 22.88 33.64 -23.08
N ALA A 372 21.67 33.13 -22.99
CA ALA A 372 20.89 33.20 -21.75
C ALA A 372 21.22 31.95 -20.95
N ASP A 373 21.19 32.05 -19.63
CA ASP A 373 21.61 30.90 -18.83
C ASP A 373 20.57 30.38 -17.85
N PHE A 374 19.54 31.16 -17.53
CA PHE A 374 18.34 30.69 -16.85
C PHE A 374 18.61 30.11 -15.47
N VAL A 375 19.58 30.67 -14.76
CA VAL A 375 20.05 30.05 -13.53
C VAL A 375 19.29 30.52 -12.28
N SER A 376 18.15 29.87 -12.03
CA SER A 376 17.44 29.77 -10.74
C SER A 376 17.28 31.10 -10.01
N THR A 377 17.05 32.16 -10.78
CA THR A 377 16.92 33.48 -10.20
C THR A 377 15.60 33.62 -9.45
N GLY A 378 14.57 32.92 -9.91
CA GLY A 378 13.28 32.98 -9.28
C GLY A 378 12.43 34.17 -9.65
N ALA A 379 13.03 35.20 -10.25
CA ALA A 379 12.30 36.31 -10.83
C ALA A 379 12.12 36.02 -12.30
N PHE A 380 10.90 35.69 -12.68
CA PHE A 380 10.58 35.35 -14.06
C PHE A 380 10.62 36.62 -14.88
N VAL A 381 11.12 36.51 -16.11
CA VAL A 381 11.23 37.68 -16.98
C VAL A 381 10.46 37.43 -18.27
N CYS A 382 9.51 38.33 -18.56
CA CYS A 382 8.60 38.18 -19.68
C CYS A 382 7.82 39.44 -19.95
N GLU A 383 7.39 39.57 -21.20
CA GLU A 383 6.50 40.63 -21.62
C GLU A 383 5.11 40.43 -21.03
N SER A 384 4.33 41.50 -21.09
CA SER A 384 2.89 41.50 -20.89
C SER A 384 2.49 40.99 -19.50
N ASN A 385 2.82 41.81 -18.50
CA ASN A 385 2.40 41.58 -17.12
C ASN A 385 0.89 41.36 -17.02
N PRO A 386 0.45 40.43 -16.17
CA PRO A 386 -0.94 39.96 -16.25
C PRO A 386 -1.92 40.98 -15.70
N GLU A 387 -3.07 41.08 -16.36
CA GLU A 387 -3.99 42.19 -16.07
C GLU A 387 -4.75 41.96 -14.77
N ALA A 388 -5.69 41.01 -14.79
CA ALA A 388 -6.60 40.76 -13.69
C ALA A 388 -7.42 39.52 -13.99
N PRO A 389 -7.68 38.68 -13.02
CA PRO A 389 -8.71 37.66 -13.19
C PRO A 389 -10.08 38.30 -13.09
N LYS A 390 -10.99 38.00 -14.01
CA LYS A 390 -12.33 38.50 -13.84
C LYS A 390 -13.00 37.76 -12.69
N THR A 391 -13.51 38.52 -11.75
CA THR A 391 -14.06 37.95 -10.53
C THR A 391 -15.43 37.34 -10.79
N GLY A 392 -15.77 36.33 -10.00
CA GLY A 392 -17.05 35.69 -10.15
C GLY A 392 -17.11 34.65 -11.24
N VAL A 393 -15.98 34.14 -11.69
CA VAL A 393 -15.95 33.06 -12.67
C VAL A 393 -15.10 31.94 -12.06
N CYS A 394 -15.51 30.71 -12.31
CA CYS A 394 -14.98 29.54 -11.62
C CYS A 394 -13.85 28.87 -12.38
N VAL A 395 -13.00 29.66 -13.02
CA VAL A 395 -11.92 29.12 -13.83
C VAL A 395 -10.75 28.68 -12.95
N THR A 396 -10.05 27.65 -13.40
CA THR A 396 -8.86 27.19 -12.70
C THR A 396 -7.68 28.11 -12.95
N TYR A 397 -6.77 28.11 -11.99
CA TYR A 397 -5.70 29.09 -11.89
C TYR A 397 -4.37 28.38 -11.76
N THR A 398 -3.31 29.18 -11.79
CA THR A 398 -2.00 28.77 -11.30
C THR A 398 -1.25 30.02 -10.90
N VAL A 399 -1.03 30.20 -9.61
CA VAL A 399 -0.44 31.41 -9.06
C VAL A 399 0.77 31.01 -8.23
N GLU A 400 1.95 31.48 -8.64
CA GLU A 400 3.24 31.09 -8.08
C GLU A 400 3.38 29.57 -8.03
N LYS A 401 3.23 28.94 -9.20
CA LYS A 401 3.58 27.54 -9.45
C LYS A 401 2.71 26.58 -8.64
N VAL A 402 1.52 27.04 -8.25
CA VAL A 402 0.55 26.23 -7.52
C VAL A 402 -0.77 26.33 -8.26
N THR A 403 -1.14 25.27 -8.96
CA THR A 403 -2.43 25.26 -9.63
C THR A 403 -3.53 24.95 -8.63
N PHE A 404 -4.71 25.52 -8.88
CA PHE A 404 -5.92 25.19 -8.14
C PHE A 404 -7.10 25.52 -9.04
N GLN A 405 -8.30 25.30 -8.51
CA GLN A 405 -9.49 25.36 -9.36
C GLN A 405 -10.63 25.86 -8.49
N GLY A 406 -10.95 27.13 -8.62
CA GLY A 406 -12.03 27.68 -7.85
C GLY A 406 -12.56 28.94 -8.50
N VAL A 407 -13.42 29.63 -7.76
CA VAL A 407 -13.93 30.92 -8.16
C VAL A 407 -13.30 31.97 -7.26
N LEU A 408 -13.00 33.13 -7.81
CA LEU A 408 -12.20 34.13 -7.13
C LEU A 408 -12.97 35.43 -6.98
N TYR A 409 -12.97 35.97 -5.75
CA TYR A 409 -13.64 37.21 -5.40
C TYR A 409 -12.61 38.18 -4.84
N GLU A 410 -12.94 39.47 -4.83
CA GLU A 410 -12.08 40.42 -4.14
C GLU A 410 -12.27 40.31 -2.63
N SER A 411 -11.26 40.72 -1.87
CA SER A 411 -11.33 40.72 -0.41
C SER A 411 -10.74 42.01 0.13
N ASN A 412 -10.81 42.18 1.45
CA ASN A 412 -10.71 43.51 2.00
C ASN A 412 -9.92 43.53 3.32
N PHE A 413 -8.91 42.67 3.46
CA PHE A 413 -8.28 42.55 4.77
C PHE A 413 -6.74 42.62 4.78
N THR A 414 -6.10 42.72 3.61
CA THR A 414 -4.68 43.06 3.36
C THR A 414 -3.65 42.38 4.28
N PHE A 415 -3.41 41.08 4.07
CA PHE A 415 -2.40 40.34 4.82
C PHE A 415 -0.98 40.75 4.37
N ALA A 416 0.02 39.99 4.82
CA ALA A 416 1.42 40.39 4.84
C ALA A 416 1.99 40.69 3.45
N GLN A 417 3.12 41.40 3.46
CA GLN A 417 3.77 41.88 2.24
C GLN A 417 4.70 40.85 1.61
N TYR A 418 4.99 39.75 2.29
CA TYR A 418 5.49 38.57 1.62
C TYR A 418 4.30 37.85 0.99
N TYR A 419 4.54 36.59 0.58
CA TYR A 419 3.50 35.58 0.47
C TYR A 419 2.35 35.90 -0.49
N ASN A 420 2.58 35.88 -1.80
CA ASN A 420 1.55 36.28 -2.74
C ASN A 420 0.31 35.39 -2.76
N LEU A 421 0.30 34.27 -2.02
CA LEU A 421 -0.90 33.50 -1.79
C LEU A 421 -0.75 32.80 -0.44
N LEU A 422 -1.80 32.83 0.37
CA LEU A 422 -1.68 32.24 1.70
C LEU A 422 -2.55 30.98 1.82
N TYR A 423 -2.30 30.25 2.90
CA TYR A 423 -2.97 29.00 3.20
C TYR A 423 -3.45 29.04 4.64
N VAL A 424 -4.73 28.81 4.86
CA VAL A 424 -5.24 28.56 6.21
C VAL A 424 -5.33 27.05 6.40
N GLY A 425 -4.40 26.51 7.17
CA GLY A 425 -4.34 25.07 7.30
C GLY A 425 -3.88 24.43 6.00
N SER A 426 -4.80 23.71 5.36
CA SER A 426 -4.47 23.03 4.11
C SER A 426 -5.10 23.73 2.92
N GLN A 427 -6.21 24.43 3.13
CA GLN A 427 -6.90 25.13 2.07
C GLN A 427 -6.07 26.29 1.56
N LEU A 428 -6.30 26.67 0.31
CA LEU A 428 -5.74 27.88 -0.27
C LEU A 428 -6.85 28.91 -0.32
N ARG A 429 -6.80 29.90 0.55
CA ARG A 429 -7.99 30.73 0.71
C ARG A 429 -7.82 32.16 0.23
N TYR A 430 -6.65 32.75 0.40
CA TYR A 430 -6.46 34.14 0.00
C TYR A 430 -5.23 34.26 -0.88
N VAL A 431 -5.39 34.91 -2.02
CA VAL A 431 -4.32 35.18 -2.97
C VAL A 431 -4.26 36.68 -3.15
N ARG A 432 -3.07 37.24 -3.29
CA ARG A 432 -2.99 38.58 -3.84
C ARG A 432 -2.62 38.45 -5.32
N ILE A 433 -3.29 39.22 -6.15
CA ILE A 433 -3.01 39.31 -7.58
C ILE A 433 -2.91 40.77 -7.92
N LEU A 434 -1.72 41.21 -8.32
CA LEU A 434 -1.42 42.58 -8.72
C LEU A 434 -1.75 43.55 -7.60
N GLY A 435 -1.17 43.29 -6.43
CA GLY A 435 -1.28 44.21 -5.31
C GLY A 435 -2.50 44.07 -4.45
N LYS A 436 -3.66 43.75 -5.01
CA LYS A 436 -4.88 43.71 -4.22
C LYS A 436 -5.27 42.26 -3.93
N VAL A 437 -5.83 42.06 -2.74
CA VAL A 437 -6.05 40.71 -2.23
C VAL A 437 -7.31 40.14 -2.86
N TYR A 438 -7.21 38.92 -3.37
CA TYR A 438 -8.36 38.26 -3.98
C TYR A 438 -8.66 36.99 -3.21
N GLU A 439 -9.84 36.90 -2.62
CA GLU A 439 -10.18 35.71 -1.87
C GLU A 439 -10.75 34.67 -2.81
N VAL A 440 -10.40 33.41 -2.59
CA VAL A 440 -10.83 32.32 -3.45
C VAL A 440 -11.66 31.35 -2.63
N SER A 441 -12.87 31.08 -3.10
CA SER A 441 -13.74 30.06 -2.53
C SER A 441 -13.85 28.92 -3.52
N SER A 442 -14.31 27.78 -3.02
CA SER A 442 -14.30 26.57 -3.83
C SER A 442 -15.37 26.63 -4.89
N CYS A 443 -15.05 26.08 -6.06
CA CYS A 443 -16.04 25.92 -7.11
C CYS A 443 -17.04 24.87 -6.68
N PHE A 444 -18.31 25.22 -6.68
CA PHE A 444 -19.35 24.35 -6.16
C PHE A 444 -20.06 23.54 -7.23
N GLU A 445 -19.97 23.93 -8.50
CA GLU A 445 -20.81 23.36 -9.54
C GLU A 445 -20.02 22.42 -10.45
N ALA A 446 -18.85 21.98 -10.04
CA ALA A 446 -18.00 21.25 -10.93
C ALA A 446 -18.36 19.78 -11.04
N SER A 447 -19.14 19.25 -10.10
CA SER A 447 -19.51 17.84 -10.11
C SER A 447 -21.01 17.71 -10.12
N TYR A 448 -21.54 17.03 -11.12
CA TYR A 448 -22.94 16.64 -11.15
C TYR A 448 -23.02 15.13 -11.14
N ASP A 449 -23.90 14.59 -10.31
CA ASP A 449 -24.22 13.18 -10.42
C ASP A 449 -25.51 13.06 -11.18
N VAL A 450 -25.40 12.71 -12.46
CA VAL A 450 -26.56 12.55 -13.32
C VAL A 450 -27.23 11.22 -12.98
N LEU A 451 -28.54 11.27 -12.78
CA LEU A 451 -29.34 10.08 -12.59
C LEU A 451 -30.29 9.94 -13.78
N TYR A 452 -30.26 8.76 -14.40
CA TYR A 452 -30.60 8.58 -15.80
C TYR A 452 -31.77 7.63 -15.94
N ARG A 453 -32.74 7.96 -16.79
CA ARG A 453 -33.68 6.94 -17.23
C ARG A 453 -33.47 6.60 -18.71
N ASN A 454 -33.55 7.61 -19.57
CA ASN A 454 -33.27 7.47 -20.99
C ASN A 454 -32.72 8.79 -21.50
N ASN A 455 -32.70 8.94 -22.82
CA ASN A 455 -32.16 10.16 -23.42
C ASN A 455 -32.98 11.38 -23.06
N GLN A 456 -34.30 11.26 -23.13
CA GLN A 456 -35.16 12.43 -22.95
C GLN A 456 -35.28 12.81 -21.49
N SER A 457 -35.27 11.83 -20.60
CA SER A 457 -35.51 12.05 -19.17
C SER A 457 -34.28 11.66 -18.38
N PHE A 458 -33.67 12.66 -17.74
CA PHE A 458 -32.66 12.45 -16.71
C PHE A 458 -32.75 13.60 -15.72
N GLY A 459 -32.02 13.46 -14.63
CA GLY A 459 -31.98 14.49 -13.61
C GLY A 459 -30.57 14.73 -13.14
N LEU A 460 -30.22 15.99 -13.00
CA LEU A 460 -28.87 16.39 -12.63
C LEU A 460 -28.86 16.68 -11.15
N LEU A 461 -27.97 16.03 -10.42
CA LEU A 461 -27.81 16.27 -9.00
C LEU A 461 -26.39 16.75 -8.74
N TYR A 462 -26.26 17.94 -8.16
CA TYR A 462 -24.99 18.45 -7.70
C TYR A 462 -24.85 18.04 -6.24
N ARG A 463 -23.82 17.27 -5.91
CA ARG A 463 -23.68 16.87 -4.52
C ARG A 463 -23.22 18.01 -3.63
N SER A 464 -22.41 18.91 -4.16
CA SER A 464 -22.12 20.14 -3.47
C SER A 464 -23.21 21.15 -3.86
N PHE A 465 -22.99 22.43 -3.55
CA PHE A 465 -23.78 23.54 -4.10
C PHE A 465 -25.26 23.50 -3.69
N ASP A 466 -25.54 23.90 -2.46
CA ASP A 466 -26.91 24.22 -2.10
C ASP A 466 -27.43 25.42 -2.86
N CYS A 467 -28.75 25.49 -3.04
CA CYS A 467 -29.41 26.58 -3.74
C CYS A 467 -30.36 27.32 -2.81
N ASN A 468 -29.84 28.24 -2.02
CA ASN A 468 -30.69 29.11 -1.26
C ASN A 468 -31.12 30.26 -2.16
N GLN A 469 -32.35 30.73 -1.97
CA GLN A 469 -32.92 31.72 -2.88
C GLN A 469 -32.24 33.07 -2.72
N LEU A 470 -31.64 33.32 -1.56
CA LEU A 470 -30.80 34.50 -1.39
C LEU A 470 -29.45 34.30 -2.06
N HIS A 471 -29.08 33.05 -2.33
CA HIS A 471 -27.74 32.78 -2.88
C HIS A 471 -27.75 32.76 -4.40
N ILE A 472 -28.83 32.24 -5.00
CA ILE A 472 -28.90 32.14 -6.45
C ILE A 472 -29.03 33.53 -7.06
N LYS A 473 -29.75 34.42 -6.39
CA LYS A 473 -29.91 35.79 -6.83
C LYS A 473 -28.81 36.72 -6.33
N SER A 474 -27.69 36.17 -5.85
CA SER A 474 -26.64 37.00 -5.29
C SER A 474 -25.82 37.67 -6.40
N ALA A 475 -25.05 38.68 -5.99
CA ALA A 475 -24.19 39.38 -6.95
C ALA A 475 -22.91 38.61 -7.19
N ARG A 476 -22.56 37.70 -6.27
CA ARG A 476 -21.38 36.86 -6.48
C ARG A 476 -21.64 35.78 -7.51
N PHE A 477 -22.90 35.54 -7.81
CA PHE A 477 -23.32 34.36 -8.53
C PHE A 477 -23.96 34.71 -9.88
N VAL A 478 -23.84 35.96 -10.30
CA VAL A 478 -24.40 36.42 -11.57
C VAL A 478 -23.73 35.72 -12.74
N ASP A 479 -22.43 35.49 -12.64
CA ASP A 479 -21.72 34.97 -13.80
C ASP A 479 -21.46 33.47 -13.67
N ARG A 480 -21.92 32.84 -12.58
CA ARG A 480 -21.61 31.45 -12.36
C ARG A 480 -22.75 30.52 -12.76
N LEU A 481 -23.98 31.03 -12.78
CA LEU A 481 -25.12 30.11 -12.87
C LEU A 481 -25.36 29.65 -14.30
N LEU A 482 -26.15 28.61 -14.41
CA LEU A 482 -26.54 27.93 -15.64
C LEU A 482 -28.04 27.80 -15.63
N PRO A 483 -28.67 27.34 -16.73
CA PRO A 483 -30.08 26.96 -16.63
C PRO A 483 -30.35 25.79 -15.71
N SER A 484 -29.36 24.94 -15.46
CA SER A 484 -29.56 23.74 -14.65
C SER A 484 -29.34 23.98 -13.17
N HIS A 485 -29.32 25.22 -12.70
CA HIS A 485 -29.08 25.49 -11.29
C HIS A 485 -30.34 25.92 -10.57
N ASN A 486 -31.49 25.94 -11.22
CA ASN A 486 -32.72 26.39 -10.58
C ASN A 486 -33.48 25.19 -10.03
N GLY A 487 -32.86 24.53 -9.06
CA GLY A 487 -33.41 23.33 -8.48
C GLY A 487 -33.72 23.51 -7.00
N THR A 488 -34.24 22.44 -6.42
CA THR A 488 -34.56 22.44 -5.01
C THR A 488 -33.29 22.22 -4.20
N ALA A 489 -33.07 23.04 -3.18
CA ALA A 489 -31.96 22.82 -2.27
C ALA A 489 -32.32 21.64 -1.37
N THR A 490 -31.60 20.54 -1.52
CA THR A 490 -31.89 19.32 -0.78
C THR A 490 -30.83 19.13 0.28
N VAL A 491 -30.94 18.02 0.99
CA VAL A 491 -29.86 17.63 1.90
C VAL A 491 -28.77 16.91 1.11
N LEU A 492 -29.14 16.32 -0.02
CA LEU A 492 -28.16 15.80 -0.95
C LEU A 492 -27.41 16.93 -1.65
N GLY A 493 -28.13 17.94 -2.10
CA GLY A 493 -27.52 19.04 -2.80
C GLY A 493 -28.57 19.79 -3.60
N CYS A 494 -28.21 20.12 -4.83
CA CYS A 494 -29.16 20.67 -5.79
C CYS A 494 -29.50 19.62 -6.82
N LEU A 495 -30.76 19.20 -6.86
CA LEU A 495 -31.22 18.33 -7.92
C LEU A 495 -32.08 19.11 -8.89
N PHE A 496 -31.74 19.03 -10.16
CA PHE A 496 -32.41 19.76 -11.21
C PHE A 496 -33.16 18.79 -12.11
N ASN A 497 -34.31 19.25 -12.59
CA ASN A 497 -35.14 18.57 -13.58
C ASN A 497 -35.61 17.21 -13.05
N ALA A 498 -35.95 17.18 -11.77
CA ALA A 498 -36.45 16.02 -11.06
C ALA A 498 -37.26 16.50 -9.86
N SER A 499 -38.16 15.65 -9.39
CA SER A 499 -38.98 15.96 -8.23
C SER A 499 -38.41 15.27 -7.00
N TYR A 500 -38.75 15.81 -5.82
CA TYR A 500 -37.95 15.58 -4.63
C TYR A 500 -38.68 14.90 -3.48
N ALA A 501 -40.02 14.94 -3.43
CA ALA A 501 -40.87 14.76 -2.25
C ALA A 501 -40.50 13.61 -1.32
N PRO A 502 -39.96 13.91 -0.14
CA PRO A 502 -39.53 12.86 0.79
C PRO A 502 -40.63 12.33 1.69
N ASN A 503 -41.85 12.84 1.58
CA ASN A 503 -42.90 12.47 2.52
C ASN A 503 -43.35 11.03 2.33
N ASP A 504 -43.28 10.52 1.11
CA ASP A 504 -43.56 9.13 0.83
C ASP A 504 -42.27 8.35 0.66
N THR A 505 -42.30 7.07 1.01
CA THR A 505 -41.13 6.24 1.01
C THR A 505 -41.19 5.23 -0.13
N MET A 506 -40.09 4.51 -0.29
CA MET A 506 -40.03 3.36 -1.18
C MET A 506 -39.10 2.33 -0.54
N VAL A 507 -39.34 1.06 -0.83
CA VAL A 507 -38.61 0.00 -0.16
C VAL A 507 -37.60 -0.68 -1.10
N ASN A 508 -37.84 -0.67 -2.40
CA ASN A 508 -36.95 -1.32 -3.35
C ASN A 508 -35.87 -0.34 -3.75
N CYS A 509 -34.86 -0.25 -2.89
CA CYS A 509 -33.73 0.64 -3.13
C CYS A 509 -32.81 0.01 -4.18
N THR A 510 -33.26 0.04 -5.45
CA THR A 510 -32.53 -0.52 -6.57
C THR A 510 -31.21 0.19 -6.79
N ASN A 511 -31.23 1.51 -6.82
CA ASN A 511 -30.04 2.35 -6.89
C ASN A 511 -30.11 3.40 -5.81
N PRO A 512 -29.68 3.07 -4.60
CA PRO A 512 -29.71 4.04 -3.50
C PRO A 512 -28.74 5.18 -3.76
N LEU A 513 -29.05 6.33 -3.20
CA LEU A 513 -28.37 7.54 -3.59
C LEU A 513 -27.48 8.09 -2.49
N GLY A 514 -27.78 7.79 -1.23
CA GLY A 514 -27.05 8.35 -0.12
C GLY A 514 -27.95 9.14 0.81
N ASP A 515 -27.52 9.20 2.08
CA ASP A 515 -28.17 9.97 3.15
C ASP A 515 -29.59 9.45 3.42
N GLY A 516 -29.82 8.18 3.12
CA GLY A 516 -31.15 7.65 3.25
C GLY A 516 -32.11 8.04 2.16
N PHE A 517 -31.63 8.45 1.00
CA PHE A 517 -32.49 8.83 -0.11
C PHE A 517 -32.31 7.84 -1.25
N CYS A 518 -33.35 7.64 -2.03
CA CYS A 518 -33.33 6.70 -3.15
C CYS A 518 -33.94 7.36 -4.37
N ALA A 519 -33.38 7.08 -5.53
CA ALA A 519 -33.95 7.54 -6.78
C ALA A 519 -34.75 6.43 -7.41
N ASP A 520 -35.97 6.73 -7.85
CA ASP A 520 -36.78 5.75 -8.55
C ASP A 520 -36.80 6.07 -10.03
N LEU A 521 -36.87 5.00 -10.82
CA LEU A 521 -36.81 5.13 -12.26
C LEU A 521 -38.03 4.54 -12.94
N LEU A 522 -39.22 4.74 -12.39
CA LEU A 522 -40.42 4.17 -12.99
C LEU A 522 -40.96 5.07 -14.09
N GLY A 523 -41.35 6.29 -13.76
CA GLY A 523 -41.88 7.21 -14.74
C GLY A 523 -40.89 8.34 -14.96
N ASN A 524 -41.35 9.58 -14.80
CA ASN A 524 -40.42 10.69 -14.64
C ASN A 524 -39.56 10.46 -13.40
N VAL A 525 -38.31 10.91 -13.47
CA VAL A 525 -37.34 10.53 -12.46
C VAL A 525 -37.58 11.38 -11.21
N ALA A 526 -37.37 10.78 -10.04
CA ALA A 526 -37.65 11.46 -8.79
C ALA A 526 -36.72 10.93 -7.73
N VAL A 527 -36.69 11.62 -6.60
CA VAL A 527 -35.89 11.24 -5.46
C VAL A 527 -36.84 10.97 -4.30
N ARG A 528 -36.68 9.82 -3.67
CA ARG A 528 -37.55 9.42 -2.58
C ARG A 528 -36.70 9.00 -1.40
N ARG A 529 -37.31 8.92 -0.23
CA ARG A 529 -36.62 8.57 0.99
C ARG A 529 -36.79 7.07 1.22
N MET A 530 -35.68 6.34 1.24
CA MET A 530 -35.73 4.90 1.35
C MET A 530 -36.01 4.47 2.77
N THR A 531 -36.59 3.28 2.91
CA THR A 531 -36.98 2.76 4.21
C THR A 531 -36.39 1.39 4.46
N PHE A 532 -36.76 0.76 5.58
CA PHE A 532 -36.23 -0.55 5.92
C PHE A 532 -37.32 -1.37 6.61
N GLU A 533 -37.36 -2.65 6.26
CA GLU A 533 -38.32 -3.55 6.88
C GLU A 533 -37.92 -3.84 8.32
N LYS A 534 -38.91 -4.00 9.18
CA LYS A 534 -38.66 -4.03 10.61
C LYS A 534 -38.35 -5.45 11.09
N HIS A 535 -37.93 -5.55 12.35
CA HIS A 535 -37.07 -6.63 12.82
C HIS A 535 -37.76 -7.64 13.72
N ASP A 536 -38.38 -7.20 14.82
CA ASP A 536 -39.18 -8.03 15.74
C ASP A 536 -38.34 -9.15 16.38
N THR A 537 -37.51 -8.71 17.32
CA THR A 537 -36.74 -9.54 18.27
C THR A 537 -37.51 -10.74 18.80
N THR A 538 -36.82 -11.88 18.88
CA THR A 538 -37.41 -13.11 19.39
C THR A 538 -37.24 -13.29 20.89
N TYR A 539 -36.53 -12.41 21.58
CA TYR A 539 -36.48 -12.46 23.04
C TYR A 539 -37.83 -12.09 23.60
N VAL A 540 -38.57 -13.08 24.05
CA VAL A 540 -39.79 -12.80 24.80
C VAL A 540 -39.40 -12.43 26.23
N ALA A 541 -40.12 -11.51 26.78
CA ALA A 541 -39.74 -11.11 28.12
C ALA A 541 -40.38 -12.04 29.13
N PRO A 542 -39.75 -12.28 30.28
CA PRO A 542 -40.37 -13.12 31.32
C PRO A 542 -41.60 -12.41 31.87
N VAL A 543 -42.70 -13.14 31.95
CA VAL A 543 -43.98 -12.54 32.30
C VAL A 543 -44.19 -12.64 33.80
N THR A 544 -44.67 -11.55 34.39
CA THR A 544 -45.27 -11.54 35.70
C THR A 544 -46.41 -10.55 35.66
N ASN A 545 -47.06 -10.35 36.82
CA ASN A 545 -48.03 -9.31 37.18
C ASN A 545 -48.99 -8.90 36.07
N GLU A 546 -49.88 -9.85 35.73
CA GLU A 546 -50.51 -10.07 34.42
C GLU A 546 -50.93 -8.81 33.67
N ARG A 547 -50.75 -8.86 32.35
CA ARG A 547 -50.82 -7.68 31.51
C ARG A 547 -51.36 -8.09 30.15
N TYR A 548 -51.50 -7.11 29.25
CA TYR A 548 -52.02 -7.37 27.92
C TYR A 548 -50.86 -7.66 26.97
N THR A 549 -50.26 -8.84 27.12
CA THR A 549 -49.18 -9.27 26.23
C THR A 549 -49.75 -9.64 24.88
N GLU A 550 -49.17 -9.11 23.80
CA GLU A 550 -49.59 -9.60 22.49
C GLU A 550 -48.73 -10.78 22.07
N MET A 551 -49.37 -11.79 21.51
CA MET A 551 -48.65 -12.92 20.97
C MET A 551 -48.95 -13.04 19.49
N PRO A 552 -48.03 -13.57 18.70
CA PRO A 552 -48.32 -13.76 17.27
C PRO A 552 -49.28 -14.90 17.02
N LEU A 553 -50.05 -14.75 15.95
CA LEU A 553 -51.06 -15.75 15.58
C LEU A 553 -50.54 -16.71 14.53
N ASP A 554 -49.62 -16.29 13.67
CA ASP A 554 -48.97 -17.18 12.72
C ASP A 554 -47.66 -16.56 12.29
N HIS A 555 -46.75 -17.43 11.85
CA HIS A 555 -45.42 -17.05 11.43
C HIS A 555 -45.33 -17.16 9.92
N GLN A 556 -44.13 -16.91 9.38
CA GLN A 556 -43.82 -17.37 8.05
C GLN A 556 -42.33 -17.66 7.99
N LEU A 557 -41.97 -18.61 7.13
CA LEU A 557 -40.55 -18.83 6.86
C LEU A 557 -39.97 -17.65 6.13
N ILE A 558 -38.74 -17.30 6.48
CA ILE A 558 -37.96 -16.33 5.74
C ILE A 558 -36.56 -16.90 5.55
N LEU A 559 -36.18 -17.10 4.29
CA LEU A 559 -34.81 -17.44 3.98
C LEU A 559 -33.99 -16.18 3.95
N THR A 560 -32.90 -16.15 4.70
CA THR A 560 -31.96 -15.04 4.70
C THR A 560 -30.64 -15.60 4.24
N GLU A 561 -30.43 -15.62 2.93
CA GLU A 561 -29.15 -16.11 2.41
C GLU A 561 -28.04 -15.12 2.75
N GLN A 562 -26.89 -15.65 3.15
CA GLN A 562 -25.83 -14.82 3.72
C GLN A 562 -24.50 -15.31 3.19
N PHE A 563 -23.90 -14.56 2.28
CA PHE A 563 -22.62 -14.95 1.71
C PHE A 563 -21.49 -14.47 2.59
N LEU A 564 -20.57 -15.39 2.88
CA LEU A 564 -19.36 -15.10 3.61
C LEU A 564 -18.19 -15.54 2.76
N GLN A 565 -17.38 -14.59 2.32
CA GLN A 565 -16.25 -14.88 1.46
C GLN A 565 -15.19 -15.58 2.28
N THR A 566 -14.69 -16.73 1.78
CA THR A 566 -13.80 -17.53 2.60
C THR A 566 -12.57 -18.11 1.90
N THR A 567 -12.49 -18.07 0.58
CA THR A 567 -11.29 -18.56 -0.11
C THR A 567 -10.88 -17.53 -1.13
N MET A 568 -9.60 -17.54 -1.47
CA MET A 568 -9.11 -16.88 -2.67
C MET A 568 -8.00 -17.78 -3.19
N PRO A 569 -7.69 -17.72 -4.49
CA PRO A 569 -6.63 -18.57 -5.02
C PRO A 569 -5.27 -18.21 -4.46
N LYS A 570 -4.62 -19.20 -3.86
CA LYS A 570 -3.27 -19.03 -3.36
C LYS A 570 -2.33 -18.74 -4.52
N PHE A 571 -1.39 -17.84 -4.30
CA PHE A 571 -0.52 -17.36 -5.36
C PHE A 571 0.92 -17.69 -5.02
N SER A 572 1.73 -17.81 -6.04
CA SER A 572 3.16 -18.02 -5.89
C SER A 572 3.81 -17.12 -6.93
N VAL A 573 4.06 -15.87 -6.56
CA VAL A 573 4.65 -14.95 -7.50
C VAL A 573 6.16 -15.17 -7.54
N SER A 574 6.77 -14.73 -8.63
CA SER A 574 8.21 -14.71 -8.75
C SER A 574 8.56 -13.34 -9.32
N CYS A 575 9.00 -12.44 -8.45
CA CYS A 575 9.24 -11.07 -8.87
C CYS A 575 10.44 -10.94 -9.79
N GLU A 576 11.41 -11.86 -9.71
CA GLU A 576 12.57 -11.81 -10.60
C GLU A 576 12.15 -11.94 -12.05
N THR A 577 11.13 -12.75 -12.33
CA THR A 577 10.66 -12.95 -13.69
C THR A 577 9.34 -12.29 -13.96
N TYR A 578 8.75 -11.59 -12.99
CA TYR A 578 7.64 -10.71 -13.32
C TYR A 578 8.16 -9.35 -13.74
N ILE A 579 8.92 -8.70 -12.84
CA ILE A 579 9.37 -7.32 -13.03
C ILE A 579 10.25 -7.20 -14.25
N CYS A 580 10.97 -8.27 -14.57
CA CYS A 580 11.74 -8.30 -15.80
C CYS A 580 11.80 -9.71 -16.32
N ASP A 581 11.76 -9.84 -17.63
CA ASP A 581 11.73 -11.13 -18.29
C ASP A 581 13.11 -11.77 -18.34
N VAL A 582 13.32 -12.66 -19.31
CA VAL A 582 14.57 -13.37 -19.53
C VAL A 582 15.82 -12.49 -19.67
N SER A 583 15.65 -11.17 -19.80
CA SER A 583 16.78 -10.23 -19.81
C SER A 583 17.54 -10.29 -18.50
N LYS A 584 18.85 -10.50 -18.62
CA LYS A 584 19.73 -10.59 -17.45
C LYS A 584 20.12 -9.22 -16.94
N ALA A 585 20.06 -8.20 -17.80
CA ALA A 585 20.48 -6.84 -17.41
C ALA A 585 19.55 -6.21 -16.38
N CYS A 586 18.35 -6.75 -16.20
CA CYS A 586 17.54 -6.41 -15.04
C CYS A 586 18.08 -7.06 -13.77
N LYS A 587 18.38 -8.34 -13.84
CA LYS A 587 18.49 -9.15 -12.64
C LYS A 587 19.76 -8.85 -11.86
N ASN A 588 20.78 -8.31 -12.51
CA ASN A 588 21.94 -7.77 -11.80
C ASN A 588 21.70 -6.33 -11.33
N LEU A 589 20.59 -5.73 -11.72
CA LEU A 589 20.23 -4.38 -11.31
C LEU A 589 19.02 -4.36 -10.39
N LEU A 590 18.25 -5.45 -10.33
CA LEU A 590 17.03 -5.47 -9.55
C LEU A 590 17.30 -5.56 -8.06
N PHE A 591 18.39 -6.20 -7.65
CA PHE A 591 18.63 -6.35 -6.23
C PHE A 591 19.25 -5.11 -5.60
N ARG A 592 19.25 -3.97 -6.29
CA ARG A 592 19.53 -2.71 -5.66
C ARG A 592 18.32 -2.08 -5.01
N TYR A 593 17.11 -2.53 -5.32
CA TYR A 593 15.92 -1.78 -4.94
C TYR A 593 15.38 -2.22 -3.59
N GLY A 594 16.21 -2.06 -2.56
CA GLY A 594 15.76 -2.15 -1.19
C GLY A 594 15.34 -3.51 -0.71
N GLY A 595 15.84 -4.57 -1.35
CA GLY A 595 15.38 -5.90 -1.04
C GLY A 595 13.93 -6.10 -1.39
N PHE A 596 13.50 -5.58 -2.54
CA PHE A 596 12.09 -5.65 -2.90
C PHE A 596 11.66 -7.07 -3.21
N CYS A 597 12.47 -7.79 -3.96
CA CYS A 597 12.04 -9.05 -4.52
C CYS A 597 11.99 -10.14 -3.45
N GLN A 598 12.97 -10.16 -2.54
CA GLN A 598 12.93 -11.13 -1.44
C GLN A 598 11.78 -10.82 -0.49
N LYS A 599 11.40 -9.55 -0.33
CA LYS A 599 10.27 -9.22 0.52
C LYS A 599 8.96 -9.66 -0.11
N VAL A 600 8.81 -9.47 -1.42
CA VAL A 600 7.57 -9.81 -2.09
C VAL A 600 7.35 -11.32 -2.11
N GLU A 601 8.38 -12.08 -2.49
CA GLU A 601 8.17 -13.53 -2.56
C GLU A 601 8.08 -14.15 -1.18
N ALA A 602 8.75 -13.59 -0.18
CA ALA A 602 8.55 -14.11 1.18
C ALA A 602 7.21 -13.69 1.74
N ASP A 603 6.67 -12.56 1.29
CA ASP A 603 5.37 -12.16 1.82
C ASP A 603 4.23 -12.94 1.20
N ILE A 604 4.29 -13.18 -0.11
CA ILE A 604 3.27 -13.98 -0.77
C ILE A 604 3.31 -15.41 -0.24
N ARG A 605 4.51 -15.91 0.07
CA ARG A 605 4.58 -17.21 0.72
C ARG A 605 4.02 -17.15 2.14
N GLY A 606 4.23 -16.04 2.84
CA GLY A 606 3.74 -15.94 4.21
C GLY A 606 2.23 -15.79 4.29
N ALA A 607 1.67 -14.95 3.44
CA ALA A 607 0.21 -14.82 3.38
C ALA A 607 -0.41 -16.05 2.78
N GLY A 608 0.31 -16.74 1.89
CA GLY A 608 -0.19 -17.99 1.35
C GLY A 608 -0.27 -19.08 2.39
N ILE A 609 0.69 -19.14 3.31
CA ILE A 609 0.62 -20.18 4.31
C ILE A 609 -0.32 -19.80 5.46
N LEU A 610 -0.60 -18.51 5.65
CA LEU A 610 -1.71 -18.14 6.54
C LEU A 610 -3.03 -18.61 5.98
N LEU A 611 -3.26 -18.37 4.69
CA LEU A 611 -4.48 -18.85 4.03
C LEU A 611 -4.52 -20.37 4.00
N ASP A 612 -3.36 -21.00 3.89
CA ASP A 612 -3.25 -22.46 3.87
C ASP A 612 -3.74 -23.05 5.18
N GLY A 613 -3.18 -22.60 6.29
CA GLY A 613 -3.57 -23.13 7.58
C GLY A 613 -4.97 -22.74 7.99
N ASP A 614 -5.48 -21.63 7.47
CA ASP A 614 -6.76 -21.13 7.95
C ASP A 614 -7.93 -21.70 7.16
N VAL A 615 -7.73 -22.01 5.87
CA VAL A 615 -8.71 -22.84 5.17
C VAL A 615 -8.65 -24.27 5.70
N SER A 616 -7.48 -24.71 6.15
CA SER A 616 -7.40 -26.03 6.75
C SER A 616 -8.16 -26.10 8.08
N SER A 617 -8.17 -25.01 8.84
CA SER A 617 -8.97 -25.03 10.06
C SER A 617 -10.45 -24.87 9.76
N LEU A 618 -10.79 -24.25 8.63
CA LEU A 618 -12.19 -24.18 8.22
C LEU A 618 -12.72 -25.57 7.86
N TYR A 619 -12.00 -26.31 7.03
CA TYR A 619 -12.47 -27.65 6.70
C TYR A 619 -12.26 -28.64 7.83
N SER A 620 -11.51 -28.29 8.86
CA SER A 620 -11.45 -29.16 10.02
C SER A 620 -12.71 -29.06 10.87
N THR A 621 -13.49 -27.99 10.72
CA THR A 621 -14.76 -27.85 11.42
C THR A 621 -15.96 -27.87 10.49
N ILE A 622 -15.76 -28.21 9.23
CA ILE A 622 -16.86 -28.57 8.34
C ILE A 622 -17.07 -30.07 8.34
N ALA A 623 -15.98 -30.82 8.25
CA ALA A 623 -16.03 -32.27 8.11
C ALA A 623 -16.60 -32.89 9.38
N ALA A 624 -17.84 -33.33 9.29
CA ALA A 624 -18.60 -33.74 10.45
C ALA A 624 -18.95 -35.21 10.35
N LYS A 625 -19.79 -35.67 11.29
CA LYS A 625 -19.91 -37.08 11.62
C LYS A 625 -21.35 -37.53 11.46
N THR A 626 -21.90 -37.31 10.27
CA THR A 626 -23.23 -37.84 9.94
C THR A 626 -23.28 -39.35 10.08
N SER A 627 -24.43 -39.85 10.52
CA SER A 627 -24.56 -41.25 10.83
C SER A 627 -24.75 -42.08 9.56
N SER A 628 -24.70 -43.40 9.73
CA SER A 628 -24.93 -44.32 8.64
C SER A 628 -26.41 -44.66 8.47
N VAL A 629 -27.28 -44.08 9.30
CA VAL A 629 -28.72 -44.29 9.15
C VAL A 629 -29.24 -43.52 7.95
N VAL A 630 -28.71 -42.31 7.72
CA VAL A 630 -29.07 -41.29 6.72
C VAL A 630 -30.60 -41.14 6.62
N PRO A 631 -31.21 -40.43 7.57
CA PRO A 631 -32.67 -40.41 7.71
C PRO A 631 -33.37 -39.79 6.51
N THR A 632 -34.36 -40.50 6.00
CA THR A 632 -35.08 -40.08 4.82
C THR A 632 -35.94 -38.86 5.13
N THR A 633 -36.21 -38.08 4.09
CA THR A 633 -37.20 -37.02 4.17
C THR A 633 -38.52 -37.49 3.60
N ASP A 634 -39.57 -36.73 3.89
CA ASP A 634 -40.88 -37.04 3.32
C ASP A 634 -41.30 -35.95 2.34
N ARG A 635 -41.35 -34.70 2.78
CA ARG A 635 -41.80 -33.63 1.92
C ARG A 635 -40.76 -32.54 1.74
N PHE A 636 -39.69 -32.54 2.51
CA PHE A 636 -38.61 -31.58 2.32
C PHE A 636 -37.82 -31.99 1.09
N ASN A 637 -37.88 -31.20 0.03
CA ASN A 637 -36.99 -31.44 -1.10
C ASN A 637 -35.62 -30.85 -0.75
N VAL A 638 -34.88 -31.58 0.08
CA VAL A 638 -33.55 -31.18 0.46
C VAL A 638 -32.47 -31.98 -0.26
N SER A 639 -32.79 -33.20 -0.71
CA SER A 639 -31.79 -33.99 -1.40
C SER A 639 -31.61 -33.54 -2.84
N GLN A 640 -32.64 -32.98 -3.44
CA GLN A 640 -32.54 -32.58 -4.83
C GLN A 640 -32.09 -31.13 -4.98
N PHE A 641 -31.91 -30.41 -3.89
CA PHE A 641 -31.40 -29.04 -3.94
C PHE A 641 -30.05 -28.89 -3.29
N PHE A 642 -29.87 -29.43 -2.09
CA PHE A 642 -28.68 -29.18 -1.29
C PHE A 642 -27.66 -30.30 -1.36
N LEU A 643 -28.07 -31.53 -1.59
CA LEU A 643 -27.11 -32.60 -1.70
C LEU A 643 -26.52 -32.64 -3.11
N PRO A 644 -25.26 -33.08 -3.25
CA PRO A 644 -24.65 -33.15 -4.58
C PRO A 644 -25.28 -34.24 -5.42
N LYS A 645 -25.26 -34.01 -6.73
CA LYS A 645 -25.91 -34.89 -7.68
C LYS A 645 -25.11 -36.17 -7.89
N SER A 655 -20.52 -33.13 -9.61
CA SER A 655 -20.39 -33.52 -8.22
C SER A 655 -20.60 -32.35 -7.28
N ARG A 656 -21.33 -31.35 -7.74
CA ARG A 656 -21.79 -30.26 -6.90
C ARG A 656 -23.31 -30.22 -6.92
N SER A 657 -23.88 -29.58 -5.92
CA SER A 657 -25.32 -29.62 -5.74
C SER A 657 -26.03 -28.68 -6.68
N ALA A 658 -27.36 -28.79 -6.71
CA ALA A 658 -28.14 -28.11 -7.74
C ALA A 658 -28.42 -26.66 -7.36
N ILE A 659 -27.93 -26.22 -6.21
CA ILE A 659 -28.07 -24.81 -5.86
C ILE A 659 -26.82 -24.04 -6.26
N GLU A 660 -25.63 -24.56 -6.00
CA GLU A 660 -24.45 -23.82 -6.38
C GLU A 660 -24.11 -23.92 -7.85
N ASP A 661 -24.54 -24.97 -8.55
CA ASP A 661 -24.42 -24.95 -10.00
C ASP A 661 -25.34 -23.90 -10.59
N LEU A 662 -26.57 -23.83 -10.10
CA LEU A 662 -27.47 -22.76 -10.45
C LEU A 662 -26.97 -21.41 -9.96
N LEU A 663 -26.14 -21.40 -8.91
CA LEU A 663 -25.61 -20.14 -8.44
C LEU A 663 -24.50 -19.64 -9.38
N PHE A 664 -23.65 -20.55 -9.85
CA PHE A 664 -22.56 -20.16 -10.76
C PHE A 664 -23.12 -19.72 -12.10
N SER A 665 -24.26 -20.26 -12.50
CA SER A 665 -24.88 -19.83 -13.75
C SER A 665 -25.39 -18.39 -13.64
N LYS A 666 -25.60 -17.90 -12.43
CA LYS A 666 -26.18 -16.57 -12.28
C LYS A 666 -25.12 -15.49 -12.21
N ILE A 667 -23.85 -15.87 -12.29
CA ILE A 667 -22.79 -14.89 -12.13
C ILE A 667 -22.16 -14.56 -13.47
N GLU A 668 -22.14 -13.29 -13.81
CA GLU A 668 -21.63 -12.84 -15.10
C GLU A 668 -20.26 -12.23 -14.91
N THR A 669 -19.26 -12.84 -15.52
CA THR A 669 -17.92 -12.26 -15.51
C THR A 669 -17.94 -11.05 -16.44
N THR A 670 -17.05 -10.07 -16.17
CA THR A 670 -17.08 -8.81 -16.91
C THR A 670 -16.72 -9.01 -18.37
N GLY A 671 -15.65 -9.75 -18.64
CA GLY A 671 -15.24 -9.98 -19.99
C GLY A 671 -14.30 -11.17 -20.09
N PRO A 672 -13.92 -11.53 -21.31
CA PRO A 672 -12.87 -12.53 -21.45
C PRO A 672 -11.54 -11.97 -21.00
N GLY A 673 -10.73 -12.82 -20.39
CA GLY A 673 -9.46 -12.41 -19.85
C GLY A 673 -8.79 -13.62 -19.24
N PHE A 674 -7.85 -13.37 -18.34
CA PHE A 674 -7.23 -14.49 -17.65
C PHE A 674 -8.10 -14.97 -16.51
N TYR A 675 -8.73 -14.04 -15.78
CA TYR A 675 -9.64 -14.46 -14.74
C TYR A 675 -10.93 -15.01 -15.32
N GLY A 676 -11.32 -14.55 -16.51
CA GLY A 676 -12.45 -15.15 -17.19
C GLY A 676 -12.21 -16.59 -17.55
N ASP A 677 -11.01 -16.91 -18.05
CA ASP A 677 -10.67 -18.29 -18.34
C ASP A 677 -10.56 -19.11 -17.07
N TYR A 678 -10.04 -18.51 -16.00
CA TYR A 678 -9.91 -19.21 -14.72
C TYR A 678 -11.28 -19.51 -14.14
N TYR A 679 -12.16 -18.52 -14.14
CA TYR A 679 -13.46 -18.71 -13.52
C TYR A 679 -14.35 -19.62 -14.36
N ASN A 680 -14.33 -19.48 -15.68
CA ASN A 680 -15.18 -20.33 -16.50
C ASN A 680 -14.65 -21.74 -16.63
N CYS A 681 -13.36 -21.97 -16.36
CA CYS A 681 -12.94 -23.35 -16.17
C CYS A 681 -13.38 -23.88 -14.81
N LYS A 682 -13.28 -23.05 -13.78
CA LYS A 682 -13.67 -23.49 -12.45
C LYS A 682 -15.17 -23.52 -12.26
N LYS A 683 -15.92 -22.90 -13.18
CA LYS A 683 -17.38 -22.91 -13.10
C LYS A 683 -17.94 -24.25 -13.54
N ASN A 684 -17.66 -24.66 -14.78
CA ASN A 684 -18.24 -25.89 -15.28
C ASN A 684 -17.54 -27.11 -14.70
N ALA A 685 -16.28 -26.94 -14.28
CA ALA A 685 -15.52 -27.91 -13.48
C ALA A 685 -15.40 -29.25 -14.20
N ILE A 686 -15.00 -29.20 -15.46
CA ILE A 686 -14.86 -30.41 -16.27
C ILE A 686 -13.72 -31.25 -15.72
N GLN A 687 -14.00 -32.55 -15.54
CA GLN A 687 -13.17 -33.42 -14.72
C GLN A 687 -11.84 -33.71 -15.39
N ASP A 688 -10.85 -34.07 -14.55
CA ASP A 688 -9.56 -34.64 -14.95
C ASP A 688 -8.73 -33.69 -15.82
N LEU A 689 -8.88 -32.40 -15.61
CA LEU A 689 -7.91 -31.43 -16.10
C LEU A 689 -7.84 -30.28 -15.12
N THR A 690 -6.88 -29.41 -15.35
CA THR A 690 -6.57 -28.33 -14.44
C THR A 690 -6.98 -27.01 -15.04
N CYS A 691 -7.17 -26.03 -14.18
CA CYS A 691 -7.01 -24.63 -14.55
C CYS A 691 -6.38 -23.91 -13.37
N ALA A 692 -5.05 -23.86 -13.41
CA ALA A 692 -4.22 -23.03 -12.56
C ALA A 692 -3.35 -22.27 -13.56
N GLN A 693 -3.74 -21.03 -13.84
CA GLN A 693 -3.06 -20.24 -14.86
C GLN A 693 -1.67 -19.87 -14.38
N TYR A 694 -0.71 -19.96 -15.30
CA TYR A 694 0.60 -19.32 -15.13
C TYR A 694 0.77 -18.31 -16.24
N HIS A 695 1.08 -17.07 -15.88
CA HIS A 695 1.44 -16.05 -16.86
C HIS A 695 2.52 -15.17 -16.26
N ASN A 696 3.67 -15.12 -16.95
CA ASN A 696 4.86 -14.29 -16.75
C ASN A 696 5.22 -14.00 -15.30
N GLY A 697 5.42 -15.06 -14.54
CA GLY A 697 5.97 -14.96 -13.20
C GLY A 697 5.00 -15.26 -12.10
N ILE A 698 3.71 -15.36 -12.39
CA ILE A 698 2.68 -15.48 -11.36
C ILE A 698 1.93 -16.77 -11.62
N LEU A 699 2.20 -17.77 -10.81
CA LEU A 699 1.50 -19.05 -10.88
C LEU A 699 0.39 -19.03 -9.84
N VAL A 700 -0.86 -19.04 -10.30
CA VAL A 700 -1.97 -19.19 -9.38
C VAL A 700 -2.10 -20.68 -9.06
N ILE A 701 -2.39 -21.00 -7.81
CA ILE A 701 -2.57 -22.40 -7.41
C ILE A 701 -3.86 -22.47 -6.61
N PRO A 702 -4.61 -23.57 -6.66
CA PRO A 702 -5.76 -23.69 -5.78
C PRO A 702 -5.30 -23.89 -4.34
N PRO A 703 -6.07 -23.40 -3.37
CA PRO A 703 -5.67 -23.56 -1.96
C PRO A 703 -5.86 -24.98 -1.45
N ILE A 704 -5.65 -25.20 -0.14
CA ILE A 704 -5.58 -26.54 0.44
C ILE A 704 -6.88 -27.30 0.28
N MET A 705 -8.00 -26.59 0.21
CA MET A 705 -9.26 -27.22 -0.13
C MET A 705 -10.11 -26.11 -0.74
N ASP A 706 -10.13 -26.06 -2.07
CA ASP A 706 -10.87 -25.05 -2.79
C ASP A 706 -12.36 -25.32 -2.72
N ALA A 707 -13.12 -24.27 -2.40
CA ALA A 707 -14.53 -24.43 -2.10
C ALA A 707 -15.37 -24.72 -3.32
N GLU A 708 -15.04 -24.16 -4.48
CA GLU A 708 -15.93 -24.21 -5.63
C GLU A 708 -15.53 -25.30 -6.61
N THR A 709 -14.67 -26.21 -6.21
CA THR A 709 -14.50 -27.49 -6.88
C THR A 709 -15.26 -28.61 -6.21
N LEU A 710 -15.19 -28.70 -4.89
CA LEU A 710 -15.85 -29.73 -4.12
C LEU A 710 -17.28 -29.31 -3.83
N GLY A 711 -18.19 -30.28 -3.87
CA GLY A 711 -19.52 -30.04 -3.37
C GLY A 711 -19.51 -29.90 -1.87
N MET A 712 -20.61 -29.36 -1.33
CA MET A 712 -20.61 -29.05 0.09
C MET A 712 -20.85 -30.29 0.93
N TYR A 713 -21.93 -31.02 0.67
CA TYR A 713 -22.30 -32.17 1.49
C TYR A 713 -21.84 -33.48 0.91
N GLY A 714 -20.92 -33.47 -0.04
CA GLY A 714 -20.37 -34.69 -0.58
C GLY A 714 -18.86 -34.66 -0.54
N GLY A 715 -18.27 -35.77 -0.95
CA GLY A 715 -16.83 -35.84 -1.02
C GLY A 715 -16.20 -36.18 0.32
N ILE A 716 -14.91 -35.86 0.40
CA ILE A 716 -14.11 -36.23 1.56
C ILE A 716 -14.42 -35.34 2.74
N ALA A 717 -14.50 -34.03 2.52
CA ALA A 717 -14.90 -33.09 3.56
C ALA A 717 -16.42 -32.96 3.52
N ALA A 718 -17.11 -34.02 3.92
CA ALA A 718 -18.57 -34.06 3.92
C ALA A 718 -19.09 -33.22 5.07
N ALA A 719 -20.15 -32.47 4.81
CA ALA A 719 -20.58 -31.45 5.74
C ALA A 719 -21.84 -31.80 6.53
N SER A 720 -22.40 -33.00 6.34
CA SER A 720 -23.39 -33.61 7.24
C SER A 720 -24.68 -32.78 7.34
N VAL A 721 -25.48 -32.87 6.28
CA VAL A 721 -26.79 -32.20 6.23
C VAL A 721 -27.68 -32.65 7.39
N THR A 722 -27.53 -33.88 7.87
CA THR A 722 -28.39 -34.37 8.93
C THR A 722 -27.96 -33.86 10.29
N LEU A 723 -26.65 -33.74 10.51
CA LEU A 723 -26.10 -33.67 11.86
C LEU A 723 -26.33 -32.30 12.50
N GLY A 724 -26.90 -31.36 11.77
CA GLY A 724 -27.31 -30.12 12.39
C GLY A 724 -28.58 -30.26 13.19
N ILE A 725 -29.67 -30.61 12.52
CA ILE A 725 -30.98 -30.64 13.15
C ILE A 725 -31.22 -31.96 13.88
N PHE A 726 -30.64 -33.05 13.37
CA PHE A 726 -30.85 -34.35 14.01
C PHE A 726 -30.00 -34.53 15.26
N GLY A 727 -29.15 -33.57 15.56
CA GLY A 727 -28.43 -33.54 16.81
C GLY A 727 -27.24 -34.46 16.81
N GLY A 728 -26.41 -34.30 17.84
CA GLY A 728 -25.21 -35.11 17.95
C GLY A 728 -25.48 -36.54 18.34
N GLN A 729 -26.66 -36.78 18.90
CA GLN A 729 -27.12 -38.14 19.19
C GLN A 729 -28.22 -38.49 18.20
N ALA A 730 -27.86 -39.20 17.13
CA ALA A 730 -28.76 -39.47 16.03
C ALA A 730 -29.65 -40.65 16.35
N GLY A 731 -30.27 -41.23 15.34
CA GLY A 731 -31.26 -42.26 15.51
C GLY A 731 -32.67 -41.78 15.30
N MET A 732 -32.84 -40.49 15.09
CA MET A 732 -34.15 -39.92 14.84
C MET A 732 -34.61 -40.32 13.45
N ALA A 733 -35.92 -40.55 13.31
CA ALA A 733 -36.42 -41.37 12.21
C ALA A 733 -36.33 -40.64 10.87
N THR A 734 -37.05 -39.53 10.72
CA THR A 734 -37.11 -38.80 9.47
C THR A 734 -36.91 -37.32 9.70
N TRP A 735 -36.88 -36.57 8.60
CA TRP A 735 -36.90 -35.12 8.66
C TRP A 735 -38.20 -34.59 9.21
N SER A 736 -39.29 -35.34 9.03
CA SER A 736 -40.60 -34.88 9.51
C SER A 736 -40.67 -34.93 11.03
N VAL A 737 -40.14 -35.99 11.64
CA VAL A 737 -40.14 -36.04 13.09
C VAL A 737 -39.05 -35.14 13.65
N ALA A 738 -38.03 -34.85 12.85
CA ALA A 738 -37.01 -33.90 13.26
C ALA A 738 -37.55 -32.49 13.28
N MET A 739 -38.38 -32.16 12.31
CA MET A 739 -38.90 -30.81 12.25
C MET A 739 -40.01 -30.62 13.26
N ALA A 740 -40.77 -31.68 13.55
CA ALA A 740 -41.76 -31.59 14.61
C ALA A 740 -41.08 -31.45 15.97
N GLY A 741 -39.99 -32.17 16.20
CA GLY A 741 -39.25 -31.99 17.42
C GLY A 741 -38.56 -30.64 17.50
N ARG A 742 -38.21 -30.08 16.34
CA ARG A 742 -37.65 -28.73 16.33
C ARG A 742 -38.70 -27.71 16.74
N LEU A 743 -39.89 -27.75 16.12
CA LEU A 743 -40.94 -26.79 16.44
C LEU A 743 -41.41 -26.92 17.88
N ASN A 744 -41.30 -28.10 18.47
CA ASN A 744 -41.49 -28.22 19.91
C ASN A 744 -40.36 -27.52 20.67
N ALA A 745 -39.14 -27.56 20.14
CA ALA A 745 -38.01 -27.01 20.89
C ALA A 745 -38.05 -25.48 20.91
N LEU A 746 -38.23 -24.86 19.75
CA LEU A 746 -38.28 -23.39 19.73
C LEU A 746 -39.66 -22.85 20.03
N GLY A 747 -40.62 -23.70 20.38
CA GLY A 747 -41.83 -23.23 21.01
C GLY A 747 -42.86 -22.58 20.11
N VAL A 748 -42.99 -23.05 18.87
CA VAL A 748 -44.11 -22.62 18.05
C VAL A 748 -45.34 -23.46 18.35
N VAL A 749 -45.23 -24.76 18.17
CA VAL A 749 -46.31 -25.66 18.53
C VAL A 749 -45.70 -26.94 19.06
N GLN A 750 -46.26 -27.47 20.13
CA GLN A 750 -45.80 -28.76 20.59
C GLN A 750 -46.54 -29.85 19.84
N ASN A 751 -46.04 -31.08 20.00
CA ASN A 751 -46.47 -32.37 19.44
C ASN A 751 -47.03 -32.25 18.02
N ALA A 752 -46.28 -31.58 17.15
CA ALA A 752 -46.78 -31.14 15.85
C ALA A 752 -47.09 -32.33 14.96
N LEU A 753 -48.30 -32.35 14.43
CA LEU A 753 -48.77 -33.48 13.62
C LEU A 753 -48.26 -33.32 12.20
N VAL A 754 -48.85 -34.08 11.27
CA VAL A 754 -48.44 -34.00 9.89
C VAL A 754 -48.85 -32.68 9.25
N ASP A 755 -49.87 -32.00 9.78
CA ASP A 755 -50.36 -30.78 9.14
C ASP A 755 -49.39 -29.63 9.33
N ASP A 756 -48.84 -29.49 10.54
CA ASP A 756 -47.94 -28.37 10.82
C ASP A 756 -46.59 -28.57 10.14
N VAL A 757 -46.09 -29.80 10.14
CA VAL A 757 -44.83 -30.10 9.46
C VAL A 757 -44.99 -29.99 7.95
N ASN A 758 -46.12 -30.44 7.40
CA ASN A 758 -46.29 -30.35 5.96
C ASN A 758 -46.55 -28.91 5.53
N LYS A 759 -47.15 -28.09 6.40
CA LYS A 759 -47.27 -26.68 6.10
C LYS A 759 -45.90 -26.02 6.11
N LEU A 760 -45.05 -26.41 7.05
CA LEU A 760 -43.68 -25.91 7.04
C LEU A 760 -42.87 -26.53 5.90
N ALA A 761 -43.31 -27.68 5.40
CA ALA A 761 -42.61 -28.32 4.29
C ALA A 761 -42.91 -27.62 2.98
N ASN A 762 -44.19 -27.34 2.72
CA ASN A 762 -44.55 -26.58 1.54
C ASN A 762 -43.98 -25.18 1.60
N GLY A 763 -43.90 -24.61 2.80
CA GLY A 763 -43.19 -23.35 2.96
C GLY A 763 -41.71 -23.47 2.62
N PHE A 764 -41.08 -24.54 3.09
CA PHE A 764 -39.64 -24.76 2.86
C PHE A 764 -39.33 -24.88 1.39
N ASN A 765 -40.06 -25.75 0.68
CA ASN A 765 -39.73 -26.03 -0.71
C ASN A 765 -40.11 -24.87 -1.61
N GLN A 766 -41.25 -24.22 -1.37
CA GLN A 766 -41.61 -23.08 -2.21
C GLN A 766 -40.77 -21.84 -1.91
N LEU A 767 -40.01 -21.84 -0.83
CA LEU A 767 -39.10 -20.74 -0.54
C LEU A 767 -37.64 -21.06 -0.80
N THR A 768 -37.29 -22.33 -1.01
CA THR A 768 -35.95 -22.64 -1.52
C THR A 768 -35.95 -23.09 -2.97
N ALA A 769 -37.11 -23.24 -3.59
CA ALA A 769 -37.15 -23.23 -5.04
C ALA A 769 -37.12 -21.82 -5.59
N SER A 770 -37.30 -20.82 -4.73
CA SER A 770 -37.08 -19.43 -5.05
C SER A 770 -35.62 -19.03 -4.96
N VAL A 771 -34.71 -19.99 -4.89
CA VAL A 771 -33.29 -19.69 -5.10
C VAL A 771 -32.97 -19.62 -6.57
N SER A 772 -33.91 -19.97 -7.45
CA SER A 772 -33.67 -19.84 -8.87
C SER A 772 -34.20 -18.52 -9.41
N LYS A 773 -35.30 -18.03 -8.85
CA LYS A 773 -35.88 -16.80 -9.39
C LYS A 773 -35.44 -15.55 -8.62
N LEU A 774 -34.13 -15.38 -8.44
CA LEU A 774 -33.58 -14.11 -8.00
C LEU A 774 -32.38 -13.77 -8.86
N ALA A 775 -32.35 -12.54 -9.34
CA ALA A 775 -31.32 -12.07 -10.25
C ALA A 775 -30.18 -11.48 -9.45
N LEU A 776 -29.28 -10.78 -10.14
CA LEU A 776 -28.13 -10.19 -9.47
C LEU A 776 -28.55 -8.96 -8.67
N THR A 777 -29.25 -8.03 -9.29
CA THR A 777 -29.81 -6.93 -8.53
C THR A 777 -30.98 -7.41 -7.69
N THR A 778 -31.28 -6.64 -6.64
CA THR A 778 -32.29 -6.94 -5.62
C THR A 778 -32.08 -8.33 -5.01
N SER A 779 -30.82 -8.65 -4.72
CA SER A 779 -30.48 -9.94 -4.13
C SER A 779 -29.73 -9.82 -2.82
N SER A 780 -28.77 -8.89 -2.74
CA SER A 780 -27.93 -8.54 -1.59
C SER A 780 -26.94 -9.62 -1.20
N ALA A 781 -26.99 -10.79 -1.82
CA ALA A 781 -26.00 -11.83 -1.64
C ALA A 781 -25.47 -12.38 -2.95
N LEU A 782 -26.19 -12.19 -4.05
CA LEU A 782 -25.54 -12.27 -5.34
C LEU A 782 -24.77 -11.00 -5.66
N GLN A 783 -25.11 -9.89 -5.03
CA GLN A 783 -24.29 -8.69 -5.18
C GLN A 783 -22.97 -8.84 -4.46
N ALA A 784 -22.91 -9.68 -3.42
CA ALA A 784 -21.66 -9.87 -2.70
C ALA A 784 -20.71 -10.79 -3.45
N ILE A 785 -21.22 -11.88 -4.03
CA ILE A 785 -20.33 -12.71 -4.83
C ILE A 785 -19.94 -12.02 -6.11
N GLN A 786 -20.81 -11.19 -6.68
CA GLN A 786 -20.40 -10.41 -7.85
C GLN A 786 -19.41 -9.33 -7.46
N ALA A 787 -19.48 -8.82 -6.23
CA ALA A 787 -18.47 -7.84 -5.81
C ALA A 787 -17.12 -8.50 -5.59
N VAL A 788 -17.12 -9.74 -5.10
CA VAL A 788 -15.87 -10.47 -4.93
C VAL A 788 -15.27 -10.83 -6.29
N VAL A 789 -16.11 -11.24 -7.23
CA VAL A 789 -15.61 -11.59 -8.56
C VAL A 789 -15.10 -10.35 -9.29
N ASN A 790 -15.78 -9.21 -9.15
CA ASN A 790 -15.32 -8.00 -9.83
C ASN A 790 -14.06 -7.45 -9.20
N GLN A 791 -13.93 -7.56 -7.88
CA GLN A 791 -12.69 -7.15 -7.22
C GLN A 791 -11.53 -8.01 -7.66
N ASN A 792 -11.77 -9.31 -7.80
CA ASN A 792 -10.71 -10.23 -8.16
C ASN A 792 -10.30 -10.06 -9.62
N ALA A 793 -11.28 -9.81 -10.49
CA ALA A 793 -10.99 -9.63 -11.91
C ALA A 793 -10.29 -8.31 -12.17
N ALA A 794 -10.72 -7.23 -11.50
CA ALA A 794 -10.05 -5.96 -11.68
C ALA A 794 -8.64 -5.98 -11.12
N GLN A 795 -8.40 -6.82 -10.10
CA GLN A 795 -7.05 -6.96 -9.58
C GLN A 795 -6.13 -7.64 -10.58
N VAL A 796 -6.61 -8.69 -11.26
CA VAL A 796 -5.73 -9.34 -12.21
C VAL A 796 -5.59 -8.54 -13.50
N GLU A 797 -6.55 -7.67 -13.84
CA GLU A 797 -6.37 -6.83 -15.01
C GLU A 797 -5.43 -5.69 -14.73
N SER A 798 -5.37 -5.20 -13.49
CA SER A 798 -4.26 -4.33 -13.08
C SER A 798 -2.94 -5.06 -13.18
N LEU A 799 -2.92 -6.32 -12.76
CA LEU A 799 -1.69 -7.08 -12.69
C LEU A 799 -1.19 -7.48 -14.07
N VAL A 800 -2.04 -7.42 -15.08
CA VAL A 800 -1.63 -7.69 -16.46
C VAL A 800 -1.36 -6.42 -17.23
N SER A 801 -2.11 -5.34 -16.98
CA SER A 801 -1.78 -4.05 -17.57
C SER A 801 -0.48 -3.49 -17.02
N GLY A 802 -0.02 -3.96 -15.87
CA GLY A 802 1.29 -3.57 -15.41
C GLY A 802 2.42 -4.19 -16.20
N ILE A 803 2.19 -5.36 -16.80
CA ILE A 803 3.24 -6.00 -17.57
C ILE A 803 3.12 -5.70 -19.05
N THR A 804 1.96 -5.22 -19.50
CA THR A 804 1.83 -4.88 -20.91
C THR A 804 2.40 -3.50 -21.20
N GLU A 805 2.08 -2.52 -20.38
CA GLU A 805 2.32 -1.13 -20.72
C GLU A 805 3.73 -0.70 -20.34
N ASN A 806 4.38 -0.01 -21.27
CA ASN A 806 5.57 0.77 -20.96
C ASN A 806 5.16 2.00 -20.15
N PHE A 807 5.92 2.29 -19.11
CA PHE A 807 5.53 3.35 -18.17
C PHE A 807 6.17 4.66 -18.61
N GLY A 808 5.96 4.99 -19.86
CA GLY A 808 6.69 6.09 -20.46
C GLY A 808 8.03 5.71 -21.02
N ALA A 809 8.49 4.48 -20.80
CA ALA A 809 9.71 4.02 -21.42
C ALA A 809 9.47 3.74 -22.89
N ILE A 810 10.56 3.61 -23.65
CA ILE A 810 10.43 3.52 -25.11
C ILE A 810 9.89 2.16 -25.51
N SER A 811 10.13 1.14 -24.69
CA SER A 811 9.61 -0.19 -24.97
C SER A 811 9.49 -0.95 -23.65
N THR A 812 9.10 -2.21 -23.76
CA THR A 812 9.01 -3.11 -22.62
C THR A 812 10.10 -4.16 -22.63
N ASN A 813 10.98 -4.14 -23.62
CA ASN A 813 12.13 -5.04 -23.69
C ASN A 813 13.35 -4.31 -23.14
N PHE A 814 14.00 -4.91 -22.15
CA PHE A 814 15.14 -4.23 -21.55
C PHE A 814 16.36 -4.25 -22.44
N LYS A 815 16.46 -5.20 -23.38
CA LYS A 815 17.55 -5.17 -24.33
C LYS A 815 17.41 -3.97 -25.27
N VAL A 816 16.19 -3.73 -25.77
CA VAL A 816 15.94 -2.64 -26.71
C VAL A 816 16.20 -1.29 -26.05
N ILE A 817 15.86 -1.15 -24.77
CA ILE A 817 16.22 0.06 -24.05
C ILE A 817 17.73 0.15 -23.88
N SER A 818 18.39 -0.99 -23.69
CA SER A 818 19.83 -0.98 -23.48
C SER A 818 20.60 -0.73 -24.77
N GLN A 819 20.20 -1.36 -25.87
CA GLN A 819 20.92 -1.21 -27.13
C GLN A 819 20.54 0.05 -27.89
N ARG A 820 19.70 0.90 -27.34
CA ARG A 820 19.34 2.13 -28.05
C ARG A 820 19.85 3.38 -27.37
N LEU A 821 19.69 3.51 -26.06
CA LEU A 821 19.90 4.78 -25.39
C LEU A 821 21.29 4.85 -24.76
N ASP A 822 21.49 5.90 -23.96
CA ASP A 822 22.81 6.31 -23.48
C ASP A 822 23.32 5.31 -22.44
N LYS A 823 24.50 5.59 -21.89
CA LYS A 823 24.93 4.85 -20.71
C LYS A 823 24.09 5.25 -19.50
N LEU A 824 23.67 6.50 -19.42
CA LEU A 824 22.98 6.99 -18.25
C LEU A 824 21.53 7.37 -18.52
N GLU A 825 21.19 7.79 -19.73
CA GLU A 825 19.78 8.05 -19.99
C GLU A 825 18.99 6.76 -20.18
N ALA A 826 19.66 5.66 -20.52
CA ALA A 826 18.98 4.37 -20.45
C ALA A 826 18.78 3.91 -19.02
N ASP A 827 19.56 4.43 -18.07
CA ASP A 827 19.29 4.13 -16.67
C ASP A 827 18.01 4.82 -16.22
N VAL A 828 17.78 6.04 -16.67
CA VAL A 828 16.56 6.72 -16.25
C VAL A 828 15.36 6.24 -17.07
N GLN A 829 15.59 5.55 -18.18
CA GLN A 829 14.49 4.87 -18.84
C GLN A 829 14.26 3.47 -18.29
N MET A 830 15.30 2.84 -17.76
CA MET A 830 15.14 1.53 -17.13
C MET A 830 14.35 1.66 -15.86
N ASP A 831 14.75 2.58 -14.99
CA ASP A 831 14.14 2.82 -13.69
C ASP A 831 12.87 3.65 -13.80
N ARG A 832 12.29 3.73 -14.98
CA ARG A 832 10.96 4.28 -15.13
C ARG A 832 9.91 3.18 -15.22
N LEU A 833 10.25 2.03 -15.78
CA LEU A 833 9.32 0.93 -15.85
C LEU A 833 9.67 -0.23 -14.93
N ILE A 834 10.93 -0.36 -14.51
CA ILE A 834 11.20 -1.36 -13.48
C ILE A 834 10.66 -0.86 -12.16
N ASN A 835 10.61 0.46 -11.98
CA ASN A 835 10.00 1.09 -10.82
C ASN A 835 8.50 1.20 -10.95
N GLY A 836 7.94 0.78 -12.08
CA GLY A 836 6.51 0.82 -12.28
C GLY A 836 5.91 -0.56 -12.19
N ARG A 837 6.63 -1.55 -12.71
CA ARG A 837 6.23 -2.94 -12.47
C ARG A 837 6.43 -3.32 -11.02
N MET A 838 7.41 -2.70 -10.36
CA MET A 838 7.53 -2.79 -8.92
C MET A 838 6.28 -2.27 -8.22
N ASN A 839 5.76 -1.14 -8.65
CA ASN A 839 4.60 -0.57 -7.96
C ASN A 839 3.34 -1.38 -8.24
N VAL A 840 3.20 -1.91 -9.46
CA VAL A 840 2.02 -2.73 -9.78
C VAL A 840 2.05 -4.04 -9.01
N LEU A 841 3.23 -4.65 -8.90
CA LEU A 841 3.35 -5.89 -8.14
C LEU A 841 3.13 -5.67 -6.66
N GLN A 842 3.68 -4.59 -6.11
CA GLN A 842 3.52 -4.35 -4.68
C GLN A 842 2.11 -3.91 -4.34
N LEU A 843 1.44 -3.22 -5.27
CA LEU A 843 0.03 -2.91 -5.10
C LEU A 843 -0.81 -4.17 -5.05
N PHE A 844 -0.44 -5.16 -5.86
CA PHE A 844 -1.13 -6.44 -5.79
C PHE A 844 -0.83 -7.16 -4.48
N VAL A 845 0.40 -7.11 -4.01
CA VAL A 845 0.77 -7.81 -2.80
C VAL A 845 0.09 -7.20 -1.59
N THR A 846 -0.07 -5.88 -1.56
CA THR A 846 -0.80 -5.31 -0.44
C THR A 846 -2.30 -5.49 -0.55
N ASN A 847 -2.84 -5.66 -1.76
CA ASN A 847 -4.26 -6.03 -1.84
C ASN A 847 -4.47 -7.45 -1.38
N TYR A 848 -3.55 -8.34 -1.75
CA TYR A 848 -3.61 -9.72 -1.32
C TYR A 848 -3.47 -9.83 0.19
N LYS A 849 -2.61 -9.01 0.79
CA LYS A 849 -2.43 -9.06 2.24
C LYS A 849 -3.66 -8.56 2.99
N LEU A 850 -4.25 -7.45 2.55
CA LEU A 850 -5.38 -6.93 3.32
C LEU A 850 -6.60 -7.83 3.16
N LYS A 851 -6.72 -8.51 2.02
CA LYS A 851 -7.83 -9.44 1.92
C LYS A 851 -7.55 -10.72 2.69
N ILE A 852 -6.28 -11.08 2.91
CA ILE A 852 -5.95 -12.18 3.80
C ILE A 852 -6.26 -11.82 5.26
N ALA A 853 -6.00 -10.57 5.66
CA ALA A 853 -6.31 -10.17 7.03
C ALA A 853 -7.81 -10.14 7.27
N GLU A 854 -8.57 -9.66 6.28
CA GLU A 854 -10.03 -9.77 6.31
C GLU A 854 -10.47 -11.23 6.41
N LEU A 855 -9.88 -12.12 5.62
CA LEU A 855 -10.31 -13.51 5.64
C LEU A 855 -9.89 -14.24 6.90
N ARG A 856 -8.85 -13.78 7.60
CA ARG A 856 -8.52 -14.42 8.87
C ARG A 856 -9.63 -14.21 9.87
N ASN A 857 -10.07 -12.98 10.05
CA ASN A 857 -11.09 -12.80 11.05
C ASN A 857 -12.47 -13.19 10.52
N THR A 858 -12.67 -13.18 9.21
CA THR A 858 -13.92 -13.71 8.67
C THR A 858 -14.01 -15.20 8.88
N HIS A 859 -12.90 -15.94 8.80
CA HIS A 859 -12.98 -17.36 9.09
C HIS A 859 -13.22 -17.63 10.56
N ARG A 860 -12.82 -16.72 11.45
CA ARG A 860 -13.26 -16.87 12.83
C ARG A 860 -14.77 -16.72 12.93
N TYR A 861 -15.34 -15.82 12.13
CA TYR A 861 -16.80 -15.69 12.10
C TYR A 861 -17.45 -16.88 11.40
N VAL A 862 -16.84 -17.40 10.35
CA VAL A 862 -17.43 -18.49 9.59
C VAL A 862 -17.39 -19.78 10.38
N GLN A 863 -16.30 -20.03 11.12
CA GLN A 863 -16.25 -21.19 11.99
C GLN A 863 -17.26 -21.08 13.11
N SER A 864 -17.33 -19.92 13.78
CA SER A 864 -18.31 -19.74 14.82
C SER A 864 -19.74 -19.65 14.30
N LEU A 865 -19.92 -19.55 12.99
CA LEU A 865 -21.26 -19.63 12.41
C LEU A 865 -21.62 -21.04 11.99
N ILE A 866 -20.68 -21.82 11.47
CA ILE A 866 -21.03 -23.17 11.01
C ILE A 866 -21.29 -24.07 12.20
N ASN A 867 -20.37 -24.15 13.16
CA ASN A 867 -20.56 -25.11 14.24
C ASN A 867 -21.27 -24.50 15.43
N GLU A 868 -22.12 -23.52 15.18
CA GLU A 868 -23.03 -22.99 16.18
C GLU A 868 -24.41 -22.67 15.62
N CYS A 869 -24.54 -22.45 14.33
CA CYS A 869 -25.83 -22.22 13.72
C CYS A 869 -26.20 -23.31 12.73
N VAL A 870 -25.23 -23.86 12.01
CA VAL A 870 -25.51 -24.96 11.09
C VAL A 870 -25.51 -26.29 11.80
N TYR A 871 -24.56 -26.49 12.72
CA TYR A 871 -24.43 -27.77 13.39
C TYR A 871 -25.19 -27.83 14.71
N ALA A 872 -25.15 -26.79 15.51
CA ALA A 872 -26.00 -26.74 16.68
C ALA A 872 -27.21 -25.88 16.37
N GLN A 873 -28.02 -25.58 17.38
CA GLN A 873 -29.08 -24.60 17.25
C GLN A 873 -28.78 -23.49 18.23
N SER A 874 -28.58 -22.28 17.72
CA SER A 874 -28.05 -21.19 18.51
C SER A 874 -29.13 -20.56 19.37
N LEU A 875 -28.78 -20.28 20.62
CA LEU A 875 -29.63 -19.50 21.50
C LEU A 875 -29.51 -18.01 21.22
N ARG A 876 -28.55 -17.60 20.42
CA ARG A 876 -28.34 -16.20 20.12
C ARG A 876 -29.45 -15.69 19.21
N ASN A 877 -29.77 -14.42 19.35
CA ASN A 877 -30.94 -13.88 18.65
C ASN A 877 -30.63 -13.65 17.17
N GLY A 878 -29.79 -12.69 16.88
CA GLY A 878 -29.64 -12.31 15.50
C GLY A 878 -28.48 -12.96 14.82
N PHE A 879 -27.82 -13.90 15.50
CA PHE A 879 -26.62 -14.49 14.94
C PHE A 879 -26.93 -15.40 13.77
N CYS A 880 -27.92 -16.27 13.93
CA CYS A 880 -28.34 -17.12 12.83
C CYS A 880 -29.13 -16.33 11.80
N GLY A 881 -30.27 -15.81 12.19
CA GLY A 881 -31.15 -15.16 11.23
C GLY A 881 -32.07 -14.22 11.95
N GLN A 882 -33.10 -13.80 11.23
CA GLN A 882 -34.10 -12.92 11.82
C GLN A 882 -35.11 -13.72 12.62
N GLY A 883 -35.05 -13.59 13.92
CA GLY A 883 -36.08 -14.19 14.74
C GLY A 883 -35.85 -15.66 15.02
N LEU A 884 -36.97 -16.36 15.20
CA LEU A 884 -37.01 -17.75 15.62
C LEU A 884 -36.38 -18.67 14.58
N HIS A 885 -35.40 -19.46 15.01
CA HIS A 885 -34.53 -20.18 14.10
C HIS A 885 -34.96 -21.62 13.94
N VAL A 886 -35.05 -22.07 12.69
CA VAL A 886 -35.51 -23.42 12.39
C VAL A 886 -34.36 -24.30 11.92
N LEU A 887 -33.71 -23.90 10.84
CA LEU A 887 -32.78 -24.77 10.14
C LEU A 887 -31.89 -23.91 9.30
N SER A 888 -30.62 -24.29 9.16
CA SER A 888 -29.68 -23.47 8.43
C SER A 888 -28.69 -24.34 7.68
N LEU A 889 -28.84 -24.38 6.37
CA LEU A 889 -27.96 -25.15 5.50
C LEU A 889 -26.91 -24.22 4.95
N MET A 890 -25.79 -24.79 4.54
CA MET A 890 -24.71 -24.03 3.93
C MET A 890 -24.36 -24.65 2.59
N GLN A 891 -24.04 -23.82 1.63
CA GLN A 891 -23.60 -24.29 0.33
C GLN A 891 -22.34 -23.55 -0.08
N ASN A 892 -21.67 -24.09 -1.09
CA ASN A 892 -20.49 -23.42 -1.63
C ASN A 892 -20.92 -22.30 -2.57
N ALA A 893 -19.94 -21.50 -2.96
CA ALA A 893 -20.14 -20.22 -3.63
C ALA A 893 -18.83 -19.92 -4.34
N PRO A 894 -18.80 -18.97 -5.27
CA PRO A 894 -17.48 -18.60 -5.82
C PRO A 894 -16.69 -17.84 -4.79
N SER A 895 -15.47 -18.32 -4.51
CA SER A 895 -14.53 -17.77 -3.55
C SER A 895 -15.09 -17.68 -2.13
N GLY A 896 -16.12 -18.45 -1.81
CA GLY A 896 -16.73 -18.30 -0.51
C GLY A 896 -17.68 -19.39 -0.10
N ILE A 897 -18.54 -19.08 0.88
CA ILE A 897 -19.55 -20.00 1.38
C ILE A 897 -20.80 -19.18 1.63
N MET A 898 -21.96 -19.78 1.41
CA MET A 898 -23.21 -19.05 1.57
C MET A 898 -24.21 -19.89 2.34
N PHE A 899 -24.83 -19.29 3.34
CA PHE A 899 -25.68 -19.97 4.31
C PHE A 899 -27.13 -19.71 3.97
N PHE A 900 -27.97 -20.70 4.23
CA PHE A 900 -29.40 -20.59 3.99
C PHE A 900 -30.11 -20.67 5.33
N HIS A 901 -30.23 -19.55 6.02
CA HIS A 901 -30.82 -19.52 7.34
C HIS A 901 -32.34 -19.44 7.22
N TYR A 902 -33.02 -20.54 7.53
CA TYR A 902 -34.48 -20.58 7.55
C TYR A 902 -34.94 -20.13 8.93
N SER A 903 -35.92 -19.26 8.98
CA SER A 903 -36.33 -18.65 10.22
C SER A 903 -37.84 -18.56 10.29
N LEU A 904 -38.37 -17.99 11.38
CA LEU A 904 -39.80 -17.78 11.52
C LEU A 904 -40.05 -16.37 12.03
N ILE A 905 -40.12 -15.42 11.12
CA ILE A 905 -40.61 -14.09 11.49
C ILE A 905 -42.13 -14.16 11.65
N PRO A 906 -42.67 -13.70 12.76
CA PRO A 906 -44.12 -13.63 12.92
C PRO A 906 -44.69 -12.40 12.25
N ASN A 907 -45.95 -12.49 11.86
CA ASN A 907 -46.52 -11.29 11.25
C ASN A 907 -47.82 -10.81 11.88
N ASN A 908 -48.73 -11.72 12.24
CA ASN A 908 -50.03 -11.31 12.76
C ASN A 908 -50.01 -11.48 14.27
N THR A 909 -49.85 -10.37 14.98
CA THR A 909 -49.98 -10.41 16.43
C THR A 909 -51.45 -10.43 16.80
N ILE A 910 -51.74 -11.04 17.95
CA ILE A 910 -53.05 -10.93 18.57
C ILE A 910 -52.82 -10.63 20.05
N THR A 911 -53.47 -9.60 20.56
CA THR A 911 -53.23 -9.17 21.92
C THR A 911 -54.13 -9.95 22.85
N VAL A 912 -53.53 -10.59 23.85
CA VAL A 912 -54.23 -11.43 24.80
C VAL A 912 -53.82 -11.01 26.21
N LYS A 913 -54.33 -11.71 27.19
CA LYS A 913 -53.95 -11.50 28.58
C LYS A 913 -53.11 -12.68 29.05
N THR A 914 -52.10 -12.41 29.87
CA THR A 914 -51.15 -13.44 30.25
C THR A 914 -50.73 -13.30 31.69
N THR A 915 -51.03 -14.31 32.49
CA THR A 915 -50.56 -14.42 33.85
C THR A 915 -49.31 -15.28 33.86
N PRO A 916 -48.53 -15.26 34.93
CA PRO A 916 -47.66 -16.41 35.16
C PRO A 916 -48.46 -17.65 35.53
N GLY A 917 -49.45 -17.53 36.41
CA GLY A 917 -50.23 -18.68 36.82
C GLY A 917 -51.50 -18.27 37.53
N LEU A 918 -52.31 -19.27 37.87
CA LEU A 918 -53.65 -19.06 38.41
C LEU A 918 -53.75 -19.63 39.82
N CYS A 919 -54.42 -18.89 40.71
CA CYS A 919 -54.74 -19.35 42.05
C CYS A 919 -56.26 -19.36 42.20
N GLU A 920 -56.78 -20.18 43.11
CA GLU A 920 -58.17 -20.04 43.49
C GLU A 920 -58.35 -19.37 44.84
N SER A 921 -57.38 -19.48 45.74
CA SER A 921 -57.53 -19.02 47.11
C SER A 921 -56.49 -17.95 47.37
N ASP A 922 -56.85 -16.98 48.19
CA ASP A 922 -55.96 -15.87 48.49
C ASP A 922 -54.87 -16.27 49.48
N GLU A 923 -55.01 -17.41 50.14
CA GLU A 923 -54.11 -17.80 51.22
C GLU A 923 -52.76 -18.22 50.68
N LEU A 924 -51.69 -17.81 51.37
CA LEU A 924 -50.37 -18.36 51.11
C LEU A 924 -50.37 -19.84 51.47
N GLY A 925 -49.91 -20.67 50.54
CA GLY A 925 -50.07 -22.09 50.69
C GLY A 925 -51.31 -22.65 50.02
N SER A 926 -51.91 -21.91 49.10
CA SER A 926 -53.02 -22.45 48.34
C SER A 926 -52.54 -23.34 47.21
N LYS A 927 -53.45 -24.15 46.68
CA LYS A 927 -53.19 -24.90 45.47
C LYS A 927 -53.13 -23.94 44.29
N CYS A 928 -51.97 -23.87 43.63
CA CYS A 928 -51.77 -22.98 42.50
C CYS A 928 -51.05 -23.71 41.38
N ILE A 929 -51.25 -23.23 40.16
CA ILE A 929 -50.82 -23.93 38.97
C ILE A 929 -50.11 -22.99 38.01
N VAL A 930 -49.25 -23.56 37.17
CA VAL A 930 -48.50 -22.86 36.15
C VAL A 930 -48.49 -23.76 34.93
N ALA A 931 -48.23 -23.18 33.76
CA ALA A 931 -48.29 -23.93 32.52
C ALA A 931 -47.04 -24.78 32.31
N LYS A 932 -47.23 -25.93 31.67
CA LYS A 932 -46.14 -26.83 31.32
C LYS A 932 -45.74 -26.57 29.87
N ASP A 933 -44.54 -26.01 29.69
CA ASP A 933 -43.94 -25.72 28.38
C ASP A 933 -44.86 -24.81 27.55
N GLY A 934 -45.27 -23.71 28.16
CA GLY A 934 -46.18 -22.80 27.48
C GLY A 934 -46.51 -21.64 28.38
N VAL A 935 -47.44 -20.81 27.92
CA VAL A 935 -47.88 -19.66 28.67
C VAL A 935 -49.39 -19.72 28.87
N LEU A 936 -49.84 -19.19 29.99
CA LEU A 936 -51.26 -19.13 30.27
C LEU A 936 -51.84 -17.87 29.64
N VAL A 937 -53.03 -18.00 29.05
CA VAL A 937 -53.48 -17.03 28.08
C VAL A 937 -55.00 -16.89 28.15
N SER A 938 -55.50 -15.68 27.94
CA SER A 938 -56.92 -15.46 27.74
C SER A 938 -57.10 -14.34 26.75
N ALA A 939 -57.92 -14.60 25.72
CA ALA A 939 -58.14 -13.64 24.64
C ALA A 939 -59.25 -12.67 24.99
N ASN A 940 -59.00 -11.88 26.06
CA ASN A 940 -59.99 -11.05 26.73
C ASN A 940 -61.24 -11.87 27.08
N LEU A 941 -61.01 -13.08 27.54
CA LEU A 941 -62.04 -14.10 27.68
C LEU A 941 -62.20 -14.39 29.17
N SER A 942 -63.34 -14.99 29.52
CA SER A 942 -63.71 -15.16 30.92
C SER A 942 -62.82 -16.14 31.67
N TYR A 943 -62.14 -17.04 30.96
CA TYR A 943 -61.35 -18.07 31.60
C TYR A 943 -60.02 -18.20 30.89
N TRP A 944 -59.08 -18.86 31.56
CA TRP A 944 -57.71 -18.91 31.11
C TRP A 944 -57.44 -20.19 30.32
N GLN A 945 -56.44 -20.13 29.46
CA GLN A 945 -56.17 -21.17 28.50
C GLN A 945 -54.67 -21.38 28.40
N TRP A 946 -54.25 -22.35 27.59
CA TRP A 946 -52.85 -22.68 27.40
C TRP A 946 -52.44 -22.42 25.97
N SER A 947 -51.24 -21.89 25.78
CA SER A 947 -50.71 -21.62 24.46
C SER A 947 -49.20 -21.72 24.52
N PRO A 948 -48.54 -22.14 23.44
CA PRO A 948 -47.07 -22.21 23.44
C PRO A 948 -46.43 -20.84 23.56
N ARG A 949 -45.11 -20.87 23.76
CA ARG A 949 -44.38 -19.68 24.19
C ARG A 949 -44.32 -18.62 23.10
N ASN A 950 -44.34 -19.03 21.84
CA ASN A 950 -44.12 -18.11 20.74
C ASN A 950 -45.23 -18.12 19.70
N LEU A 951 -46.34 -18.80 19.97
CA LEU A 951 -47.41 -18.87 18.99
C LEU A 951 -48.71 -19.15 19.71
N TYR A 952 -49.80 -18.62 19.16
CA TYR A 952 -51.09 -18.63 19.82
C TYR A 952 -51.97 -19.71 19.19
N LYS A 953 -51.97 -20.89 19.79
CA LYS A 953 -52.99 -21.92 19.55
C LYS A 953 -53.57 -22.23 20.92
N PRO A 954 -54.66 -21.57 21.30
CA PRO A 954 -55.15 -21.69 22.67
C PRO A 954 -55.82 -23.03 22.91
N GLU A 955 -55.58 -23.59 24.09
CA GLU A 955 -56.18 -24.85 24.48
C GLU A 955 -56.74 -24.72 25.89
N ASN A 956 -57.85 -25.41 26.13
CA ASN A 956 -58.33 -25.57 27.49
C ASN A 956 -57.30 -26.29 28.32
N LEU A 957 -56.98 -25.72 29.47
CA LEU A 957 -55.91 -26.26 30.30
C LEU A 957 -56.38 -27.54 30.97
N THR A 958 -55.55 -28.56 30.91
CA THR A 958 -55.86 -29.89 31.41
C THR A 958 -54.81 -30.28 32.43
N PHE A 959 -54.81 -31.55 32.79
CA PHE A 959 -53.75 -32.06 33.65
C PHE A 959 -52.43 -32.17 32.89
N ALA A 960 -52.48 -32.26 31.56
CA ALA A 960 -51.28 -32.56 30.79
C ALA A 960 -50.36 -31.36 30.69
N ASN A 961 -50.92 -30.18 30.51
CA ASN A 961 -50.16 -28.98 30.17
C ASN A 961 -50.08 -27.99 31.34
N VAL A 962 -50.13 -28.48 32.56
CA VAL A 962 -50.25 -27.65 33.76
C VAL A 962 -49.40 -28.25 34.86
N ILE A 963 -48.54 -27.43 35.46
CA ILE A 963 -47.71 -27.83 36.59
C ILE A 963 -48.22 -27.10 37.82
N ALA A 964 -48.48 -27.84 38.90
CA ALA A 964 -48.95 -27.25 40.15
C ALA A 964 -47.75 -26.93 41.04
N VAL A 965 -47.59 -25.66 41.44
CA VAL A 965 -46.41 -25.34 42.25
C VAL A 965 -46.66 -24.64 43.59
N SER A 966 -47.04 -23.36 43.58
CA SER A 966 -46.81 -22.51 44.75
C SER A 966 -47.41 -21.11 44.63
N ARG A 967 -47.13 -20.26 45.61
CA ARG A 967 -47.59 -18.88 45.60
C ARG A 967 -46.36 -17.99 45.53
N GLY A 968 -45.46 -18.31 44.59
CA GLY A 968 -44.16 -17.66 44.50
C GLY A 968 -44.21 -16.17 44.19
N ALA A 969 -44.57 -15.80 42.98
CA ALA A 969 -44.84 -14.41 42.68
C ALA A 969 -46.31 -14.15 42.97
N ASN A 970 -46.82 -12.96 42.61
CA ASN A 970 -48.25 -12.79 42.75
C ASN A 970 -48.93 -13.33 41.49
N TYR A 971 -49.34 -14.58 41.56
CA TYR A 971 -50.17 -15.14 40.51
C TYR A 971 -51.57 -14.56 40.61
N THR A 972 -52.38 -14.82 39.60
CA THR A 972 -53.71 -14.23 39.51
C THR A 972 -54.73 -15.17 40.14
N THR A 973 -55.44 -14.66 41.15
CA THR A 973 -56.54 -15.42 41.73
C THR A 973 -57.77 -15.29 40.85
N LEU A 974 -58.26 -16.41 40.32
CA LEU A 974 -59.47 -16.32 39.50
C LEU A 974 -60.73 -16.55 40.30
N ASN A 975 -60.61 -16.81 41.61
CA ASN A 975 -61.74 -16.91 42.56
C ASN A 975 -62.74 -17.99 42.18
N LYS A 976 -62.25 -19.10 41.64
CA LYS A 976 -63.08 -20.28 41.46
C LYS A 976 -62.20 -21.51 41.47
N THR A 977 -62.76 -22.61 41.95
CA THR A 977 -62.06 -23.87 42.06
C THR A 977 -61.80 -24.47 40.68
N PHE A 978 -60.94 -25.47 40.64
CA PHE A 978 -60.45 -26.01 39.38
C PHE A 978 -61.50 -26.87 38.69
N ASP A 979 -61.31 -27.05 37.39
CA ASP A 979 -62.09 -27.97 36.58
C ASP A 979 -61.28 -29.20 36.19
N ILE A 980 -60.09 -29.37 36.76
CA ILE A 980 -59.16 -30.42 36.39
C ILE A 980 -58.82 -31.20 37.65
N PRO A 981 -58.91 -32.54 37.65
CA PRO A 981 -58.52 -33.40 38.78
C PRO A 981 -57.04 -33.28 39.16
N GLY B 1 23.01 40.33 27.84
CA GLY B 1 24.46 40.40 27.92
C GLY B 1 25.03 41.62 27.22
N CYS B 2 24.17 42.34 26.51
CA CYS B 2 24.58 43.53 25.78
C CYS B 2 23.69 44.69 26.18
N GLU B 3 24.03 45.88 25.65
CA GLU B 3 23.32 47.09 26.04
C GLU B 3 21.93 47.14 25.42
N SER B 4 21.86 47.16 24.10
CA SER B 4 20.61 47.32 23.38
C SER B 4 20.63 46.35 22.19
N VAL B 5 19.99 45.19 22.39
CA VAL B 5 19.73 44.24 21.31
C VAL B 5 18.24 43.96 21.34
N ASP B 6 17.56 44.28 20.26
CA ASP B 6 16.12 44.04 20.16
C ASP B 6 15.92 42.57 19.84
N PHE B 7 15.20 41.87 20.72
CA PHE B 7 14.85 40.49 20.48
C PHE B 7 13.41 40.31 20.05
N ASN B 8 12.53 41.26 20.42
CA ASN B 8 11.13 41.14 20.05
C ASN B 8 10.93 41.29 18.55
N LEU B 9 11.82 42.01 17.88
CA LEU B 9 11.65 42.31 16.47
C LEU B 9 12.56 41.50 15.57
N PHE B 10 12.98 40.32 16.00
CA PHE B 10 13.51 39.35 15.05
C PHE B 10 12.41 38.82 14.15
N ASN B 11 11.18 38.74 14.65
CA ASN B 11 10.06 38.11 13.95
C ASN B 11 9.61 38.87 12.71
N THR B 12 10.13 40.07 12.47
CA THR B 12 9.82 40.77 11.23
C THR B 12 10.62 40.24 10.05
N ILE B 13 11.57 39.33 10.28
CA ILE B 13 12.44 38.87 9.21
C ILE B 13 12.22 37.39 8.87
N PHE B 14 11.54 36.65 9.72
CA PHE B 14 11.33 35.24 9.45
C PHE B 14 10.23 35.07 8.44
N SER B 15 10.38 34.11 7.55
CA SER B 15 9.37 33.85 6.54
C SER B 15 9.30 32.36 6.27
N THR B 16 8.09 31.83 6.24
CA THR B 16 7.87 30.44 5.89
C THR B 16 7.89 30.31 4.36
N HIS B 17 7.55 29.13 3.85
CA HIS B 17 7.60 28.96 2.40
C HIS B 17 6.44 29.65 1.70
N ARG B 18 5.19 29.28 2.05
CA ARG B 18 4.02 29.80 1.33
C ARG B 18 2.85 30.02 2.30
N GLY B 19 2.69 31.27 2.71
CA GLY B 19 1.58 31.86 3.43
C GLY B 19 0.84 31.06 4.49
N LEU B 20 1.54 30.27 5.29
CA LEU B 20 0.88 29.39 6.24
C LEU B 20 0.31 30.25 7.35
N SER B 21 -1.01 30.14 7.59
CA SER B 21 -1.71 31.21 8.29
C SER B 21 -1.50 31.16 9.80
N ASN B 22 -2.05 30.16 10.47
CA ASN B 22 -2.41 30.40 11.85
C ASN B 22 -1.88 29.31 12.76
N THR B 23 -1.07 28.40 12.23
CA THR B 23 -0.42 27.34 13.00
C THR B 23 1.08 27.49 12.87
N THR B 24 1.81 26.72 13.68
CA THR B 24 3.25 26.86 13.70
C THR B 24 3.87 26.20 12.48
N SER B 25 5.17 26.41 12.32
CA SER B 25 5.98 25.80 11.29
C SER B 25 7.43 25.97 11.66
N VAL B 26 8.24 24.97 11.36
CA VAL B 26 9.68 25.09 11.50
C VAL B 26 10.25 25.37 10.13
N ILE B 27 11.27 26.22 10.09
CA ILE B 27 11.91 26.61 8.85
C ILE B 27 13.41 26.69 9.08
N THR B 28 14.17 26.09 8.17
CA THR B 28 15.61 25.98 8.30
C THR B 28 16.26 27.00 7.36
N GLY B 29 17.36 27.60 7.82
CA GLY B 29 18.10 28.51 6.99
C GLY B 29 19.09 29.32 7.81
N ALA B 30 19.80 30.19 7.13
CA ALA B 30 20.69 31.11 7.81
C ALA B 30 19.89 32.22 8.46
N TYR B 31 19.90 32.26 9.78
CA TYR B 31 19.08 33.18 10.56
C TYR B 31 19.96 33.74 11.67
N PRO B 32 19.64 34.93 12.19
CA PRO B 32 20.57 35.59 13.13
C PRO B 32 20.68 34.88 14.47
N SER B 33 21.62 35.34 15.28
CA SER B 33 22.08 34.57 16.43
C SER B 33 21.29 34.88 17.70
N THR B 34 21.40 33.97 18.67
CA THR B 34 20.84 34.19 20.00
C THR B 34 21.81 35.02 20.85
N ASN B 35 23.10 34.90 20.53
CA ASN B 35 24.19 35.33 21.38
C ASN B 35 24.19 36.84 21.55
N LYS B 36 24.17 37.31 22.80
CA LYS B 36 24.18 38.74 23.06
C LYS B 36 25.56 39.33 22.80
N SER B 37 26.57 38.49 22.63
CA SER B 37 27.92 39.00 22.38
C SER B 37 28.17 39.19 20.90
N ASP B 38 27.46 38.46 20.04
CA ASP B 38 27.78 38.51 18.61
C ASP B 38 27.28 39.80 17.98
N TRP B 39 26.27 40.41 18.57
CA TRP B 39 25.92 41.77 18.20
C TRP B 39 26.85 42.74 18.91
N SER B 40 27.16 43.86 18.27
CA SER B 40 28.10 44.82 18.84
C SER B 40 27.50 45.56 20.02
N CYS B 41 28.34 46.05 20.92
CA CYS B 41 27.87 46.70 22.13
C CYS B 41 28.58 48.04 22.33
N LEU B 48 32.62 51.95 13.84
CA LEU B 48 32.67 50.62 14.45
C LEU B 48 32.77 49.56 13.36
N SER B 49 33.96 49.47 12.76
CA SER B 49 34.19 48.57 11.64
C SER B 49 34.23 47.13 12.11
N GLY B 50 33.53 46.25 11.43
CA GLY B 50 33.46 44.86 11.79
C GLY B 50 33.98 43.96 10.69
N SER B 51 34.82 43.00 11.08
CA SER B 51 35.32 41.98 10.17
C SER B 51 35.01 40.61 10.74
N GLY B 52 34.63 39.68 9.88
CA GLY B 52 34.31 38.35 10.31
C GLY B 52 33.99 37.48 9.12
N PHE B 53 33.94 36.18 9.39
CA PHE B 53 33.62 35.18 8.37
C PHE B 53 32.29 34.53 8.70
N GLY B 54 31.56 34.14 7.67
CA GLY B 54 30.29 33.48 7.88
C GLY B 54 29.53 33.34 6.58
N ILE B 55 28.24 33.01 6.72
CA ILE B 55 27.35 32.86 5.57
C ILE B 55 26.12 33.73 5.84
N GLY B 56 26.19 34.97 5.42
CA GLY B 56 25.13 35.93 5.64
C GLY B 56 25.43 36.86 6.80
N LEU B 57 24.61 37.90 6.91
CA LEU B 57 24.69 38.80 8.04
C LEU B 57 23.34 39.47 8.23
N TYR B 58 23.20 40.14 9.37
CA TYR B 58 21.94 40.73 9.80
C TYR B 58 22.25 41.96 10.64
N VAL B 59 21.55 43.06 10.39
CA VAL B 59 21.65 44.24 11.25
C VAL B 59 20.25 44.73 11.57
N GLN B 60 20.17 45.61 12.55
CA GLN B 60 19.01 46.48 12.70
C GLN B 60 19.49 47.86 13.11
N THR B 61 18.55 48.72 13.50
CA THR B 61 18.92 50.02 14.01
C THR B 61 17.99 50.44 15.15
N PRO B 62 18.53 51.02 16.21
CA PRO B 62 17.69 51.47 17.32
C PRO B 62 17.09 52.84 17.06
N ARG B 63 16.50 53.42 18.10
CA ARG B 63 16.05 54.81 18.07
C ARG B 63 17.19 55.77 17.79
N TYR B 76 25.78 52.55 7.40
CA TYR B 76 26.03 51.13 7.17
C TYR B 76 26.56 50.91 5.77
N THR B 77 27.87 50.72 5.64
CA THR B 77 28.47 50.38 4.35
C THR B 77 29.04 48.97 4.50
N ILE B 78 28.27 48.00 4.05
CA ILE B 78 28.52 46.59 4.32
C ILE B 78 29.11 45.93 3.09
N ALA B 79 30.34 45.40 3.23
CA ALA B 79 31.09 44.82 2.10
C ALA B 79 31.17 43.30 2.25
N VAL B 80 30.79 42.59 1.20
CA VAL B 80 30.79 41.13 1.18
C VAL B 80 31.63 40.66 -0.01
N SER B 81 32.63 39.84 0.25
CA SER B 81 33.59 39.46 -0.77
C SER B 81 34.03 38.03 -0.50
N PRO B 82 34.63 37.37 -1.48
CA PRO B 82 35.37 36.13 -1.20
C PRO B 82 36.74 36.44 -0.62
N ILE B 83 37.50 35.38 -0.35
CA ILE B 83 38.86 35.58 0.15
C ILE B 83 39.81 35.96 -0.98
N HIS B 84 40.00 35.06 -1.94
CA HIS B 84 40.85 35.32 -3.09
C HIS B 84 40.06 36.05 -4.16
N VAL B 85 40.41 37.30 -4.41
CA VAL B 85 39.77 38.10 -5.42
C VAL B 85 40.67 38.16 -6.65
N THR B 86 40.11 37.87 -7.81
CA THR B 86 40.79 38.02 -9.09
C THR B 86 40.12 39.11 -9.90
N ASN B 87 40.54 39.22 -11.17
CA ASN B 87 39.97 40.22 -12.06
C ASN B 87 38.50 39.94 -12.35
N LEU B 88 38.12 38.67 -12.46
CA LEU B 88 36.73 38.30 -12.69
C LEU B 88 36.24 37.48 -11.51
N THR B 89 35.63 38.17 -10.54
CA THR B 89 34.94 37.55 -9.43
C THR B 89 33.60 38.26 -9.27
N TRP B 90 32.92 37.99 -8.17
CA TRP B 90 31.68 38.68 -7.83
C TRP B 90 31.65 38.96 -6.34
N GLU B 91 31.37 40.21 -5.99
CA GLU B 91 31.29 40.66 -4.62
C GLU B 91 29.98 41.43 -4.46
N LEU B 92 29.80 42.05 -3.29
CA LEU B 92 28.84 43.14 -3.20
C LEU B 92 29.29 44.15 -2.18
N TRP B 93 28.71 45.34 -2.26
CA TRP B 93 28.72 46.22 -1.10
C TRP B 93 27.47 47.09 -1.13
N ILE B 94 26.89 47.25 0.05
CA ILE B 94 25.72 48.08 0.24
C ILE B 94 26.20 49.40 0.82
N HIS B 95 25.49 50.47 0.49
CA HIS B 95 25.97 51.81 0.77
C HIS B 95 24.92 52.59 1.54
N ARG B 96 25.35 53.31 2.57
CA ARG B 96 24.47 54.24 3.28
C ARG B 96 25.20 55.54 3.58
N LYS B 97 24.48 56.65 3.52
CA LYS B 97 24.97 57.95 3.97
C LYS B 97 23.83 58.70 4.64
N TRP B 98 23.91 58.82 5.97
CA TRP B 98 23.13 59.79 6.76
C TRP B 98 21.62 59.55 6.69
N GLY B 99 21.25 58.29 6.49
CA GLY B 99 19.85 57.93 6.64
C GLY B 99 19.03 58.29 5.41
N VAL B 100 18.01 59.11 5.63
CA VAL B 100 16.92 59.27 4.66
C VAL B 100 17.38 60.16 3.49
N ASN B 101 18.47 60.90 3.69
CA ASN B 101 19.00 61.75 2.63
C ASN B 101 19.58 60.94 1.48
N SER B 102 20.46 59.98 1.79
CA SER B 102 21.07 59.10 0.79
C SER B 102 20.95 57.67 1.33
N VAL B 103 19.89 56.97 0.91
CA VAL B 103 19.42 55.81 1.69
C VAL B 103 20.26 54.57 1.40
N VAL B 104 20.16 54.01 0.18
CA VAL B 104 20.77 52.72 -0.10
C VAL B 104 20.97 52.52 -1.61
N THR B 105 22.18 52.09 -1.98
CA THR B 105 22.46 51.56 -3.32
C THR B 105 23.11 50.20 -3.13
N VAL B 106 22.80 49.26 -4.02
CA VAL B 106 23.32 47.89 -3.96
C VAL B 106 23.88 47.53 -5.33
N ARG B 107 25.13 47.06 -5.36
CA ARG B 107 25.80 46.69 -6.60
C ARG B 107 26.57 45.38 -6.42
N LEU B 108 26.87 44.73 -7.55
CA LEU B 108 27.57 43.45 -7.58
C LEU B 108 28.71 43.58 -8.59
N CYS B 109 29.85 44.11 -8.15
CA CYS B 109 30.92 44.43 -9.10
C CYS B 109 32.25 44.48 -8.38
N ARG B 110 33.29 44.88 -9.10
CA ARG B 110 34.62 45.10 -8.55
C ARG B 110 34.94 46.58 -8.44
N PRO B 128 34.28 52.17 -6.08
CA PRO B 128 34.86 53.38 -6.71
C PRO B 128 35.35 53.11 -8.12
N THR B 129 35.73 51.88 -8.41
CA THR B 129 36.17 51.49 -9.75
C THR B 129 35.14 50.52 -10.30
N ASN B 130 34.44 50.93 -11.35
CA ASN B 130 33.49 50.04 -12.03
C ASN B 130 34.20 49.23 -13.10
N ALA B 131 35.28 48.56 -12.74
CA ALA B 131 36.22 48.00 -13.72
C ALA B 131 35.65 46.77 -14.40
N PHE B 132 34.75 46.05 -13.73
CA PHE B 132 34.32 44.76 -14.25
C PHE B 132 32.80 44.61 -14.26
N GLU B 133 32.37 43.36 -14.42
CA GLU B 133 30.97 42.95 -14.46
C GLU B 133 30.15 43.48 -13.29
N CYS B 134 29.11 44.25 -13.63
CA CYS B 134 28.17 44.84 -12.67
C CYS B 134 26.79 44.24 -12.95
N LEU B 135 26.31 43.38 -12.04
CA LEU B 135 25.02 42.73 -12.28
C LEU B 135 23.86 43.68 -12.00
N ILE B 136 23.70 44.10 -10.75
CA ILE B 136 22.48 44.80 -10.34
C ILE B 136 22.85 46.21 -9.89
N ASN B 137 21.95 47.15 -10.18
CA ASN B 137 21.98 48.49 -9.63
C ASN B 137 20.55 48.79 -9.15
N GLY B 138 20.24 48.36 -7.94
CA GLY B 138 18.91 48.53 -7.39
C GLY B 138 18.92 49.32 -6.10
N SER B 139 18.07 50.34 -6.01
CA SER B 139 18.06 51.17 -4.80
C SER B 139 17.43 50.44 -3.63
N TYR B 140 16.16 50.08 -3.76
CA TYR B 140 15.31 49.60 -2.67
C TYR B 140 15.33 50.49 -1.43
N PRO B 141 14.80 51.72 -1.51
CA PRO B 141 14.94 52.66 -0.39
C PRO B 141 14.09 52.24 0.81
N THR B 142 14.72 52.17 1.97
CA THR B 142 14.12 51.59 3.17
C THR B 142 13.57 52.69 4.04
N HIS B 143 12.76 52.30 5.02
CA HIS B 143 12.31 53.25 6.03
C HIS B 143 13.10 53.07 7.31
N ARG B 144 13.83 54.12 7.70
CA ARG B 144 14.49 54.14 9.00
C ARG B 144 13.42 54.45 10.05
N ASN B 145 13.26 53.54 11.01
CA ASN B 145 12.26 53.69 12.04
C ASN B 145 12.94 53.49 13.38
N THR B 146 12.14 53.40 14.45
CA THR B 146 12.68 52.99 15.74
C THR B 146 13.09 51.52 15.72
N GLY B 147 12.33 50.70 15.00
CA GLY B 147 12.64 49.29 14.84
C GLY B 147 12.58 48.88 13.38
N TYR B 148 13.71 48.39 12.88
CA TYR B 148 13.81 47.92 11.50
C TYR B 148 14.98 46.97 11.34
N MET B 149 14.71 45.71 11.04
CA MET B 149 15.75 44.70 10.91
C MET B 149 15.74 44.14 9.49
N PHE B 150 16.93 43.95 8.91
CA PHE B 150 17.06 43.28 7.63
C PHE B 150 18.37 42.50 7.64
N GLY B 151 18.66 41.86 6.52
CA GLY B 151 19.94 41.20 6.39
C GLY B 151 20.10 40.61 5.01
N VAL B 152 21.16 39.84 4.85
CA VAL B 152 21.41 39.05 3.64
C VAL B 152 21.85 37.66 4.07
N THR B 153 21.73 36.71 3.16
CA THR B 153 22.28 35.37 3.34
C THR B 153 22.97 34.96 2.06
N TRP B 154 23.94 34.06 2.19
CA TRP B 154 24.47 33.39 1.00
C TRP B 154 24.82 31.95 1.29
N TYR B 155 24.03 31.28 2.11
CA TYR B 155 24.30 29.86 2.38
C TYR B 155 24.01 29.04 1.14
N ASN B 156 24.99 28.19 0.79
CA ASN B 156 25.19 27.44 -0.47
C ASN B 156 24.70 28.19 -1.70
N ASP B 157 25.12 29.46 -1.79
CA ASP B 157 24.93 30.37 -2.92
C ASP B 157 23.46 30.69 -3.16
N LEU B 158 22.63 30.53 -2.14
CA LEU B 158 21.22 30.91 -2.19
C LEU B 158 21.17 32.34 -1.66
N VAL B 159 21.56 33.28 -2.51
CA VAL B 159 21.81 34.65 -2.06
C VAL B 159 20.46 35.34 -1.91
N ARG B 160 20.01 35.50 -0.67
CA ARG B 160 18.82 36.27 -0.36
C ARG B 160 19.25 37.64 0.13
N ILE B 161 18.47 38.65 -0.23
CA ILE B 161 18.68 40.02 0.21
C ILE B 161 17.33 40.45 0.77
N VAL B 162 17.14 40.28 2.07
CA VAL B 162 15.81 40.39 2.67
C VAL B 162 15.64 41.78 3.24
N PHE B 163 14.40 42.24 3.23
CA PHE B 163 13.89 43.46 3.82
C PHE B 163 12.45 43.14 4.22
N PRO B 164 11.94 43.78 5.27
CA PRO B 164 10.61 43.42 5.79
C PRO B 164 9.46 43.56 4.80
N PRO B 165 9.50 44.44 3.77
CA PRO B 165 8.51 44.25 2.71
C PRO B 165 8.80 43.07 1.78
N THR B 166 10.01 42.97 1.25
CA THR B 166 10.29 42.07 0.13
C THR B 166 11.67 41.43 0.27
N VAL B 167 11.78 40.24 -0.31
CA VAL B 167 13.05 39.53 -0.45
C VAL B 167 13.56 39.67 -1.87
N LEU B 168 14.81 39.32 -2.10
CA LEU B 168 15.35 39.19 -3.45
C LEU B 168 16.19 37.92 -3.44
N GLU B 169 15.78 36.91 -4.19
CA GLU B 169 16.49 35.66 -4.23
C GLU B 169 17.32 35.56 -5.51
N MET B 170 18.54 35.03 -5.37
CA MET B 170 19.39 34.68 -6.51
C MET B 170 20.12 33.39 -6.19
N GLN B 171 20.51 32.68 -7.24
CA GLN B 171 21.53 31.65 -7.17
C GLN B 171 22.53 31.92 -8.28
N LEU B 172 23.82 31.90 -7.94
CA LEU B 172 24.85 32.12 -8.92
C LEU B 172 25.83 30.96 -8.88
N ASP B 173 26.20 30.48 -10.06
CA ASP B 173 26.98 29.25 -10.17
C ASP B 173 28.41 29.45 -9.68
N GLY B 174 29.12 30.44 -10.24
CA GLY B 174 30.48 30.74 -9.87
C GLY B 174 30.63 31.67 -8.68
N LEU B 175 29.80 31.52 -7.67
CA LEU B 175 29.76 32.42 -6.52
C LEU B 175 30.13 31.62 -5.28
N GLN B 176 30.85 32.27 -4.36
CA GLN B 176 31.00 31.82 -2.97
C GLN B 176 31.54 32.98 -2.14
N TRP B 177 30.89 33.26 -1.02
CA TRP B 177 31.20 34.42 -0.19
C TRP B 177 31.55 33.95 1.21
N GLU B 178 32.65 34.46 1.73
CA GLU B 178 33.16 33.99 3.00
C GLU B 178 33.60 35.13 3.90
N ARG B 179 33.77 36.34 3.35
CA ARG B 179 34.34 37.46 4.09
C ARG B 179 33.31 38.56 4.23
N VAL B 180 33.28 39.19 5.40
CA VAL B 180 32.36 40.27 5.70
C VAL B 180 33.16 41.45 6.22
N GLN B 181 33.04 42.60 5.56
CA GLN B 181 33.64 43.84 6.03
C GLN B 181 32.49 44.79 6.37
N PHE B 182 32.01 44.68 7.60
CA PHE B 182 31.02 45.62 8.09
C PHE B 182 31.68 46.96 8.36
N ASN B 183 30.94 48.04 8.13
CA ASN B 183 31.34 49.37 8.58
C ASN B 183 30.11 50.07 9.12
N SER B 184 30.36 51.05 9.99
CA SER B 184 29.34 51.74 10.75
C SER B 184 29.31 53.21 10.37
N PRO B 185 28.19 53.90 10.60
CA PRO B 185 28.21 55.36 10.60
C PRO B 185 29.02 55.90 11.76
N VAL B 186 29.25 57.22 11.71
CA VAL B 186 30.16 57.88 12.64
C VAL B 186 29.61 57.90 14.07
N ASN B 187 28.32 58.16 14.23
CA ASN B 187 27.71 58.26 15.55
C ASN B 187 26.28 57.76 15.49
N ALA B 188 25.92 56.92 16.45
CA ALA B 188 24.55 56.50 16.65
C ALA B 188 24.11 56.90 18.05
N GLY B 189 22.80 57.11 18.21
CA GLY B 189 22.29 57.56 19.50
C GLY B 189 22.39 56.48 20.56
N HIS B 190 21.81 55.32 20.30
CA HIS B 190 22.09 54.13 21.07
C HIS B 190 23.23 53.38 20.37
N ALA B 191 23.49 52.14 20.74
CA ALA B 191 24.53 51.35 20.10
C ALA B 191 24.00 50.80 18.78
N THR B 192 24.67 51.14 17.69
CA THR B 192 24.42 50.45 16.42
C THR B 192 25.03 49.05 16.48
N ARG B 193 24.47 48.15 15.67
CA ARG B 193 24.60 46.71 15.91
C ARG B 193 24.69 45.95 14.59
N PHE B 194 25.49 44.89 14.59
CA PHE B 194 25.70 44.05 13.43
C PHE B 194 26.05 42.64 13.86
N ASN B 195 25.74 41.69 13.00
CA ASN B 195 25.87 40.27 13.31
C ASN B 195 26.24 39.52 12.05
N VAL B 196 27.36 38.81 12.08
CA VAL B 196 27.70 37.83 11.06
C VAL B 196 27.29 36.46 11.59
N VAL B 197 26.56 35.70 10.78
CA VAL B 197 26.02 34.41 11.20
C VAL B 197 26.96 33.31 10.72
N LYS B 198 27.29 32.39 11.61
CA LYS B 198 28.31 31.37 11.31
C LYS B 198 27.72 30.18 10.57
N ASP B 199 26.62 29.60 11.07
CA ASP B 199 26.09 28.38 10.47
C ASP B 199 24.57 28.45 10.45
N ILE B 200 23.98 27.31 10.19
CA ILE B 200 22.56 27.18 9.88
C ILE B 200 21.76 27.26 11.17
N SER B 201 20.46 27.51 11.04
CA SER B 201 19.50 27.45 12.13
C SER B 201 18.20 26.86 11.61
N THR B 202 17.40 26.29 12.50
CA THR B 202 16.25 25.52 12.06
C THR B 202 15.00 25.92 12.85
N VAL B 203 14.82 27.23 13.02
CA VAL B 203 13.94 27.82 14.03
C VAL B 203 12.47 27.50 13.78
N LEU B 204 11.71 27.30 14.86
CA LEU B 204 10.26 27.26 14.82
C LEU B 204 9.68 28.67 14.68
N VAL B 205 8.54 28.74 14.02
CA VAL B 205 7.88 30.00 13.69
C VAL B 205 6.39 29.85 13.96
N GLU B 206 5.83 30.71 14.81
CA GLU B 206 4.38 30.89 14.84
C GLU B 206 4.00 32.00 13.89
N THR B 207 2.70 32.07 13.57
CA THR B 207 2.23 33.09 12.65
C THR B 207 0.76 33.41 12.87
N ASN B 208 0.43 34.69 12.79
CA ASN B 208 -0.90 35.17 13.15
C ASN B 208 -1.83 35.14 11.95
N SER B 209 -3.00 35.76 12.08
CA SER B 209 -4.06 35.68 11.08
C SER B 209 -3.66 36.28 9.75
N GLY B 210 -2.77 37.26 9.76
CA GLY B 210 -2.31 37.86 8.53
C GLY B 210 -1.10 37.19 7.91
N GLY B 211 -0.71 36.03 8.39
CA GLY B 211 0.49 35.38 7.90
C GLY B 211 1.79 35.93 8.44
N SER B 212 1.73 36.90 9.34
CA SER B 212 2.94 37.49 9.88
C SER B 212 3.45 36.69 11.08
N VAL B 213 4.77 36.50 11.13
CA VAL B 213 5.40 35.83 12.26
C VAL B 213 5.33 36.72 13.49
N PHE B 214 5.04 36.13 14.64
CA PHE B 214 5.07 36.91 15.86
C PHE B 214 5.72 36.23 17.05
N ARG B 215 5.97 34.92 16.99
CA ARG B 215 6.75 34.24 18.03
C ARG B 215 7.69 33.25 17.37
N TYR B 216 8.79 32.94 18.05
CA TYR B 216 9.83 32.12 17.46
C TYR B 216 10.63 31.50 18.59
N SER B 217 11.41 30.47 18.24
CA SER B 217 12.33 29.87 19.19
C SER B 217 13.38 29.09 18.41
N TYR B 218 14.64 29.54 18.48
CA TYR B 218 15.77 28.81 17.92
C TYR B 218 15.89 27.45 18.58
N CYS B 219 16.37 26.46 17.84
CA CYS B 219 16.34 25.09 18.36
C CYS B 219 17.55 24.77 19.21
N ALA B 220 18.61 25.57 19.10
CA ALA B 220 19.84 25.23 19.80
C ALA B 220 20.08 26.12 21.01
N ASP B 221 19.10 26.95 21.37
CA ASP B 221 19.26 27.83 22.52
C ASP B 221 19.24 27.04 23.82
N GLY B 222 18.30 26.11 23.95
CA GLY B 222 18.18 25.32 25.16
C GLY B 222 17.90 23.87 24.88
N PHE B 223 17.15 23.22 25.78
CA PHE B 223 16.80 21.83 25.55
C PHE B 223 15.32 21.68 25.26
N VAL B 224 14.48 22.47 25.94
CA VAL B 224 13.03 22.36 25.78
C VAL B 224 12.61 22.82 24.39
N ASN B 225 13.28 23.82 23.84
CA ASN B 225 12.98 24.25 22.49
C ASN B 225 13.51 23.28 21.44
N GLY B 226 14.40 22.37 21.82
CA GLY B 226 14.76 21.29 20.92
C GLY B 226 13.57 20.41 20.59
N LEU B 227 12.80 20.05 21.61
CA LEU B 227 11.61 19.26 21.32
C LEU B 227 10.44 20.13 20.90
N GLN B 228 10.50 21.44 21.14
CA GLN B 228 9.57 22.31 20.44
C GLN B 228 9.79 22.26 18.94
N CYS B 229 11.06 22.25 18.53
CA CYS B 229 11.35 22.09 17.12
C CYS B 229 11.08 20.68 16.62
N LYS B 230 11.01 19.69 17.51
CA LYS B 230 10.64 18.36 17.06
C LYS B 230 9.16 18.29 16.68
N LEU B 231 8.28 18.52 17.63
CA LEU B 231 6.85 18.51 17.35
C LEU B 231 6.37 19.94 17.34
N ARG B 232 5.78 20.36 16.23
CA ARG B 232 5.61 21.76 15.90
C ARG B 232 4.52 22.37 16.78
N LEU B 233 4.89 22.58 18.04
CA LEU B 233 3.98 23.12 19.04
C LEU B 233 4.87 23.94 19.97
N PHE B 234 4.39 25.11 20.38
CA PHE B 234 5.28 26.06 21.04
C PHE B 234 5.26 25.90 22.54
N ASP B 235 4.07 25.92 23.15
CA ASP B 235 3.90 25.69 24.57
C ASP B 235 3.32 24.30 24.77
N ILE B 236 4.21 23.30 24.84
CA ILE B 236 3.83 21.91 24.70
C ILE B 236 3.28 21.42 26.04
N PRO B 237 2.18 20.66 26.03
CA PRO B 237 1.56 20.23 27.28
C PRO B 237 2.36 19.10 27.90
N PRO B 238 2.17 18.80 29.20
CA PRO B 238 2.88 17.67 29.80
C PRO B 238 2.49 16.32 29.22
N GLY B 239 3.42 15.39 29.22
CA GLY B 239 3.23 14.11 28.56
C GLY B 239 4.58 13.52 28.18
N VAL B 240 4.54 12.27 27.78
CA VAL B 240 5.72 11.59 27.28
C VAL B 240 5.81 11.86 25.78
N TYR B 241 7.01 12.16 25.30
CA TYR B 241 7.20 12.49 23.90
C TYR B 241 8.31 11.64 23.34
N SER B 242 7.94 10.75 22.44
CA SER B 242 8.80 9.66 22.00
C SER B 242 9.76 10.12 20.92
N ASN B 243 10.87 9.39 20.84
CA ASN B 243 11.72 9.33 19.65
C ASN B 243 12.36 10.67 19.33
N SER B 244 12.96 11.30 20.32
CA SER B 244 13.65 12.56 20.05
C SER B 244 15.14 12.25 19.89
N GLU B 245 15.69 12.76 18.80
CA GLU B 245 16.99 12.30 18.30
C GLU B 245 18.14 13.10 18.90
N VAL B 246 19.36 12.64 18.63
CA VAL B 246 20.56 13.41 18.94
C VAL B 246 21.38 13.55 17.66
N GLU B 247 21.65 14.80 17.27
CA GLU B 247 22.44 15.07 16.08
C GLU B 247 23.90 14.70 16.31
N TYR B 248 24.45 13.91 15.39
CA TYR B 248 25.84 13.46 15.47
C TYR B 248 26.63 13.94 14.27
N PRO B 249 27.90 14.29 14.45
CA PRO B 249 28.73 14.65 13.31
C PRO B 249 29.06 13.44 12.46
N THR B 250 29.53 13.70 11.26
CA THR B 250 29.68 12.66 10.27
C THR B 250 31.15 12.46 9.90
N ALA B 251 31.43 11.30 9.32
CA ALA B 251 32.74 10.98 8.78
C ALA B 251 32.56 10.28 7.45
N LEU B 252 33.44 10.58 6.50
CA LEU B 252 33.26 10.17 5.11
C LEU B 252 34.50 9.40 4.65
N TYR B 253 34.28 8.16 4.22
CA TYR B 253 35.35 7.26 3.80
C TYR B 253 34.97 6.70 2.45
N THR B 254 35.29 7.44 1.38
CA THR B 254 35.07 6.89 0.04
C THR B 254 36.06 5.79 -0.28
N VAL B 255 37.31 5.96 0.11
CA VAL B 255 38.29 4.90 -0.01
C VAL B 255 38.68 4.45 1.38
N VAL B 256 39.22 3.24 1.44
CA VAL B 256 39.52 2.57 2.69
C VAL B 256 40.99 2.16 2.74
N HIS B 257 41.44 1.43 1.74
CA HIS B 257 42.81 0.94 1.70
C HIS B 257 43.76 2.11 1.50
N ASN B 258 45.00 1.93 1.96
CA ASN B 258 45.99 2.97 1.83
C ASN B 258 46.34 3.14 0.36
N MET B 259 46.68 4.35 -0.02
CA MET B 259 46.52 4.78 -1.39
C MET B 259 47.85 5.25 -1.96
N SER B 260 48.15 4.82 -3.18
CA SER B 260 49.43 5.07 -3.82
C SER B 260 49.37 6.37 -4.63
N ALA B 261 50.40 6.59 -5.45
CA ALA B 261 50.47 7.74 -6.33
C ALA B 261 50.11 7.34 -7.76
N CYS B 262 50.30 8.27 -8.69
CA CYS B 262 49.97 8.10 -10.09
C CYS B 262 51.05 8.75 -10.93
N PRO B 263 51.15 8.38 -12.21
CA PRO B 263 51.94 9.20 -13.13
C PRO B 263 51.28 10.56 -13.34
N GLU B 264 52.12 11.53 -13.63
CA GLU B 264 51.71 12.94 -13.69
C GLU B 264 51.02 13.27 -14.99
N ARG B 265 50.90 14.56 -15.26
CA ARG B 265 50.38 15.03 -16.54
C ARG B 265 51.31 14.55 -17.66
N PRO B 266 50.75 14.13 -18.78
CA PRO B 266 51.57 13.58 -19.88
C PRO B 266 52.45 14.63 -20.55
N ASP B 267 53.11 14.17 -21.63
CA ASP B 267 54.13 14.98 -22.29
C ASP B 267 53.57 16.22 -22.95
N SER B 268 52.27 16.23 -23.25
CA SER B 268 51.56 17.31 -23.95
C SER B 268 52.23 17.62 -25.29
N TYR B 269 52.36 16.58 -26.10
CA TYR B 269 53.10 16.60 -27.35
C TYR B 269 52.14 17.04 -28.45
N CYS B 270 52.48 16.86 -29.73
CA CYS B 270 51.60 17.30 -30.81
C CYS B 270 50.37 16.40 -30.94
N GLY B 271 49.57 16.65 -31.99
CA GLY B 271 48.27 16.02 -32.10
C GLY B 271 48.37 14.53 -32.35
N SER B 272 47.28 13.82 -32.01
CA SER B 272 47.34 12.36 -31.92
C SER B 272 47.29 11.70 -33.30
N ASN B 273 47.12 12.49 -34.36
CA ASN B 273 47.10 11.93 -35.70
C ASN B 273 48.46 12.09 -36.38
N SER B 274 49.05 13.27 -36.31
CA SER B 274 50.31 13.52 -36.99
C SER B 274 51.47 12.82 -36.31
N CYS B 275 51.42 12.71 -34.98
CA CYS B 275 52.48 12.11 -34.19
C CYS B 275 51.82 11.25 -33.13
N PRO B 276 52.51 10.22 -32.63
CA PRO B 276 51.90 9.34 -31.61
C PRO B 276 51.68 10.07 -30.30
N PHE B 277 50.46 9.96 -29.76
CA PHE B 277 50.11 10.56 -28.50
C PHE B 277 49.33 9.58 -27.64
N LYS B 278 49.52 9.68 -26.33
CA LYS B 278 48.88 8.80 -25.37
C LYS B 278 48.15 9.60 -24.30
N ARG B 279 47.02 9.07 -23.87
CA ARG B 279 46.31 9.56 -22.69
C ARG B 279 46.74 8.75 -21.46
N ALA B 280 46.53 9.32 -20.28
CA ALA B 280 47.03 8.74 -19.03
C ALA B 280 45.89 8.37 -18.12
N VAL B 281 46.03 7.24 -17.41
CA VAL B 281 44.96 6.76 -16.55
C VAL B 281 45.20 7.20 -15.12
N PHE B 282 44.15 7.25 -14.32
CA PHE B 282 44.21 7.69 -12.92
C PHE B 282 43.23 6.86 -12.11
N SER B 283 43.74 5.95 -11.28
CA SER B 283 42.88 5.02 -10.56
C SER B 283 42.95 5.20 -9.05
N ASN B 284 44.13 5.10 -8.45
CA ASN B 284 44.25 5.15 -7.00
C ASN B 284 45.38 6.10 -6.61
N CYS B 285 45.34 7.30 -7.15
CA CYS B 285 46.41 8.24 -6.91
C CYS B 285 46.02 9.29 -5.89
N ILE B 286 46.98 9.65 -5.05
CA ILE B 286 46.90 10.87 -4.26
C ILE B 286 47.37 11.99 -5.18
N VAL B 287 46.42 12.58 -5.89
CA VAL B 287 46.72 13.65 -6.84
C VAL B 287 47.06 14.94 -6.09
N ASN B 288 47.58 15.92 -6.81
CA ASN B 288 47.75 17.25 -6.23
C ASN B 288 46.91 18.30 -6.94
N TYR B 289 46.47 18.04 -8.18
CA TYR B 289 45.62 18.91 -9.00
C TYR B 289 46.22 20.29 -9.30
N THR B 290 47.48 20.48 -8.95
CA THR B 290 48.22 21.67 -9.30
C THR B 290 49.62 21.32 -9.75
N THR B 291 49.99 20.04 -9.72
CA THR B 291 51.16 19.54 -10.42
C THR B 291 50.81 19.02 -11.80
N TRP B 292 49.61 19.30 -12.27
CA TRP B 292 49.27 19.04 -13.66
C TRP B 292 49.73 20.15 -14.58
N VAL B 293 50.29 21.22 -14.01
CA VAL B 293 50.72 22.37 -14.77
C VAL B 293 52.16 22.70 -14.37
N ASN B 294 52.78 23.59 -15.13
CA ASN B 294 54.02 24.22 -14.75
C ASN B 294 53.70 25.44 -13.90
N PRO B 295 54.48 25.76 -12.86
CA PRO B 295 53.96 26.62 -11.77
C PRO B 295 53.60 28.03 -12.19
N ASP B 296 54.41 28.67 -13.04
CA ASP B 296 54.13 29.95 -13.70
C ASP B 296 53.98 31.13 -12.74
N GLN B 297 54.17 30.91 -11.44
CA GLN B 297 54.12 31.94 -10.39
C GLN B 297 52.77 32.67 -10.39
N ARG B 298 51.73 31.94 -9.97
CA ARG B 298 50.38 32.45 -9.69
C ARG B 298 49.63 32.81 -10.98
N ASP B 299 50.15 32.44 -12.14
CA ASP B 299 49.59 32.87 -13.41
C ASP B 299 48.48 31.97 -13.93
N PHE B 300 47.71 31.33 -13.05
CA PHE B 300 46.53 30.57 -13.47
C PHE B 300 45.27 31.28 -13.03
N GLN B 301 44.50 31.69 -14.04
CA GLN B 301 43.33 32.51 -13.80
C GLN B 301 42.07 31.66 -13.73
N HIS B 302 42.06 30.56 -14.46
CA HIS B 302 40.80 29.84 -14.67
C HIS B 302 40.66 28.69 -13.69
N LEU B 303 41.77 28.11 -13.26
CA LEU B 303 41.72 26.97 -12.36
C LEU B 303 41.39 27.41 -10.94
N ILE B 304 41.71 28.65 -10.61
CA ILE B 304 41.63 29.11 -9.24
C ILE B 304 40.17 29.35 -8.87
N LEU B 305 39.83 29.03 -7.63
CA LEU B 305 38.51 29.35 -7.09
C LEU B 305 38.58 30.69 -6.38
N PRO B 306 37.43 31.31 -6.11
CA PRO B 306 37.48 32.52 -5.28
C PRO B 306 37.74 32.26 -3.80
N ASN B 307 37.79 31.00 -3.36
CA ASN B 307 38.40 30.67 -2.08
C ASN B 307 39.40 29.53 -2.16
N GLY B 308 39.10 28.50 -2.94
CA GLY B 308 39.93 27.32 -2.98
C GLY B 308 40.95 27.46 -4.09
N LYS B 309 41.71 26.38 -4.30
CA LYS B 309 42.83 26.44 -5.22
C LYS B 309 42.82 25.26 -6.17
N PHE B 310 42.75 25.58 -7.46
CA PHE B 310 43.05 24.67 -8.57
C PHE B 310 42.09 23.49 -8.64
N ASN B 311 40.82 23.75 -8.92
CA ASN B 311 39.98 22.70 -9.48
C ASN B 311 40.16 22.66 -10.99
N PRO B 312 40.84 21.65 -11.51
CA PRO B 312 41.28 21.71 -12.91
C PRO B 312 40.22 21.29 -13.91
N PHE B 313 38.98 21.69 -13.69
CA PHE B 313 37.86 21.16 -14.45
C PHE B 313 36.88 22.27 -14.81
N THR B 314 37.38 23.33 -15.44
CA THR B 314 36.68 24.61 -15.61
C THR B 314 35.31 24.55 -16.27
N GLU B 315 34.95 23.45 -16.94
CA GLU B 315 33.58 23.25 -17.46
C GLU B 315 33.39 21.78 -17.74
N CYS B 316 32.37 21.16 -17.16
CA CYS B 316 32.16 19.74 -17.33
C CYS B 316 30.68 19.44 -17.53
N ASN B 317 30.41 18.30 -18.17
CA ASN B 317 29.06 17.89 -18.50
C ASN B 317 28.56 16.90 -17.48
N GLY B 318 27.39 17.20 -16.90
CA GLY B 318 26.71 16.23 -16.08
C GLY B 318 27.29 16.01 -14.71
N LEU B 319 28.29 16.78 -14.31
CA LEU B 319 28.88 16.62 -12.98
C LEU B 319 29.55 17.93 -12.59
N ASN B 320 30.00 18.00 -11.33
CA ASN B 320 30.48 19.25 -10.76
C ASN B 320 31.78 19.71 -11.39
N ARG B 321 31.79 20.99 -11.76
CA ARG B 321 33.02 21.72 -12.00
C ARG B 321 33.90 21.72 -10.75
N ILE B 322 33.30 21.88 -9.58
CA ILE B 322 34.03 21.94 -8.33
C ILE B 322 34.45 20.51 -7.98
N VAL B 323 35.75 20.27 -7.85
CA VAL B 323 36.17 18.95 -7.41
C VAL B 323 36.72 18.99 -5.98
N ASP B 324 36.02 18.32 -5.09
CA ASP B 324 36.44 18.20 -3.70
C ASP B 324 36.33 16.73 -3.28
N GLY B 325 37.04 16.36 -2.23
CA GLY B 325 36.93 15.02 -1.71
C GLY B 325 37.54 14.01 -2.65
N CYS B 326 36.74 13.01 -3.02
CA CYS B 326 37.20 11.96 -3.92
C CYS B 326 36.24 11.79 -5.09
N VAL B 327 36.80 11.64 -6.28
CA VAL B 327 36.07 11.52 -7.53
C VAL B 327 36.42 10.17 -8.15
N PRO B 328 35.57 9.60 -9.01
CA PRO B 328 35.90 8.30 -9.59
C PRO B 328 37.02 8.38 -10.60
N GLY B 329 37.58 7.21 -10.90
CA GLY B 329 38.76 7.14 -11.73
C GLY B 329 38.49 7.46 -13.19
N PHE B 330 39.53 7.92 -13.86
CA PHE B 330 39.40 8.47 -15.19
C PHE B 330 40.68 8.23 -15.97
N VAL B 331 40.54 8.19 -17.29
CA VAL B 331 41.70 8.27 -18.16
C VAL B 331 41.70 9.68 -18.75
N LEU B 332 42.88 10.24 -18.94
CA LEU B 332 43.02 11.69 -19.02
C LEU B 332 43.66 12.07 -20.34
N ARG B 333 42.84 12.56 -21.28
CA ARG B 333 43.35 13.10 -22.52
C ARG B 333 44.02 14.44 -22.26
N VAL B 334 44.96 14.81 -23.13
CA VAL B 334 45.68 16.08 -23.07
C VAL B 334 45.78 16.61 -24.50
N GLY B 335 45.59 17.91 -24.67
CA GLY B 335 45.88 18.56 -25.94
C GLY B 335 46.72 19.79 -25.74
N ARG B 336 47.47 20.15 -26.78
CA ARG B 336 48.23 21.40 -26.83
C ARG B 336 48.04 22.00 -28.21
N GLY B 337 47.26 23.08 -28.31
CA GLY B 337 46.94 23.66 -29.59
C GLY B 337 47.05 25.17 -29.58
N LYS B 338 46.88 25.75 -30.76
CA LYS B 338 46.88 27.18 -30.93
C LYS B 338 45.50 27.74 -30.63
N ALA B 339 45.41 29.06 -30.54
CA ALA B 339 44.13 29.69 -30.22
C ALA B 339 44.10 31.08 -30.86
N VAL B 340 43.20 31.91 -30.36
CA VAL B 340 43.06 33.32 -30.72
C VAL B 340 43.28 34.06 -29.41
N ASN B 341 42.95 35.35 -29.39
CA ASN B 341 43.49 36.30 -28.43
C ASN B 341 43.01 35.99 -27.01
N ARG B 342 43.73 35.07 -26.35
CA ARG B 342 43.51 34.68 -24.95
C ARG B 342 42.13 34.08 -24.73
N THR B 343 41.53 33.52 -25.78
CA THR B 343 40.13 33.13 -25.75
C THR B 343 39.99 31.79 -26.47
N ILE B 344 40.10 30.69 -25.72
CA ILE B 344 39.91 29.40 -26.35
C ILE B 344 38.43 29.07 -26.33
N VAL B 345 38.04 28.05 -27.08
CA VAL B 345 36.68 27.54 -27.08
C VAL B 345 36.71 26.13 -26.51
N THR B 346 35.83 25.85 -25.55
CA THR B 346 35.67 24.50 -25.06
C THR B 346 35.14 23.60 -26.16
N PRO B 347 35.68 22.40 -26.31
CA PRO B 347 35.17 21.47 -27.32
C PRO B 347 33.93 20.75 -26.83
N TYR B 348 33.21 20.16 -27.79
CA TYR B 348 32.17 19.22 -27.44
C TYR B 348 32.81 18.00 -26.80
N LEU B 349 32.08 17.41 -25.86
CA LEU B 349 32.64 16.37 -25.02
C LEU B 349 31.51 15.46 -24.57
N LYS B 350 31.89 14.21 -24.26
CA LYS B 350 30.96 13.16 -23.88
C LYS B 350 30.17 13.58 -22.64
N PRO B 351 28.91 13.13 -22.50
CA PRO B 351 28.02 13.74 -21.51
C PRO B 351 28.41 13.54 -20.06
N TYR B 352 29.32 12.61 -19.75
CA TYR B 352 29.84 12.50 -18.40
C TYR B 352 31.36 12.45 -18.39
N GLU B 353 31.97 13.24 -19.27
CA GLU B 353 33.38 13.55 -19.20
C GLU B 353 33.57 15.03 -18.88
N CYS B 354 34.80 15.39 -18.53
CA CYS B 354 35.05 16.58 -17.74
C CYS B 354 36.28 17.31 -18.27
N PHE B 355 36.16 18.61 -18.49
CA PHE B 355 37.14 19.40 -19.23
C PHE B 355 37.76 20.48 -18.37
N GLY B 356 39.08 20.63 -18.50
CA GLY B 356 39.78 21.76 -17.92
C GLY B 356 41.00 22.09 -18.75
N TRP B 357 41.46 23.32 -18.63
CA TRP B 357 42.60 23.78 -19.41
C TRP B 357 43.37 24.81 -18.61
N SER B 358 44.55 25.15 -19.10
CA SER B 358 45.42 26.09 -18.41
C SER B 358 46.45 26.64 -19.39
N TRP B 359 47.44 27.35 -18.83
CA TRP B 359 48.68 27.73 -19.49
C TRP B 359 48.45 28.66 -20.68
N ASN B 360 47.85 29.80 -20.37
CA ASN B 360 48.03 31.00 -21.17
C ASN B 360 49.22 31.76 -20.57
N ASP B 361 49.34 33.04 -20.93
CA ASP B 361 50.30 34.00 -20.35
C ASP B 361 51.74 33.55 -20.62
N ASN B 362 52.03 33.32 -21.90
CA ASN B 362 53.39 33.03 -22.34
C ASN B 362 53.70 33.74 -23.65
N GLN B 363 53.01 34.87 -23.89
CA GLN B 363 53.22 35.80 -25.01
C GLN B 363 53.00 35.13 -26.37
N ASP B 364 52.23 34.04 -26.39
CA ASP B 364 51.67 33.48 -27.62
C ASP B 364 50.40 32.74 -27.23
N SER B 365 49.66 32.30 -28.24
CA SER B 365 48.29 31.84 -28.03
C SER B 365 48.18 30.32 -28.04
N ILE B 366 49.15 29.65 -27.45
CA ILE B 366 49.09 28.22 -27.24
C ILE B 366 48.81 27.94 -25.77
N TYR B 367 48.33 26.73 -25.49
CA TYR B 367 47.76 26.38 -24.21
C TYR B 367 47.67 24.88 -24.11
N ASP B 368 47.51 24.38 -22.89
CA ASP B 368 47.26 22.98 -22.62
C ASP B 368 45.82 22.79 -22.16
N TRP B 369 45.17 21.78 -22.71
CA TRP B 369 43.83 21.42 -22.27
C TRP B 369 43.76 19.93 -22.01
N TRP B 370 42.83 19.53 -21.15
CA TRP B 370 42.70 18.13 -20.79
C TRP B 370 41.26 17.73 -20.60
N ILE B 371 41.01 16.43 -20.77
CA ILE B 371 39.69 15.82 -20.61
C ILE B 371 39.82 14.64 -19.66
N ALA B 372 39.16 14.74 -18.51
CA ALA B 372 38.91 13.58 -17.68
C ALA B 372 37.58 13.01 -18.11
N ASP B 373 37.42 11.68 -17.99
CA ASP B 373 36.21 11.08 -18.50
C ASP B 373 35.38 10.30 -17.48
N PHE B 374 35.97 9.92 -16.34
CA PHE B 374 35.24 9.45 -15.16
C PHE B 374 34.44 8.17 -15.43
N VAL B 375 34.97 7.30 -16.28
CA VAL B 375 34.18 6.15 -16.74
C VAL B 375 34.33 4.92 -15.85
N SER B 376 33.51 4.90 -14.78
CA SER B 376 33.08 3.70 -14.03
C SER B 376 34.22 2.76 -13.64
N THR B 377 35.37 3.35 -13.32
CA THR B 377 36.55 2.56 -12.98
C THR B 377 36.38 1.91 -11.62
N GLY B 378 35.67 2.58 -10.71
CA GLY B 378 35.45 2.04 -9.39
C GLY B 378 36.58 2.27 -8.42
N ALA B 379 37.77 2.62 -8.91
CA ALA B 379 38.87 3.05 -8.08
C ALA B 379 38.84 4.56 -8.04
N PHE B 380 38.46 5.11 -6.90
CA PHE B 380 38.35 6.54 -6.71
C PHE B 380 39.74 7.11 -6.63
N VAL B 381 39.93 8.28 -7.22
CA VAL B 381 41.24 8.92 -7.23
C VAL B 381 41.15 10.30 -6.57
N CYS B 382 41.98 10.51 -5.55
CA CYS B 382 41.93 11.70 -4.72
C CYS B 382 43.13 11.82 -3.81
N GLU B 383 43.44 13.05 -3.45
CA GLU B 383 44.45 13.35 -2.45
C GLU B 383 43.98 12.93 -1.07
N SER B 384 44.94 12.86 -0.15
CA SER B 384 44.72 12.79 1.29
C SER B 384 43.92 11.55 1.69
N ASN B 385 44.57 10.39 1.54
CA ASN B 385 44.05 9.12 2.01
C ASN B 385 43.63 9.19 3.49
N PRO B 386 42.52 8.55 3.85
CA PRO B 386 41.91 8.83 5.15
C PRO B 386 42.69 8.20 6.29
N GLU B 387 42.77 8.93 7.42
CA GLU B 387 43.69 8.52 8.48
C GLU B 387 43.12 7.36 9.28
N ALA B 388 42.10 7.63 10.08
CA ALA B 388 41.54 6.66 11.02
C ALA B 388 40.29 7.26 11.64
N PRO B 389 39.26 6.46 11.86
CA PRO B 389 38.17 6.91 12.73
C PRO B 389 38.62 6.81 14.18
N LYS B 390 38.39 7.84 14.98
CA LYS B 390 38.69 7.71 16.39
C LYS B 390 37.67 6.78 17.02
N THR B 391 38.18 5.75 17.68
CA THR B 391 37.33 4.71 18.23
C THR B 391 36.61 5.19 19.48
N GLY B 392 35.45 4.62 19.74
CA GLY B 392 34.70 5.00 20.91
C GLY B 392 33.89 6.25 20.78
N VAL B 393 33.61 6.70 19.56
CA VAL B 393 32.74 7.84 19.32
C VAL B 393 31.65 7.37 18.38
N CYS B 394 30.43 7.87 18.61
CA CYS B 394 29.23 7.36 17.98
C CYS B 394 28.85 8.13 16.72
N VAL B 395 29.84 8.54 15.94
CA VAL B 395 29.59 9.34 14.75
C VAL B 395 29.14 8.46 13.60
N THR B 396 28.30 9.03 12.73
CA THR B 396 27.86 8.32 11.55
C THR B 396 28.94 8.29 10.49
N TYR B 397 28.87 7.28 9.64
CA TYR B 397 29.93 6.92 8.72
C TYR B 397 29.37 6.80 7.33
N THR B 398 30.27 6.60 6.37
CA THR B 398 29.94 6.08 5.05
C THR B 398 31.17 5.41 4.49
N VAL B 399 31.13 4.08 4.39
CA VAL B 399 32.27 3.28 3.98
C VAL B 399 31.87 2.44 2.79
N GLU B 400 32.55 2.65 1.66
CA GLU B 400 32.19 2.06 0.37
C GLU B 400 30.73 2.27 0.03
N LYS B 401 30.33 3.55 0.02
CA LYS B 401 29.04 4.00 -0.53
C LYS B 401 27.86 3.47 0.27
N VAL B 402 28.09 3.11 1.53
CA VAL B 402 27.05 2.61 2.43
C VAL B 402 27.13 3.44 3.70
N THR B 403 26.18 4.34 3.89
CA THR B 403 26.16 5.11 5.11
C THR B 403 25.53 4.28 6.23
N PHE B 404 25.99 4.53 7.45
CA PHE B 404 25.39 3.96 8.64
C PHE B 404 25.74 4.88 9.81
N GLN B 405 25.29 4.52 10.99
CA GLN B 405 25.36 5.42 12.13
C GLN B 405 25.55 4.59 13.38
N GLY B 406 26.79 4.51 13.85
CA GLY B 406 27.05 3.75 15.04
C GLY B 406 28.34 4.20 15.70
N VAL B 407 28.77 3.43 16.68
CA VAL B 407 30.05 3.64 17.33
C VAL B 407 30.97 2.51 16.89
N LEU B 408 32.24 2.81 16.71
CA LEU B 408 33.19 1.90 16.09
C LEU B 408 34.34 1.58 17.05
N TYR B 409 34.63 0.29 17.18
CA TYR B 409 35.69 -0.23 18.03
C TYR B 409 36.64 -1.03 17.18
N GLU B 410 37.86 -1.25 17.67
CA GLU B 410 38.76 -2.17 16.99
C GLU B 410 38.34 -3.61 17.26
N SER B 411 38.74 -4.51 16.36
CA SER B 411 38.44 -5.94 16.51
C SER B 411 39.67 -6.75 16.15
N ASN B 412 39.58 -8.06 16.31
CA ASN B 412 40.79 -8.86 16.42
C ASN B 412 40.65 -10.21 15.72
N PHE B 413 39.90 -10.29 14.62
CA PHE B 413 39.61 -11.60 14.05
C PHE B 413 39.85 -11.75 12.55
N THR B 414 40.25 -10.68 11.85
CA THR B 414 40.80 -10.63 10.47
C THR B 414 40.08 -11.49 9.43
N PHE B 415 38.88 -11.07 9.01
CA PHE B 415 38.14 -11.76 7.95
C PHE B 415 38.79 -11.51 6.58
N ALA B 416 38.07 -11.89 5.52
CA ALA B 416 38.62 -12.11 4.18
C ALA B 416 39.24 -10.85 3.57
N GLN B 417 40.07 -11.08 2.54
CA GLN B 417 40.84 -10.03 1.89
C GLN B 417 40.07 -9.31 0.80
N TYR B 418 38.90 -9.81 0.42
CA TYR B 418 37.94 -8.98 -0.28
C TYR B 418 37.20 -8.12 0.76
N TYR B 419 36.09 -7.52 0.35
CA TYR B 419 35.00 -7.15 1.23
C TYR B 419 35.36 -6.17 2.34
N ASN B 420 35.62 -4.90 2.03
CA ASN B 420 36.07 -3.95 3.05
C ASN B 420 35.05 -3.68 4.16
N LEU B 421 33.82 -4.19 4.06
CA LEU B 421 32.88 -4.18 5.17
C LEU B 421 31.98 -5.39 5.01
N LEU B 422 31.72 -6.11 6.11
CA LEU B 422 30.91 -7.31 6.00
C LEU B 422 29.56 -7.13 6.69
N TYR B 423 28.67 -8.08 6.41
CA TYR B 423 27.32 -8.09 6.94
C TYR B 423 27.01 -9.46 7.50
N VAL B 424 26.61 -9.53 8.76
CA VAL B 424 26.06 -10.76 9.30
C VAL B 424 24.53 -10.69 9.22
N GLY B 425 23.97 -11.42 8.27
CA GLY B 425 22.55 -11.28 8.03
C GLY B 425 22.23 -9.94 7.41
N SER B 426 21.54 -9.10 8.17
CA SER B 426 21.15 -7.79 7.69
C SER B 426 21.98 -6.69 8.33
N GLN B 427 22.49 -6.93 9.54
CA GLN B 427 23.29 -5.94 10.24
C GLN B 427 24.62 -5.73 9.55
N LEU B 428 25.19 -4.56 9.75
CA LEU B 428 26.55 -4.26 9.31
C LEU B 428 27.43 -4.29 10.54
N ARG B 429 28.24 -5.32 10.68
CA ARG B 429 28.88 -5.52 11.97
C ARG B 429 30.38 -5.34 11.97
N TYR B 430 31.07 -5.71 10.90
CA TYR B 430 32.52 -5.58 10.86
C TYR B 430 32.95 -4.84 9.61
N VAL B 431 33.78 -3.82 9.78
CA VAL B 431 34.34 -3.03 8.70
C VAL B 431 35.86 -3.14 8.82
N ARG B 432 36.57 -3.19 7.71
CA ARG B 432 37.98 -2.89 7.77
C ARG B 432 38.18 -1.47 7.30
N ILE B 433 39.00 -0.73 8.02
CA ILE B 433 39.39 0.63 7.65
C ILE B 433 40.90 0.69 7.73
N LEU B 434 41.54 0.91 6.58
CA LEU B 434 42.99 1.04 6.44
C LEU B 434 43.68 -0.22 6.96
N GLY B 435 43.28 -1.37 6.43
CA GLY B 435 43.95 -2.61 6.72
C GLY B 435 43.51 -3.34 7.97
N LYS B 436 43.16 -2.63 9.04
CA LYS B 436 42.83 -3.28 10.30
C LYS B 436 41.33 -3.28 10.50
N VAL B 437 40.83 -4.37 11.09
CA VAL B 437 39.40 -4.60 11.18
C VAL B 437 38.81 -3.78 12.31
N TYR B 438 37.73 -3.08 12.02
CA TYR B 438 37.07 -2.25 13.03
C TYR B 438 35.65 -2.76 13.21
N GLU B 439 35.31 -3.20 14.40
CA GLU B 439 33.97 -3.70 14.64
C GLU B 439 33.06 -2.55 15.01
N VAL B 440 31.83 -2.58 14.50
CA VAL B 440 30.88 -1.51 14.74
C VAL B 440 29.68 -2.06 15.48
N SER B 441 29.37 -1.44 16.61
CA SER B 441 28.17 -1.74 17.37
C SER B 441 27.23 -0.56 17.27
N SER B 442 25.97 -0.81 17.62
CA SER B 442 24.94 0.20 17.39
C SER B 442 25.07 1.33 18.40
N CYS B 443 24.80 2.54 17.93
CA CYS B 443 24.72 3.68 18.83
C CYS B 443 23.50 3.53 19.71
N PHE B 444 23.69 3.59 21.01
CA PHE B 444 22.63 3.31 21.95
C PHE B 444 21.95 4.56 22.49
N GLU B 445 22.58 5.73 22.37
CA GLU B 445 22.12 6.93 23.05
C GLU B 445 21.48 7.93 22.11
N ALA B 446 21.10 7.49 20.91
CA ALA B 446 20.66 8.43 19.91
C ALA B 446 19.21 8.82 20.08
N SER B 447 18.42 8.07 20.83
CA SER B 447 17.01 8.38 21.01
C SER B 447 16.70 8.52 22.49
N TYR B 448 16.18 9.68 22.86
CA TYR B 448 15.63 9.89 24.19
C TYR B 448 14.15 10.15 24.07
N ASP B 449 13.36 9.52 24.93
CA ASP B 449 11.97 9.90 25.05
C ASP B 449 11.84 10.79 26.26
N VAL B 450 11.75 12.08 26.03
CA VAL B 450 11.62 13.05 27.10
C VAL B 450 10.18 13.02 27.61
N LEU B 451 10.04 12.92 28.92
CA LEU B 451 8.75 13.02 29.58
C LEU B 451 8.73 14.29 30.43
N TYR B 452 7.70 15.11 30.20
CA TYR B 452 7.76 16.55 30.42
C TYR B 452 6.71 16.95 31.45
N ARG B 453 7.08 17.81 32.40
CA ARG B 453 6.05 18.51 33.17
C ARG B 453 6.03 19.99 32.83
N ASN B 454 7.16 20.67 32.99
CA ASN B 454 7.32 22.06 32.62
C ASN B 454 8.78 22.27 32.19
N ASN B 455 9.18 23.53 32.12
CA ASN B 455 10.54 23.86 31.70
C ASN B 455 11.57 23.35 32.70
N GLN B 456 11.31 23.56 33.99
CA GLN B 456 12.31 23.25 34.99
C GLN B 456 12.40 21.75 35.26
N SER B 457 11.27 21.06 35.17
CA SER B 457 11.18 19.65 35.53
C SER B 457 10.81 18.83 34.30
N PHE B 458 11.73 17.97 33.88
CA PHE B 458 11.45 16.92 32.92
C PHE B 458 12.37 15.75 33.20
N GLY B 459 12.12 14.64 32.54
CA GLY B 459 12.94 13.46 32.71
C GLY B 459 13.24 12.83 31.36
N LEU B 460 14.49 12.43 31.19
CA LEU B 460 14.96 11.89 29.94
C LEU B 460 14.98 10.38 30.05
N LEU B 461 14.30 9.71 29.13
CA LEU B 461 14.30 8.25 29.09
C LEU B 461 14.88 7.79 27.77
N TYR B 462 15.94 7.01 27.84
CA TYR B 462 16.50 6.35 26.66
C TYR B 462 15.85 4.99 26.57
N ARG B 463 15.16 4.71 25.47
CA ARG B 463 14.51 3.41 25.36
C ARG B 463 15.51 2.30 25.11
N SER B 464 16.58 2.59 24.39
CA SER B 464 17.69 1.66 24.31
C SER B 464 18.63 1.96 25.49
N PHE B 465 19.84 1.41 25.47
CA PHE B 465 20.92 1.81 26.37
C PHE B 465 20.64 1.55 27.84
N ASP B 466 20.77 0.29 28.25
CA ASP B 466 20.84 0.00 29.67
C ASP B 466 22.11 0.58 30.29
N CYS B 467 22.05 0.86 31.59
CA CYS B 467 23.17 1.39 32.35
C CYS B 467 23.59 0.43 33.44
N ASN B 468 24.41 -0.55 33.09
CA ASN B 468 25.01 -1.39 34.11
C ASN B 468 26.25 -0.66 34.62
N GLN B 469 26.54 -0.83 35.92
CA GLN B 469 27.61 -0.07 36.55
C GLN B 469 28.97 -0.53 36.06
N LEU B 470 29.07 -1.76 35.58
CA LEU B 470 30.28 -2.20 34.91
C LEU B 470 30.38 -1.64 33.50
N HIS B 471 29.25 -1.17 32.95
CA HIS B 471 29.25 -0.70 31.57
C HIS B 471 29.51 0.79 31.48
N ILE B 472 28.99 1.57 32.44
CA ILE B 472 29.16 3.01 32.41
C ILE B 472 30.61 3.38 32.68
N LYS B 473 31.27 2.61 33.54
CA LYS B 473 32.67 2.82 33.86
C LYS B 473 33.60 2.07 32.91
N SER B 474 33.11 1.60 31.78
CA SER B 474 33.94 0.81 30.87
C SER B 474 34.90 1.71 30.08
N ALA B 475 35.90 1.07 29.49
CA ALA B 475 36.86 1.80 28.66
C ALA B 475 36.31 2.07 27.28
N ARG B 476 35.29 1.30 26.87
CA ARG B 476 34.65 1.55 25.58
C ARG B 476 33.77 2.78 25.64
N PHE B 477 33.43 3.23 26.83
CA PHE B 477 32.36 4.18 27.05
C PHE B 477 32.89 5.49 27.64
N VAL B 478 34.21 5.67 27.66
CA VAL B 478 34.82 6.88 28.19
C VAL B 478 34.44 8.10 27.37
N ASP B 479 34.35 7.93 26.06
CA ASP B 479 34.14 9.10 25.22
C ASP B 479 32.69 9.22 24.78
N ARG B 480 31.82 8.30 25.22
CA ARG B 480 30.45 8.30 24.73
C ARG B 480 29.49 8.97 25.71
N LEU B 481 29.84 9.00 27.00
CA LEU B 481 28.85 9.34 28.00
C LEU B 481 28.62 10.85 28.09
N LEU B 482 27.53 11.21 28.73
CA LEU B 482 27.05 12.57 28.94
C LEU B 482 26.76 12.72 30.43
N PRO B 483 26.44 13.93 30.91
CA PRO B 483 25.89 14.02 32.27
C PRO B 483 24.54 13.35 32.45
N SER B 484 23.78 13.18 31.37
CA SER B 484 22.44 12.61 31.46
C SER B 484 22.41 11.09 31.36
N HIS B 485 23.54 10.42 31.52
CA HIS B 485 23.56 8.96 31.41
C HIS B 485 23.70 8.28 32.76
N ASN B 486 23.70 9.02 33.85
CA ASN B 486 23.89 8.41 35.17
C ASN B 486 22.52 8.16 35.81
N GLY B 487 21.76 7.27 35.17
CA GLY B 487 20.42 6.96 35.59
C GLY B 487 20.28 5.52 36.02
N THR B 488 19.07 5.18 36.42
CA THR B 488 18.77 3.81 36.82
C THR B 488 18.54 2.96 35.58
N ALA B 489 19.18 1.79 35.54
CA ALA B 489 18.92 0.84 34.47
C ALA B 489 17.56 0.21 34.73
N THR B 490 16.60 0.49 33.87
CA THR B 490 15.25 0.01 34.05
C THR B 490 14.97 -1.09 33.03
N VAL B 491 13.74 -1.58 33.03
CA VAL B 491 13.32 -2.49 31.98
C VAL B 491 12.90 -1.69 30.75
N LEU B 492 12.50 -0.44 30.98
CA LEU B 492 12.27 0.49 29.88
C LEU B 492 13.60 0.90 29.24
N GLY B 493 14.57 1.24 30.06
CA GLY B 493 15.87 1.67 29.55
C GLY B 493 16.62 2.40 30.63
N CYS B 494 17.21 3.52 30.25
CA CYS B 494 17.82 4.44 31.20
C CYS B 494 16.95 5.67 31.34
N LEU B 495 16.40 5.89 32.53
CA LEU B 495 15.69 7.12 32.80
C LEU B 495 16.54 8.00 33.70
N PHE B 496 16.73 9.24 33.27
CA PHE B 496 17.58 10.20 33.96
C PHE B 496 16.71 11.32 34.51
N ASN B 497 17.11 11.79 35.69
CA ASN B 497 16.53 12.97 36.37
C ASN B 497 15.06 12.73 36.68
N ALA B 498 14.75 11.50 37.10
CA ALA B 498 13.42 11.07 37.49
C ALA B 498 13.57 9.87 38.42
N SER B 499 12.54 9.64 39.23
CA SER B 499 12.55 8.50 40.15
C SER B 499 11.70 7.38 39.58
N TYR B 500 11.96 6.16 40.05
CA TYR B 500 11.61 4.97 39.31
C TYR B 500 10.64 4.02 40.01
N ALA B 501 10.51 4.08 41.34
CA ALA B 501 10.02 3.03 42.24
C ALA B 501 8.77 2.29 41.78
N PRO B 502 8.90 1.03 41.35
CA PRO B 502 7.75 0.27 40.85
C PRO B 502 6.93 -0.42 41.92
N ASN B 503 7.31 -0.30 43.19
CA ASN B 503 6.65 -1.06 44.24
C ASN B 503 5.23 -0.58 44.49
N ASP B 504 4.96 0.71 44.27
CA ASP B 504 3.62 1.25 44.36
C ASP B 504 3.05 1.45 42.96
N THR B 505 1.74 1.33 42.85
CA THR B 505 1.06 1.39 41.58
C THR B 505 0.29 2.68 41.44
N MET B 506 -0.26 2.88 40.25
CA MET B 506 -1.20 3.94 39.98
C MET B 506 -2.21 3.42 38.97
N VAL B 507 -3.43 3.96 39.01
CA VAL B 507 -4.50 3.43 38.20
C VAL B 507 -4.87 4.38 37.06
N ASN B 508 -4.64 5.68 37.22
CA ASN B 508 -5.00 6.66 36.19
C ASN B 508 -3.84 6.77 35.22
N CYS B 509 -3.78 5.84 34.29
CA CYS B 509 -2.75 5.82 33.26
C CYS B 509 -3.06 6.89 32.21
N THR B 510 -2.85 8.15 32.57
CA THR B 510 -3.10 9.29 31.71
C THR B 510 -2.21 9.27 30.48
N ASN B 511 -0.91 9.06 30.69
CA ASN B 511 0.05 8.88 29.61
C ASN B 511 0.87 7.63 29.88
N PRO B 512 0.37 6.47 29.48
CA PRO B 512 1.11 5.23 29.72
C PRO B 512 2.38 5.19 28.89
N LEU B 513 3.36 4.46 29.39
CA LEU B 513 4.70 4.57 28.85
C LEU B 513 5.12 3.31 28.10
N GLY B 514 4.56 2.17 28.44
CA GLY B 514 4.99 0.91 27.86
C GLY B 514 5.46 -0.06 28.91
N ASP B 515 5.34 -1.35 28.56
CA ASP B 515 5.82 -2.48 29.38
C ASP B 515 5.10 -2.53 30.73
N GLY B 516 3.89 -2.00 30.77
CA GLY B 516 3.18 -1.92 32.03
C GLY B 516 3.66 -0.83 32.97
N PHE B 517 4.33 0.19 32.47
CA PHE B 517 4.81 1.29 33.31
C PHE B 517 4.08 2.55 32.92
N CYS B 518 3.91 3.45 33.87
CA CYS B 518 3.21 4.71 33.65
C CYS B 518 4.01 5.84 34.27
N ALA B 519 4.02 6.99 33.62
CA ALA B 519 4.64 8.17 34.17
C ALA B 519 3.58 9.07 34.77
N ASP B 520 3.82 9.54 35.99
CA ASP B 520 2.90 10.46 36.62
C ASP B 520 3.48 11.86 36.59
N LEU B 521 2.59 12.83 36.47
CA LEU B 521 3.00 14.23 36.34
C LEU B 521 2.40 15.10 37.43
N LEU B 522 2.36 14.61 38.67
CA LEU B 522 1.77 15.40 39.74
C LEU B 522 2.79 16.38 40.32
N GLY B 523 3.87 15.87 40.89
CA GLY B 523 4.90 16.71 41.47
C GLY B 523 6.16 16.64 40.63
N ASN B 524 7.28 16.30 41.26
CA ASN B 524 8.43 15.86 40.49
C ASN B 524 8.08 14.62 39.69
N VAL B 525 8.67 14.50 38.50
CA VAL B 525 8.24 13.49 37.56
C VAL B 525 8.79 12.14 37.98
N ALA B 526 8.02 11.07 37.77
CA ALA B 526 8.40 9.76 38.22
C ALA B 526 7.79 8.73 37.29
N VAL B 527 8.27 7.50 37.42
CA VAL B 527 7.78 6.37 36.65
C VAL B 527 7.18 5.38 37.63
N ARG B 528 5.96 4.95 37.36
CA ARG B 528 5.25 4.04 38.23
C ARG B 528 4.72 2.87 37.40
N ARG B 529 4.36 1.80 38.08
CA ARG B 529 3.86 0.60 37.42
C ARG B 529 2.34 0.66 37.40
N MET B 530 1.75 0.67 36.21
CA MET B 530 0.32 0.84 36.09
C MET B 530 -0.40 -0.46 36.39
N THR B 531 -1.66 -0.33 36.81
CA THR B 531 -2.45 -1.48 37.22
C THR B 531 -3.77 -1.53 36.47
N PHE B 532 -4.63 -2.48 36.81
CA PHE B 532 -5.91 -2.64 36.14
C PHE B 532 -6.96 -3.06 37.15
N GLU B 533 -8.15 -2.49 37.02
CA GLU B 533 -9.26 -2.85 37.88
C GLU B 533 -9.76 -4.25 37.53
N LYS B 534 -10.20 -4.98 38.55
CA LYS B 534 -10.47 -6.40 38.38
C LYS B 534 -11.90 -6.65 37.92
N HIS B 535 -12.20 -7.90 37.58
CA HIS B 535 -13.24 -8.23 36.60
C HIS B 535 -14.47 -8.87 37.22
N ASP B 536 -14.32 -9.97 37.96
CA ASP B 536 -15.40 -10.67 38.69
C ASP B 536 -16.52 -11.17 37.76
N THR B 537 -16.17 -12.23 37.04
CA THR B 537 -17.05 -13.08 36.24
C THR B 537 -18.42 -13.32 36.87
N THR B 538 -19.47 -13.24 36.05
CA THR B 538 -20.83 -13.48 36.50
C THR B 538 -21.28 -14.93 36.41
N TYR B 539 -20.46 -15.82 35.86
CA TYR B 539 -20.77 -17.25 35.89
C TYR B 539 -20.68 -17.76 37.31
N VAL B 540 -21.82 -17.96 37.95
CA VAL B 540 -21.83 -18.64 39.23
C VAL B 540 -21.68 -20.13 38.98
N ALA B 541 -20.98 -20.78 39.85
CA ALA B 541 -20.79 -22.20 39.61
C ALA B 541 -21.98 -22.97 40.18
N PRO B 542 -22.34 -24.11 39.60
CA PRO B 542 -23.42 -24.91 40.18
C PRO B 542 -22.98 -25.49 41.51
N VAL B 543 -23.84 -25.34 42.51
CA VAL B 543 -23.48 -25.67 43.87
C VAL B 543 -23.89 -27.11 44.17
N THR B 544 -22.99 -27.84 44.81
CA THR B 544 -23.30 -29.08 45.50
C THR B 544 -22.45 -29.12 46.76
N ASN B 545 -22.56 -30.23 47.48
CA ASN B 545 -21.72 -30.70 48.60
C ASN B 545 -21.23 -29.60 49.55
N GLU B 546 -22.19 -29.02 50.28
CA GLU B 546 -22.23 -27.64 50.79
C GLU B 546 -20.92 -27.10 51.33
N ARG B 547 -20.69 -25.82 51.06
CA ARG B 547 -19.39 -25.19 51.23
C ARG B 547 -19.60 -23.75 51.63
N TYR B 548 -18.50 -23.03 51.84
CA TYR B 548 -18.55 -21.63 52.24
C TYR B 548 -18.52 -20.75 50.99
N THR B 549 -19.62 -20.74 50.26
CA THR B 549 -19.76 -19.87 49.08
C THR B 549 -19.93 -18.43 49.50
N GLU B 550 -19.15 -17.51 48.94
CA GLU B 550 -19.41 -16.11 49.20
C GLU B 550 -20.39 -15.57 48.18
N MET B 551 -21.34 -14.77 48.63
CA MET B 551 -22.26 -14.10 47.74
C MET B 551 -22.13 -12.61 47.95
N PRO B 552 -22.39 -11.81 46.91
CA PRO B 552 -22.34 -10.36 47.08
C PRO B 552 -23.52 -9.83 47.86
N LEU B 553 -23.27 -8.74 48.59
CA LEU B 553 -24.28 -8.12 49.42
C LEU B 553 -24.97 -6.95 48.72
N ASP B 554 -24.29 -6.27 47.82
CA ASP B 554 -24.90 -5.23 47.00
C ASP B 554 -24.06 -5.03 45.75
N HIS B 555 -24.71 -4.53 44.72
CA HIS B 555 -24.12 -4.29 43.42
C HIS B 555 -23.92 -2.80 43.22
N GLN B 556 -23.44 -2.42 42.05
CA GLN B 556 -23.59 -1.05 41.58
C GLN B 556 -23.71 -1.08 40.07
N LEU B 557 -24.41 -0.10 39.53
CA LEU B 557 -24.42 0.09 38.09
C LEU B 557 -23.05 0.55 37.62
N ILE B 558 -22.64 0.04 36.46
CA ILE B 558 -21.45 0.52 35.78
C ILE B 558 -21.81 0.70 34.31
N LEU B 559 -21.74 1.93 33.83
CA LEU B 559 -21.84 2.18 32.41
C LEU B 559 -20.50 1.91 31.76
N THR B 560 -20.51 1.07 30.74
CA THR B 560 -19.30 0.80 29.96
C THR B 560 -19.61 1.24 28.53
N GLU B 561 -19.36 2.51 28.23
CA GLU B 561 -19.58 3.00 26.89
C GLU B 561 -18.56 2.39 25.94
N GLN B 562 -19.02 1.99 24.76
CA GLN B 562 -18.20 1.20 23.86
C GLN B 562 -18.41 1.69 22.44
N PHE B 563 -17.43 2.40 21.89
CA PHE B 563 -17.55 2.92 20.54
C PHE B 563 -17.12 1.88 19.53
N LEU B 564 -17.97 1.69 18.52
CA LEU B 564 -17.68 0.80 17.40
C LEU B 564 -17.82 1.63 16.14
N GLN B 565 -16.71 1.81 15.43
CA GLN B 565 -16.71 2.61 14.23
C GLN B 565 -17.42 1.85 13.13
N THR B 566 -18.38 2.49 12.46
CA THR B 566 -19.22 1.76 11.51
C THR B 566 -19.50 2.45 10.19
N THR B 567 -19.21 3.73 10.02
CA THR B 567 -19.41 4.39 8.74
C THR B 567 -18.16 5.17 8.40
N MET B 568 -17.96 5.39 7.12
CA MET B 568 -17.03 6.41 6.65
C MET B 568 -17.67 6.98 5.40
N PRO B 569 -17.33 8.22 5.02
CA PRO B 569 -17.96 8.81 3.83
C PRO B 569 -17.54 8.08 2.56
N LYS B 570 -18.55 7.61 1.82
CA LYS B 570 -18.32 6.98 0.54
C LYS B 570 -17.70 7.99 -0.43
N PHE B 571 -16.75 7.53 -1.23
CA PHE B 571 -15.99 8.40 -2.09
C PHE B 571 -16.20 8.00 -3.53
N SER B 572 -16.04 8.96 -4.41
CA SER B 572 -16.10 8.73 -5.85
C SER B 572 -14.95 9.53 -6.44
N VAL B 573 -13.78 8.93 -6.50
CA VAL B 573 -12.63 9.64 -7.02
C VAL B 573 -12.65 9.58 -8.53
N SER B 574 -11.95 10.52 -9.15
CA SER B 574 -11.75 10.50 -10.59
C SER B 574 -10.26 10.79 -10.80
N CYS B 575 -9.49 9.74 -11.05
CA CYS B 575 -8.05 9.89 -11.14
C CYS B 575 -7.60 10.67 -12.37
N GLU B 576 -8.41 10.67 -13.44
CA GLU B 576 -8.06 11.43 -14.63
C GLU B 576 -7.96 12.92 -14.32
N THR B 577 -8.82 13.42 -13.44
CA THR B 577 -8.81 14.82 -13.09
C THR B 577 -8.27 15.09 -11.70
N TYR B 578 -7.85 14.06 -10.97
CA TYR B 578 -7.04 14.32 -9.78
C TYR B 578 -5.58 14.44 -10.15
N ILE B 579 -5.02 13.39 -10.75
CA ILE B 579 -3.59 13.28 -11.03
C ILE B 579 -3.15 14.39 -11.97
N CYS B 580 -4.04 14.83 -12.82
CA CYS B 580 -3.75 15.97 -13.67
C CYS B 580 -5.03 16.72 -13.95
N ASP B 581 -4.90 18.04 -14.02
CA ASP B 581 -6.04 18.92 -14.18
C ASP B 581 -6.49 18.96 -15.64
N VAL B 582 -7.15 20.05 -16.03
CA VAL B 582 -7.66 20.30 -17.37
C VAL B 582 -6.63 20.16 -18.50
N SER B 583 -5.33 20.07 -18.17
CA SER B 583 -4.29 19.82 -19.16
C SER B 583 -4.51 18.49 -19.85
N LYS B 584 -4.54 18.52 -21.18
CA LYS B 584 -4.74 17.33 -21.98
C LYS B 584 -3.45 16.53 -22.16
N ALA B 585 -2.30 17.20 -22.02
CA ALA B 585 -1.00 16.55 -22.23
C ALA B 585 -0.69 15.50 -21.17
N CYS B 586 -1.39 15.52 -20.04
CA CYS B 586 -1.38 14.39 -19.13
C CYS B 586 -2.18 13.22 -19.65
N LYS B 587 -3.39 13.49 -20.13
CA LYS B 587 -4.38 12.45 -20.28
C LYS B 587 -4.09 11.52 -21.44
N ASN B 588 -3.32 11.98 -22.42
CA ASN B 588 -2.79 11.09 -23.44
C ASN B 588 -1.51 10.39 -23.00
N LEU B 589 -0.97 10.76 -21.85
CA LEU B 589 0.22 10.14 -21.28
C LEU B 589 -0.08 9.34 -20.03
N LEU B 590 -1.24 9.54 -19.41
CA LEU B 590 -1.55 8.89 -18.15
C LEU B 590 -1.88 7.42 -18.34
N PHE B 591 -2.46 7.05 -19.48
CA PHE B 591 -2.84 5.65 -19.65
C PHE B 591 -1.68 4.76 -20.06
N ARG B 592 -0.45 5.24 -19.95
CA ARG B 592 0.71 4.36 -20.03
C ARG B 592 1.05 3.72 -18.70
N TYR B 593 0.53 4.21 -17.59
CA TYR B 593 1.05 3.80 -16.28
C TYR B 593 0.29 2.60 -15.73
N GLY B 594 0.36 1.50 -16.46
CA GLY B 594 -0.03 0.20 -15.94
C GLY B 594 -1.51 0.02 -15.68
N GLY B 595 -2.35 0.79 -16.35
CA GLY B 595 -3.78 0.77 -16.05
C GLY B 595 -4.07 1.27 -14.66
N PHE B 596 -3.40 2.34 -14.24
CA PHE B 596 -3.56 2.82 -12.88
C PHE B 596 -4.94 3.41 -12.66
N CYS B 597 -5.40 4.21 -13.60
CA CYS B 597 -6.58 5.02 -13.37
C CYS B 597 -7.84 4.16 -13.40
N GLN B 598 -7.92 3.20 -14.33
CA GLN B 598 -9.07 2.30 -14.34
C GLN B 598 -9.10 1.42 -13.10
N LYS B 599 -7.93 1.07 -12.56
CA LYS B 599 -7.90 0.26 -11.34
C LYS B 599 -8.35 1.07 -10.14
N VAL B 600 -7.95 2.33 -10.04
CA VAL B 600 -8.29 3.16 -8.90
C VAL B 600 -9.79 3.47 -8.88
N GLU B 601 -10.34 3.89 -10.02
CA GLU B 601 -11.76 4.24 -10.01
C GLU B 601 -12.64 3.00 -9.91
N ALA B 602 -12.20 1.85 -10.45
CA ALA B 602 -12.99 0.64 -10.23
C ALA B 602 -12.84 0.14 -8.81
N ASP B 603 -11.72 0.41 -8.16
CA ASP B 603 -11.58 -0.06 -6.79
C ASP B 603 -12.36 0.78 -5.81
N ILE B 604 -12.33 2.10 -5.97
CA ILE B 604 -13.11 2.97 -5.10
C ILE B 604 -14.61 2.71 -5.30
N ARG B 605 -15.00 2.39 -6.53
CA ARG B 605 -16.38 1.98 -6.74
C ARG B 605 -16.66 0.63 -6.08
N GLY B 606 -15.69 -0.28 -6.11
CA GLY B 606 -15.91 -1.60 -5.52
C GLY B 606 -15.96 -1.56 -4.00
N ALA B 607 -15.04 -0.84 -3.38
CA ALA B 607 -15.08 -0.68 -1.94
C ALA B 607 -16.24 0.19 -1.52
N GLY B 608 -16.65 1.11 -2.38
CA GLY B 608 -17.83 1.91 -2.08
C GLY B 608 -19.10 1.10 -2.07
N ILE B 609 -19.21 0.13 -2.98
CA ILE B 609 -20.44 -0.67 -2.98
C ILE B 609 -20.39 -1.78 -1.94
N LEU B 610 -19.19 -2.17 -1.48
CA LEU B 610 -19.13 -3.01 -0.29
C LEU B 610 -19.65 -2.27 0.93
N LEU B 611 -19.19 -1.03 1.12
CA LEU B 611 -19.68 -0.20 2.22
C LEU B 611 -21.16 0.11 2.06
N ASP B 612 -21.62 0.23 0.82
CA ASP B 612 -23.01 0.50 0.53
C ASP B 612 -23.90 -0.63 1.02
N GLY B 613 -23.60 -1.85 0.58
CA GLY B 613 -24.42 -2.98 0.98
C GLY B 613 -24.27 -3.34 2.44
N ASP B 614 -23.15 -2.98 3.06
CA ASP B 614 -22.90 -3.43 4.42
C ASP B 614 -23.45 -2.45 5.45
N VAL B 615 -23.48 -1.16 5.14
CA VAL B 615 -24.27 -0.24 5.95
C VAL B 615 -25.75 -0.49 5.74
N SER B 616 -26.14 -0.97 4.55
CA SER B 616 -27.53 -1.34 4.34
C SER B 616 -27.94 -2.55 5.17
N SER B 617 -27.02 -3.49 5.36
CA SER B 617 -27.36 -4.62 6.23
C SER B 617 -27.32 -4.23 7.70
N LEU B 618 -26.55 -3.20 8.05
CA LEU B 618 -26.57 -2.69 9.40
C LEU B 618 -27.91 -2.04 9.73
N TYR B 619 -28.39 -1.16 8.87
CA TYR B 619 -29.69 -0.56 9.14
C TYR B 619 -30.85 -1.50 8.87
N SER B 620 -30.61 -2.64 8.24
CA SER B 620 -31.67 -3.62 8.14
C SER B 620 -31.88 -4.37 9.44
N THR B 621 -30.90 -4.36 10.35
CA THR B 621 -31.05 -4.96 11.67
C THR B 621 -31.04 -3.94 12.79
N ILE B 622 -31.11 -2.65 12.47
CA ILE B 622 -31.41 -1.64 13.46
C ILE B 622 -32.90 -1.34 13.48
N ALA B 623 -33.49 -1.21 12.30
CA ALA B 623 -34.88 -0.81 12.14
C ALA B 623 -35.79 -1.89 12.71
N ALA B 624 -36.36 -1.62 13.88
CA ALA B 624 -37.06 -2.62 14.64
C ALA B 624 -38.52 -2.23 14.78
N LYS B 625 -39.24 -2.99 15.62
CA LYS B 625 -40.69 -3.06 15.56
C LYS B 625 -41.26 -2.69 16.93
N THR B 626 -40.90 -1.51 17.43
CA THR B 626 -41.50 -0.99 18.65
C THR B 626 -43.01 -0.85 18.51
N SER B 627 -43.71 -1.10 19.61
CA SER B 627 -45.16 -1.14 19.58
C SER B 627 -45.74 0.27 19.59
N SER B 628 -47.05 0.34 19.37
CA SER B 628 -47.78 1.59 19.40
C SER B 628 -48.25 1.94 20.81
N VAL B 629 -47.93 1.11 21.81
CA VAL B 629 -48.28 1.41 23.19
C VAL B 629 -47.37 2.49 23.73
N VAL B 630 -46.09 2.45 23.35
CA VAL B 630 -44.95 3.28 23.79
C VAL B 630 -44.97 3.48 25.30
N PRO B 631 -44.52 2.47 26.05
CA PRO B 631 -44.69 2.46 27.51
C PRO B 631 -43.94 3.58 28.22
N THR B 632 -44.66 4.30 29.07
CA THR B 632 -44.10 5.44 29.77
C THR B 632 -43.08 5.00 30.79
N THR B 633 -42.16 5.89 31.11
CA THR B 633 -41.25 5.70 32.22
C THR B 633 -41.76 6.46 33.43
N ASP B 634 -41.20 6.14 34.59
CA ASP B 634 -41.53 6.85 35.81
C ASP B 634 -40.35 7.65 36.31
N ARG B 635 -39.22 7.01 36.55
CA ARG B 635 -38.06 7.69 37.08
C ARG B 635 -36.84 7.59 36.19
N PHE B 636 -36.86 6.75 35.17
CA PHE B 636 -35.77 6.67 34.21
C PHE B 636 -35.84 7.87 33.30
N ASN B 637 -34.88 8.78 33.41
CA ASN B 637 -34.80 9.86 32.41
C ASN B 637 -34.12 9.29 31.17
N VAL B 638 -34.91 8.55 30.39
CA VAL B 638 -34.43 7.97 29.15
C VAL B 638 -34.96 8.74 27.93
N SER B 639 -36.09 9.42 28.05
CA SER B 639 -36.62 10.16 26.92
C SER B 639 -35.89 11.48 26.72
N GLN B 640 -35.35 12.05 27.78
CA GLN B 640 -34.67 13.34 27.64
C GLN B 640 -33.19 13.19 27.37
N PHE B 641 -32.66 11.97 27.35
CA PHE B 641 -31.27 11.73 27.04
C PHE B 641 -31.08 10.94 25.75
N PHE B 642 -31.81 9.85 25.58
CA PHE B 642 -31.59 8.93 24.49
C PHE B 642 -32.54 9.11 23.32
N LEU B 643 -33.73 9.59 23.55
CA LEU B 643 -34.66 9.82 22.45
C LEU B 643 -34.36 11.14 21.77
N PRO B 644 -34.61 11.25 20.46
CA PRO B 644 -34.36 12.51 19.78
C PRO B 644 -35.34 13.59 20.19
N LYS B 645 -34.86 14.84 20.13
CA LYS B 645 -35.62 15.98 20.61
C LYS B 645 -36.73 16.35 19.62
N SER B 655 -32.90 17.09 15.38
CA SER B 655 -33.54 15.79 15.28
C SER B 655 -32.59 14.68 15.70
N ARG B 656 -31.61 15.01 16.53
CA ARG B 656 -30.77 14.03 17.18
C ARG B 656 -30.90 14.18 18.69
N SER B 657 -30.53 13.13 19.39
CA SER B 657 -30.78 13.08 20.82
C SER B 657 -29.75 13.89 21.60
N ALA B 658 -30.02 14.07 22.89
CA ALA B 658 -29.25 15.01 23.69
C ALA B 658 -27.95 14.41 24.18
N ILE B 659 -27.68 13.15 23.83
CA ILE B 659 -26.39 12.57 24.17
C ILE B 659 -25.41 12.72 23.01
N GLU B 660 -25.84 12.45 21.78
CA GLU B 660 -24.90 12.58 20.68
C GLU B 660 -24.68 14.02 20.23
N ASP B 661 -25.62 14.94 20.49
CA ASP B 661 -25.33 16.35 20.29
C ASP B 661 -24.29 16.83 21.29
N LEU B 662 -24.46 16.42 22.54
CA LEU B 662 -23.45 16.65 23.57
C LEU B 662 -22.17 15.89 23.26
N LEU B 663 -22.25 14.79 22.52
CA LEU B 663 -21.05 14.05 22.18
C LEU B 663 -20.27 14.79 21.11
N PHE B 664 -20.96 15.34 20.10
CA PHE B 664 -20.29 16.07 19.03
C PHE B 664 -19.67 17.35 19.54
N SER B 665 -20.25 17.94 20.59
CA SER B 665 -19.66 19.14 21.17
C SER B 665 -18.35 18.83 21.87
N LYS B 666 -18.12 17.56 22.23
CA LYS B 666 -16.93 17.22 22.98
C LYS B 666 -15.76 16.87 22.07
N ILE B 667 -15.96 16.92 20.76
CA ILE B 667 -14.91 16.49 19.85
C ILE B 667 -14.28 17.70 19.19
N GLU B 668 -12.96 17.80 19.31
CA GLU B 668 -12.22 18.93 18.80
C GLU B 668 -11.50 18.52 17.53
N THR B 669 -11.86 19.14 16.41
CA THR B 669 -11.14 18.91 15.18
C THR B 669 -9.78 19.61 15.29
N THR B 670 -8.79 19.10 14.56
CA THR B 670 -7.43 19.60 14.71
C THR B 670 -7.29 21.04 14.22
N GLY B 671 -7.85 21.34 13.06
CA GLY B 671 -7.76 22.68 12.54
C GLY B 671 -8.79 22.90 11.46
N PRO B 672 -8.88 24.12 10.95
CA PRO B 672 -9.70 24.36 9.77
C PRO B 672 -9.08 23.71 8.55
N GLY B 673 -9.93 23.18 7.68
CA GLY B 673 -9.47 22.48 6.51
C GLY B 673 -10.70 22.04 5.73
N PHE B 674 -10.51 21.03 4.89
CA PHE B 674 -11.65 20.50 4.17
C PHE B 674 -12.44 19.54 5.03
N TYR B 675 -11.75 18.73 5.82
CA TYR B 675 -12.46 17.85 6.74
C TYR B 675 -13.03 18.64 7.91
N GLY B 676 -12.41 19.75 8.28
CA GLY B 676 -13.00 20.61 9.28
C GLY B 676 -14.32 21.21 8.83
N ASP B 677 -14.38 21.65 7.56
CA ASP B 677 -15.63 22.16 7.03
C ASP B 677 -16.66 21.05 6.89
N TYR B 678 -16.21 19.85 6.52
CA TYR B 678 -17.12 18.71 6.39
C TYR B 678 -17.69 18.32 7.73
N TYR B 679 -16.83 18.20 8.74
CA TYR B 679 -17.28 17.75 10.04
C TYR B 679 -18.11 18.80 10.75
N ASN B 680 -17.72 20.07 10.67
CA ASN B 680 -18.50 21.10 11.35
C ASN B 680 -19.79 21.43 10.62
N CYS B 681 -19.93 21.11 9.35
CA CYS B 681 -21.25 21.12 8.75
C CYS B 681 -22.07 19.93 9.21
N LYS B 682 -21.45 18.76 9.28
CA LYS B 682 -22.17 17.57 9.68
C LYS B 682 -22.41 17.53 11.18
N LYS B 683 -21.71 18.37 11.94
CA LYS B 683 -21.92 18.43 13.39
C LYS B 683 -23.21 19.13 13.74
N ASN B 684 -23.34 20.40 13.34
CA ASN B 684 -24.52 21.17 13.71
C ASN B 684 -25.73 20.76 12.90
N ALA B 685 -25.49 20.20 11.70
CA ALA B 685 -26.50 19.54 10.88
C ALA B 685 -27.66 20.46 10.53
N ILE B 686 -27.33 21.66 10.06
CA ILE B 686 -28.33 22.65 9.72
C ILE B 686 -29.13 22.17 8.51
N GLN B 687 -30.46 22.25 8.63
CA GLN B 687 -31.37 21.54 7.75
C GLN B 687 -31.38 22.14 6.34
N ASP B 688 -31.76 21.28 5.38
CA ASP B 688 -32.09 21.68 4.01
C ASP B 688 -30.91 22.29 3.25
N LEU B 689 -29.69 21.86 3.59
CA LEU B 689 -28.56 22.08 2.72
C LEU B 689 -27.61 20.91 2.86
N THR B 690 -26.60 20.89 2.01
CA THR B 690 -25.68 19.77 1.90
C THR B 690 -24.32 20.18 2.45
N CYS B 691 -23.55 19.17 2.82
CA CYS B 691 -22.10 19.27 2.82
C CYS B 691 -21.55 17.93 2.35
N ALA B 692 -21.34 17.85 1.04
CA ALA B 692 -20.60 16.79 0.39
C ALA B 692 -19.56 17.55 -0.43
N GLN B 693 -18.35 17.65 0.09
CA GLN B 693 -17.31 18.44 -0.54
C GLN B 693 -16.87 17.80 -1.84
N TYR B 694 -16.67 18.62 -2.85
CA TYR B 694 -15.93 18.23 -4.04
C TYR B 694 -14.71 19.13 -4.16
N HIS B 695 -13.53 18.53 -4.28
CA HIS B 695 -12.32 19.28 -4.57
C HIS B 695 -11.45 18.44 -5.48
N ASN B 696 -11.13 19.02 -6.65
CA ASN B 696 -10.22 18.56 -7.71
C ASN B 696 -10.16 17.06 -7.94
N GLY B 697 -11.32 16.48 -8.23
CA GLY B 697 -11.41 15.10 -8.68
C GLY B 697 -12.02 14.15 -7.69
N ILE B 698 -12.21 14.57 -6.44
CA ILE B 698 -12.65 13.68 -5.38
C ILE B 698 -13.94 14.23 -4.82
N LEU B 699 -15.05 13.59 -5.17
CA LEU B 699 -16.35 13.94 -4.64
C LEU B 699 -16.67 13.02 -3.48
N VAL B 700 -16.74 13.58 -2.28
CA VAL B 700 -17.19 12.79 -1.14
C VAL B 700 -18.71 12.76 -1.18
N ILE B 701 -19.30 11.61 -0.86
CA ILE B 701 -20.75 11.50 -0.84
C ILE B 701 -21.13 10.83 0.47
N PRO B 702 -22.28 11.14 1.07
CA PRO B 702 -22.69 10.40 2.25
C PRO B 702 -23.11 8.99 1.86
N PRO B 703 -22.90 8.01 2.74
CA PRO B 703 -23.29 6.63 2.40
C PRO B 703 -24.78 6.39 2.44
N ILE B 704 -25.21 5.13 2.29
CA ILE B 704 -26.62 4.79 2.08
C ILE B 704 -27.49 5.19 3.25
N MET B 705 -26.92 5.23 4.45
CA MET B 705 -27.61 5.79 5.60
C MET B 705 -26.52 6.26 6.55
N ASP B 706 -26.22 7.56 6.49
CA ASP B 706 -25.18 8.14 7.31
C ASP B 706 -25.63 8.25 8.75
N ALA B 707 -24.76 7.82 9.67
CA ALA B 707 -25.13 7.67 11.05
C ALA B 707 -25.30 8.99 11.78
N GLU B 708 -24.48 9.99 11.45
CA GLU B 708 -24.42 11.21 12.24
C GLU B 708 -25.25 12.34 11.65
N THR B 709 -26.13 12.02 10.70
CA THR B 709 -27.21 12.90 10.33
C THR B 709 -28.52 12.50 10.97
N LEU B 710 -28.84 11.22 10.98
CA LEU B 710 -30.08 10.72 11.54
C LEU B 710 -29.90 10.48 13.02
N GLY B 711 -30.94 10.77 13.80
CA GLY B 711 -30.96 10.34 15.17
C GLY B 711 -31.11 8.84 15.28
N MET B 712 -30.80 8.31 16.46
CA MET B 712 -30.77 6.86 16.61
C MET B 712 -32.16 6.28 16.72
N TYR B 713 -32.96 6.77 17.68
CA TYR B 713 -34.27 6.19 17.95
C TYR B 713 -35.39 6.96 17.29
N GLY B 714 -35.09 7.81 16.31
CA GLY B 714 -36.11 8.52 15.58
C GLY B 714 -35.92 8.34 14.09
N GLY B 715 -36.85 8.88 13.34
CA GLY B 715 -36.74 8.85 11.90
C GLY B 715 -37.25 7.55 11.31
N ILE B 716 -36.80 7.30 10.08
CA ILE B 716 -37.29 6.16 9.32
C ILE B 716 -36.67 4.86 9.82
N ALA B 717 -35.36 4.86 10.04
CA ALA B 717 -34.70 3.71 10.64
C ALA B 717 -34.74 3.86 12.16
N ALA B 718 -35.93 3.70 12.73
CA ALA B 718 -36.14 3.84 14.16
C ALA B 718 -35.60 2.60 14.85
N ALA B 719 -34.94 2.81 15.99
CA ALA B 719 -34.17 1.76 16.61
C ALA B 719 -34.81 1.15 17.85
N SER B 720 -36.01 1.60 18.24
CA SER B 720 -36.89 0.91 19.20
C SER B 720 -36.25 0.78 20.59
N VAL B 721 -36.23 1.90 21.31
CA VAL B 721 -35.73 1.94 22.69
C VAL B 721 -36.48 0.95 23.58
N THR B 722 -37.76 0.70 23.28
CA THR B 722 -38.54 -0.18 24.15
C THR B 722 -38.24 -1.64 23.87
N LEU B 723 -38.01 -1.99 22.61
CA LEU B 723 -38.13 -3.38 22.16
C LEU B 723 -36.95 -4.23 22.60
N GLY B 724 -35.96 -3.63 23.24
CA GLY B 724 -34.91 -4.43 23.85
C GLY B 724 -35.36 -5.09 25.14
N ILE B 725 -35.69 -4.26 26.13
CA ILE B 725 -35.99 -4.77 27.46
C ILE B 725 -37.45 -5.22 27.57
N PHE B 726 -38.35 -4.59 26.81
CA PHE B 726 -39.76 -4.96 26.90
C PHE B 726 -40.07 -6.22 26.11
N GLY B 727 -39.09 -6.76 25.42
CA GLY B 727 -39.21 -8.06 24.79
C GLY B 727 -39.98 -7.99 23.48
N GLY B 728 -39.91 -9.10 22.75
CA GLY B 728 -40.57 -9.16 21.47
C GLY B 728 -42.08 -9.27 21.57
N GLN B 729 -42.57 -9.68 22.74
CA GLN B 729 -43.99 -9.66 23.04
C GLN B 729 -44.27 -8.54 24.02
N ALA B 730 -44.72 -7.40 23.50
CA ALA B 730 -44.88 -6.19 24.30
C ALA B 730 -46.21 -6.23 25.03
N GLY B 731 -46.66 -5.07 25.50
CA GLY B 731 -47.81 -4.98 26.36
C GLY B 731 -47.47 -4.73 27.80
N MET B 732 -46.18 -4.75 28.13
CA MET B 732 -45.73 -4.49 29.49
C MET B 732 -45.92 -3.02 29.80
N ALA B 733 -46.26 -2.72 31.07
CA ALA B 733 -46.91 -1.45 31.39
C ALA B 733 -45.94 -0.28 31.31
N THR B 734 -44.92 -0.28 32.16
CA THR B 734 -43.98 0.83 32.23
C THR B 734 -42.55 0.31 32.24
N TRP B 735 -41.61 1.26 32.24
CA TRP B 735 -40.21 0.93 32.45
C TRP B 735 -39.95 0.40 33.85
N SER B 736 -40.78 0.81 34.82
CA SER B 736 -40.57 0.38 36.19
C SER B 736 -40.91 -1.10 36.36
N VAL B 737 -42.00 -1.55 35.73
CA VAL B 737 -42.33 -2.97 35.82
C VAL B 737 -41.42 -3.77 34.89
N ALA B 738 -40.86 -3.12 33.86
CA ALA B 738 -39.90 -3.77 33.00
C ALA B 738 -38.60 -4.01 33.73
N MET B 739 -38.19 -3.04 34.53
CA MET B 739 -36.92 -3.18 35.22
C MET B 739 -37.06 -4.12 36.41
N ALA B 740 -38.24 -4.14 37.04
CA ALA B 740 -38.47 -5.12 38.09
C ALA B 740 -38.50 -6.53 37.54
N GLY B 741 -39.12 -6.71 36.37
CA GLY B 741 -39.08 -8.01 35.72
C GLY B 741 -37.70 -8.38 35.23
N ARG B 742 -36.89 -7.39 34.89
CA ARG B 742 -35.51 -7.67 34.51
C ARG B 742 -34.71 -8.16 35.70
N LEU B 743 -34.78 -7.43 36.83
CA LEU B 743 -34.03 -7.83 38.02
C LEU B 743 -34.48 -9.18 38.57
N ASN B 744 -35.73 -9.55 38.33
CA ASN B 744 -36.14 -10.93 38.59
C ASN B 744 -35.47 -11.89 37.62
N ALA B 745 -35.28 -11.48 36.37
CA ALA B 745 -34.74 -12.40 35.37
C ALA B 745 -33.26 -12.69 35.61
N LEU B 746 -32.45 -11.65 35.79
CA LEU B 746 -31.03 -11.90 36.04
C LEU B 746 -30.72 -12.18 37.50
N GLY B 747 -31.72 -12.28 38.36
CA GLY B 747 -31.52 -12.88 39.66
C GLY B 747 -30.84 -12.02 40.69
N VAL B 748 -31.08 -10.72 40.69
CA VAL B 748 -30.64 -9.90 41.81
C VAL B 748 -31.65 -9.93 42.92
N VAL B 749 -32.88 -9.52 42.64
CA VAL B 749 -33.95 -9.62 43.62
C VAL B 749 -35.23 -9.97 42.87
N GLN B 750 -36.00 -10.88 43.43
CA GLN B 750 -37.30 -11.15 42.84
C GLN B 750 -38.30 -10.15 43.37
N ASN B 751 -39.48 -10.12 42.73
CA ASN B 751 -40.67 -9.30 42.95
C ASN B 751 -40.36 -7.89 43.45
N ALA B 752 -39.46 -7.22 42.73
CA ALA B 752 -38.84 -5.99 43.19
C ALA B 752 -39.87 -4.87 43.28
N LEU B 753 -39.94 -4.24 44.46
CA LEU B 753 -40.93 -3.21 44.72
C LEU B 753 -40.44 -1.89 44.15
N VAL B 754 -41.09 -0.80 44.57
CA VAL B 754 -40.70 0.52 44.09
C VAL B 754 -39.34 0.93 44.63
N ASP B 755 -38.90 0.38 45.77
CA ASP B 755 -37.65 0.83 46.37
C ASP B 755 -36.45 0.35 45.57
N ASP B 756 -36.47 -0.90 45.12
CA ASP B 756 -35.33 -1.45 44.39
C ASP B 756 -35.24 -0.86 43.00
N VAL B 757 -36.39 -0.69 42.33
CA VAL B 757 -36.39 -0.08 41.00
C VAL B 757 -36.03 1.39 41.08
N ASN B 758 -36.49 2.12 42.10
CA ASN B 758 -36.15 3.52 42.20
C ASN B 758 -34.70 3.71 42.62
N LYS B 759 -34.14 2.77 43.38
CA LYS B 759 -32.71 2.82 43.66
C LYS B 759 -31.91 2.58 42.40
N LEU B 760 -32.37 1.66 41.55
CA LEU B 760 -31.73 1.45 40.26
C LEU B 760 -32.01 2.61 39.31
N ALA B 761 -33.09 3.35 39.56
CA ALA B 761 -33.42 4.48 38.72
C ALA B 761 -32.53 5.68 39.03
N ASN B 762 -32.36 5.98 40.31
CA ASN B 762 -31.44 7.03 40.71
C ASN B 762 -30.02 6.68 40.31
N GLY B 763 -29.67 5.40 40.39
CA GLY B 763 -28.40 4.95 39.87
C GLY B 763 -28.27 5.18 38.37
N PHE B 764 -29.33 4.85 37.62
CA PHE B 764 -29.34 5.00 36.17
C PHE B 764 -29.15 6.44 35.75
N ASN B 765 -29.95 7.35 36.31
CA ASN B 765 -29.92 8.73 35.87
C ASN B 765 -28.66 9.45 36.33
N GLN B 766 -28.20 9.18 37.56
CA GLN B 766 -26.97 9.82 38.02
C GLN B 766 -25.73 9.25 37.37
N LEU B 767 -25.83 8.12 36.68
CA LEU B 767 -24.71 7.56 35.95
C LEU B 767 -24.81 7.75 34.44
N THR B 768 -25.95 8.16 33.91
CA THR B 768 -26.02 8.59 32.52
C THR B 768 -26.18 10.10 32.38
N ALA B 769 -26.34 10.83 33.47
CA ALA B 769 -26.07 12.27 33.40
C ALA B 769 -24.58 12.54 33.53
N SER B 770 -23.80 11.53 33.88
CA SER B 770 -22.34 11.58 33.84
C SER B 770 -21.80 11.29 32.46
N VAL B 771 -22.64 11.32 31.42
CA VAL B 771 -22.16 11.35 30.05
C VAL B 771 -21.76 12.76 29.65
N SER B 772 -22.05 13.76 30.48
CA SER B 772 -21.63 15.11 30.18
C SER B 772 -20.30 15.43 30.84
N LYS B 773 -20.05 14.90 32.02
CA LYS B 773 -18.83 15.25 32.73
C LYS B 773 -17.70 14.24 32.49
N LEU B 774 -17.43 13.93 31.24
CA LEU B 774 -16.20 13.22 30.89
C LEU B 774 -15.56 13.90 29.69
N ALA B 775 -14.27 14.14 29.80
CA ALA B 775 -13.53 14.87 28.79
C ALA B 775 -12.95 13.88 27.78
N LEU B 776 -12.04 14.35 26.93
CA LEU B 776 -11.46 13.49 25.93
C LEU B 776 -10.46 12.51 26.54
N THR B 777 -9.52 13.03 27.32
CA THR B 777 -8.65 12.13 28.07
C THR B 777 -9.42 11.49 29.21
N THR B 778 -8.89 10.35 29.67
CA THR B 778 -9.50 9.49 30.70
C THR B 778 -10.95 9.11 30.34
N SER B 779 -11.17 8.79 29.08
CA SER B 779 -12.49 8.41 28.60
C SER B 779 -12.54 7.05 27.95
N SER B 780 -11.54 6.71 27.14
CA SER B 780 -11.31 5.46 26.42
C SER B 780 -12.32 5.19 25.32
N ALA B 781 -13.35 6.01 25.19
CA ALA B 781 -14.28 5.93 24.07
C ALA B 781 -14.50 7.27 23.41
N LEU B 782 -14.20 8.38 24.07
CA LEU B 782 -13.96 9.60 23.34
C LEU B 782 -12.57 9.62 22.72
N GLN B 783 -11.65 8.82 23.25
CA GLN B 783 -10.36 8.69 22.59
C GLN B 783 -10.49 7.91 21.29
N ALA B 784 -11.48 7.02 21.20
CA ALA B 784 -11.66 6.24 19.98
C ALA B 784 -12.31 7.07 18.88
N ILE B 785 -13.32 7.88 19.19
CA ILE B 785 -13.88 8.73 18.16
C ILE B 785 -12.91 9.84 17.77
N GLN B 786 -12.10 10.31 18.72
CA GLN B 786 -11.08 11.29 18.34
C GLN B 786 -9.97 10.63 17.53
N ALA B 787 -9.72 9.34 17.74
CA ALA B 787 -8.73 8.66 16.90
C ALA B 787 -9.25 8.46 15.49
N VAL B 788 -10.55 8.19 15.35
CA VAL B 788 -11.15 8.05 14.02
C VAL B 788 -11.18 9.39 13.30
N VAL B 789 -11.49 10.47 14.02
CA VAL B 789 -11.53 11.79 13.40
C VAL B 789 -10.11 12.25 13.02
N ASN B 790 -9.12 11.95 13.85
CA ASN B 790 -7.76 12.37 13.51
C ASN B 790 -7.18 11.55 12.37
N GLN B 791 -7.53 10.25 12.31
CA GLN B 791 -7.11 9.42 11.18
C GLN B 791 -7.73 9.91 9.89
N ASN B 792 -9.00 10.31 9.94
CA ASN B 792 -9.70 10.73 8.74
C ASN B 792 -9.21 12.11 8.28
N ALA B 793 -8.92 13.00 9.23
CA ALA B 793 -8.45 14.32 8.88
C ALA B 793 -7.03 14.28 8.35
N ALA B 794 -6.16 13.48 8.95
CA ALA B 794 -4.80 13.36 8.45
C ALA B 794 -4.76 12.70 7.08
N GLN B 795 -5.74 11.83 6.80
CA GLN B 795 -5.83 11.23 5.48
C GLN B 795 -6.20 12.26 4.42
N VAL B 796 -7.13 13.15 4.72
CA VAL B 796 -7.49 14.12 3.69
C VAL B 796 -6.45 15.24 3.58
N GLU B 797 -5.66 15.49 4.63
CA GLU B 797 -4.59 16.48 4.49
C GLU B 797 -3.41 15.91 3.72
N SER B 798 -3.17 14.61 3.80
CA SER B 798 -2.27 13.96 2.84
C SER B 798 -2.80 14.07 1.44
N LEU B 799 -4.11 13.87 1.27
CA LEU B 799 -4.72 13.84 -0.04
C LEU B 799 -4.79 15.22 -0.68
N VAL B 800 -4.64 16.28 0.12
CA VAL B 800 -4.61 17.65 -0.41
C VAL B 800 -3.17 18.14 -0.56
N SER B 801 -2.27 17.78 0.34
CA SER B 801 -0.86 18.10 0.15
C SER B 801 -0.26 17.35 -1.03
N GLY B 802 -0.88 16.26 -1.48
CA GLY B 802 -0.44 15.62 -2.70
C GLY B 802 -0.76 16.42 -3.94
N ILE B 803 -1.81 17.24 -3.90
CA ILE B 803 -2.16 18.01 -5.08
C ILE B 803 -1.60 19.43 -5.00
N THR B 804 -1.20 19.89 -3.82
CA THR B 804 -0.62 21.22 -3.74
C THR B 804 0.85 21.20 -4.15
N GLU B 805 1.62 20.24 -3.65
CA GLU B 805 3.06 20.31 -3.73
C GLU B 805 3.58 19.73 -5.04
N ASN B 806 4.51 20.48 -5.65
CA ASN B 806 5.35 19.92 -6.69
C ASN B 806 6.34 18.95 -6.09
N PHE B 807 6.51 17.81 -6.73
CA PHE B 807 7.33 16.74 -6.16
C PHE B 807 8.77 16.87 -6.64
N GLY B 808 9.30 18.06 -6.47
CA GLY B 808 10.56 18.39 -7.09
C GLY B 808 10.46 18.90 -8.50
N ALA B 809 9.28 18.86 -9.10
CA ALA B 809 9.08 19.44 -10.41
C ALA B 809 9.05 20.96 -10.29
N ILE B 810 9.21 21.63 -11.43
CA ILE B 810 9.38 23.09 -11.42
C ILE B 810 8.06 23.77 -11.08
N SER B 811 6.94 23.14 -11.40
CA SER B 811 5.63 23.69 -11.08
C SER B 811 4.64 22.54 -10.97
N THR B 812 3.38 22.90 -10.76
CA THR B 812 2.28 21.95 -10.73
C THR B 812 1.38 22.07 -11.94
N ASN B 813 1.70 22.95 -12.87
CA ASN B 813 0.96 23.09 -14.12
C ASN B 813 1.71 22.32 -15.20
N PHE B 814 1.01 21.40 -15.87
CA PHE B 814 1.70 20.59 -16.87
C PHE B 814 2.00 21.36 -18.13
N LYS B 815 1.25 22.43 -18.40
CA LYS B 815 1.60 23.28 -19.54
C LYS B 815 2.91 24.00 -19.30
N VAL B 816 3.11 24.54 -18.10
CA VAL B 816 4.32 25.28 -17.76
C VAL B 816 5.54 24.38 -17.80
N ILE B 817 5.39 23.13 -17.38
CA ILE B 817 6.48 22.18 -17.53
C ILE B 817 6.71 21.87 -18.99
N SER B 818 5.64 21.83 -19.79
CA SER B 818 5.79 21.49 -21.20
C SER B 818 6.35 22.66 -22.01
N GLN B 819 5.90 23.88 -21.75
CA GLN B 819 6.37 25.02 -22.53
C GLN B 819 7.70 25.58 -22.03
N ARG B 820 8.33 24.95 -21.06
CA ARG B 820 9.62 25.45 -20.60
C ARG B 820 10.77 24.52 -20.88
N LEU B 821 10.63 23.23 -20.63
CA LEU B 821 11.77 22.34 -20.63
C LEU B 821 11.88 21.58 -21.95
N ASP B 822 12.78 20.60 -21.97
CA ASP B 822 13.23 19.95 -23.19
C ASP B 822 12.12 19.05 -23.77
N LYS B 823 12.44 18.36 -24.86
CA LYS B 823 11.54 17.30 -25.31
C LYS B 823 11.60 16.13 -24.36
N LEU B 824 12.77 15.86 -23.78
CA LEU B 824 12.93 14.68 -22.95
C LEU B 824 13.18 14.99 -21.48
N GLU B 825 13.78 16.13 -21.16
CA GLU B 825 13.93 16.46 -19.75
C GLU B 825 12.61 16.94 -19.15
N ALA B 826 11.68 17.42 -19.98
CA ALA B 826 10.33 17.64 -19.48
C ALA B 826 9.59 16.34 -19.24
N ASP B 827 10.00 15.26 -19.89
CA ASP B 827 9.42 13.96 -19.58
C ASP B 827 9.85 13.50 -18.20
N VAL B 828 11.10 13.73 -17.83
CA VAL B 828 11.55 13.31 -16.51
C VAL B 828 11.10 14.30 -15.44
N GLN B 829 10.65 15.50 -15.81
CA GLN B 829 9.99 16.36 -14.86
C GLN B 829 8.50 16.08 -14.79
N MET B 830 7.89 15.59 -15.87
CA MET B 830 6.49 15.22 -15.84
C MET B 830 6.27 14.02 -14.95
N ASP B 831 7.06 12.96 -15.18
CA ASP B 831 6.97 11.71 -14.46
C ASP B 831 7.66 11.77 -13.11
N ARG B 832 7.89 12.96 -12.60
CA ARG B 832 8.29 13.12 -11.21
C ARG B 832 7.13 13.50 -10.33
N LEU B 833 6.14 14.23 -10.86
CA LEU B 833 4.97 14.57 -10.08
C LEU B 833 3.71 13.85 -10.53
N ILE B 834 3.66 13.35 -11.76
CA ILE B 834 2.52 12.51 -12.09
C ILE B 834 2.69 11.16 -11.40
N ASN B 835 3.93 10.75 -11.17
CA ASN B 835 4.26 9.55 -10.42
C ASN B 835 4.22 9.80 -8.92
N GLY B 836 3.95 11.02 -8.49
CA GLY B 836 3.87 11.33 -7.09
C GLY B 836 2.44 11.54 -6.67
N ARG B 837 1.65 12.17 -7.54
CA ARG B 837 0.21 12.21 -7.31
C ARG B 837 -0.42 10.85 -7.48
N MET B 838 0.18 10.01 -8.33
CA MET B 838 -0.17 8.59 -8.37
C MET B 838 0.05 7.91 -7.02
N ASN B 839 1.19 8.19 -6.38
CA ASN B 839 1.47 7.52 -5.11
C ASN B 839 0.59 8.04 -4.00
N VAL B 840 0.28 9.35 -3.99
CA VAL B 840 -0.59 9.90 -2.96
C VAL B 840 -2.01 9.37 -3.11
N LEU B 841 -2.49 9.27 -4.34
CA LEU B 841 -3.82 8.75 -4.59
C LEU B 841 -3.91 7.26 -4.25
N GLN B 842 -2.90 6.48 -4.62
CA GLN B 842 -2.96 5.05 -4.35
C GLN B 842 -2.76 4.76 -2.87
N LEU B 843 -2.00 5.61 -2.17
CA LEU B 843 -1.89 5.51 -0.72
C LEU B 843 -3.22 5.76 -0.06
N PHE B 844 -3.99 6.70 -0.60
CA PHE B 844 -5.33 6.92 -0.08
C PHE B 844 -6.24 5.74 -0.39
N VAL B 845 -6.14 5.17 -1.57
CA VAL B 845 -7.01 4.07 -1.97
C VAL B 845 -6.73 2.83 -1.12
N THR B 846 -5.46 2.58 -0.80
CA THR B 846 -5.20 1.44 0.06
C THR B 846 -5.53 1.72 1.53
N ASN B 847 -5.53 2.97 1.97
CA ASN B 847 -6.04 3.25 3.31
C ASN B 847 -7.54 3.07 3.37
N TYR B 848 -8.22 3.50 2.31
CA TYR B 848 -9.66 3.34 2.22
C TYR B 848 -10.04 1.87 2.16
N LYS B 849 -9.25 1.05 1.47
CA LYS B 849 -9.55 -0.37 1.37
C LYS B 849 -9.35 -1.09 2.68
N LEU B 850 -8.25 -0.81 3.39
CA LEU B 850 -8.03 -1.56 4.62
C LEU B 850 -9.02 -1.14 5.70
N LYS B 851 -9.47 0.11 5.66
CA LYS B 851 -10.49 0.47 6.63
C LYS B 851 -11.85 -0.09 6.24
N ILE B 852 -12.10 -0.33 4.95
CA ILE B 852 -13.30 -1.04 4.54
C ILE B 852 -13.26 -2.50 4.98
N ALA B 853 -12.09 -3.15 4.90
CA ALA B 853 -11.99 -4.54 5.35
C ALA B 853 -12.18 -4.65 6.86
N GLU B 854 -11.62 -3.70 7.61
CA GLU B 854 -11.90 -3.58 9.04
C GLU B 854 -13.39 -3.38 9.29
N LEU B 855 -14.04 -2.50 8.54
CA LEU B 855 -15.45 -2.23 8.78
C LEU B 855 -16.35 -3.37 8.35
N ARG B 856 -15.91 -4.23 7.43
CA ARG B 856 -16.73 -5.39 7.10
C ARG B 856 -16.86 -6.31 8.28
N ASN B 857 -15.74 -6.67 8.89
CA ASN B 857 -15.88 -7.59 9.99
C ASN B 857 -16.31 -6.90 11.27
N THR B 858 -16.08 -5.59 11.39
CA THR B 858 -16.64 -4.86 12.51
C THR B 858 -18.16 -4.80 12.42
N HIS B 859 -18.72 -4.68 11.22
CA HIS B 859 -20.18 -4.70 11.14
C HIS B 859 -20.74 -6.07 11.43
N ARG B 860 -19.97 -7.14 11.22
CA ARG B 860 -20.43 -8.43 11.71
C ARG B 860 -20.48 -8.42 13.23
N TYR B 861 -19.52 -7.76 13.87
CA TYR B 861 -19.56 -7.62 15.32
C TYR B 861 -20.66 -6.67 15.77
N VAL B 862 -20.89 -5.60 15.03
CA VAL B 862 -21.89 -4.61 15.43
C VAL B 862 -23.30 -5.16 15.26
N GLN B 863 -23.54 -5.92 14.20
CA GLN B 863 -24.85 -6.58 14.05
C GLN B 863 -25.06 -7.61 15.14
N SER B 864 -24.07 -8.46 15.39
CA SER B 864 -24.20 -9.43 16.46
C SER B 864 -24.18 -8.81 17.84
N LEU B 865 -23.86 -7.54 17.97
CA LEU B 865 -23.98 -6.85 19.23
C LEU B 865 -25.32 -6.15 19.39
N ILE B 866 -25.87 -5.57 18.32
CA ILE B 866 -27.14 -4.86 18.45
C ILE B 866 -28.28 -5.85 18.67
N ASN B 867 -28.42 -6.85 17.81
CA ASN B 867 -29.59 -7.71 17.95
C ASN B 867 -29.30 -8.93 18.80
N GLU B 868 -28.39 -8.79 19.76
CA GLU B 868 -28.17 -9.79 20.79
C GLU B 868 -27.92 -9.18 22.15
N CYS B 869 -27.47 -7.94 22.23
CA CYS B 869 -27.29 -7.27 23.50
C CYS B 869 -28.21 -6.08 23.67
N VAL B 870 -28.50 -5.36 22.58
CA VAL B 870 -29.42 -4.23 22.66
C VAL B 870 -30.85 -4.69 22.53
N TYR B 871 -31.11 -5.63 21.63
CA TYR B 871 -32.47 -6.08 21.37
C TYR B 871 -32.88 -7.29 22.19
N ALA B 872 -31.99 -8.26 22.35
CA ALA B 872 -32.26 -9.36 23.26
C ALA B 872 -31.52 -9.09 24.55
N GLN B 873 -31.51 -10.06 25.46
CA GLN B 873 -30.66 -10.03 26.62
C GLN B 873 -29.73 -11.22 26.54
N SER B 874 -28.43 -10.94 26.46
CA SER B 874 -27.44 -11.96 26.13
C SER B 874 -27.12 -12.83 27.34
N LEU B 875 -27.05 -14.14 27.09
CA LEU B 875 -26.54 -15.07 28.09
C LEU B 875 -25.03 -15.08 28.17
N ARG B 876 -24.37 -14.43 27.21
CA ARG B 876 -22.92 -14.42 27.17
C ARG B 876 -22.38 -13.52 28.27
N ASN B 877 -21.20 -13.85 28.78
CA ASN B 877 -20.70 -13.16 29.96
C ASN B 877 -20.15 -11.79 29.59
N GLY B 878 -19.05 -11.74 28.87
CA GLY B 878 -18.41 -10.47 28.67
C GLY B 878 -18.79 -9.79 27.40
N PHE B 879 -19.75 -10.33 26.67
CA PHE B 879 -20.07 -9.79 25.36
C PHE B 879 -20.78 -8.45 25.49
N CYS B 880 -21.78 -8.38 26.36
CA CYS B 880 -22.44 -7.10 26.60
C CYS B 880 -21.57 -6.16 27.42
N GLY B 881 -21.27 -6.54 28.64
CA GLY B 881 -20.56 -5.64 29.53
C GLY B 881 -19.89 -6.44 30.62
N GLN B 882 -19.46 -5.72 31.64
CA GLN B 882 -18.83 -6.37 32.78
C GLN B 882 -19.88 -6.93 33.73
N GLY B 883 -20.00 -8.24 33.77
CA GLY B 883 -20.86 -8.84 34.75
C GLY B 883 -22.32 -8.87 34.36
N LEU B 884 -23.17 -8.82 35.39
CA LEU B 884 -24.60 -8.98 35.26
C LEU B 884 -25.22 -7.86 34.45
N HIS B 885 -25.96 -8.22 33.42
CA HIS B 885 -26.39 -7.27 32.40
C HIS B 885 -27.82 -6.81 32.64
N VAL B 886 -28.03 -5.50 32.58
CA VAL B 886 -29.34 -4.93 32.84
C VAL B 886 -29.98 -4.41 31.56
N LEU B 887 -29.31 -3.47 30.90
CA LEU B 887 -29.93 -2.71 29.83
C LEU B 887 -28.81 -2.13 29.00
N SER B 888 -29.01 -2.03 27.68
CA SER B 888 -27.96 -1.54 26.82
C SER B 888 -28.55 -0.73 25.68
N LEU B 889 -28.36 0.58 25.74
CA LEU B 889 -28.85 1.49 24.72
C LEU B 889 -27.71 1.77 23.76
N MET B 890 -28.05 2.19 22.56
CA MET B 890 -27.08 2.54 21.54
C MET B 890 -27.40 3.94 21.04
N GLN B 891 -26.36 4.72 20.77
CA GLN B 891 -26.52 6.03 20.19
C GLN B 891 -25.57 6.20 19.02
N ASN B 892 -25.82 7.22 18.23
CA ASN B 892 -24.95 7.53 17.12
C ASN B 892 -23.73 8.29 17.62
N ALA B 893 -22.76 8.44 16.74
CA ALA B 893 -21.41 8.89 17.06
C ALA B 893 -20.83 9.42 15.76
N PRO B 894 -19.71 10.16 15.79
CA PRO B 894 -19.10 10.53 14.51
C PRO B 894 -18.46 9.30 13.88
N SER B 895 -18.84 9.01 12.63
CA SER B 895 -18.37 7.89 11.83
C SER B 895 -18.62 6.54 12.48
N GLY B 896 -19.55 6.44 13.43
CA GLY B 896 -19.71 5.19 14.13
C GLY B 896 -20.97 5.07 14.95
N ILE B 897 -20.95 4.13 15.90
CA ILE B 897 -22.07 3.90 16.81
C ILE B 897 -21.46 3.59 18.18
N MET B 898 -22.14 4.02 19.23
CA MET B 898 -21.60 3.85 20.58
C MET B 898 -22.68 3.32 21.50
N PHE B 899 -22.35 2.28 22.25
CA PHE B 899 -23.30 1.53 23.06
C PHE B 899 -23.16 1.94 24.51
N PHE B 900 -24.27 1.94 25.23
CA PHE B 900 -24.29 2.27 26.65
C PHE B 900 -24.71 1.03 27.43
N HIS B 901 -23.75 0.17 27.73
CA HIS B 901 -24.04 -1.08 28.41
C HIS B 901 -24.13 -0.84 29.90
N TYR B 902 -25.33 -0.89 30.45
CA TYR B 902 -25.54 -0.79 31.89
C TYR B 902 -25.42 -2.17 32.49
N SER B 903 -24.68 -2.29 33.59
CA SER B 903 -24.38 -3.60 34.14
C SER B 903 -24.49 -3.55 35.66
N LEU B 904 -24.19 -4.67 36.31
CA LEU B 904 -24.18 -4.73 37.77
C LEU B 904 -22.93 -5.46 38.24
N ILE B 905 -21.85 -4.73 38.38
CA ILE B 905 -20.68 -5.28 39.06
C ILE B 905 -20.95 -5.30 40.55
N PRO B 906 -20.78 -6.43 41.23
CA PRO B 906 -20.91 -6.48 42.68
C PRO B 906 -19.64 -6.00 43.36
N ASN B 907 -19.81 -5.48 44.57
CA ASN B 907 -18.59 -5.06 45.25
C ASN B 907 -18.40 -5.65 46.63
N ASN B 908 -19.45 -5.76 47.45
CA ASN B 908 -19.31 -6.24 48.82
C ASN B 908 -19.75 -7.69 48.88
N THR B 909 -18.80 -8.59 48.90
CA THR B 909 -19.11 -9.99 49.11
C THR B 909 -19.38 -10.23 50.59
N ILE B 910 -20.23 -11.22 50.87
CA ILE B 910 -20.39 -11.75 52.21
C ILE B 910 -20.35 -13.26 52.12
N THR B 911 -19.51 -13.89 52.92
CA THR B 911 -19.32 -15.32 52.83
C THR B 911 -20.37 -16.02 53.67
N VAL B 912 -21.10 -16.93 53.07
CA VAL B 912 -22.18 -17.66 53.71
C VAL B 912 -21.99 -19.14 53.44
N LYS B 913 -22.93 -19.94 53.91
CA LYS B 913 -22.94 -21.37 53.65
C LYS B 913 -24.07 -21.69 52.70
N THR B 914 -23.85 -22.63 51.78
CA THR B 914 -24.81 -22.89 50.72
C THR B 914 -24.90 -24.37 50.41
N THR B 915 -26.07 -24.95 50.64
CA THR B 915 -26.38 -26.30 50.24
C THR B 915 -27.07 -26.26 48.90
N PRO B 916 -27.16 -27.38 48.17
CA PRO B 916 -28.23 -27.47 47.19
C PRO B 916 -29.59 -27.54 47.83
N GLY B 917 -29.76 -28.34 48.88
CA GLY B 917 -31.05 -28.48 49.53
C GLY B 917 -30.93 -29.13 50.90
N LEU B 918 -32.07 -29.22 51.59
CA LEU B 918 -32.13 -29.68 52.97
C LEU B 918 -32.96 -30.94 53.09
N CYS B 919 -32.48 -31.89 53.89
CA CYS B 919 -33.23 -33.09 54.24
C CYS B 919 -33.43 -33.12 55.74
N GLU B 920 -34.47 -33.81 56.21
CA GLU B 920 -34.57 -34.09 57.63
C GLU B 920 -34.18 -35.52 57.98
N SER B 921 -34.35 -36.46 57.05
CA SER B 921 -34.18 -37.87 57.35
C SER B 921 -33.06 -38.41 56.48
N ASP B 922 -32.31 -39.37 57.02
CA ASP B 922 -31.18 -39.93 56.30
C ASP B 922 -31.63 -40.93 55.23
N GLU B 923 -32.90 -41.35 55.26
CA GLU B 923 -33.35 -42.42 54.39
C GLU B 923 -33.51 -41.93 52.95
N LEU B 924 -33.12 -42.78 52.00
CA LEU B 924 -33.46 -42.53 50.61
C LEU B 924 -34.96 -42.62 50.44
N GLY B 925 -35.53 -41.60 49.81
CA GLY B 925 -36.97 -41.47 49.79
C GLY B 925 -37.53 -40.61 50.90
N SER B 926 -36.71 -39.78 51.53
CA SER B 926 -37.23 -38.85 52.53
C SER B 926 -37.82 -37.63 51.85
N LYS B 927 -38.62 -36.89 52.62
CA LYS B 927 -39.09 -35.59 52.19
C LYS B 927 -37.93 -34.60 52.17
N CYS B 928 -37.61 -34.08 51.00
CA CYS B 928 -36.50 -33.13 50.85
C CYS B 928 -36.92 -31.98 49.97
N ILE B 929 -36.23 -30.85 50.16
CA ILE B 929 -36.65 -29.58 49.57
C ILE B 929 -35.46 -28.88 48.92
N VAL B 930 -35.77 -28.03 47.95
CA VAL B 930 -34.79 -27.22 47.24
C VAL B 930 -35.44 -25.85 47.04
N ALA B 931 -34.62 -24.84 46.78
CA ALA B 931 -35.13 -23.48 46.67
C ALA B 931 -35.78 -23.24 45.31
N LYS B 932 -36.80 -22.40 45.30
CA LYS B 932 -37.47 -21.98 44.08
C LYS B 932 -36.91 -20.64 43.62
N ASP B 933 -36.19 -20.66 42.50
CA ASP B 933 -35.58 -19.47 41.87
C ASP B 933 -34.65 -18.75 42.84
N GLY B 934 -33.75 -19.51 43.44
CA GLY B 934 -32.83 -18.93 44.41
C GLY B 934 -31.91 -19.99 44.95
N VAL B 935 -31.12 -19.60 45.94
CA VAL B 935 -30.19 -20.51 46.58
C VAL B 935 -30.47 -20.56 48.07
N LEU B 936 -30.22 -21.72 48.67
CA LEU B 936 -30.38 -21.88 50.10
C LEU B 936 -29.10 -21.45 50.80
N VAL B 937 -29.25 -20.75 51.92
CA VAL B 937 -28.17 -19.93 52.43
C VAL B 937 -28.24 -19.89 53.95
N SER B 938 -27.07 -19.87 54.59
CA SER B 938 -26.99 -19.59 56.01
C SER B 938 -25.73 -18.79 56.29
N ALA B 939 -25.88 -17.67 56.99
CA ALA B 939 -24.77 -16.77 57.27
C ALA B 939 -24.01 -17.20 58.52
N ASN B 940 -23.42 -18.40 58.43
CA ASN B 940 -22.85 -19.13 59.57
C ASN B 940 -23.86 -19.22 60.72
N LEU B 941 -25.11 -19.47 60.36
CA LEU B 941 -26.24 -19.34 61.25
C LEU B 941 -26.84 -20.73 61.47
N SER B 942 -27.61 -20.87 62.55
CA SER B 942 -28.08 -22.18 62.97
C SER B 942 -29.08 -22.81 62.01
N TYR B 943 -29.75 -22.02 61.18
CA TYR B 943 -30.78 -22.52 60.30
C TYR B 943 -30.61 -21.92 58.92
N TRP B 944 -31.27 -22.53 57.94
CA TRP B 944 -31.08 -22.20 56.55
C TRP B 944 -32.15 -21.23 56.07
N GLN B 945 -31.81 -20.48 55.03
CA GLN B 945 -32.60 -19.36 54.57
C GLN B 945 -32.61 -19.36 53.05
N TRP B 946 -33.35 -18.43 52.48
CA TRP B 946 -33.48 -18.31 51.03
C TRP B 946 -32.92 -16.98 50.57
N SER B 947 -32.21 -17.01 49.44
CA SER B 947 -31.65 -15.79 48.86
C SER B 947 -31.58 -15.97 47.35
N PRO B 948 -31.70 -14.89 46.58
CA PRO B 948 -31.61 -15.00 45.12
C PRO B 948 -30.21 -15.41 44.67
N ARG B 949 -30.13 -15.73 43.38
CA ARG B 949 -28.95 -16.41 42.83
C ARG B 949 -27.71 -15.54 42.85
N ASN B 950 -27.88 -14.23 42.74
CA ASN B 950 -26.75 -13.34 42.57
C ASN B 950 -26.70 -12.23 43.60
N LEU B 951 -27.54 -12.27 44.63
CA LEU B 951 -27.55 -11.20 45.62
C LEU B 951 -28.10 -11.75 46.91
N TYR B 952 -27.61 -11.22 48.03
CA TYR B 952 -27.91 -11.75 49.35
C TYR B 952 -28.93 -10.86 50.04
N LYS B 953 -30.21 -11.25 49.91
CA LYS B 953 -31.28 -10.74 50.77
C LYS B 953 -31.91 -11.97 51.39
N PRO B 954 -31.46 -12.37 52.58
CA PRO B 954 -31.90 -13.65 53.14
C PRO B 954 -33.32 -13.60 53.65
N GLU B 955 -34.06 -14.67 53.40
CA GLU B 955 -35.44 -14.77 53.85
C GLU B 955 -35.64 -16.12 54.50
N ASN B 956 -36.50 -16.15 55.53
CA ASN B 956 -36.96 -17.41 56.08
C ASN B 956 -37.71 -18.19 55.01
N LEU B 957 -37.32 -19.44 54.83
CA LEU B 957 -37.88 -20.24 53.76
C LEU B 957 -39.31 -20.63 54.10
N THR B 958 -40.19 -20.45 53.14
CA THR B 958 -41.62 -20.68 53.31
C THR B 958 -42.07 -21.71 52.27
N PHE B 959 -43.39 -21.84 52.14
CA PHE B 959 -43.92 -22.66 51.07
C PHE B 959 -43.72 -22.02 49.70
N ALA B 960 -43.57 -20.70 49.65
CA ALA B 960 -43.58 -19.99 48.38
C ALA B 960 -42.27 -20.18 47.63
N ASN B 961 -41.15 -20.17 48.32
CA ASN B 961 -39.83 -20.13 47.71
C ASN B 961 -39.07 -21.44 47.83
N VAL B 962 -39.80 -22.55 47.90
CA VAL B 962 -39.22 -23.86 48.20
C VAL B 962 -39.92 -24.91 47.34
N ILE B 963 -39.13 -25.72 46.64
CA ILE B 963 -39.63 -26.83 45.83
C ILE B 963 -39.21 -28.12 46.52
N ALA B 964 -40.17 -29.02 46.73
CA ALA B 964 -39.88 -30.31 47.35
C ALA B 964 -39.59 -31.34 46.26
N VAL B 965 -38.42 -31.99 46.30
CA VAL B 965 -38.12 -32.92 45.23
C VAL B 965 -37.72 -34.35 45.64
N SER B 966 -36.50 -34.54 46.18
CA SER B 966 -35.87 -35.86 46.14
C SER B 966 -34.56 -35.93 46.91
N ARG B 967 -33.89 -37.08 46.81
CA ARG B 967 -32.59 -37.28 47.45
C ARG B 967 -31.56 -37.46 46.33
N GLY B 968 -31.60 -36.57 45.34
CA GLY B 968 -30.79 -36.70 44.14
C GLY B 968 -29.29 -36.66 44.36
N ALA B 969 -28.74 -35.50 44.69
CA ALA B 969 -27.36 -35.45 45.13
C ALA B 969 -27.33 -35.65 46.64
N ASN B 970 -26.17 -35.46 47.27
CA ASN B 970 -26.20 -35.51 48.73
C ASN B 970 -26.55 -34.12 49.24
N TYR B 971 -27.84 -33.93 49.48
CA TYR B 971 -28.29 -32.74 50.16
C TYR B 971 -27.91 -32.82 51.64
N THR B 972 -28.07 -31.71 52.34
CA THR B 972 -27.63 -31.62 53.73
C THR B 972 -28.78 -31.98 54.66
N THR B 973 -28.56 -33.00 55.49
CA THR B 973 -29.54 -33.34 56.51
C THR B 973 -29.39 -32.38 57.69
N LEU B 974 -30.44 -31.64 58.00
CA LEU B 974 -30.34 -30.75 59.15
C LEU B 974 -30.87 -31.38 60.43
N ASN B 975 -31.34 -32.63 60.36
CA ASN B 975 -31.76 -33.44 61.50
C ASN B 975 -32.86 -32.79 62.34
N LYS B 976 -33.78 -32.11 61.67
CA LYS B 976 -34.99 -31.65 62.34
C LYS B 976 -36.10 -31.52 61.29
N THR B 977 -37.32 -31.73 61.74
CA THR B 977 -38.49 -31.68 60.89
C THR B 977 -38.78 -30.24 60.48
N PHE B 978 -39.65 -30.10 59.48
CA PHE B 978 -39.89 -28.81 58.85
C PHE B 978 -40.72 -27.89 59.73
N ASP B 979 -40.61 -26.59 59.44
CA ASP B 979 -41.46 -25.57 60.04
C ASP B 979 -42.48 -25.03 59.05
N ILE B 980 -42.62 -25.66 57.89
CA ILE B 980 -43.47 -25.19 56.82
C ILE B 980 -44.42 -26.31 56.44
N PRO B 981 -45.74 -26.07 56.36
CA PRO B 981 -46.74 -27.05 55.93
C PRO B 981 -46.53 -27.58 54.50
N GLY C 1 36.79 -36.47 -15.77
CA GLY C 1 37.01 -36.68 -17.18
C GLY C 1 38.39 -36.26 -17.64
N CYS C 2 39.14 -35.61 -16.74
CA CYS C 2 40.48 -35.16 -17.03
C CYS C 2 41.43 -35.68 -15.97
N GLU C 3 42.72 -35.40 -16.19
CA GLU C 3 43.75 -35.94 -15.29
C GLU C 3 43.75 -35.22 -13.96
N SER C 4 44.02 -33.93 -13.97
CA SER C 4 44.15 -33.14 -12.75
C SER C 4 43.44 -31.82 -12.96
N VAL C 5 42.20 -31.74 -12.49
CA VAL C 5 41.45 -30.50 -12.42
C VAL C 5 40.99 -30.34 -10.98
N ASP C 6 41.43 -29.28 -10.32
CA ASP C 6 41.05 -29.02 -8.94
C ASP C 6 39.64 -28.43 -8.96
N PHE C 7 38.72 -29.11 -8.28
CA PHE C 7 37.37 -28.60 -8.13
C PHE C 7 37.11 -28.02 -6.74
N ASN C 8 37.86 -28.46 -5.74
CA ASN C 8 37.65 -27.96 -4.39
C ASN C 8 38.06 -26.51 -4.26
N LEU C 9 38.99 -26.05 -5.09
CA LEU C 9 39.53 -24.71 -4.97
C LEU C 9 39.01 -23.76 -6.04
N PHE C 10 37.83 -24.01 -6.58
CA PHE C 10 37.12 -22.95 -7.29
C PHE C 10 36.65 -21.88 -6.32
N ASN C 11 36.33 -22.25 -5.09
CA ASN C 11 35.73 -21.36 -4.11
C ASN C 11 36.64 -20.24 -3.65
N THR C 12 37.92 -20.25 -4.01
CA THR C 12 38.80 -19.15 -3.69
C THR C 12 38.60 -17.97 -4.62
N ILE C 13 37.78 -18.10 -5.66
CA ILE C 13 37.63 -17.05 -6.66
C ILE C 13 36.23 -16.44 -6.65
N PHE C 14 35.26 -17.08 -6.02
CA PHE C 14 33.91 -16.54 -6.02
C PHE C 14 33.81 -15.42 -5.00
N SER C 15 33.06 -14.39 -5.35
CA SER C 15 32.88 -13.27 -4.44
C SER C 15 31.48 -12.73 -4.58
N THR C 16 30.82 -12.51 -3.45
CA THR C 16 29.50 -11.89 -3.44
C THR C 16 29.66 -10.38 -3.57
N HIS C 17 28.58 -9.63 -3.42
CA HIS C 17 28.68 -8.18 -3.59
C HIS C 17 29.35 -7.53 -2.38
N ARG C 18 28.78 -7.70 -1.18
CA ARG C 18 29.29 -6.98 0.00
C ARG C 18 29.18 -7.88 1.25
N GLY C 19 30.30 -8.49 1.59
CA GLY C 19 30.61 -9.21 2.82
C GLY C 19 29.54 -10.03 3.51
N LEU C 20 28.71 -10.73 2.76
CA LEU C 20 27.60 -11.45 3.36
C LEU C 20 28.15 -12.65 4.11
N SER C 21 27.85 -12.75 5.40
CA SER C 21 28.67 -13.58 6.29
C SER C 21 28.37 -15.06 6.17
N ASN C 22 27.20 -15.49 6.62
CA ASN C 22 27.12 -16.85 7.10
C ASN C 22 25.96 -17.59 6.48
N THR C 23 25.26 -16.98 5.53
CA THR C 23 24.17 -17.60 4.80
C THR C 23 24.52 -17.63 3.32
N THR C 24 23.70 -18.35 2.56
CA THR C 24 24.00 -18.52 1.15
C THR C 24 23.66 -17.24 0.37
N SER C 25 24.05 -17.24 -0.90
CA SER C 25 23.74 -16.18 -1.84
C SER C 25 24.01 -16.71 -3.24
N VAL C 26 23.17 -16.31 -4.18
CA VAL C 26 23.43 -16.60 -5.58
C VAL C 26 24.03 -15.35 -6.20
N ILE C 27 24.99 -15.54 -7.10
CA ILE C 27 25.68 -14.45 -7.76
C ILE C 27 25.89 -14.83 -9.22
N THR C 28 25.57 -13.89 -10.10
CA THR C 28 25.61 -14.12 -11.54
C THR C 28 26.85 -13.44 -12.10
N GLY C 29 27.48 -14.08 -13.08
CA GLY C 29 28.62 -13.50 -13.75
C GLY C 29 29.35 -14.53 -14.56
N ALA C 30 30.42 -14.08 -15.20
CA ALA C 30 31.30 -14.99 -15.92
C ALA C 30 32.16 -15.75 -14.94
N TYR C 31 31.95 -17.05 -14.86
CA TYR C 31 32.60 -17.91 -13.89
C TYR C 31 33.04 -19.18 -14.62
N PRO C 32 34.07 -19.88 -14.11
CA PRO C 32 34.65 -20.99 -14.89
C PRO C 32 33.72 -22.19 -15.00
N SER C 33 34.13 -23.15 -15.83
CA SER C 33 33.21 -24.17 -16.30
C SER C 33 33.17 -25.40 -15.41
N THR C 34 32.12 -26.20 -15.58
CA THR C 34 32.01 -27.50 -14.91
C THR C 34 32.78 -28.56 -15.70
N ASN C 35 32.88 -28.34 -17.02
CA ASN C 35 33.26 -29.35 -17.99
C ASN C 35 34.71 -29.78 -17.78
N LYS C 36 34.91 -31.09 -17.62
CA LYS C 36 36.26 -31.60 -17.43
C LYS C 36 37.06 -31.56 -18.73
N SER C 37 36.39 -31.34 -19.86
CA SER C 37 37.09 -31.30 -21.14
C SER C 37 37.58 -29.91 -21.46
N ASP C 38 36.95 -28.87 -20.90
CA ASP C 38 37.30 -27.51 -21.29
C ASP C 38 38.63 -27.07 -20.67
N TRP C 39 38.99 -27.67 -19.55
CA TRP C 39 40.34 -27.53 -19.06
C TRP C 39 41.26 -28.48 -19.82
N SER C 40 42.52 -28.07 -20.00
CA SER C 40 43.45 -28.88 -20.77
C SER C 40 43.88 -30.13 -20.01
N CYS C 41 44.28 -31.17 -20.74
CA CYS C 41 44.64 -32.43 -20.10
C CYS C 41 45.99 -32.92 -20.61
N LEU C 48 51.88 -25.65 -24.63
CA LEU C 48 50.47 -26.00 -24.80
C LEU C 48 49.65 -24.76 -25.12
N SER C 49 49.82 -24.26 -26.34
CA SER C 49 49.18 -23.02 -26.76
C SER C 49 47.69 -23.23 -26.96
N GLY C 50 46.88 -22.34 -26.42
CA GLY C 50 45.44 -22.44 -26.51
C GLY C 50 44.84 -21.25 -27.21
N SER C 51 43.92 -21.52 -28.13
CA SER C 51 43.16 -20.49 -28.82
C SER C 51 41.68 -20.78 -28.65
N GLY C 52 40.90 -19.73 -28.47
CA GLY C 52 39.47 -19.89 -28.30
C GLY C 52 38.81 -18.56 -28.16
N PHE C 53 37.49 -18.56 -28.26
CA PHE C 53 36.68 -17.37 -28.14
C PHE C 53 35.81 -17.46 -26.89
N GLY C 54 35.54 -16.31 -26.30
CA GLY C 54 34.72 -16.29 -25.10
C GLY C 54 34.74 -14.94 -24.45
N ILE C 55 34.24 -14.90 -23.21
CA ILE C 55 34.20 -13.69 -22.42
C ILE C 55 34.85 -13.99 -21.07
N GLY C 56 36.16 -13.81 -21.00
CA GLY C 56 36.92 -14.11 -19.82
C GLY C 56 37.64 -15.42 -19.93
N LEU C 57 38.53 -15.65 -18.97
CA LEU C 57 39.22 -16.93 -18.85
C LEU C 57 39.69 -17.13 -17.42
N TYR C 58 40.10 -18.35 -17.13
CA TYR C 58 40.45 -18.76 -15.77
C TYR C 58 41.52 -19.84 -15.86
N VAL C 59 42.55 -19.73 -15.05
CA VAL C 59 43.55 -20.80 -14.94
C VAL C 59 43.81 -21.07 -13.47
N GLN C 60 44.48 -22.19 -13.21
CA GLN C 60 45.16 -22.38 -11.94
C GLN C 60 46.48 -23.09 -12.21
N THR C 61 47.14 -23.53 -11.15
CA THR C 61 48.35 -24.30 -11.31
C THR C 61 48.43 -25.41 -10.27
N PRO C 62 48.87 -26.60 -10.66
CA PRO C 62 49.01 -27.70 -9.70
C PRO C 62 50.32 -27.64 -8.94
N ARG C 63 50.62 -28.71 -8.20
CA ARG C 63 51.92 -28.90 -7.59
C ARG C 63 53.05 -28.89 -8.61
N TYR C 76 52.88 -18.86 -18.17
CA TYR C 76 51.56 -18.40 -18.62
C TYR C 76 51.67 -17.03 -19.27
N THR C 77 51.67 -16.98 -20.59
CA THR C 77 51.65 -15.71 -21.31
C THR C 77 50.31 -15.65 -22.05
N ILE C 78 49.36 -14.97 -21.44
CA ILE C 78 47.97 -15.00 -21.86
C ILE C 78 47.61 -13.73 -22.61
N ALA C 79 47.22 -13.87 -23.88
CA ALA C 79 46.96 -12.74 -24.76
C ALA C 79 45.45 -12.62 -25.03
N VAL C 80 44.92 -11.42 -24.82
CA VAL C 80 43.50 -11.13 -25.01
C VAL C 80 43.37 -9.97 -25.98
N SER C 81 42.63 -10.16 -27.06
CA SER C 81 42.56 -9.17 -28.12
C SER C 81 41.17 -9.22 -28.73
N PRO C 82 40.78 -8.19 -29.47
CA PRO C 82 39.60 -8.31 -30.34
C PRO C 82 39.96 -9.04 -31.63
N ILE C 83 38.97 -9.19 -32.51
CA ILE C 83 39.23 -9.83 -33.80
C ILE C 83 39.92 -8.87 -34.74
N HIS C 84 39.25 -7.77 -35.11
CA HIS C 84 39.81 -6.77 -36.00
C HIS C 84 40.63 -5.79 -35.18
N VAL C 85 41.94 -5.80 -35.38
CA VAL C 85 42.84 -4.89 -34.70
C VAL C 85 43.24 -3.78 -35.67
N THR C 86 43.11 -2.54 -35.21
CA THR C 86 43.57 -1.38 -35.95
C THR C 86 44.70 -0.71 -35.19
N ASN C 87 45.10 0.47 -35.68
CA ASN C 87 46.18 1.21 -35.04
C ASN C 87 45.78 1.67 -33.63
N LEU C 88 44.53 2.04 -33.43
CA LEU C 88 44.05 2.46 -32.12
C LEU C 88 42.97 1.47 -31.67
N THR C 89 43.39 0.46 -30.92
CA THR C 89 42.49 -0.45 -30.24
C THR C 89 43.00 -0.62 -28.82
N TRP C 90 42.44 -1.60 -28.11
CA TRP C 90 42.90 -1.95 -26.78
C TRP C 90 42.90 -3.46 -26.62
N GLU C 91 44.01 -3.99 -26.15
CA GLU C 91 44.19 -5.42 -25.93
C GLU C 91 44.75 -5.61 -24.53
N LEU C 92 45.12 -6.84 -24.19
CA LEU C 92 46.05 -7.03 -23.09
C LEU C 92 46.90 -8.27 -23.35
N TRP C 93 48.01 -8.35 -22.62
CA TRP C 93 48.65 -9.64 -22.44
C TRP C 93 49.35 -9.65 -21.09
N ILE C 94 49.22 -10.80 -20.42
CA ILE C 94 49.85 -11.03 -19.13
C ILE C 94 51.09 -11.88 -19.41
N HIS C 95 52.11 -11.69 -18.59
CA HIS C 95 53.43 -12.24 -18.87
C HIS C 95 53.91 -13.04 -17.68
N ARG C 96 54.48 -14.23 -17.94
CA ARG C 96 55.14 -15.01 -16.91
C ARG C 96 56.43 -15.61 -17.45
N LYS C 97 57.46 -15.68 -16.59
CA LYS C 97 58.68 -16.40 -16.88
C LYS C 97 59.16 -17.09 -15.61
N TRP C 98 59.04 -18.42 -15.59
CA TRP C 98 59.74 -19.30 -14.65
C TRP C 98 59.35 -19.07 -13.19
N GLY C 99 58.11 -18.62 -13.00
CA GLY C 99 57.57 -18.57 -11.65
C GLY C 99 58.05 -17.37 -10.87
N VAL C 100 58.69 -17.65 -9.73
CA VAL C 100 58.90 -16.63 -8.71
C VAL C 100 60.03 -15.69 -9.11
N ASN C 101 60.86 -16.10 -10.08
CA ASN C 101 61.95 -15.26 -10.56
C ASN C 101 61.44 -14.03 -11.30
N SER C 102 60.55 -14.24 -12.28
CA SER C 102 59.95 -13.16 -13.06
C SER C 102 58.44 -13.41 -13.10
N VAL C 103 57.70 -12.78 -12.17
CA VAL C 103 56.40 -13.31 -11.82
C VAL C 103 55.33 -12.86 -12.82
N VAL C 104 55.00 -11.57 -12.87
CA VAL C 104 53.86 -11.11 -13.67
C VAL C 104 53.97 -9.62 -13.99
N THR C 105 53.77 -9.27 -15.25
CA THR C 105 53.53 -7.89 -15.69
C THR C 105 52.25 -7.88 -16.50
N VAL C 106 51.46 -6.82 -16.37
CA VAL C 106 50.18 -6.68 -17.06
C VAL C 106 50.15 -5.32 -17.74
N ARG C 107 49.85 -5.32 -19.04
CA ARG C 107 49.79 -4.08 -19.83
C ARG C 107 48.58 -4.10 -20.74
N LEU C 108 48.20 -2.89 -21.20
CA LEU C 108 47.03 -2.70 -22.07
C LEU C 108 47.48 -1.83 -23.25
N CYS C 109 48.05 -2.45 -24.28
CA CYS C 109 48.66 -1.67 -25.34
C CYS C 109 48.73 -2.50 -26.61
N ARG C 110 49.39 -1.95 -27.63
CA ARG C 110 49.64 -2.64 -28.88
C ARG C 110 51.11 -3.04 -29.00
N PRO C 128 56.04 -6.30 -27.48
CA PRO C 128 57.39 -5.95 -27.93
C PRO C 128 57.47 -4.56 -28.54
N THR C 129 56.37 -4.09 -29.09
CA THR C 129 56.29 -2.75 -29.66
C THR C 129 55.32 -1.95 -28.80
N ASN C 130 55.84 -0.93 -28.12
CA ASN C 130 54.99 -0.03 -27.34
C ASN C 130 54.49 1.12 -28.21
N ALA C 131 53.89 0.78 -29.36
CA ALA C 131 53.64 1.77 -30.40
C ALA C 131 52.50 2.71 -30.05
N PHE C 132 51.57 2.25 -29.21
CA PHE C 132 50.36 3.02 -28.99
C PHE C 132 50.03 3.20 -27.51
N GLU C 133 48.80 3.61 -27.24
CA GLU C 133 48.23 3.84 -25.92
C GLU C 133 48.44 2.68 -24.97
N CYS C 134 49.14 2.96 -23.86
CA CYS C 134 49.41 2.00 -22.79
C CYS C 134 48.72 2.48 -21.52
N LEU C 135 47.66 1.80 -21.11
CA LEU C 135 46.92 2.25 -19.94
C LEU C 135 47.65 1.90 -18.65
N ILE C 136 47.82 0.62 -18.35
CA ILE C 136 48.27 0.20 -17.03
C ILE C 136 49.60 -0.53 -17.17
N ASN C 137 50.47 -0.33 -16.18
CA ASN C 137 51.68 -1.12 -15.99
C ASN C 137 51.71 -1.51 -14.52
N GLY C 138 51.03 -2.61 -14.19
CA GLY C 138 50.94 -3.06 -12.82
C GLY C 138 51.46 -4.47 -12.64
N SER C 139 52.34 -4.67 -11.66
CA SER C 139 52.92 -5.99 -11.48
C SER C 139 51.92 -6.96 -10.88
N TYR C 140 51.44 -6.65 -9.66
CA TYR C 140 50.67 -7.57 -8.83
C TYR C 140 51.31 -8.95 -8.66
N PRO C 141 52.46 -9.05 -7.98
CA PRO C 141 53.17 -10.33 -7.92
C PRO C 141 52.45 -11.34 -7.05
N THR C 142 52.23 -12.53 -7.62
CA THR C 142 51.37 -13.55 -7.04
C THR C 142 52.21 -14.55 -6.28
N HIS C 143 51.56 -15.38 -5.47
CA HIS C 143 52.23 -16.50 -4.83
C HIS C 143 51.91 -17.79 -5.56
N ARG C 144 52.95 -18.41 -6.12
CA ARG C 144 52.80 -19.75 -6.69
C ARG C 144 52.78 -20.74 -5.54
N ASN C 145 51.70 -21.51 -5.44
CA ASN C 145 51.53 -22.46 -4.36
C ASN C 145 51.16 -23.80 -4.97
N THR C 146 50.77 -24.75 -4.12
CA THR C 146 50.20 -25.99 -4.64
C THR C 146 48.82 -25.75 -5.23
N GLY C 147 48.05 -24.84 -4.63
CA GLY C 147 46.75 -24.45 -5.14
C GLY C 147 46.64 -22.94 -5.22
N TYR C 148 46.37 -22.45 -6.44
CA TYR C 148 46.19 -21.03 -6.68
C TYR C 148 45.43 -20.80 -7.97
N MET C 149 44.22 -20.25 -7.90
CA MET C 149 43.39 -20.04 -9.06
C MET C 149 43.10 -18.54 -9.22
N PHE C 150 43.17 -18.05 -10.44
CA PHE C 150 42.77 -16.69 -10.75
C PHE C 150 42.16 -16.66 -12.14
N GLY C 151 41.78 -15.48 -12.58
CA GLY C 151 41.31 -15.34 -13.94
C GLY C 151 41.02 -13.89 -14.27
N VAL C 152 40.42 -13.69 -15.43
CA VAL C 152 39.90 -12.39 -15.84
C VAL C 152 38.52 -12.60 -16.44
N THR C 153 37.75 -11.52 -16.50
CA THR C 153 36.47 -11.51 -17.21
C THR C 153 36.40 -10.24 -18.03
N TRP C 154 35.61 -10.28 -19.10
CA TRP C 154 35.25 -9.04 -19.78
C TRP C 154 33.82 -9.10 -20.31
N TYR C 155 32.92 -9.71 -19.56
CA TYR C 155 31.52 -9.75 -19.99
C TYR C 155 30.91 -8.37 -19.89
N ASN C 156 30.27 -7.95 -20.99
CA ASN C 156 29.80 -6.60 -21.36
C ASN C 156 30.71 -5.48 -20.86
N ASP C 157 32.01 -5.66 -21.12
CA ASP C 157 33.08 -4.69 -20.88
C ASP C 157 33.28 -4.39 -19.39
N LEU C 158 32.84 -5.30 -18.54
CA LEU C 158 33.05 -5.19 -17.09
C LEU C 158 34.33 -5.97 -16.81
N VAL C 159 35.46 -5.34 -17.13
CA VAL C 159 36.73 -6.04 -17.17
C VAL C 159 37.23 -6.20 -15.74
N ARG C 160 37.09 -7.40 -15.20
CA ARG C 160 37.65 -7.75 -13.90
C ARG C 160 38.94 -8.51 -14.11
N ILE C 161 39.91 -8.26 -13.24
CA ILE C 161 41.17 -8.97 -13.23
C ILE C 161 41.32 -9.48 -11.81
N VAL C 162 40.90 -10.70 -11.56
CA VAL C 162 40.74 -11.19 -10.20
C VAL C 162 41.97 -11.98 -9.81
N PHE C 163 42.27 -11.95 -8.52
CA PHE C 163 43.29 -12.71 -7.82
C PHE C 163 42.74 -12.92 -6.42
N PRO C 164 43.10 -14.02 -5.76
CA PRO C 164 42.50 -14.36 -4.45
C PRO C 164 42.68 -13.32 -3.36
N PRO C 165 43.75 -12.47 -3.34
CA PRO C 165 43.64 -11.30 -2.46
C PRO C 165 42.70 -10.22 -2.96
N THR C 166 42.85 -9.78 -4.21
CA THR C 166 42.21 -8.54 -4.68
C THR C 166 41.72 -8.67 -6.11
N VAL C 167 40.68 -7.90 -6.42
CA VAL C 167 40.17 -7.75 -7.77
C VAL C 167 40.64 -6.42 -8.34
N LEU C 168 40.48 -6.24 -9.64
CA LEU C 168 40.66 -4.95 -10.27
C LEU C 168 39.53 -4.79 -11.27
N GLU C 169 38.64 -3.85 -11.05
CA GLU C 169 37.50 -3.64 -11.93
C GLU C 169 37.75 -2.45 -12.84
N MET C 170 37.35 -2.58 -14.10
CA MET C 170 37.33 -1.49 -15.05
C MET C 170 36.09 -1.62 -15.92
N GLN C 171 35.63 -0.49 -16.46
CA GLN C 171 34.74 -0.47 -17.61
C GLN C 171 35.33 0.48 -18.64
N LEU C 172 35.39 0.04 -19.88
CA LEU C 172 35.93 0.88 -20.94
C LEU C 172 34.89 0.96 -22.05
N ASP C 173 34.69 2.18 -22.56
CA ASP C 173 33.60 2.44 -23.51
C ASP C 173 33.87 1.80 -24.87
N GLY C 174 35.02 2.10 -25.46
CA GLY C 174 35.41 1.57 -26.75
C GLY C 174 36.11 0.23 -26.71
N LEU C 175 35.67 -0.66 -25.84
CA LEU C 175 36.33 -1.95 -25.61
C LEU C 175 35.37 -3.06 -26.01
N GLN C 176 35.90 -4.13 -26.58
CA GLN C 176 35.23 -5.43 -26.70
C GLN C 176 36.26 -6.49 -27.03
N TRP C 177 36.25 -7.58 -26.28
CA TRP C 177 37.26 -8.63 -26.39
C TRP C 177 36.59 -9.95 -26.70
N GLU C 178 37.11 -10.65 -27.69
CA GLU C 178 36.47 -11.85 -28.18
C GLU C 178 37.47 -12.97 -28.40
N ARG C 179 38.77 -12.67 -28.45
CA ARG C 179 39.78 -13.63 -28.83
C ARG C 179 40.70 -13.89 -27.65
N VAL C 180 41.09 -15.14 -27.47
CA VAL C 180 41.99 -15.56 -26.40
C VAL C 180 43.14 -16.35 -27.00
N GLN C 181 44.36 -15.89 -26.77
CA GLN C 181 45.56 -16.62 -27.18
C GLN C 181 46.28 -17.03 -25.90
N PHE C 182 45.89 -18.17 -25.34
CA PHE C 182 46.60 -18.74 -24.22
C PHE C 182 47.93 -19.30 -24.69
N ASN C 183 48.94 -19.21 -23.83
CA ASN C 183 50.19 -19.91 -24.02
C ASN C 183 50.64 -20.47 -22.68
N SER C 184 51.45 -21.51 -22.75
CA SER C 184 51.87 -22.29 -21.60
C SER C 184 53.37 -22.19 -21.40
N PRO C 185 53.86 -22.45 -20.18
CA PRO C 185 55.30 -22.70 -20.01
C PRO C 185 55.70 -24.01 -20.68
N VAL C 186 57.01 -24.22 -20.73
CA VAL C 186 57.60 -25.33 -21.48
C VAL C 186 57.28 -26.68 -20.85
N ASN C 187 57.35 -26.77 -19.53
CA ASN C 187 57.14 -28.03 -18.83
C ASN C 187 56.49 -27.77 -17.49
N ALA C 188 55.45 -28.53 -17.18
CA ALA C 188 54.84 -28.53 -15.86
C ALA C 188 54.91 -29.94 -15.30
N GLY C 189 54.94 -30.02 -13.96
CA GLY C 189 55.07 -31.31 -13.32
C GLY C 189 53.84 -32.17 -13.49
N HIS C 190 52.69 -31.66 -13.08
CA HIS C 190 51.40 -32.22 -13.47
C HIS C 190 50.95 -31.50 -14.74
N ALA C 191 49.69 -31.67 -15.13
CA ALA C 191 49.16 -30.99 -16.30
C ALA C 191 48.81 -29.55 -15.94
N THR C 192 49.43 -28.59 -16.63
CA THR C 192 48.97 -27.21 -16.54
C THR C 192 47.67 -27.06 -17.32
N ARG C 193 46.87 -26.06 -16.94
CA ARG C 193 45.44 -26.06 -17.24
C ARG C 193 44.96 -24.64 -17.52
N PHE C 194 44.02 -24.52 -18.45
CA PHE C 194 43.45 -23.24 -18.83
C PHE C 194 42.03 -23.44 -19.33
N ASN C 195 41.22 -22.40 -19.20
CA ASN C 195 39.80 -22.47 -19.51
C ASN C 195 39.35 -21.12 -20.05
N VAL C 196 38.78 -21.13 -21.25
CA VAL C 196 38.06 -19.98 -21.78
C VAL C 196 36.57 -20.21 -21.51
N VAL C 197 35.90 -19.22 -20.95
CA VAL C 197 34.50 -19.36 -20.56
C VAL C 197 33.63 -18.76 -21.66
N LYS C 198 32.59 -19.50 -22.04
CA LYS C 198 31.78 -19.12 -23.20
C LYS C 198 30.69 -18.13 -22.82
N ASP C 199 29.90 -18.41 -21.79
CA ASP C 199 28.76 -17.57 -21.46
C ASP C 199 28.65 -17.42 -19.95
N ILE C 200 27.53 -16.92 -19.52
CA ILE C 200 27.29 -16.48 -18.15
C ILE C 200 27.04 -17.68 -17.27
N SER C 201 27.14 -17.48 -15.97
CA SER C 201 26.77 -18.46 -14.96
C SER C 201 26.15 -17.74 -13.77
N THR C 202 25.33 -18.44 -13.01
CA THR C 202 24.53 -17.78 -11.99
C THR C 202 24.61 -18.51 -10.66
N VAL C 203 25.84 -18.90 -10.29
CA VAL C 203 26.13 -19.92 -9.28
C VAL C 203 25.69 -19.49 -7.88
N LEU C 204 25.20 -20.45 -7.10
CA LEU C 204 25.00 -20.29 -5.67
C LEU C 204 26.32 -20.36 -4.92
N VAL C 205 26.40 -19.61 -3.82
CA VAL C 205 27.60 -19.46 -3.02
C VAL C 205 27.24 -19.57 -1.55
N GLU C 206 27.84 -20.51 -0.83
CA GLU C 206 27.85 -20.46 0.62
C GLU C 206 29.06 -19.69 1.10
N THR C 207 29.03 -19.27 2.36
CA THR C 207 30.15 -18.51 2.91
C THR C 207 30.24 -18.66 4.41
N ASN C 208 31.48 -18.77 4.91
CA ASN C 208 31.72 -19.11 6.30
C ASN C 208 31.81 -17.84 7.15
N SER C 209 32.25 -18.00 8.40
CA SER C 209 32.23 -16.90 9.37
C SER C 209 33.12 -15.74 8.98
N GLY C 210 34.18 -16.00 8.23
CA GLY C 210 35.05 -14.95 7.76
C GLY C 210 34.65 -14.32 6.44
N GLY C 211 33.47 -14.62 5.93
CA GLY C 211 33.08 -14.12 4.63
C GLY C 211 33.66 -14.86 3.46
N SER C 212 34.44 -15.91 3.69
CA SER C 212 35.05 -16.66 2.60
C SER C 212 34.10 -17.73 2.07
N VAL C 213 34.06 -17.86 0.74
CA VAL C 213 33.27 -18.89 0.10
C VAL C 213 33.89 -20.25 0.37
N PHE C 214 33.06 -21.24 0.66
CA PHE C 214 33.60 -22.59 0.81
C PHE C 214 32.78 -23.68 0.14
N ARG C 215 31.55 -23.42 -0.29
CA ARG C 215 30.79 -24.38 -1.09
C ARG C 215 30.06 -23.62 -2.18
N TYR C 216 29.76 -24.33 -3.26
CA TYR C 216 29.18 -23.71 -4.44
C TYR C 216 28.47 -24.77 -5.26
N SER C 217 27.61 -24.31 -6.16
CA SER C 217 26.96 -25.21 -7.11
C SER C 217 26.47 -24.39 -8.30
N TYR C 218 27.04 -24.65 -9.47
CA TYR C 218 26.57 -24.07 -10.72
C TYR C 218 25.13 -24.48 -10.98
N CYS C 219 24.36 -23.62 -11.64
CA CYS C 219 22.93 -23.87 -11.74
C CYS C 219 22.59 -24.77 -12.94
N ALA C 220 23.52 -24.89 -13.89
CA ALA C 220 23.20 -25.61 -15.11
C ALA C 220 23.87 -26.98 -15.16
N ASP C 221 24.49 -27.40 -14.05
CA ASP C 221 25.15 -28.69 -14.03
C ASP C 221 24.14 -29.83 -14.02
N GLY C 222 23.10 -29.71 -13.20
CA GLY C 222 22.09 -30.74 -13.11
C GLY C 222 20.69 -30.18 -13.05
N PHE C 223 19.80 -30.88 -12.34
CA PHE C 223 18.44 -30.38 -12.18
C PHE C 223 18.18 -29.94 -10.74
N VAL C 224 18.72 -30.67 -9.78
CA VAL C 224 18.48 -30.38 -8.37
C VAL C 224 19.14 -29.06 -7.98
N ASN C 225 20.29 -28.76 -8.55
CA ASN C 225 20.94 -27.49 -8.28
C ASN C 225 20.26 -26.33 -8.99
N GLY C 226 19.40 -26.61 -9.97
CA GLY C 226 18.55 -25.57 -10.53
C GLY C 226 17.61 -24.99 -9.49
N LEU C 227 16.98 -25.86 -8.70
CA LEU C 227 16.12 -25.34 -7.64
C LEU C 227 16.91 -24.98 -6.40
N GLN C 228 18.16 -25.44 -6.27
CA GLN C 228 19.03 -24.85 -5.28
C GLN C 228 19.29 -23.39 -5.61
N CYS C 229 19.51 -23.09 -6.88
CA CYS C 229 19.65 -21.70 -7.28
C CYS C 229 18.34 -20.94 -7.24
N LYS C 230 17.19 -21.63 -7.23
CA LYS C 230 15.93 -20.92 -7.06
C LYS C 230 15.78 -20.40 -5.64
N LEU C 231 15.70 -21.31 -4.67
CA LEU C 231 15.58 -20.91 -3.28
C LEU C 231 16.93 -21.12 -2.62
N ARG C 232 17.47 -20.04 -2.06
CA ARG C 232 18.89 -19.95 -1.72
C ARG C 232 19.18 -20.85 -0.50
N LEU C 233 19.20 -22.14 -0.76
CA LEU C 233 19.43 -23.15 0.26
C LEU C 233 20.15 -24.28 -0.45
N PHE C 234 21.16 -24.84 0.20
CA PHE C 234 22.07 -25.74 -0.51
C PHE C 234 21.63 -27.19 -0.41
N ASP C 235 21.40 -27.68 0.79
CA ASP C 235 20.89 -29.02 1.03
C ASP C 235 19.42 -28.92 1.42
N ILE C 236 18.55 -28.88 0.43
CA ILE C 236 17.17 -28.46 0.61
C ILE C 236 16.37 -29.62 1.17
N PRO C 237 15.51 -29.40 2.16
CA PRO C 237 14.78 -30.50 2.79
C PRO C 237 13.65 -30.97 1.88
N PRO C 238 13.09 -32.17 2.12
CA PRO C 238 11.96 -32.62 1.30
C PRO C 238 10.71 -31.77 1.48
N GLY C 239 9.91 -31.68 0.43
CA GLY C 239 8.77 -30.79 0.42
C GLY C 239 8.43 -30.43 -1.01
N VAL C 240 7.27 -29.81 -1.17
CA VAL C 240 6.84 -29.30 -2.46
C VAL C 240 7.40 -27.89 -2.60
N TYR C 241 7.92 -27.58 -3.78
CA TYR C 241 8.53 -26.28 -4.01
C TYR C 241 7.94 -25.67 -5.26
N SER C 242 7.19 -24.59 -5.07
CA SER C 242 6.31 -24.05 -6.08
C SER C 242 7.08 -23.15 -7.03
N ASN C 243 6.52 -23.04 -8.24
CA ASN C 243 6.77 -21.93 -9.15
C ASN C 243 8.22 -21.90 -9.64
N SER C 244 8.72 -23.05 -10.09
CA SER C 244 10.07 -23.07 -10.62
C SER C 244 9.98 -22.97 -12.15
N GLU C 245 10.75 -22.04 -12.69
CA GLU C 245 10.54 -21.58 -14.06
C GLU C 245 11.34 -22.41 -15.06
N VAL C 246 11.09 -22.17 -16.35
CA VAL C 246 11.93 -22.71 -17.42
C VAL C 246 12.40 -21.56 -18.29
N GLU C 247 13.72 -21.42 -18.42
CA GLU C 247 14.30 -20.37 -19.24
C GLU C 247 14.06 -20.65 -20.72
N TYR C 248 13.54 -19.66 -21.43
CA TYR C 248 13.24 -19.78 -22.84
C TYR C 248 14.02 -18.74 -23.65
N PRO C 249 14.48 -19.10 -24.84
CA PRO C 249 15.16 -18.11 -25.69
C PRO C 249 14.17 -17.09 -26.23
N THR C 250 14.71 -16.00 -26.74
CA THR C 250 13.89 -14.85 -27.08
C THR C 250 13.94 -14.59 -28.58
N ALA C 251 12.95 -13.83 -29.04
CA ALA C 251 12.89 -13.36 -30.42
C ALA C 251 12.44 -11.91 -30.40
N LEU C 252 13.01 -11.11 -31.30
CA LEU C 252 12.86 -9.66 -31.27
C LEU C 252 12.34 -9.17 -32.61
N TYR C 253 11.19 -8.52 -32.59
CA TYR C 253 10.50 -8.03 -33.79
C TYR C 253 10.17 -6.57 -33.58
N THR C 254 11.13 -5.68 -33.86
CA THR C 254 10.83 -4.26 -33.80
C THR C 254 9.93 -3.83 -34.94
N VAL C 255 10.17 -4.35 -36.13
CA VAL C 255 9.27 -4.12 -37.25
C VAL C 255 8.62 -5.44 -37.61
N VAL C 256 7.49 -5.33 -38.29
CA VAL C 256 6.64 -6.47 -38.61
C VAL C 256 6.39 -6.57 -40.11
N HIS C 257 5.92 -5.49 -40.71
CA HIS C 257 5.63 -5.48 -42.13
C HIS C 257 6.91 -5.57 -42.94
N ASN C 258 6.79 -6.10 -44.15
CA ASN C 258 7.94 -6.24 -45.01
C ASN C 258 8.43 -4.86 -45.42
N MET C 259 9.72 -4.73 -45.61
CA MET C 259 10.38 -3.45 -45.49
C MET C 259 11.10 -3.09 -46.78
N SER C 260 10.94 -1.85 -47.22
CA SER C 260 11.47 -1.38 -48.49
C SER C 260 12.87 -0.80 -48.31
N ALA C 261 13.37 -0.13 -49.34
CA ALA C 261 14.66 0.51 -49.32
C ALA C 261 14.49 2.02 -49.11
N CYS C 262 15.60 2.76 -49.22
CA CYS C 262 15.66 4.19 -49.01
C CYS C 262 16.57 4.81 -50.05
N PRO C 263 16.47 6.12 -50.28
CA PRO C 263 17.54 6.80 -51.01
C PRO C 263 18.81 6.81 -50.19
N GLU C 264 19.93 6.86 -50.91
CA GLU C 264 21.26 6.70 -50.33
C GLU C 264 21.75 7.98 -49.68
N ARG C 265 23.05 8.02 -49.40
CA ARG C 265 23.68 9.23 -48.91
C ARG C 265 23.53 10.33 -49.96
N PRO C 266 23.27 11.56 -49.53
CA PRO C 266 23.04 12.66 -50.48
C PRO C 266 24.28 13.06 -51.25
N ASP C 267 24.12 14.14 -52.04
CA ASP C 267 25.15 14.56 -52.99
C ASP C 267 26.42 15.03 -52.31
N SER C 268 26.33 15.44 -51.03
CA SER C 268 27.44 15.98 -50.25
C SER C 268 28.07 17.19 -50.95
N TYR C 269 27.22 18.16 -51.27
CA TYR C 269 27.55 19.31 -52.07
C TYR C 269 28.10 20.40 -51.12
N CYS C 270 28.19 21.65 -51.56
CA CYS C 270 28.72 22.70 -50.71
C CYS C 270 27.72 23.10 -49.61
N GLY C 271 28.08 24.14 -48.86
CA GLY C 271 27.33 24.49 -47.66
C GLY C 271 25.93 24.99 -47.96
N SER C 272 25.05 24.87 -46.96
CA SER C 272 23.62 25.05 -47.21
C SER C 272 23.23 26.51 -47.33
N ASN C 273 24.18 27.43 -47.12
CA ASN C 273 23.88 28.85 -47.26
C ASN C 273 24.31 29.38 -48.61
N SER C 274 25.54 29.03 -49.05
CA SER C 274 26.06 29.56 -50.31
C SER C 274 25.38 28.92 -51.51
N CYS C 275 25.01 27.64 -51.38
CA CYS C 275 24.40 26.88 -52.47
C CYS C 275 23.27 26.05 -51.86
N PRO C 276 22.27 25.68 -52.65
CA PRO C 276 21.15 24.90 -52.09
C PRO C 276 21.59 23.49 -51.70
N PHE C 277 21.23 23.10 -50.48
CA PHE C 277 21.55 21.77 -49.97
C PHE C 277 20.32 21.18 -49.27
N LYS C 278 20.20 19.85 -49.36
CA LYS C 278 19.09 19.12 -48.79
C LYS C 278 19.59 17.99 -47.90
N ARG C 279 18.84 17.77 -46.81
CA ARG C 279 19.03 16.58 -45.98
C ARG C 279 18.05 15.50 -46.43
N ALA C 280 18.37 14.25 -46.08
CA ALA C 280 17.64 13.08 -46.57
C ALA C 280 16.95 12.35 -45.42
N VAL C 281 15.74 11.85 -45.68
CA VAL C 281 14.98 11.19 -44.63
C VAL C 281 15.17 9.68 -44.73
N PHE C 282 14.94 8.97 -43.63
CA PHE C 282 15.12 7.52 -43.54
C PHE C 282 14.04 6.96 -42.63
N SER C 283 13.05 6.27 -43.20
CA SER C 283 11.91 5.80 -42.43
C SER C 283 11.82 4.28 -42.38
N ASN C 284 11.75 3.61 -43.52
CA ASN C 284 11.53 2.17 -43.55
C ASN C 284 12.52 1.53 -44.51
N CYS C 285 13.78 1.84 -44.35
CA CYS C 285 14.78 1.35 -45.27
C CYS C 285 15.57 0.19 -44.69
N ILE C 286 15.86 -0.78 -45.54
CA ILE C 286 16.90 -1.76 -45.25
C ILE C 286 18.22 -1.10 -45.62
N VAL C 287 18.82 -0.43 -44.65
CA VAL C 287 20.08 0.28 -44.86
C VAL C 287 21.22 -0.70 -44.99
N ASN C 288 22.39 -0.22 -45.42
CA ASN C 288 23.59 -1.04 -45.38
C ASN C 288 24.65 -0.47 -44.45
N TYR C 289 24.58 0.84 -44.13
CA TYR C 289 25.50 1.56 -43.22
C TYR C 289 26.95 1.55 -43.65
N THR C 290 27.22 1.07 -44.85
CA THR C 290 28.54 1.13 -45.45
C THR C 290 28.44 1.51 -46.92
N THR C 291 27.24 1.68 -47.45
CA THR C 291 27.02 2.36 -48.71
C THR C 291 26.73 3.84 -48.52
N TRP C 292 26.96 4.36 -47.32
CA TRP C 292 26.91 5.79 -47.11
C TRP C 292 28.23 6.44 -47.48
N VAL C 293 29.22 5.66 -47.85
CA VAL C 293 30.54 6.15 -48.18
C VAL C 293 30.96 5.59 -49.53
N ASN C 294 32.04 6.11 -50.08
CA ASN C 294 32.73 5.52 -51.20
C ASN C 294 33.72 4.50 -50.67
N PRO C 295 33.92 3.36 -51.34
CA PRO C 295 34.50 2.18 -50.65
C PRO C 295 35.91 2.37 -50.12
N ASP C 296 36.79 3.02 -50.89
CA ASP C 296 38.13 3.47 -50.49
C ASP C 296 39.09 2.32 -50.13
N GLN C 297 38.65 1.06 -50.27
CA GLN C 297 39.45 -0.14 -50.01
C GLN C 297 40.00 -0.16 -48.59
N ARG C 298 39.09 -0.35 -47.62
CA ARG C 298 39.37 -0.60 -46.20
C ARG C 298 39.89 0.66 -45.50
N ASP C 299 39.79 1.82 -46.14
CA ASP C 299 40.39 3.03 -45.59
C ASP C 299 39.49 3.81 -44.65
N PHE C 300 38.60 3.12 -43.91
CA PHE C 300 37.80 3.78 -42.88
C PHE C 300 38.26 3.33 -41.51
N GLN C 301 38.76 4.30 -40.76
CA GLN C 301 39.38 4.01 -39.47
C GLN C 301 38.39 4.20 -38.34
N HIS C 302 37.46 5.12 -38.51
CA HIS C 302 36.64 5.56 -37.39
C HIS C 302 35.32 4.83 -37.33
N LEU C 303 34.81 4.40 -38.48
CA LEU C 303 33.52 3.74 -38.51
C LEU C 303 33.64 2.30 -38.04
N ILE C 304 34.83 1.71 -38.19
CA ILE C 304 35.00 0.29 -37.96
C ILE C 304 35.01 0.01 -36.46
N LEU C 305 34.43 -1.12 -36.08
CA LEU C 305 34.47 -1.57 -34.71
C LEU C 305 35.65 -2.52 -34.55
N PRO C 306 36.08 -2.81 -33.32
CA PRO C 306 37.11 -3.84 -33.15
C PRO C 306 36.59 -5.26 -33.36
N ASN C 307 35.29 -5.47 -33.54
CA ASN C 307 34.80 -6.72 -34.11
C ASN C 307 33.82 -6.53 -35.26
N GLY C 308 32.93 -5.55 -35.15
CA GLY C 308 31.88 -5.37 -36.12
C GLY C 308 32.34 -4.40 -37.18
N LYS C 309 31.43 -4.07 -38.09
CA LYS C 309 31.78 -3.26 -39.24
C LYS C 309 30.81 -2.12 -39.44
N PHE C 310 31.36 -0.90 -39.42
CA PHE C 310 30.71 0.31 -39.90
C PHE C 310 29.47 0.69 -39.11
N ASN C 311 29.63 1.02 -37.83
CA ASN C 311 28.61 1.82 -37.17
C ASN C 311 28.88 3.30 -37.46
N PRO C 312 28.06 3.93 -38.30
CA PRO C 312 28.44 5.25 -38.81
C PRO C 312 28.10 6.40 -37.88
N PHE C 313 28.30 6.22 -36.59
CA PHE C 313 27.80 7.15 -35.60
C PHE C 313 28.83 7.39 -34.49
N THR C 314 30.05 7.77 -34.89
CA THR C 314 31.24 7.76 -34.03
C THR C 314 31.14 8.55 -32.72
N GLU C 315 30.15 9.43 -32.57
CA GLU C 315 29.90 10.09 -31.27
C GLU C 315 28.49 10.64 -31.29
N CYS C 316 27.67 10.27 -30.32
CA CYS C 316 26.28 10.72 -30.31
C CYS C 316 25.86 11.09 -28.91
N ASN C 317 24.84 11.94 -28.83
CA ASN C 317 24.34 12.46 -27.56
C ASN C 317 23.12 11.67 -27.13
N GLY C 318 23.17 11.15 -25.91
CA GLY C 318 21.99 10.58 -25.30
C GLY C 318 21.58 9.23 -25.81
N LEU C 319 22.37 8.60 -26.68
CA LEU C 319 22.04 7.28 -27.21
C LEU C 319 23.33 6.61 -27.67
N ASN C 320 23.19 5.33 -28.03
CA ASN C 320 24.37 4.51 -28.30
C ASN C 320 25.09 4.93 -29.57
N ARG C 321 26.41 5.07 -29.43
CA ARG C 321 27.31 5.06 -30.58
C ARG C 321 27.19 3.76 -31.37
N ILE C 322 27.05 2.64 -30.68
CA ILE C 322 26.95 1.34 -31.32
C ILE C 322 25.54 1.21 -31.90
N VAL C 323 25.44 1.03 -33.21
CA VAL C 323 24.12 0.79 -33.78
C VAL C 323 23.95 -0.66 -34.22
N ASP C 324 23.05 -1.37 -33.56
CA ASP C 324 22.71 -2.74 -33.91
C ASP C 324 21.20 -2.86 -33.96
N GLY C 325 20.72 -3.89 -34.65
CA GLY C 325 19.30 -4.15 -34.68
C GLY C 325 18.57 -3.11 -35.48
N CYS C 326 17.57 -2.50 -34.84
CA CYS C 326 16.77 -1.46 -35.48
C CYS C 326 16.71 -0.21 -34.63
N VAL C 327 16.85 0.94 -35.28
CA VAL C 327 16.88 2.25 -34.65
C VAL C 327 15.72 3.07 -35.21
N PRO C 328 15.23 4.08 -34.51
CA PRO C 328 14.10 4.86 -35.03
C PRO C 328 14.51 5.73 -36.20
N GLY C 329 13.49 6.20 -36.91
CA GLY C 329 13.71 6.92 -38.15
C GLY C 329 14.28 8.32 -37.93
N PHE C 330 14.97 8.79 -38.95
CA PHE C 330 15.74 10.02 -38.82
C PHE C 330 15.81 10.71 -40.16
N VAL C 331 16.00 12.02 -40.12
CA VAL C 331 16.37 12.77 -41.31
C VAL C 331 17.85 13.10 -41.16
N LEU C 332 18.58 13.08 -42.27
CA LEU C 332 20.02 12.88 -42.22
C LEU C 332 20.73 14.06 -42.88
N ARG C 333 21.28 14.95 -42.06
CA ARG C 333 22.11 16.04 -42.58
C ARG C 333 23.44 15.49 -43.05
N VAL C 334 24.07 16.19 -43.98
CA VAL C 334 25.38 15.84 -44.52
C VAL C 334 26.18 17.14 -44.65
N GLY C 335 27.46 17.10 -44.30
CA GLY C 335 28.36 18.20 -44.58
C GLY C 335 29.64 17.71 -45.24
N ARG C 336 30.26 18.60 -46.00
CA ARG C 336 31.57 18.36 -46.59
C ARG C 336 32.40 19.63 -46.41
N GLY C 337 33.38 19.60 -45.49
CA GLY C 337 34.14 20.77 -45.19
C GLY C 337 35.63 20.48 -45.10
N LYS C 338 36.39 21.54 -44.93
CA LYS C 338 37.83 21.45 -44.76
C LYS C 338 38.15 21.18 -43.29
N ALA C 339 39.41 20.87 -43.02
CA ALA C 339 39.82 20.55 -41.66
C ALA C 339 41.29 20.92 -41.48
N VAL C 340 41.90 20.36 -40.45
CA VAL C 340 43.31 20.48 -40.15
C VAL C 340 43.82 19.04 -40.19
N ASN C 341 45.04 18.82 -39.69
CA ASN C 341 45.85 17.66 -40.04
C ASN C 341 45.23 16.37 -39.53
N ARG C 342 44.30 15.82 -40.32
CA ARG C 342 43.63 14.53 -40.06
C ARG C 342 42.83 14.55 -38.76
N THR C 343 42.42 15.73 -38.31
CA THR C 343 41.85 15.89 -36.96
C THR C 343 40.67 16.86 -37.06
N ILE C 344 39.48 16.31 -37.26
CA ILE C 344 38.32 17.17 -37.28
C ILE C 344 37.81 17.33 -35.86
N VAL C 345 36.91 18.28 -35.66
CA VAL C 345 36.26 18.49 -34.37
C VAL C 345 34.78 18.19 -34.55
N THR C 346 34.23 17.37 -33.65
CA THR C 346 32.80 17.14 -33.65
C THR C 346 32.06 18.42 -33.30
N PRO C 347 30.98 18.74 -34.01
CA PRO C 347 30.21 19.94 -33.69
C PRO C 347 29.27 19.70 -32.52
N TYR C 348 28.80 20.80 -31.95
CA TYR C 348 27.68 20.71 -31.02
C TYR C 348 26.44 20.25 -31.76
N LEU C 349 25.61 19.49 -31.07
CA LEU C 349 24.51 18.81 -31.71
C LEU C 349 23.40 18.63 -30.69
N LYS C 350 22.17 18.52 -31.19
CA LYS C 350 20.97 18.42 -30.39
C LYS C 350 21.04 17.18 -29.48
N PRO C 351 20.43 17.24 -28.28
CA PRO C 351 20.74 16.23 -27.26
C PRO C 351 20.31 14.82 -27.59
N TYR C 352 19.46 14.61 -28.59
CA TYR C 352 19.15 13.25 -29.03
C TYR C 352 19.29 13.13 -30.54
N GLU C 353 20.30 13.80 -31.10
CA GLU C 353 20.74 13.55 -32.45
C GLU C 353 22.15 12.96 -32.42
N CYS C 354 22.57 12.45 -33.58
CA CYS C 354 23.62 11.43 -33.62
C CYS C 354 24.57 11.72 -34.77
N PHE C 355 25.88 11.71 -34.50
CA PHE C 355 26.89 12.21 -35.41
C PHE C 355 27.86 11.12 -35.83
N GLY C 356 28.18 11.11 -37.13
CA GLY C 356 29.26 10.28 -37.62
C GLY C 356 29.88 10.93 -38.84
N TRP C 357 31.12 10.55 -39.13
CA TRP C 357 31.84 11.14 -40.25
C TRP C 357 32.79 10.11 -40.83
N SER C 358 33.35 10.43 -41.98
CA SER C 358 34.24 9.51 -42.67
C SER C 358 35.08 10.28 -43.68
N TRP C 359 35.78 9.52 -44.53
CA TRP C 359 36.42 9.99 -45.76
C TRP C 359 37.52 11.01 -45.47
N ASN C 360 38.50 10.56 -44.71
CA ASN C 360 39.84 11.11 -44.79
C ASN C 360 40.62 10.29 -45.82
N ASP C 361 41.95 10.40 -45.79
CA ASP C 361 42.88 9.58 -46.59
C ASP C 361 42.67 9.81 -48.08
N ASN C 362 42.72 11.07 -48.49
CA ASN C 362 42.69 11.43 -49.90
C ASN C 362 43.65 12.56 -50.19
N GLN C 363 44.72 12.65 -49.38
CA GLN C 363 45.85 13.56 -49.53
C GLN C 363 45.44 15.04 -49.48
N ASP C 364 44.29 15.32 -48.87
CA ASP C 364 43.91 16.67 -48.46
C ASP C 364 42.96 16.54 -47.27
N SER C 365 42.63 17.67 -46.66
CA SER C 365 41.98 17.66 -45.36
C SER C 365 40.50 17.95 -45.45
N ILE C 366 39.84 17.41 -46.47
CA ILE C 366 38.39 17.46 -46.57
C ILE C 366 37.83 16.09 -46.23
N TYR C 367 36.53 16.09 -45.91
CA TYR C 367 35.89 14.94 -45.30
C TYR C 367 34.38 15.12 -45.42
N ASP C 368 33.66 14.02 -45.24
CA ASP C 368 32.21 14.04 -45.16
C ASP C 368 31.78 13.74 -43.74
N TRP C 369 30.81 14.51 -43.25
CA TRP C 369 30.22 14.27 -41.95
C TRP C 369 28.71 14.28 -42.06
N TRP C 370 28.05 13.58 -41.14
CA TRP C 370 26.61 13.49 -41.18
C TRP C 370 26.01 13.51 -39.78
N ILE C 371 24.75 13.92 -39.71
CA ILE C 371 23.96 14.00 -38.48
C ILE C 371 22.66 13.25 -38.71
N ALA C 372 22.46 12.17 -37.97
CA ALA C 372 21.14 11.59 -37.82
C ALA C 372 20.50 12.23 -36.60
N ASP C 373 19.17 12.35 -36.61
CA ASP C 373 18.54 13.07 -35.52
C ASP C 373 17.49 12.27 -34.75
N PHE C 374 16.98 11.17 -35.31
CA PHE C 374 16.20 10.16 -34.58
C PHE C 374 14.92 10.72 -33.97
N VAL C 375 14.28 11.67 -34.66
CA VAL C 375 13.17 12.40 -34.06
C VAL C 375 11.81 11.73 -34.31
N SER C 376 11.49 10.76 -33.44
CA SER C 376 10.13 10.27 -33.12
C SER C 376 9.27 9.96 -34.34
N THR C 377 9.93 9.45 -35.39
CA THR C 377 9.23 9.16 -36.63
C THR C 377 8.32 7.95 -36.47
N GLY C 378 8.71 7.01 -35.63
CA GLY C 378 7.92 5.82 -35.40
C GLY C 378 8.09 4.74 -36.42
N ALA C 379 8.67 5.05 -37.58
CA ALA C 379 9.06 4.07 -38.57
C ALA C 379 10.52 3.75 -38.33
N PHE C 380 10.78 2.57 -37.81
CA PHE C 380 12.14 2.14 -37.50
C PHE C 380 12.85 1.84 -38.81
N VAL C 381 14.12 2.19 -38.88
CA VAL C 381 14.90 1.97 -40.09
C VAL C 381 16.10 1.09 -39.79
N CYS C 382 16.21 -0.01 -40.51
CA CYS C 382 17.22 -1.03 -40.25
C CYS C 382 17.31 -2.06 -41.36
N GLU C 383 18.47 -2.65 -41.49
CA GLU C 383 18.69 -3.77 -42.38
C GLU C 383 17.97 -5.01 -41.89
N SER C 384 17.83 -5.98 -42.80
CA SER C 384 17.47 -7.36 -42.50
C SER C 384 16.09 -7.46 -41.85
N ASN C 385 15.07 -7.17 -42.65
CA ASN C 385 13.67 -7.34 -42.27
C ASN C 385 13.42 -8.77 -41.76
N PRO C 386 12.60 -8.92 -40.71
CA PRO C 386 12.56 -10.20 -39.99
C PRO C 386 11.82 -11.27 -40.78
N GLU C 387 12.32 -12.50 -40.69
CA GLU C 387 11.83 -13.55 -41.59
C GLU C 387 10.49 -14.09 -41.13
N ALA C 388 10.48 -14.83 -40.04
CA ALA C 388 9.30 -15.53 -39.54
C ALA C 388 9.61 -16.14 -38.20
N PRO C 389 8.67 -16.12 -37.27
CA PRO C 389 8.82 -16.97 -36.09
C PRO C 389 8.50 -18.40 -36.44
N LYS C 390 9.33 -19.35 -36.03
CA LYS C 390 8.97 -20.74 -36.26
C LYS C 390 7.81 -21.11 -35.33
N THR C 391 6.75 -21.61 -35.93
CA THR C 391 5.53 -21.89 -35.20
C THR C 391 5.68 -23.14 -34.35
N GLY C 392 4.95 -23.19 -33.25
CA GLY C 392 5.00 -24.34 -32.39
C GLY C 392 6.16 -24.37 -31.43
N VAL C 393 6.78 -23.23 -31.17
CA VAL C 393 7.85 -23.14 -30.18
C VAL C 393 7.45 -22.04 -29.22
N CYS C 394 7.74 -22.24 -27.93
CA CYS C 394 7.23 -21.43 -26.85
C CYS C 394 8.17 -20.30 -26.45
N VAL C 395 8.82 -19.69 -27.42
CA VAL C 395 9.80 -18.65 -27.15
C VAL C 395 9.11 -17.32 -26.88
N THR C 396 9.74 -16.51 -26.03
CA THR C 396 9.21 -15.18 -25.76
C THR C 396 9.50 -14.22 -26.90
N TYR C 397 8.67 -13.20 -27.01
CA TYR C 397 8.62 -12.33 -28.17
C TYR C 397 8.70 -10.89 -27.71
N THR C 398 8.79 -10.00 -28.70
CA THR C 398 8.49 -8.59 -28.51
C THR C 398 8.09 -8.03 -29.87
N VAL C 399 6.81 -7.68 -29.99
CA VAL C 399 6.24 -7.24 -31.26
C VAL C 399 5.59 -5.89 -31.05
N GLU C 400 6.09 -4.87 -31.75
CA GLU C 400 5.72 -3.47 -31.56
C GLU C 400 5.82 -3.05 -30.11
N LYS C 401 7.01 -3.24 -29.54
CA LYS C 401 7.42 -2.68 -28.25
C LYS C 401 6.60 -3.26 -27.09
N VAL C 402 6.05 -4.45 -27.30
CA VAL C 402 5.26 -5.15 -26.28
C VAL C 402 5.84 -6.55 -26.17
N THR C 403 6.58 -6.82 -25.10
CA THR C 403 7.09 -8.16 -24.89
C THR C 403 6.00 -9.05 -24.32
N PHE C 404 6.06 -10.33 -24.66
CA PHE C 404 5.21 -11.34 -24.07
C PHE C 404 5.93 -12.67 -24.22
N GLN C 405 5.30 -13.74 -23.75
CA GLN C 405 5.98 -15.02 -23.64
C GLN C 405 4.96 -16.12 -23.86
N GLY C 406 4.93 -16.66 -25.06
CA GLY C 406 4.00 -17.72 -25.34
C GLY C 406 4.47 -18.54 -26.51
N VAL C 407 3.58 -19.41 -26.99
CA VAL C 407 3.81 -20.20 -28.19
C VAL C 407 2.90 -19.64 -29.27
N LEU C 408 3.38 -19.64 -30.51
CA LEU C 408 2.72 -18.94 -31.60
C LEU C 408 2.36 -19.91 -32.71
N TYR C 409 1.11 -19.84 -33.17
CA TYR C 409 0.57 -20.68 -34.23
C TYR C 409 0.05 -19.77 -35.33
N GLU C 410 -0.10 -20.32 -36.53
CA GLU C 410 -0.77 -19.56 -37.59
C GLU C 410 -2.28 -19.54 -37.35
N SER C 411 -2.94 -18.53 -37.90
CA SER C 411 -4.38 -18.39 -37.79
C SER C 411 -4.97 -17.99 -39.14
N ASN C 412 -6.29 -17.91 -39.20
CA ASN C 412 -6.95 -17.98 -40.50
C ASN C 412 -8.15 -17.04 -40.59
N PHE C 413 -8.11 -15.88 -39.92
CA PHE C 413 -9.31 -15.06 -39.84
C PHE C 413 -9.14 -13.59 -40.20
N THR C 414 -7.92 -13.13 -40.49
CA THR C 414 -7.55 -11.83 -41.11
C THR C 414 -8.28 -10.59 -40.57
N PHE C 415 -7.93 -10.16 -39.36
CA PHE C 415 -8.49 -8.94 -38.79
C PHE C 415 -7.91 -7.69 -39.48
N ALA C 416 -8.17 -6.52 -38.89
CA ALA C 416 -8.07 -5.22 -39.54
C ALA C 416 -6.65 -4.89 -40.03
N GLN C 417 -6.59 -3.91 -40.94
CA GLN C 417 -5.34 -3.53 -41.60
C GLN C 417 -4.52 -2.53 -40.82
N TYR C 418 -5.08 -1.97 -39.75
CA TYR C 418 -4.25 -1.34 -38.72
C TYR C 418 -3.70 -2.46 -37.83
N TYR C 419 -3.17 -2.06 -36.68
CA TYR C 419 -3.09 -2.91 -35.49
C TYR C 419 -2.31 -4.20 -35.65
N ASN C 420 -0.98 -4.14 -35.77
CA ASN C 420 -0.20 -5.35 -36.01
C ASN C 420 -0.25 -6.41 -34.90
N LEU C 421 -0.88 -6.10 -33.77
CA LEU C 421 -1.20 -7.11 -32.76
C LEU C 421 -2.45 -6.67 -32.04
N LEU C 422 -3.38 -7.59 -31.80
CA LEU C 422 -4.63 -7.20 -31.17
C LEU C 422 -4.74 -7.80 -29.77
N TYR C 423 -5.71 -7.28 -29.03
CA TYR C 423 -5.99 -7.68 -27.66
C TYR C 423 -7.47 -7.96 -27.51
N VAL C 424 -7.81 -9.14 -27.03
CA VAL C 424 -9.19 -9.41 -26.62
C VAL C 424 -9.27 -9.21 -25.10
N GLY C 425 -9.87 -8.11 -24.70
CA GLY C 425 -9.87 -7.76 -23.30
C GLY C 425 -8.48 -7.38 -22.84
N SER C 426 -7.89 -8.22 -21.99
CA SER C 426 -6.56 -7.94 -21.48
C SER C 426 -5.51 -8.84 -22.12
N GLN C 427 -5.91 -10.02 -22.57
CA GLN C 427 -4.99 -10.96 -23.20
C GLN C 427 -4.50 -10.43 -24.52
N LEU C 428 -3.32 -10.89 -24.93
CA LEU C 428 -2.79 -10.62 -26.25
C LEU C 428 -2.95 -11.90 -27.06
N ARG C 429 -3.88 -11.92 -27.98
CA ARG C 429 -4.26 -13.21 -28.55
C ARG C 429 -3.90 -13.35 -30.02
N TYR C 430 -3.97 -12.30 -30.82
CA TYR C 430 -3.66 -12.42 -32.23
C TYR C 430 -2.66 -11.35 -32.64
N VAL C 431 -1.60 -11.78 -33.32
CA VAL C 431 -0.57 -10.91 -33.85
C VAL C 431 -0.51 -11.13 -35.34
N ARG C 432 -0.28 -10.09 -36.12
CA ARG C 432 0.16 -10.33 -37.48
C ARG C 432 1.67 -10.13 -37.51
N ILE C 433 2.35 -11.05 -38.19
CA ILE C 433 3.79 -10.96 -38.42
C ILE C 433 4.01 -11.18 -39.90
N LEU C 434 4.53 -10.15 -40.58
CA LEU C 434 4.84 -10.16 -42.00
C LEU C 434 3.59 -10.50 -42.82
N GLY C 435 2.54 -9.74 -42.60
CA GLY C 435 1.35 -9.86 -43.41
C GLY C 435 0.35 -10.92 -42.99
N LYS C 436 0.79 -12.06 -42.49
CA LYS C 436 -0.12 -13.15 -42.17
C LYS C 436 -0.33 -13.22 -40.67
N VAL C 437 -1.55 -13.57 -40.29
CA VAL C 437 -1.97 -13.49 -38.89
C VAL C 437 -1.45 -14.69 -38.14
N TYR C 438 -0.83 -14.44 -36.99
CA TYR C 438 -0.30 -15.52 -36.17
C TYR C 438 -0.99 -15.50 -34.82
N GLU C 439 -1.70 -16.55 -34.46
CA GLU C 439 -2.38 -16.58 -33.18
C GLU C 439 -1.43 -17.07 -32.12
N VAL C 440 -1.51 -16.47 -30.94
CA VAL C 440 -0.62 -16.81 -29.84
C VAL C 440 -1.44 -17.33 -28.68
N SER C 441 -1.09 -18.53 -28.22
CA SER C 441 -1.66 -19.12 -27.03
C SER C 441 -0.61 -19.15 -25.95
N SER C 442 -1.06 -19.33 -24.71
CA SER C 442 -0.16 -19.20 -23.57
C SER C 442 0.77 -20.41 -23.50
N CYS C 443 2.01 -20.15 -23.10
CA CYS C 443 2.94 -21.21 -22.82
C CYS C 443 2.49 -21.94 -21.56
N PHE C 444 2.32 -23.26 -21.67
CA PHE C 444 1.74 -24.03 -20.59
C PHE C 444 2.79 -24.73 -19.73
N GLU C 445 4.03 -24.88 -20.21
CA GLU C 445 5.01 -25.72 -19.55
C GLU C 445 6.09 -24.92 -18.85
N ALA C 446 5.84 -23.64 -18.61
CA ALA C 446 6.90 -22.79 -18.10
C ALA C 446 7.08 -22.89 -16.60
N SER C 447 6.11 -23.43 -15.88
CA SER C 447 6.20 -23.54 -14.43
C SER C 447 6.03 -24.99 -14.01
N TYR C 448 7.03 -25.52 -13.32
CA TYR C 448 6.92 -26.81 -12.67
C TYR C 448 7.03 -26.62 -11.17
N ASP C 449 6.15 -27.27 -10.43
CA ASP C 449 6.34 -27.34 -9.00
C ASP C 449 6.96 -28.68 -8.68
N VAL C 450 8.26 -28.68 -8.44
CA VAL C 450 8.99 -29.90 -8.10
C VAL C 450 8.70 -30.26 -6.66
N LEU C 451 8.34 -31.52 -6.45
CA LEU C 451 8.16 -32.07 -5.12
C LEU C 451 9.23 -33.12 -4.88
N TYR C 452 9.95 -32.97 -3.78
CA TYR C 452 11.32 -33.44 -3.63
C TYR C 452 11.39 -34.43 -2.47
N ARG C 453 12.10 -35.55 -2.67
CA ARG C 453 12.52 -36.34 -1.52
C ARG C 453 14.02 -36.27 -1.32
N ASN C 454 14.78 -36.65 -2.34
CA ASN C 454 16.23 -36.54 -2.34
C ASN C 454 16.68 -36.29 -3.77
N ASN C 455 17.98 -36.48 -4.01
CA ASN C 455 18.53 -36.25 -5.35
C ASN C 455 17.98 -37.22 -6.36
N GLN C 456 17.91 -38.50 -6.01
CA GLN C 456 17.53 -39.52 -6.98
C GLN C 456 16.03 -39.51 -7.24
N SER C 457 15.24 -39.20 -6.22
CA SER C 457 13.78 -39.31 -6.29
C SER C 457 13.17 -37.92 -6.11
N PHE C 458 12.53 -37.42 -7.16
CA PHE C 458 11.65 -36.27 -7.07
C PHE C 458 10.55 -36.42 -8.13
N GLY C 459 9.57 -35.55 -8.06
CA GLY C 459 8.49 -35.57 -9.01
C GLY C 459 8.16 -34.17 -9.48
N LEU C 460 7.95 -34.04 -10.78
CA LEU C 460 7.72 -32.74 -11.39
C LEU C 460 6.22 -32.59 -11.60
N LEU C 461 5.66 -31.51 -11.08
CA LEU C 461 4.26 -31.20 -11.27
C LEU C 461 4.12 -29.88 -11.98
N TYR C 462 3.47 -29.90 -13.13
CA TYR C 462 3.11 -28.67 -13.84
C TYR C 462 1.72 -28.28 -13.38
N ARG C 463 1.58 -27.09 -12.80
CA ARG C 463 0.26 -26.70 -12.34
C ARG C 463 -0.66 -26.34 -13.49
N SER C 464 -0.12 -25.78 -14.55
CA SER C 464 -0.88 -25.64 -15.78
C SER C 464 -0.70 -26.92 -16.60
N PHE C 465 -1.09 -26.91 -17.86
CA PHE C 465 -0.74 -27.94 -18.84
C PHE C 465 -1.31 -29.33 -18.50
N ASP C 466 -2.60 -29.50 -18.75
CA ASP C 466 -3.15 -30.85 -18.78
C ASP C 466 -2.54 -31.67 -19.93
N CYS C 467 -2.53 -32.99 -19.75
CA CYS C 467 -2.02 -33.93 -20.74
C CYS C 467 -3.11 -34.86 -21.21
N ASN C 468 -3.91 -34.42 -22.18
CA ASN C 468 -4.83 -35.31 -22.82
C ASN C 468 -4.09 -36.04 -23.92
N GLN C 469 -4.46 -37.31 -24.13
CA GLN C 469 -3.71 -38.16 -25.06
C GLN C 469 -3.91 -37.71 -26.50
N LEU C 470 -5.02 -37.02 -26.79
CA LEU C 470 -5.18 -36.40 -28.09
C LEU C 470 -4.34 -35.13 -28.20
N HIS C 471 -3.93 -34.57 -27.05
CA HIS C 471 -3.20 -33.30 -27.08
C HIS C 471 -1.69 -33.51 -27.14
N ILE C 472 -1.18 -34.54 -26.47
CA ILE C 472 0.25 -34.78 -26.45
C ILE C 472 0.73 -35.25 -27.82
N LYS C 473 -0.10 -36.01 -28.52
CA LYS C 473 0.20 -36.48 -29.86
C LYS C 473 -0.24 -35.50 -30.94
N SER C 474 -0.54 -34.25 -30.59
CA SER C 474 -1.04 -33.29 -31.56
C SER C 474 0.10 -32.77 -32.44
N ALA C 475 -0.30 -32.14 -33.56
CA ALA C 475 0.68 -31.56 -34.46
C ALA C 475 1.14 -30.19 -33.97
N ARG C 476 0.35 -29.58 -33.08
CA ARG C 476 0.76 -28.30 -32.50
C ARG C 476 1.85 -28.50 -31.46
N PHE C 477 2.02 -29.72 -30.99
CA PHE C 477 2.78 -30.02 -29.80
C PHE C 477 4.00 -30.87 -30.11
N VAL C 478 4.33 -31.03 -31.39
CA VAL C 478 5.48 -31.83 -31.81
C VAL C 478 6.78 -31.21 -31.32
N ASP C 479 6.86 -29.87 -31.34
CA ASP C 479 8.13 -29.25 -31.03
C ASP C 479 8.16 -28.72 -29.60
N ARG C 480 7.08 -28.92 -28.84
CA ARG C 480 7.02 -28.32 -27.51
C ARG C 480 7.36 -29.32 -26.42
N LEU C 481 7.19 -30.62 -26.68
CA LEU C 481 7.22 -31.57 -25.59
C LEU C 481 8.65 -31.91 -25.16
N LEU C 482 8.76 -32.51 -24.00
CA LEU C 482 9.98 -32.92 -23.33
C LEU C 482 9.81 -34.38 -22.93
N PRO C 483 10.87 -35.04 -22.42
CA PRO C 483 10.64 -36.35 -21.79
C PRO C 483 9.79 -36.29 -20.52
N SER C 484 9.74 -35.12 -19.86
CA SER C 484 9.01 -35.00 -18.60
C SER C 484 7.55 -34.63 -18.78
N HIS C 485 6.99 -34.76 -19.97
CA HIS C 485 5.59 -34.40 -20.20
C HIS C 485 4.69 -35.61 -20.34
N ASN C 486 5.20 -36.81 -20.17
CA ASN C 486 4.38 -38.01 -20.36
C ASN C 486 3.86 -38.48 -18.99
N GLY C 487 3.02 -37.63 -18.40
CA GLY C 487 2.48 -37.87 -17.09
C GLY C 487 0.98 -38.02 -17.11
N THR C 488 0.43 -38.25 -15.94
CA THR C 488 -1.01 -38.37 -15.79
C THR C 488 -1.64 -36.98 -15.76
N ALA C 489 -2.69 -36.78 -16.54
CA ALA C 489 -3.46 -35.55 -16.48
C ALA C 489 -4.27 -35.58 -15.20
N THR C 490 -3.95 -34.70 -14.27
CA THR C 490 -4.61 -34.67 -12.97
C THR C 490 -5.52 -33.46 -12.91
N VAL C 491 -6.15 -33.26 -11.75
CA VAL C 491 -6.89 -32.03 -11.53
C VAL C 491 -5.92 -30.94 -11.08
N LEU C 492 -4.79 -31.34 -10.50
CA LEU C 492 -3.70 -30.41 -10.23
C LEU C 492 -3.03 -29.97 -11.52
N GLY C 493 -2.75 -30.92 -12.40
CA GLY C 493 -2.08 -30.62 -13.65
C GLY C 493 -1.48 -31.87 -14.24
N CYS C 494 -0.24 -31.75 -14.69
CA CYS C 494 0.55 -32.90 -15.12
C CYS C 494 1.62 -33.18 -14.09
N LEU C 495 1.55 -34.34 -13.44
CA LEU C 495 2.62 -34.77 -12.56
C LEU C 495 3.40 -35.87 -13.23
N PHE C 496 4.71 -35.69 -13.29
CA PHE C 496 5.61 -36.61 -13.95
C PHE C 496 6.50 -37.28 -12.91
N ASN C 497 6.78 -38.56 -13.17
CA ASN C 497 7.73 -39.38 -12.42
C ASN C 497 7.28 -39.52 -10.96
N ALA C 498 5.96 -39.68 -10.79
CA ALA C 498 5.31 -39.87 -9.51
C ALA C 498 3.98 -40.57 -9.75
N SER C 499 3.49 -41.24 -8.72
CA SER C 499 2.21 -41.95 -8.81
C SER C 499 1.11 -41.11 -8.16
N TYR C 500 -0.13 -41.38 -8.55
CA TYR C 500 -1.19 -40.41 -8.40
C TYR C 500 -2.37 -40.84 -7.53
N ALA C 501 -2.57 -42.15 -7.31
CA ALA C 501 -3.83 -42.80 -6.90
C ALA C 501 -4.60 -42.10 -5.79
N PRO C 502 -5.73 -41.48 -6.10
CA PRO C 502 -6.51 -40.75 -5.10
C PRO C 502 -7.48 -41.61 -4.31
N ASN C 503 -7.56 -42.90 -4.59
CA ASN C 503 -8.59 -43.73 -3.98
C ASN C 503 -8.33 -43.94 -2.49
N ASP C 504 -7.06 -43.95 -2.08
CA ASP C 504 -6.71 -44.01 -0.67
C ASP C 504 -6.31 -42.63 -0.17
N THR C 505 -6.56 -42.39 1.11
CA THR C 505 -6.35 -41.09 1.71
C THR C 505 -5.15 -41.12 2.64
N MET C 506 -4.80 -39.94 3.12
CA MET C 506 -3.82 -39.79 4.18
C MET C 506 -4.25 -38.62 5.05
N VAL C 507 -3.88 -38.66 6.33
CA VAL C 507 -4.36 -37.67 7.27
C VAL C 507 -3.27 -36.69 7.68
N ASN C 508 -2.00 -37.10 7.64
CA ASN C 508 -0.90 -36.24 8.06
C ASN C 508 -0.47 -35.41 6.87
N CYS C 509 -1.20 -34.33 6.62
CA CYS C 509 -0.90 -33.40 5.54
C CYS C 509 0.30 -32.54 5.91
N THR C 510 1.48 -33.15 5.90
CA THR C 510 2.73 -32.48 6.25
C THR C 510 3.05 -31.35 5.29
N ASN C 511 2.96 -31.62 3.99
CA ASN C 511 3.10 -30.61 2.95
C ASN C 511 1.93 -30.73 1.99
N PRO C 512 0.81 -30.09 2.30
CA PRO C 512 -0.36 -30.16 1.43
C PRO C 512 -0.10 -29.44 0.12
N LEU C 513 -0.78 -29.88 -0.92
CA LEU C 513 -0.42 -29.49 -2.26
C LEU C 513 -1.45 -28.57 -2.90
N GLY C 514 -2.71 -28.65 -2.47
CA GLY C 514 -3.76 -27.88 -3.09
C GLY C 514 -4.86 -28.79 -3.62
N ASP C 515 -6.07 -28.21 -3.69
CA ASP C 515 -7.27 -28.84 -4.26
C ASP C 515 -7.65 -30.09 -3.47
N GLY C 516 -7.29 -30.13 -2.20
CA GLY C 516 -7.52 -31.32 -1.42
C GLY C 516 -6.59 -32.48 -1.69
N PHE C 517 -5.42 -32.23 -2.25
CA PHE C 517 -4.45 -33.28 -2.53
C PHE C 517 -3.22 -33.06 -1.66
N CYS C 518 -2.55 -34.15 -1.32
CA CYS C 518 -1.37 -34.10 -0.47
C CYS C 518 -0.29 -34.98 -1.08
N ALA C 519 0.95 -34.54 -0.98
CA ALA C 519 2.08 -35.35 -1.41
C ALA C 519 2.71 -36.01 -0.20
N ASP C 520 2.97 -37.31 -0.30
CA ASP C 520 3.65 -38.02 0.76
C ASP C 520 5.09 -38.29 0.37
N LEU C 521 5.95 -38.26 1.38
CA LEU C 521 7.39 -38.42 1.15
C LEU C 521 7.96 -39.59 1.92
N LEU C 522 7.25 -40.72 1.97
CA LEU C 522 7.75 -41.86 2.73
C LEU C 522 8.71 -42.69 1.88
N GLY C 523 8.23 -43.25 0.78
CA GLY C 523 9.06 -44.06 -0.09
C GLY C 523 9.29 -43.33 -1.39
N ASN C 524 8.98 -43.97 -2.51
CA ASN C 524 8.84 -43.24 -3.76
C ASN C 524 7.73 -42.21 -3.63
N VAL C 525 7.91 -41.07 -4.30
CA VAL C 525 7.05 -39.92 -4.06
C VAL C 525 5.72 -40.15 -4.75
N ALA C 526 4.63 -39.69 -4.14
CA ALA C 526 3.31 -39.92 -4.67
C ALA C 526 2.41 -38.77 -4.26
N VAL C 527 1.23 -38.72 -4.88
CA VAL C 527 0.23 -37.72 -4.59
C VAL C 527 -1.00 -38.45 -4.08
N ARG C 528 -1.50 -38.01 -2.93
CA ARG C 528 -2.65 -38.64 -2.30
C ARG C 528 -3.69 -37.58 -1.98
N ARG C 529 -4.90 -38.02 -1.73
CA ARG C 529 -6.00 -37.12 -1.43
C ARG C 529 -6.12 -36.97 0.09
N MET C 530 -5.96 -35.76 0.59
CA MET C 530 -5.94 -35.54 2.03
C MET C 530 -7.35 -35.55 2.59
N THR C 531 -7.45 -35.88 3.87
CA THR C 531 -8.74 -36.00 4.53
C THR C 531 -8.80 -35.15 5.78
N PHE C 532 -9.89 -35.24 6.53
CA PHE C 532 -10.07 -34.45 7.74
C PHE C 532 -10.79 -35.27 8.79
N GLU C 533 -10.34 -35.15 10.03
CA GLU C 533 -10.99 -35.83 11.14
C GLU C 533 -12.35 -35.20 11.43
N LYS C 534 -13.31 -36.03 11.83
CA LYS C 534 -14.69 -35.58 11.90
C LYS C 534 -15.02 -34.97 13.26
N HIS C 535 -16.20 -34.37 13.37
CA HIS C 535 -16.46 -33.27 14.29
C HIS C 535 -17.35 -33.66 15.47
N ASP C 536 -18.54 -34.20 15.22
CA ASP C 536 -19.48 -34.70 16.24
C ASP C 536 -19.92 -33.60 17.22
N THR C 537 -20.80 -32.74 16.69
CA THR C 537 -21.57 -31.72 17.41
C THR C 537 -22.09 -32.19 18.77
N THR C 538 -21.98 -31.30 19.76
CA THR C 538 -22.46 -31.59 21.11
C THR C 538 -23.91 -31.19 21.35
N TYR C 539 -24.58 -30.58 20.40
CA TYR C 539 -26.01 -30.31 20.52
C TYR C 539 -26.76 -31.63 20.45
N VAL C 540 -27.21 -32.12 21.59
CA VAL C 540 -28.11 -33.26 21.59
C VAL C 540 -29.50 -32.76 21.24
N ALA C 541 -30.23 -33.55 20.51
CA ALA C 541 -31.54 -33.08 20.13
C ALA C 541 -32.54 -33.40 21.23
N PRO C 542 -33.58 -32.58 21.41
CA PRO C 542 -34.60 -32.92 22.41
C PRO C 542 -35.36 -34.16 21.99
N VAL C 543 -35.49 -35.10 22.91
CA VAL C 543 -36.04 -36.41 22.59
C VAL C 543 -37.54 -36.40 22.83
N THR C 544 -38.27 -36.98 21.88
CA THR C 544 -39.65 -37.40 22.06
C THR C 544 -39.82 -38.70 21.30
N ASN C 545 -41.06 -39.20 21.31
CA ASN C 545 -41.62 -40.29 20.49
C ASN C 545 -40.68 -41.46 20.20
N GLU C 546 -40.36 -42.20 21.28
CA GLU C 546 -39.12 -42.94 21.53
C GLU C 546 -38.53 -43.68 20.33
N ARG C 547 -37.21 -43.66 20.26
CA ARG C 547 -36.48 -44.05 19.06
C ARG C 547 -35.17 -44.68 19.49
N TYR C 548 -34.39 -45.11 18.50
CA TYR C 548 -33.09 -45.75 18.77
C TYR C 548 -32.00 -44.69 18.77
N THR C 549 -31.98 -43.87 19.82
CA THR C 549 -30.93 -42.86 19.99
C THR C 549 -29.62 -43.52 20.38
N GLU C 550 -28.54 -43.20 19.69
CA GLU C 550 -27.25 -43.69 20.15
C GLU C 550 -26.64 -42.69 21.13
N MET C 551 -26.06 -43.21 22.20
CA MET C 551 -25.35 -42.38 23.14
C MET C 551 -23.91 -42.85 23.22
N PRO C 552 -22.98 -41.95 23.52
CA PRO C 552 -21.59 -42.38 23.68
C PRO C 552 -21.35 -43.16 24.96
N LEU C 553 -20.40 -44.08 24.89
CA LEU C 553 -20.07 -44.92 26.03
C LEU C 553 -18.88 -44.38 26.82
N ASP C 554 -17.96 -43.68 26.17
CA ASP C 554 -16.86 -43.01 26.86
C ASP C 554 -16.34 -41.89 25.99
N HIS C 555 -15.73 -40.91 26.63
CA HIS C 555 -15.18 -39.73 25.99
C HIS C 555 -13.66 -39.83 25.99
N GLN C 556 -13.02 -38.78 25.48
CA GLN C 556 -11.61 -38.56 25.79
C GLN C 556 -11.36 -37.07 25.79
N LEU C 557 -10.40 -36.65 26.60
CA LEU C 557 -9.94 -35.28 26.53
C LEU C 557 -9.24 -35.01 25.21
N ILE C 558 -9.47 -33.83 24.67
CA ILE C 558 -8.74 -33.33 23.52
C ILE C 558 -8.33 -31.90 23.80
N LEU C 559 -7.03 -31.66 23.85
CA LEU C 559 -6.53 -30.29 23.92
C LEU C 559 -6.51 -29.73 22.50
N THR C 560 -7.14 -28.57 22.33
CA THR C 560 -7.12 -27.86 21.06
C THR C 560 -6.45 -26.53 21.34
N GLU C 561 -5.13 -26.48 21.23
CA GLU C 561 -4.43 -25.22 21.44
C GLU C 561 -4.72 -24.27 20.29
N GLN C 562 -4.94 -23.00 20.61
CA GLN C 562 -5.45 -22.04 19.63
C GLN C 562 -4.74 -20.73 19.83
N PHE C 563 -3.83 -20.40 18.92
CA PHE C 563 -3.07 -19.17 19.02
C PHE C 563 -3.84 -18.02 18.40
N LEU C 564 -3.95 -16.93 19.15
CA LEU C 564 -4.56 -15.69 18.67
C LEU C 564 -3.53 -14.59 18.84
N GLN C 565 -3.10 -14.02 17.72
CA GLN C 565 -2.07 -12.99 17.76
C GLN C 565 -2.71 -11.72 18.28
N THR C 566 -2.07 -11.10 19.28
CA THR C 566 -2.70 -9.96 19.95
C THR C 566 -1.81 -8.77 20.24
N THR C 567 -0.50 -8.86 20.11
CA THR C 567 0.37 -7.71 20.33
C THR C 567 1.34 -7.61 19.16
N MET C 568 1.82 -6.42 18.91
CA MET C 568 3.00 -6.22 18.10
C MET C 568 3.73 -5.04 18.74
N PRO C 569 5.05 -4.91 18.54
CA PRO C 569 5.77 -3.80 19.15
C PRO C 569 5.35 -2.46 18.58
N LYS C 570 4.91 -1.57 19.45
CA LYS C 570 4.56 -0.21 19.06
C LYS C 570 5.79 0.50 18.53
N PHE C 571 5.61 1.29 17.48
CA PHE C 571 6.72 1.91 16.79
C PHE C 571 6.57 3.41 16.87
N SER C 572 7.71 4.09 16.77
CA SER C 572 7.73 5.54 16.71
C SER C 572 8.76 5.87 15.64
N VAL C 573 8.31 5.94 14.40
CA VAL C 573 9.25 6.23 13.32
C VAL C 573 9.47 7.74 13.24
N SER C 574 10.59 8.11 12.63
CA SER C 574 10.87 9.50 12.33
C SER C 574 11.36 9.52 10.90
N CYS C 575 10.48 9.90 9.98
CA CYS C 575 10.80 9.83 8.56
C CYS C 575 11.85 10.86 8.15
N GLU C 576 11.96 11.98 8.87
CA GLU C 576 12.97 12.98 8.55
C GLU C 576 14.36 12.40 8.67
N THR C 577 14.58 11.53 9.64
CA THR C 577 15.89 10.92 9.84
C THR C 577 15.96 9.48 9.42
N TYR C 578 14.86 8.90 8.92
CA TYR C 578 14.98 7.62 8.24
C TYR C 578 15.34 7.83 6.78
N ILE C 579 14.49 8.57 6.06
CA ILE C 579 14.61 8.74 4.61
C ILE C 579 15.91 9.41 4.25
N CYS C 580 16.41 10.26 5.14
CA CYS C 580 17.71 10.86 4.95
C CYS C 580 18.36 11.11 6.29
N ASP C 581 19.66 10.92 6.34
CA ASP C 581 20.42 11.03 7.56
C ASP C 581 20.68 12.48 7.93
N VAL C 582 21.74 12.72 8.70
CA VAL C 582 22.17 14.04 9.16
C VAL C 582 22.38 15.08 8.05
N SER C 583 22.38 14.67 6.78
CA SER C 583 22.44 15.59 5.65
C SER C 583 21.24 16.53 5.64
N LYS C 584 21.52 17.83 5.59
CA LYS C 584 20.49 18.84 5.58
C LYS C 584 19.90 19.06 4.20
N ALA C 585 20.66 18.70 3.15
CA ALA C 585 20.21 18.91 1.78
C ALA C 585 19.03 18.03 1.39
N CYS C 586 18.75 16.98 2.16
CA CYS C 586 17.48 16.29 2.05
C CYS C 586 16.35 17.09 2.66
N LYS C 587 16.56 17.60 3.87
CA LYS C 587 15.45 18.01 4.71
C LYS C 587 14.80 19.30 4.23
N ASN C 588 15.52 20.11 3.46
CA ASN C 588 14.91 21.23 2.76
C ASN C 588 14.30 20.82 1.42
N LEU C 589 14.50 19.57 1.01
CA LEU C 589 13.93 19.02 -0.21
C LEU C 589 12.87 17.97 0.06
N LEU C 590 12.82 17.42 1.27
CA LEU C 590 11.91 16.32 1.57
C LEU C 590 10.48 16.80 1.70
N PHE C 591 10.26 18.04 2.14
CA PHE C 591 8.89 18.49 2.33
C PHE C 591 8.22 18.95 1.04
N ARG C 592 8.82 18.65 -0.11
CA ARG C 592 8.12 18.79 -1.37
C ARG C 592 7.27 17.57 -1.71
N TYR C 593 7.49 16.44 -1.07
CA TYR C 593 6.91 15.19 -1.56
C TYR C 593 5.54 14.92 -0.93
N GLY C 594 4.61 15.84 -1.19
CA GLY C 594 3.20 15.58 -0.93
C GLY C 594 2.80 15.49 0.52
N GLY C 595 3.57 16.08 1.42
CA GLY C 595 3.33 15.92 2.84
C GLY C 595 3.52 14.49 3.28
N PHE C 596 4.57 13.83 2.79
CA PHE C 596 4.77 12.42 3.09
C PHE C 596 5.14 12.22 4.54
N CYS C 597 6.05 13.04 5.05
CA CYS C 597 6.65 12.76 6.34
C CYS C 597 5.67 13.05 7.48
N GLN C 598 4.89 14.14 7.37
CA GLN C 598 3.89 14.41 8.38
C GLN C 598 2.79 13.36 8.36
N LYS C 599 2.48 12.79 7.20
CA LYS C 599 1.48 11.74 7.14
C LYS C 599 1.98 10.46 7.77
N VAL C 600 3.24 10.10 7.54
CA VAL C 600 3.79 8.86 8.07
C VAL C 600 3.92 8.92 9.59
N GLU C 601 4.47 10.00 10.12
CA GLU C 601 4.65 10.05 11.57
C GLU C 601 3.32 10.25 12.29
N ALA C 602 2.36 10.95 11.67
CA ALA C 602 1.04 11.02 12.30
C ALA C 602 0.29 9.71 12.18
N ASP C 603 0.58 8.92 11.15
CA ASP C 603 -0.13 7.66 11.02
C ASP C 603 0.41 6.59 11.97
N ILE C 604 1.73 6.53 12.11
CA ILE C 604 2.33 5.59 13.05
C ILE C 604 1.94 5.95 14.47
N ARG C 605 1.81 7.24 14.76
CA ARG C 605 1.29 7.65 16.05
C ARG C 605 -0.18 7.27 16.18
N GLY C 606 -0.95 7.37 15.11
CA GLY C 606 -2.36 7.05 15.19
C GLY C 606 -2.64 5.57 15.33
N ALA C 607 -1.94 4.74 14.56
CA ALA C 607 -2.05 3.31 14.71
C ALA C 607 -1.43 2.83 16.00
N GLY C 608 -0.41 3.54 16.48
CA GLY C 608 0.18 3.21 17.75
C GLY C 608 -0.77 3.46 18.91
N ILE C 609 -1.56 4.54 18.84
CA ILE C 609 -2.47 4.78 19.94
C ILE C 609 -3.75 3.96 19.81
N LEU C 610 -4.09 3.47 18.61
CA LEU C 610 -5.12 2.44 18.52
C LEU C 610 -4.68 1.16 19.20
N LEU C 611 -3.45 0.72 18.92
CA LEU C 611 -2.91 -0.47 19.58
C LEU C 611 -2.76 -0.24 21.07
N ASP C 612 -2.46 0.99 21.47
CA ASP C 612 -2.29 1.35 22.87
C ASP C 612 -3.59 1.16 23.62
N GLY C 613 -4.67 1.76 23.15
CA GLY C 613 -5.95 1.65 23.83
C GLY C 613 -6.56 0.27 23.74
N ASP C 614 -6.19 -0.49 22.71
CA ASP C 614 -6.85 -1.77 22.49
C ASP C 614 -6.16 -2.91 23.22
N VAL C 615 -4.84 -2.83 23.40
CA VAL C 615 -4.19 -3.73 24.35
C VAL C 615 -4.58 -3.35 25.78
N SER C 616 -4.86 -2.07 26.02
CA SER C 616 -5.34 -1.67 27.33
C SER C 616 -6.72 -2.23 27.62
N SER C 617 -7.58 -2.33 26.61
CA SER C 617 -8.88 -2.95 26.86
C SER C 617 -8.76 -4.46 26.95
N LEU C 618 -7.73 -5.05 26.34
CA LEU C 618 -7.50 -6.48 26.52
C LEU C 618 -7.09 -6.80 27.95
N TYR C 619 -6.12 -6.06 28.49
CA TYR C 619 -5.74 -6.33 29.87
C TYR C 619 -6.74 -5.81 30.87
N SER C 620 -7.70 -4.99 30.45
CA SER C 620 -8.77 -4.63 31.37
C SER C 620 -9.77 -5.76 31.56
N THR C 621 -9.82 -6.74 30.65
CA THR C 621 -10.67 -7.90 30.80
C THR C 621 -9.88 -9.19 30.98
N ILE C 622 -8.57 -9.10 31.19
CA ILE C 622 -7.80 -10.23 31.70
C ILE C 622 -7.68 -10.17 33.21
N ALA C 623 -7.41 -8.99 33.74
CA ALA C 623 -7.15 -8.78 35.16
C ALA C 623 -8.42 -9.07 35.95
N ALA C 624 -8.44 -10.21 36.61
CA ALA C 624 -9.65 -10.72 37.23
C ALA C 624 -9.47 -10.82 38.74
N LYS C 625 -10.44 -11.43 39.40
CA LYS C 625 -10.68 -11.25 40.82
C LYS C 625 -10.64 -12.59 41.53
N THR C 626 -9.54 -13.33 41.34
CA THR C 626 -9.33 -14.57 42.08
C THR C 626 -9.35 -14.33 43.59
N SER C 627 -9.87 -15.31 44.32
CA SER C 627 -10.08 -15.14 45.75
C SER C 627 -8.78 -15.35 46.51
N SER C 628 -8.83 -15.04 47.80
CA SER C 628 -7.70 -15.25 48.68
C SER C 628 -7.68 -16.64 49.28
N VAL C 629 -8.64 -17.49 48.92
CA VAL C 629 -8.65 -18.87 49.39
C VAL C 629 -7.59 -19.68 48.67
N VAL C 630 -7.40 -19.41 47.37
CA VAL C 630 -6.54 -20.07 46.38
C VAL C 630 -6.64 -21.60 46.51
N PRO C 631 -7.71 -22.19 45.99
CA PRO C 631 -8.02 -23.61 46.25
C PRO C 631 -6.96 -24.55 45.70
N THR C 632 -6.51 -25.46 46.55
CA THR C 632 -5.46 -26.39 46.19
C THR C 632 -5.97 -27.41 45.19
N THR C 633 -5.05 -27.95 44.41
CA THR C 633 -5.33 -29.09 43.56
C THR C 633 -4.88 -30.37 44.24
N ASP C 634 -5.35 -31.50 43.72
CA ASP C 634 -4.91 -32.79 44.21
C ASP C 634 -4.09 -33.53 43.17
N ARG C 635 -4.63 -33.74 41.99
CA ARG C 635 -3.94 -34.48 40.96
C ARG C 635 -3.73 -33.70 39.69
N PHE C 636 -4.36 -32.54 39.54
CA PHE C 636 -4.14 -31.68 38.38
C PHE C 636 -2.79 -31.00 38.56
N ASN C 637 -1.81 -31.35 37.72
CA ASN C 637 -0.57 -30.57 37.73
C ASN C 637 -0.81 -29.31 36.91
N VAL C 638 -1.48 -28.34 37.55
CA VAL C 638 -1.73 -27.07 36.92
C VAL C 638 -0.83 -25.97 37.46
N SER C 639 -0.32 -26.12 38.68
CA SER C 639 0.55 -25.09 39.23
C SER C 639 1.96 -25.19 38.67
N GLN C 640 2.39 -26.37 38.27
CA GLN C 640 3.75 -26.53 37.76
C GLN C 640 3.82 -26.37 36.26
N PHE C 641 2.69 -26.18 35.58
CA PHE C 641 2.69 -25.94 34.14
C PHE C 641 2.18 -24.55 33.78
N PHE C 642 1.07 -24.13 34.35
CA PHE C 642 0.40 -22.91 33.94
C PHE C 642 0.69 -21.72 34.82
N LEU C 643 0.96 -21.93 36.10
CA LEU C 643 1.29 -20.82 36.96
C LEU C 643 2.75 -20.41 36.80
N PRO C 644 3.07 -19.13 36.99
CA PRO C 644 4.46 -18.70 36.86
C PRO C 644 5.32 -19.21 37.99
N LYS C 645 6.59 -19.43 37.68
CA LYS C 645 7.54 -20.02 38.61
C LYS C 645 7.94 -19.03 39.70
N SER C 655 9.93 -15.33 35.74
CA SER C 655 8.60 -14.95 36.20
C SER C 655 7.54 -15.25 35.14
N ARG C 656 7.83 -16.20 34.27
CA ARG C 656 6.84 -16.73 33.34
C ARG C 656 6.70 -18.22 33.59
N SER C 657 5.58 -18.76 33.13
CA SER C 657 5.24 -20.13 33.46
C SER C 657 6.00 -21.12 32.60
N ALA C 658 5.89 -22.40 32.96
CA ALA C 658 6.76 -23.41 32.38
C ALA C 658 6.22 -23.90 31.03
N ILE C 659 5.10 -23.35 30.58
CA ILE C 659 4.62 -23.69 29.25
C ILE C 659 5.10 -22.67 28.23
N GLU C 660 5.02 -21.38 28.55
CA GLU C 660 5.47 -20.40 27.56
C GLU C 660 6.98 -20.24 27.51
N ASP C 661 7.71 -20.57 28.58
CA ASP C 661 9.17 -20.66 28.45
C ASP C 661 9.56 -21.82 27.56
N LEU C 662 8.90 -22.96 27.75
CA LEU C 662 9.05 -24.08 26.84
C LEU C 662 8.52 -23.76 25.46
N LEU C 663 7.58 -22.83 25.35
CA LEU C 663 7.07 -22.47 24.05
C LEU C 663 8.08 -21.61 23.30
N PHE C 664 8.72 -20.66 23.99
CA PHE C 664 9.72 -19.80 23.35
C PHE C 664 10.95 -20.59 22.94
N SER C 665 11.25 -21.67 23.66
CA SER C 665 12.38 -22.51 23.28
C SER C 665 12.09 -23.25 21.97
N LYS C 666 10.83 -23.39 21.60
CA LYS C 666 10.49 -24.17 20.42
C LYS C 666 10.46 -23.32 19.17
N ILE C 667 10.73 -22.02 19.29
CA ILE C 667 10.60 -21.14 18.14
C ILE C 667 11.97 -20.76 17.62
N GLU C 668 12.20 -21.02 16.34
CA GLU C 668 13.50 -20.77 15.73
C GLU C 668 13.42 -19.52 14.88
N THR C 669 14.20 -18.51 15.25
CA THR C 669 14.29 -17.32 14.43
C THR C 669 15.11 -17.66 13.20
N THR C 670 14.86 -16.94 12.10
CA THR C 670 15.48 -17.29 10.81
C THR C 670 16.99 -17.09 10.85
N GLY C 671 17.44 -15.95 11.36
CA GLY C 671 18.85 -15.69 11.43
C GLY C 671 19.15 -14.58 12.40
N PRO C 672 20.43 -14.30 12.61
CA PRO C 672 20.79 -13.11 13.39
C PRO C 672 20.45 -11.86 12.61
N GLY C 673 20.01 -10.84 13.33
CA GLY C 673 19.59 -9.60 12.72
C GLY C 673 19.16 -8.66 13.82
N PHE C 674 18.36 -7.67 13.45
CA PHE C 674 17.85 -6.76 14.48
C PHE C 674 16.66 -7.38 15.18
N TYR C 675 15.79 -8.06 14.43
CA TYR C 675 14.68 -8.74 15.08
C TYR C 675 15.16 -9.98 15.82
N GLY C 676 16.25 -10.59 15.38
CA GLY C 676 16.83 -11.68 16.13
C GLY C 676 17.35 -11.23 17.48
N ASP C 677 18.01 -10.07 17.53
CA ASP C 677 18.46 -9.53 18.80
C ASP C 677 17.28 -9.10 19.67
N TYR C 678 16.23 -8.56 19.05
CA TYR C 678 15.05 -8.16 19.78
C TYR C 678 14.33 -9.35 20.38
N TYR C 679 14.14 -10.39 19.57
CA TYR C 679 13.40 -11.55 20.04
C TYR C 679 14.19 -12.36 21.05
N ASN C 680 15.49 -12.54 20.82
CA ASN C 680 16.28 -13.32 21.76
C ASN C 680 16.58 -12.56 23.04
N CYS C 681 16.49 -11.24 23.05
CA CYS C 681 16.47 -10.56 24.33
C CYS C 681 15.12 -10.71 25.01
N LYS C 682 14.04 -10.63 24.24
CA LYS C 682 12.72 -10.74 24.83
C LYS C 682 12.36 -12.20 25.16
N LYS C 683 13.13 -13.15 24.63
CA LYS C 683 12.88 -14.56 24.92
C LYS C 683 13.36 -14.92 26.31
N ASN C 684 14.66 -14.74 26.58
CA ASN C 684 15.19 -15.15 27.88
C ASN C 684 14.81 -14.17 28.97
N ALA C 685 14.52 -12.93 28.59
CA ALA C 685 13.90 -11.90 29.44
C ALA C 685 14.74 -11.63 30.70
N ILE C 686 16.04 -11.42 30.49
CA ILE C 686 16.94 -11.17 31.60
C ILE C 686 16.62 -9.83 32.25
N GLN C 687 16.51 -9.85 33.58
CA GLN C 687 15.88 -8.78 34.33
C GLN C 687 16.71 -7.52 34.33
N ASP C 688 16.03 -6.39 34.55
CA ASP C 688 16.62 -5.08 34.84
C ASP C 688 17.50 -4.55 33.70
N LEU C 689 17.17 -4.90 32.46
CA LEU C 689 17.68 -4.19 31.31
C LEU C 689 16.62 -4.21 30.23
N THR C 690 16.88 -3.45 29.18
CA THR C 690 15.93 -3.22 28.11
C THR C 690 16.36 -3.94 26.86
N CYS C 691 15.41 -4.18 25.98
CA CYS C 691 15.68 -4.33 24.56
C CYS C 691 14.52 -3.69 23.82
N ALA C 692 14.72 -2.41 23.52
CA ALA C 692 13.90 -1.63 22.59
C ALA C 692 14.91 -1.05 21.63
N GLN C 693 15.05 -1.69 20.48
CA GLN C 693 16.06 -1.30 19.50
C GLN C 693 15.74 0.05 18.90
N TYR C 694 16.76 0.89 18.75
CA TYR C 694 16.68 2.05 17.89
C TYR C 694 17.71 1.90 16.80
N HIS C 695 17.29 2.03 15.55
CA HIS C 695 18.21 2.07 14.43
C HIS C 695 17.67 3.04 13.40
N ASN C 696 18.49 4.06 13.08
CA ASN C 696 18.36 5.10 12.07
C ASN C 696 16.95 5.60 11.79
N GLY C 697 16.29 6.08 12.84
CA GLY C 697 15.04 6.77 12.73
C GLY C 697 13.86 6.02 13.27
N ILE C 698 14.00 4.75 13.59
CA ILE C 698 12.89 3.90 13.97
C ILE C 698 13.16 3.37 15.35
N LEU C 699 12.46 3.91 16.34
CA LEU C 699 12.56 3.44 17.72
C LEU C 699 11.41 2.49 17.98
N VAL C 700 11.72 1.22 18.20
CA VAL C 700 10.67 0.29 18.61
C VAL C 700 10.48 0.46 20.10
N ILE C 701 9.24 0.41 20.55
CA ILE C 701 8.94 0.53 21.98
C ILE C 701 8.00 -0.60 22.35
N PRO C 702 8.05 -1.14 23.56
CA PRO C 702 7.07 -2.13 23.96
C PRO C 702 5.72 -1.47 24.16
N PRO C 703 4.62 -2.17 23.88
CA PRO C 703 3.29 -1.56 24.04
C PRO C 703 2.88 -1.42 25.51
N ILE C 704 1.62 -1.02 25.76
CA ILE C 704 1.18 -0.62 27.10
C ILE C 704 1.24 -1.78 28.08
N MET C 705 1.12 -3.01 27.60
CA MET C 705 1.36 -4.18 28.42
C MET C 705 1.77 -5.28 27.46
N ASP C 706 3.08 -5.48 27.33
CA ASP C 706 3.62 -6.48 26.44
C ASP C 706 3.40 -7.88 26.99
N ALA C 707 2.91 -8.77 26.11
CA ALA C 707 2.45 -10.07 26.55
C ALA C 707 3.60 -11.01 26.93
N GLU C 708 4.72 -10.92 26.24
CA GLU C 708 5.78 -11.92 26.38
C GLU C 708 6.88 -11.48 27.32
N THR C 709 6.65 -10.42 28.08
CA THR C 709 7.46 -10.11 29.25
C THR C 709 6.79 -10.58 30.54
N LEU C 710 5.50 -10.32 30.69
CA LEU C 710 4.75 -10.67 31.88
C LEU C 710 4.27 -12.09 31.76
N GLY C 711 4.29 -12.82 32.87
CA GLY C 711 3.60 -14.09 32.93
C GLY C 711 2.11 -13.91 32.88
N MET C 712 1.40 -15.01 32.59
CA MET C 712 -0.03 -14.88 32.37
C MET C 712 -0.78 -14.78 33.69
N TYR C 713 -0.58 -15.73 34.59
CA TYR C 713 -1.34 -15.78 35.82
C TYR C 713 -0.61 -15.18 37.00
N GLY C 714 0.44 -14.40 36.74
CA GLY C 714 1.14 -13.72 37.81
C GLY C 714 1.27 -12.25 37.50
N GLY C 715 1.84 -11.53 38.45
CA GLY C 715 2.08 -10.12 38.25
C GLY C 715 0.87 -9.27 38.54
N ILE C 716 0.92 -8.06 37.99
CA ILE C 716 -0.11 -7.06 38.27
C ILE C 716 -1.39 -7.37 37.52
N ALA C 717 -1.29 -7.71 36.24
CA ALA C 717 -2.45 -8.14 35.47
C ALA C 717 -2.60 -9.64 35.63
N ALA C 718 -2.99 -10.08 36.82
CA ALA C 718 -3.15 -11.48 37.13
C ALA C 718 -4.42 -11.99 36.49
N ALA C 719 -4.36 -13.20 35.94
CA ALA C 719 -5.42 -13.68 35.07
C ALA C 719 -6.32 -14.74 35.70
N SER C 720 -6.09 -15.10 36.97
CA SER C 720 -7.04 -15.85 37.81
C SER C 720 -7.35 -17.23 37.24
N VAL C 721 -6.39 -18.14 37.42
CA VAL C 721 -6.56 -19.54 37.01
C VAL C 721 -7.78 -20.18 37.68
N THR C 722 -8.13 -19.74 38.89
CA THR C 722 -9.23 -20.36 39.60
C THR C 722 -10.58 -19.85 39.10
N LEU C 723 -10.64 -18.57 38.76
CA LEU C 723 -11.92 -17.87 38.65
C LEU C 723 -12.71 -18.26 37.40
N GLY C 724 -12.12 -19.08 36.54
CA GLY C 724 -12.91 -19.61 35.44
C GLY C 724 -13.83 -20.72 35.87
N ILE C 725 -13.25 -21.81 36.38
CA ILE C 725 -14.04 -23.00 36.69
C ILE C 725 -14.66 -22.89 38.08
N PHE C 726 -14.01 -22.20 39.00
CA PHE C 726 -14.54 -22.09 40.36
C PHE C 726 -15.67 -21.08 40.45
N GLY C 727 -15.95 -20.38 39.37
CA GLY C 727 -17.11 -19.52 39.28
C GLY C 727 -16.89 -18.18 39.95
N GLY C 728 -17.83 -17.27 39.71
CA GLY C 728 -17.72 -15.93 40.28
C GLY C 728 -18.03 -15.91 41.76
N GLN C 729 -18.70 -16.93 42.26
CA GLN C 729 -18.91 -17.10 43.69
C GLN C 729 -18.03 -18.25 44.18
N ALA C 730 -16.88 -17.90 44.73
CA ALA C 730 -15.87 -18.88 45.10
C ALA C 730 -16.20 -19.49 46.46
N GLY C 731 -15.21 -20.12 47.08
CA GLY C 731 -15.42 -20.87 48.29
C GLY C 731 -15.41 -22.36 48.07
N MET C 732 -15.34 -22.79 46.82
CA MET C 732 -15.28 -24.20 46.48
C MET C 732 -13.93 -24.76 46.89
N ALA C 733 -13.92 -26.01 47.34
CA ALA C 733 -12.83 -26.50 48.17
C ALA C 733 -11.55 -26.72 47.37
N THR C 734 -11.58 -27.65 46.40
CA THR C 734 -10.41 -28.00 45.62
C THR C 734 -10.75 -28.03 44.14
N TRP C 735 -9.72 -28.28 43.34
CA TRP C 735 -9.91 -28.54 41.91
C TRP C 735 -10.65 -29.85 41.69
N SER C 736 -10.53 -30.80 42.60
CA SER C 736 -11.19 -32.09 42.44
C SER C 736 -12.70 -31.96 42.60
N VAL C 737 -13.16 -31.17 43.57
CA VAL C 737 -14.59 -30.97 43.71
C VAL C 737 -15.09 -29.99 42.65
N ALA C 738 -14.20 -29.16 42.13
CA ALA C 738 -14.57 -28.27 41.02
C ALA C 738 -14.78 -29.06 39.75
N MET C 739 -13.94 -30.05 39.53
CA MET C 739 -14.04 -30.80 38.30
C MET C 739 -15.21 -31.79 38.38
N ALA C 740 -15.49 -32.30 39.58
CA ALA C 740 -16.67 -33.14 39.75
C ALA C 740 -17.94 -32.34 39.56
N GLY C 741 -17.97 -31.12 40.08
CA GLY C 741 -19.12 -30.25 39.84
C GLY C 741 -19.22 -29.82 38.39
N ARG C 742 -18.09 -29.73 37.69
CA ARG C 742 -18.13 -29.43 36.27
C ARG C 742 -18.74 -30.58 35.50
N LEU C 743 -18.26 -31.81 35.73
CA LEU C 743 -18.78 -32.96 35.00
C LEU C 743 -20.25 -33.22 35.30
N ASN C 744 -20.72 -32.82 36.48
CA ASN C 744 -22.16 -32.78 36.72
C ASN C 744 -22.84 -31.72 35.88
N ALA C 745 -22.17 -30.58 35.65
CA ALA C 745 -22.83 -29.49 34.94
C ALA C 745 -22.96 -29.80 33.45
N LEU C 746 -21.89 -30.23 32.80
CA LEU C 746 -22.02 -30.55 31.38
C LEU C 746 -22.53 -31.96 31.12
N GLY C 747 -22.90 -32.69 32.15
CA GLY C 747 -23.71 -33.88 31.96
C GLY C 747 -22.99 -35.11 31.46
N VAL C 748 -21.74 -35.32 31.87
CA VAL C 748 -21.11 -36.60 31.60
C VAL C 748 -21.47 -37.60 32.69
N VAL C 749 -21.17 -37.28 33.93
CA VAL C 749 -21.57 -38.13 35.04
C VAL C 749 -21.92 -37.24 36.22
N GLN C 750 -23.00 -37.56 36.90
CA GLN C 750 -23.30 -36.81 38.10
C GLN C 750 -22.55 -37.44 39.26
N ASN C 751 -22.54 -36.71 40.39
CA ASN C 751 -21.91 -36.97 41.69
C ASN C 751 -20.59 -37.73 41.59
N ALA C 752 -19.70 -37.22 40.74
CA ALA C 752 -18.51 -37.96 40.33
C ALA C 752 -17.56 -38.16 41.50
N LEU C 753 -17.18 -39.41 41.71
CA LEU C 753 -16.34 -39.78 42.85
C LEU C 753 -14.89 -39.50 42.51
N VAL C 754 -13.98 -40.05 43.32
CA VAL C 754 -12.56 -39.85 43.07
C VAL C 754 -12.10 -40.57 41.82
N ASP C 755 -12.80 -41.61 41.37
CA ASP C 755 -12.32 -42.39 40.24
C ASP C 755 -12.50 -41.63 38.93
N ASP C 756 -13.64 -40.95 38.77
CA ASP C 756 -13.90 -40.25 37.53
C ASP C 756 -13.06 -38.98 37.42
N VAL C 757 -12.89 -38.28 38.54
CA VAL C 757 -12.06 -37.07 38.54
C VAL C 757 -10.59 -37.45 38.37
N ASN C 758 -10.14 -38.54 39.00
CA ASN C 758 -8.74 -38.92 38.84
C ASN C 758 -8.46 -39.49 37.46
N LYS C 759 -9.46 -40.10 36.83
CA LYS C 759 -9.30 -40.52 35.44
C LYS C 759 -9.20 -39.31 34.53
N LEU C 760 -10.00 -38.27 34.82
CA LEU C 760 -9.88 -37.02 34.08
C LEU C 760 -8.61 -36.28 34.45
N ALA C 761 -8.06 -36.56 35.63
CA ALA C 761 -6.83 -35.91 36.06
C ALA C 761 -5.62 -36.50 35.36
N ASN C 762 -5.55 -37.83 35.30
CA ASN C 762 -4.48 -38.48 34.55
C ASN C 762 -4.59 -38.16 33.08
N GLY C 763 -5.82 -38.04 32.57
CA GLY C 763 -6.00 -37.54 31.22
C GLY C 763 -5.49 -36.13 31.04
N PHE C 764 -5.78 -35.25 32.00
CA PHE C 764 -5.37 -33.84 31.92
C PHE C 764 -3.86 -33.71 31.89
N ASN C 765 -3.18 -34.36 32.84
CA ASN C 765 -1.74 -34.17 32.96
C ASN C 765 -0.99 -34.87 31.84
N GLN C 766 -1.42 -36.06 31.43
CA GLN C 766 -0.73 -36.73 30.33
C GLN C 766 -1.02 -36.10 28.98
N LEU C 767 -2.02 -35.21 28.89
CA LEU C 767 -2.29 -34.48 27.67
C LEU C 767 -1.83 -33.03 27.69
N THR C 768 -1.47 -32.49 28.85
CA THR C 768 -0.78 -31.20 28.88
C THR C 768 0.69 -31.31 29.23
N ALA C 769 1.18 -32.50 29.55
CA ALA C 769 2.61 -32.71 29.47
C ALA C 769 3.04 -33.02 28.04
N SER C 770 2.08 -33.25 27.16
CA SER C 770 2.30 -33.35 25.72
C SER C 770 2.35 -31.98 25.05
N VAL C 771 2.49 -30.90 25.83
CA VAL C 771 2.82 -29.60 25.26
C VAL C 771 4.31 -29.49 25.04
N SER C 772 5.09 -30.46 25.51
CA SER C 772 6.53 -30.44 25.25
C SER C 772 6.87 -31.26 24.02
N LYS C 773 6.15 -32.35 23.78
CA LYS C 773 6.51 -33.21 22.65
C LYS C 773 5.70 -32.89 21.39
N LEU C 774 5.66 -31.63 21.00
CA LEU C 774 5.18 -31.27 19.67
C LEU C 774 6.15 -30.27 19.06
N ALA C 775 6.51 -30.53 17.81
CA ALA C 775 7.50 -29.72 17.11
C ALA C 775 6.79 -28.60 16.36
N LEU C 776 7.52 -27.95 15.46
CA LEU C 776 6.93 -26.84 14.71
C LEU C 776 5.99 -27.37 13.63
N THR C 777 6.44 -28.30 12.82
CA THR C 777 5.54 -28.95 11.88
C THR C 777 4.60 -29.89 12.63
N THR C 778 3.46 -30.18 12.00
CA THR C 778 2.37 -30.98 12.55
C THR C 778 1.90 -30.45 13.89
N SER C 779 1.79 -29.12 14.00
CA SER C 779 1.36 -28.49 15.24
C SER C 779 0.15 -27.59 15.07
N SER C 780 0.09 -26.82 13.97
CA SER C 780 -0.97 -25.92 13.54
C SER C 780 -1.15 -24.71 14.44
N ALA C 781 -0.45 -24.62 15.56
CA ALA C 781 -0.41 -23.44 16.40
C ALA C 781 0.98 -23.01 16.76
N LEU C 782 1.98 -23.88 16.63
CA LEU C 782 3.34 -23.41 16.51
C LEU C 782 3.64 -22.93 15.11
N GLN C 783 2.87 -23.37 14.12
CA GLN C 783 3.02 -22.81 12.79
C GLN C 783 2.48 -21.39 12.74
N ALA C 784 1.53 -21.05 13.60
CA ALA C 784 0.97 -19.71 13.59
C ALA C 784 1.91 -18.72 14.27
N ILE C 785 2.52 -19.09 15.40
CA ILE C 785 3.48 -18.17 16.00
C ILE C 785 4.74 -18.09 15.17
N GLN C 786 5.12 -19.16 14.48
CA GLN C 786 6.26 -19.06 13.58
C GLN C 786 5.91 -18.23 12.34
N ALA C 787 4.63 -18.22 11.93
CA ALA C 787 4.25 -17.38 10.81
C ALA C 787 4.25 -15.90 11.21
N VAL C 788 3.87 -15.61 12.45
CA VAL C 788 3.90 -14.24 12.95
C VAL C 788 5.35 -13.76 13.11
N VAL C 789 6.23 -14.64 13.62
CA VAL C 789 7.63 -14.26 13.77
C VAL C 789 8.31 -14.09 12.42
N ASN C 790 7.99 -14.94 11.44
CA ASN C 790 8.61 -14.80 10.13
C ASN C 790 8.09 -13.58 9.39
N GLN C 791 6.81 -13.26 9.55
CA GLN C 791 6.26 -12.05 8.96
C GLN C 791 6.91 -10.82 9.56
N ASN C 792 7.14 -10.83 10.86
CA ASN C 792 7.70 -9.67 11.54
C ASN C 792 9.17 -9.50 11.21
N ALA C 793 9.89 -10.62 11.10
CA ALA C 793 11.31 -10.54 10.78
C ALA C 793 11.54 -10.14 9.33
N ALA C 794 10.74 -10.67 8.40
CA ALA C 794 10.88 -10.26 7.01
C ALA C 794 10.49 -8.81 6.81
N GLN C 795 9.59 -8.29 7.64
CA GLN C 795 9.24 -6.88 7.57
C GLN C 795 10.40 -6.00 8.00
N VAL C 796 11.10 -6.37 9.07
CA VAL C 796 12.20 -5.51 9.48
C VAL C 796 13.44 -5.70 8.60
N GLU C 797 13.58 -6.83 7.90
CA GLU C 797 14.69 -6.96 6.98
C GLU C 797 14.43 -6.19 5.69
N SER C 798 13.15 -6.07 5.28
CA SER C 798 12.82 -5.09 4.24
C SER C 798 13.13 -3.68 4.70
N LEU C 799 12.81 -3.38 5.95
CA LEU C 799 12.96 -2.03 6.48
C LEU C 799 14.42 -1.66 6.68
N VAL C 800 15.32 -2.63 6.73
CA VAL C 800 16.75 -2.38 6.84
C VAL C 800 17.44 -2.42 5.48
N SER C 801 17.01 -3.33 4.60
CA SER C 801 17.53 -3.31 3.23
C SER C 801 17.09 -2.07 2.46
N GLY C 802 16.03 -1.39 2.90
CA GLY C 802 15.69 -0.12 2.31
C GLY C 802 16.66 0.99 2.66
N ILE C 803 17.33 0.89 3.80
CA ILE C 803 18.27 1.94 4.19
C ILE C 803 19.71 1.56 3.82
N THR C 804 19.97 0.29 3.55
CA THR C 804 21.33 -0.08 3.15
C THR C 804 21.56 0.18 1.67
N GLU C 805 20.61 -0.20 0.82
CA GLU C 805 20.87 -0.25 -0.60
C GLU C 805 20.63 1.10 -1.28
N ASN C 806 21.56 1.49 -2.13
CA ASN C 806 21.32 2.54 -3.10
C ASN C 806 20.38 2.03 -4.17
N PHE C 807 19.40 2.86 -4.53
CA PHE C 807 18.34 2.42 -5.44
C PHE C 807 18.73 2.74 -6.87
N GLY C 808 19.93 2.31 -7.25
CA GLY C 808 20.51 2.74 -8.49
C GLY C 808 21.26 4.05 -8.41
N ALA C 809 21.19 4.75 -7.27
CA ALA C 809 21.99 5.95 -7.08
C ALA C 809 23.44 5.56 -6.86
N ILE C 810 24.33 6.55 -6.99
CA ILE C 810 25.76 6.26 -6.97
C ILE C 810 26.22 5.92 -5.56
N SER C 811 25.53 6.44 -4.56
CA SER C 811 25.84 6.13 -3.17
C SER C 811 24.59 6.32 -2.33
N THR C 812 24.76 6.15 -1.02
CA THR C 812 23.70 6.39 -0.06
C THR C 812 23.93 7.63 0.78
N ASN C 813 25.02 8.36 0.53
CA ASN C 813 25.29 9.62 1.20
C ASN C 813 24.83 10.75 0.29
N PHE C 814 23.98 11.63 0.81
CA PHE C 814 23.46 12.70 -0.03
C PHE C 814 24.49 13.78 -0.30
N LYS C 815 25.50 13.91 0.55
CA LYS C 815 26.57 14.84 0.26
C LYS C 815 27.38 14.38 -0.94
N VAL C 816 27.71 13.08 -0.99
CA VAL C 816 28.52 12.52 -2.07
C VAL C 816 27.78 12.61 -3.39
N ILE C 817 26.47 12.43 -3.39
CA ILE C 817 25.69 12.66 -4.61
C ILE C 817 25.69 14.13 -4.96
N SER C 818 25.68 15.01 -3.95
CA SER C 818 25.63 16.43 -4.23
C SER C 818 26.98 16.97 -4.69
N GLN C 819 28.09 16.55 -4.07
CA GLN C 819 29.40 17.06 -4.44
C GLN C 819 30.00 16.36 -5.64
N ARG C 820 29.28 15.46 -6.29
CA ARG C 820 29.83 14.81 -7.46
C ARG C 820 29.11 15.16 -8.75
N LEU C 821 27.79 15.15 -8.75
CA LEU C 821 27.04 15.22 -10.00
C LEU C 821 26.58 16.65 -10.29
N ASP C 822 25.73 16.75 -11.31
CA ASP C 822 25.38 18.02 -11.92
C ASP C 822 24.48 18.85 -10.98
N LYS C 823 24.05 20.02 -11.45
CA LYS C 823 23.01 20.73 -10.73
C LYS C 823 21.67 20.00 -10.88
N LEU C 824 21.44 19.38 -12.03
CA LEU C 824 20.16 18.76 -12.31
C LEU C 824 20.22 17.25 -12.42
N GLU C 825 21.34 16.68 -12.84
CA GLU C 825 21.41 15.22 -12.85
C GLU C 825 21.61 14.66 -11.45
N ALA C 826 22.12 15.47 -10.52
CA ALA C 826 22.09 15.05 -9.13
C ALA C 826 20.70 15.12 -8.55
N ASP C 827 19.80 15.91 -9.14
CA ASP C 827 18.41 15.88 -8.70
C ASP C 827 17.75 14.58 -9.11
N VAL C 828 18.06 14.07 -10.30
CA VAL C 828 17.45 12.81 -10.72
C VAL C 828 18.16 11.63 -10.07
N GLN C 829 19.35 11.82 -9.50
CA GLN C 829 19.93 10.78 -8.66
C GLN C 829 19.47 10.88 -7.22
N MET C 830 19.12 12.08 -6.76
CA MET C 830 18.60 12.26 -5.41
C MET C 830 17.23 11.61 -5.31
N ASP C 831 16.34 11.97 -6.23
CA ASP C 831 14.97 11.49 -6.27
C ASP C 831 14.85 10.08 -6.85
N ARG C 832 15.94 9.35 -6.90
CA ARG C 832 15.88 7.94 -7.19
C ARG C 832 15.95 7.09 -5.93
N LEU C 833 16.65 7.57 -4.90
CA LEU C 833 16.69 6.84 -3.64
C LEU C 833 15.93 7.52 -2.52
N ILE C 834 15.67 8.82 -2.60
CA ILE C 834 14.77 9.39 -1.60
C ILE C 834 13.35 8.95 -1.91
N ASN C 835 13.05 8.69 -3.19
CA ASN C 835 11.77 8.14 -3.62
C ASN C 835 11.73 6.63 -3.45
N GLY C 836 12.82 6.01 -3.00
CA GLY C 836 12.84 4.59 -2.78
C GLY C 836 12.79 4.26 -1.31
N ARG C 837 13.48 5.06 -0.51
CA ARG C 837 13.32 4.96 0.93
C ARG C 837 11.94 5.42 1.37
N MET C 838 11.35 6.35 0.62
CA MET C 838 9.94 6.67 0.77
C MET C 838 9.06 5.46 0.55
N ASN C 839 9.32 4.69 -0.51
CA ASN C 839 8.47 3.53 -0.79
C ASN C 839 8.67 2.42 0.21
N VAL C 840 9.90 2.21 0.69
CA VAL C 840 10.14 1.18 1.69
C VAL C 840 9.49 1.54 3.01
N LEU C 841 9.57 2.82 3.40
CA LEU C 841 8.95 3.26 4.64
C LEU C 841 7.43 3.20 4.56
N GLN C 842 6.86 3.61 3.43
CA GLN C 842 5.41 3.60 3.32
C GLN C 842 4.87 2.18 3.17
N LEU C 843 5.65 1.30 2.57
CA LEU C 843 5.29 -0.13 2.54
C LEU C 843 5.26 -0.69 3.94
N PHE C 844 6.18 -0.28 4.78
CA PHE C 844 6.14 -0.70 6.17
C PHE C 844 4.95 -0.12 6.90
N VAL C 845 4.63 1.14 6.64
CA VAL C 845 3.53 1.79 7.35
C VAL C 845 2.20 1.16 6.95
N THR C 846 2.03 0.78 5.69
CA THR C 846 0.79 0.12 5.34
C THR C 846 0.75 -1.33 5.79
N ASN C 847 1.89 -1.99 5.99
CA ASN C 847 1.84 -3.32 6.60
C ASN C 847 1.48 -3.20 8.07
N TYR C 848 2.02 -2.20 8.74
CA TYR C 848 1.71 -1.96 10.13
C TYR C 848 0.24 -1.60 10.31
N LYS C 849 -0.32 -0.83 9.37
CA LYS C 849 -1.72 -0.45 9.48
C LYS C 849 -2.66 -1.63 9.26
N LEU C 850 -2.39 -2.48 8.26
CA LEU C 850 -3.33 -3.57 8.03
C LEU C 850 -3.23 -4.62 9.12
N LYS C 851 -2.07 -4.76 9.74
CA LYS C 851 -2.01 -5.69 10.85
C LYS C 851 -2.63 -5.09 12.10
N ILE C 852 -2.66 -3.76 12.23
CA ILE C 852 -3.43 -3.13 13.31
C ILE C 852 -4.93 -3.31 13.10
N ALA C 853 -5.40 -3.21 11.86
CA ALA C 853 -6.83 -3.42 11.60
C ALA C 853 -7.25 -4.85 11.87
N GLU C 854 -6.40 -5.81 11.48
CA GLU C 854 -6.58 -7.21 11.87
C GLU C 854 -6.62 -7.37 13.38
N LEU C 855 -5.68 -6.72 14.09
CA LEU C 855 -5.63 -6.89 15.53
C LEU C 855 -6.77 -6.19 16.26
N ARG C 856 -7.38 -5.17 15.66
CA ARG C 856 -8.54 -4.56 16.29
C ARG C 856 -9.69 -5.55 16.37
N ASN C 857 -10.01 -6.17 15.25
CA ASN C 857 -11.14 -7.08 15.33
C ASN C 857 -10.76 -8.42 15.94
N THR C 858 -9.48 -8.79 15.88
CA THR C 858 -9.03 -9.98 16.60
C THR C 858 -9.13 -9.77 18.11
N HIS C 859 -8.86 -8.57 18.61
CA HIS C 859 -9.04 -8.35 20.04
C HIS C 859 -10.49 -8.35 20.43
N ARG C 860 -11.40 -8.01 19.53
CA ARG C 860 -12.81 -8.22 19.83
C ARG C 860 -13.10 -9.71 19.98
N TYR C 861 -12.46 -10.54 19.16
CA TYR C 861 -12.60 -11.98 19.31
C TYR C 861 -11.89 -12.50 20.55
N VAL C 862 -10.73 -11.95 20.87
CA VAL C 862 -9.95 -12.43 22.01
C VAL C 862 -10.62 -12.05 23.32
N GLN C 863 -11.19 -10.85 23.40
CA GLN C 863 -11.96 -10.47 24.59
C GLN C 863 -13.21 -11.34 24.74
N SER C 864 -13.97 -11.52 23.66
CA SER C 864 -15.13 -12.39 23.73
C SER C 864 -14.79 -13.86 23.88
N LEU C 865 -13.52 -14.22 23.73
CA LEU C 865 -13.11 -15.59 24.02
C LEU C 865 -12.60 -15.75 25.44
N ILE C 866 -11.90 -14.75 26.00
CA ILE C 866 -11.39 -14.90 27.35
C ILE C 866 -12.51 -14.85 28.37
N ASN C 867 -13.36 -13.81 28.34
CA ASN C 867 -14.36 -13.68 29.38
C ASN C 867 -15.67 -14.34 28.99
N GLU C 868 -15.61 -15.37 28.17
CA GLU C 868 -16.76 -16.22 27.89
C GLU C 868 -16.38 -17.69 27.79
N CYS C 869 -15.14 -18.03 27.51
CA CYS C 869 -14.71 -19.41 27.51
C CYS C 869 -13.68 -19.71 28.59
N VAL C 870 -12.81 -18.76 28.90
CA VAL C 870 -11.83 -18.94 29.96
C VAL C 870 -12.43 -18.61 31.32
N TYR C 871 -13.21 -17.54 31.39
CA TYR C 871 -13.75 -17.09 32.66
C TYR C 871 -15.14 -17.65 32.95
N ALA C 872 -16.01 -17.70 31.96
CA ALA C 872 -17.28 -18.38 32.14
C ALA C 872 -17.18 -19.76 31.51
N GLN C 873 -18.30 -20.47 31.45
CA GLN C 873 -18.39 -21.69 30.67
C GLN C 873 -19.42 -21.47 29.58
N SER C 874 -18.98 -21.56 28.34
CA SER C 874 -19.80 -21.13 27.21
C SER C 874 -20.82 -22.19 26.85
N LEU C 875 -22.04 -21.72 26.59
CA LEU C 875 -23.09 -22.58 26.04
C LEU C 875 -22.93 -22.77 24.53
N ARG C 876 -22.05 -22.02 23.91
CA ARG C 876 -21.85 -22.09 22.48
C ARG C 876 -21.12 -23.38 22.13
N ASN C 877 -21.41 -23.92 20.95
CA ASN C 877 -20.90 -25.24 20.60
C ASN C 877 -19.42 -25.17 20.23
N GLY C 878 -19.11 -24.57 19.09
CA GLY C 878 -17.76 -24.66 18.63
C GLY C 878 -16.90 -23.51 19.00
N PHE C 879 -17.41 -22.61 19.83
CA PHE C 879 -16.67 -21.40 20.15
C PHE C 879 -15.47 -21.70 21.03
N CYS C 880 -15.68 -22.49 22.08
CA CYS C 880 -14.56 -22.90 22.92
C CYS C 880 -13.70 -23.93 22.23
N GLY C 881 -14.26 -25.10 21.96
CA GLY C 881 -13.47 -26.18 21.43
C GLY C 881 -14.37 -27.16 20.73
N GLN C 882 -13.82 -28.33 20.47
CA GLN C 882 -14.59 -29.38 19.83
C GLN C 882 -15.43 -30.13 20.86
N GLY C 883 -16.73 -29.92 20.80
CA GLY C 883 -17.61 -30.71 21.63
C GLY C 883 -17.73 -30.18 23.05
N LEU C 884 -17.98 -31.13 23.95
CA LEU C 884 -18.28 -30.85 25.35
C LEU C 884 -17.09 -30.22 26.06
N HIS C 885 -17.34 -29.08 26.68
CA HIS C 885 -16.27 -28.20 27.17
C HIS C 885 -16.04 -28.40 28.65
N VAL C 886 -14.78 -28.56 29.03
CA VAL C 886 -14.42 -28.81 30.42
C VAL C 886 -13.75 -27.60 31.04
N LEU C 887 -12.64 -27.17 30.46
CA LEU C 887 -11.76 -26.20 31.10
C LEU C 887 -10.90 -25.58 30.02
N SER C 888 -10.59 -24.31 30.15
CA SER C 888 -9.83 -23.63 29.13
C SER C 888 -8.89 -22.62 29.75
N LEU C 889 -7.60 -22.93 29.74
CA LEU C 889 -6.58 -22.04 30.27
C LEU C 889 -5.98 -21.25 29.12
N MET C 890 -5.40 -20.11 29.44
CA MET C 890 -4.74 -19.26 28.46
C MET C 890 -3.32 -18.99 28.93
N GLN C 891 -2.40 -18.96 27.99
CA GLN C 891 -1.03 -18.62 28.28
C GLN C 891 -0.53 -17.58 27.29
N ASN C 892 0.59 -16.96 27.63
CA ASN C 892 1.20 -16.01 26.72
C ASN C 892 1.98 -16.73 25.65
N ALA C 893 2.43 -15.99 24.65
CA ALA C 893 2.95 -16.49 23.41
C ALA C 893 3.78 -15.36 22.81
N PRO C 894 4.63 -15.61 21.81
CA PRO C 894 5.30 -14.48 21.17
C PRO C 894 4.30 -13.70 20.33
N SER C 895 4.22 -12.40 20.60
CA SER C 895 3.32 -11.45 19.94
C SER C 895 1.85 -11.82 20.05
N GLY C 896 1.47 -12.65 21.01
CA GLY C 896 0.10 -13.11 21.06
C GLY C 896 -0.33 -13.78 22.34
N ILE C 897 -1.41 -14.54 22.26
CA ILE C 897 -1.95 -15.30 23.38
C ILE C 897 -2.42 -16.63 22.83
N MET C 898 -2.29 -17.69 23.63
CA MET C 898 -2.66 -19.02 23.15
C MET C 898 -3.47 -19.73 24.21
N PHE C 899 -4.58 -20.32 23.80
CA PHE C 899 -5.57 -20.90 24.68
C PHE C 899 -5.43 -22.40 24.69
N PHE C 900 -5.69 -23.01 25.83
CA PHE C 900 -5.64 -24.46 25.97
C PHE C 900 -7.05 -24.96 26.28
N HIS C 901 -7.83 -25.19 25.24
CA HIS C 901 -9.22 -25.60 25.41
C HIS C 901 -9.27 -27.10 25.61
N TYR C 902 -9.57 -27.53 26.82
CA TYR C 902 -9.76 -28.95 27.14
C TYR C 902 -11.21 -29.29 26.87
N SER C 903 -11.45 -30.41 26.20
CA SER C 903 -12.79 -30.74 25.76
C SER C 903 -13.03 -32.23 25.97
N LEU C 904 -14.22 -32.70 25.58
CA LEU C 904 -14.55 -34.12 25.65
C LEU C 904 -15.20 -34.55 24.34
N ILE C 905 -14.39 -34.91 23.37
CA ILE C 905 -14.92 -35.58 22.19
C ILE C 905 -15.26 -37.02 22.55
N PRO C 906 -16.46 -37.49 22.27
CA PRO C 906 -16.79 -38.89 22.49
C PRO C 906 -16.31 -39.75 21.34
N ASN C 907 -16.05 -41.02 21.64
CA ASN C 907 -15.62 -41.86 20.53
C ASN C 907 -16.44 -43.13 20.36
N ASN C 908 -16.82 -43.82 21.43
CA ASN C 908 -17.53 -45.09 21.31
C ASN C 908 -19.00 -44.85 21.57
N THR C 909 -19.78 -44.78 20.50
CA THR C 909 -21.23 -44.72 20.65
C THR C 909 -21.77 -46.10 20.97
N ILE C 910 -22.89 -46.12 21.70
CA ILE C 910 -23.67 -47.33 21.87
C ILE C 910 -25.13 -46.97 21.63
N THR C 911 -25.79 -47.72 20.77
CA THR C 911 -27.15 -47.39 20.39
C THR C 911 -28.11 -48.00 21.38
N VAL C 912 -28.97 -47.18 21.96
CA VAL C 912 -29.92 -47.58 22.97
C VAL C 912 -31.30 -47.07 22.57
N LYS C 913 -32.28 -47.31 23.42
CA LYS C 913 -33.63 -46.81 23.22
C LYS C 913 -33.89 -45.72 24.25
N THR C 914 -34.60 -44.67 23.85
CA THR C 914 -34.77 -43.50 24.70
C THR C 914 -36.17 -42.93 24.58
N THR C 915 -36.92 -42.95 25.66
CA THR C 915 -38.20 -42.29 25.77
C THR C 915 -37.99 -40.92 26.37
N PRO C 916 -38.95 -40.00 26.27
CA PRO C 916 -38.98 -38.93 27.26
C PRO C 916 -39.33 -39.44 28.65
N GLY C 917 -40.33 -40.30 28.76
CA GLY C 917 -40.73 -40.81 30.06
C GLY C 917 -41.61 -42.03 29.95
N LEU C 918 -41.96 -42.60 31.10
CA LEU C 918 -42.67 -43.87 31.19
C LEU C 918 -44.03 -43.68 31.85
N CYS C 919 -45.05 -44.35 31.31
CA CYS C 919 -46.37 -44.41 31.91
C CYS C 919 -46.70 -45.86 32.21
N GLU C 920 -47.58 -46.10 33.16
CA GLU C 920 -48.14 -47.43 33.32
C GLU C 920 -49.55 -47.55 32.76
N SER C 921 -50.31 -46.47 32.75
CA SER C 921 -51.73 -46.53 32.42
C SER C 921 -51.96 -45.67 31.19
N ASP C 922 -52.90 -46.08 30.35
CA ASP C 922 -53.20 -45.37 29.12
C ASP C 922 -54.00 -44.10 29.37
N GLU C 923 -54.57 -43.96 30.56
CA GLU C 923 -55.51 -42.87 30.83
C GLU C 923 -54.77 -41.54 30.96
N LEU C 924 -55.37 -40.50 30.40
CA LEU C 924 -54.92 -39.13 30.68
C LEU C 924 -55.15 -38.82 32.14
N GLY C 925 -54.10 -38.34 32.80
CA GLY C 925 -54.13 -38.23 34.24
C GLY C 925 -53.57 -39.41 34.98
N SER C 926 -52.80 -40.26 34.31
CA SER C 926 -52.13 -41.36 35.00
C SER C 926 -50.87 -40.86 35.71
N LYS C 927 -50.40 -41.68 36.64
CA LYS C 927 -49.11 -41.45 37.25
C LYS C 927 -48.01 -41.71 36.23
N CYS C 928 -47.23 -40.68 35.91
CA CYS C 928 -46.16 -40.80 34.93
C CYS C 928 -44.91 -40.11 35.44
N ILE C 929 -43.77 -40.55 34.93
CA ILE C 929 -42.47 -40.17 35.47
C ILE C 929 -41.53 -39.77 34.34
N VAL C 930 -40.55 -38.93 34.70
CA VAL C 930 -39.51 -38.47 33.79
C VAL C 930 -38.22 -38.46 34.60
N ALA C 931 -37.07 -38.45 33.91
CA ALA C 931 -35.80 -38.55 34.59
C ALA C 931 -35.37 -37.20 35.17
N LYS C 932 -34.67 -37.26 36.29
CA LYS C 932 -34.11 -36.08 36.93
C LYS C 932 -32.65 -35.93 36.53
N ASP C 933 -32.38 -34.88 35.73
CA ASP C 933 -31.04 -34.52 35.25
C ASP C 933 -30.41 -35.68 34.48
N GLY C 934 -31.15 -36.21 33.53
CA GLY C 934 -30.66 -37.34 32.76
C GLY C 934 -31.69 -37.76 31.74
N VAL C 935 -31.41 -38.87 31.08
CA VAL C 935 -32.31 -39.42 30.07
C VAL C 935 -32.68 -40.84 30.44
N LEU C 936 -33.88 -41.23 30.07
CA LEU C 936 -34.33 -42.60 30.30
C LEU C 936 -33.89 -43.46 29.14
N VAL C 937 -33.44 -44.68 29.44
CA VAL C 937 -32.60 -45.42 28.51
C VAL C 937 -32.86 -46.92 28.68
N SER C 938 -32.82 -47.65 27.57
CA SER C 938 -32.81 -49.10 27.61
C SER C 938 -31.93 -49.61 26.49
N ALA C 939 -30.99 -50.49 26.83
CA ALA C 939 -30.03 -51.02 25.86
C ALA C 939 -30.60 -52.23 25.14
N ASN C 940 -31.68 -51.99 24.39
CA ASN C 940 -32.54 -53.02 23.80
C ASN C 940 -32.96 -54.04 24.86
N LEU C 941 -33.28 -53.54 26.04
CA LEU C 941 -33.47 -54.35 27.23
C LEU C 941 -34.92 -54.26 27.65
N SER C 942 -35.36 -55.21 28.47
CA SER C 942 -36.77 -55.36 28.79
C SER C 942 -37.32 -54.22 29.63
N TYR C 943 -36.47 -53.49 30.34
CA TYR C 943 -36.92 -52.44 31.25
C TYR C 943 -36.05 -51.22 31.08
N TRP C 944 -36.55 -50.10 31.59
CA TRP C 944 -35.93 -48.81 31.36
C TRP C 944 -35.01 -48.42 32.51
N GLN C 945 -34.05 -47.57 32.20
CA GLN C 945 -32.98 -47.25 33.11
C GLN C 945 -32.69 -45.76 33.02
N TRP C 946 -31.75 -45.29 33.85
CA TRP C 946 -31.38 -43.88 33.89
C TRP C 946 -29.94 -43.72 33.47
N SER C 947 -29.66 -42.67 32.72
CA SER C 947 -28.30 -42.37 32.27
C SER C 947 -28.18 -40.87 32.09
N PRO C 948 -27.00 -40.30 32.31
CA PRO C 948 -26.82 -38.85 32.10
C PRO C 948 -26.98 -38.46 30.65
N ARG C 949 -27.03 -37.13 30.43
CA ARG C 949 -27.46 -36.58 29.16
C ARG C 949 -26.46 -36.85 28.04
N ASN C 950 -25.19 -36.97 28.37
CA ASN C 950 -24.15 -37.06 27.35
C ASN C 950 -23.25 -38.28 27.52
N LEU C 951 -23.59 -39.20 28.40
CA LEU C 951 -22.74 -40.36 28.62
C LEU C 951 -23.59 -41.49 29.18
N TYR C 952 -23.22 -42.71 28.83
CA TYR C 952 -24.01 -43.89 29.13
C TYR C 952 -23.40 -44.63 30.31
N LYS C 953 -23.90 -44.34 31.51
CA LYS C 953 -23.69 -45.18 32.69
C LYS C 953 -25.09 -45.52 33.19
N PRO C 954 -25.64 -46.64 32.77
CA PRO C 954 -27.05 -46.92 33.07
C PRO C 954 -27.26 -47.31 34.51
N GLU C 955 -28.34 -46.81 35.10
CA GLU C 955 -28.69 -47.12 36.47
C GLU C 955 -30.16 -47.51 36.54
N ASN C 956 -30.47 -48.43 37.44
CA ASN C 956 -31.86 -48.70 37.77
C ASN C 956 -32.50 -47.46 38.34
N LEU C 957 -33.64 -47.09 37.78
CA LEU C 957 -34.29 -45.85 38.16
C LEU C 957 -34.91 -45.99 39.54
N THR C 958 -34.65 -45.00 40.39
CA THR C 958 -35.08 -45.00 41.78
C THR C 958 -35.93 -43.77 42.02
N PHE C 959 -36.18 -43.50 43.30
CA PHE C 959 -36.86 -42.26 43.65
C PHE C 959 -35.95 -41.05 43.46
N ALA C 960 -34.63 -41.26 43.48
CA ALA C 960 -33.71 -40.13 43.50
C ALA C 960 -33.59 -39.47 42.13
N ASN C 961 -33.58 -40.25 41.07
CA ASN C 961 -33.27 -39.76 39.74
C ASN C 961 -34.49 -39.72 38.82
N VAL C 962 -35.67 -39.52 39.40
CA VAL C 962 -36.93 -39.62 38.67
C VAL C 962 -37.88 -38.54 39.17
N ILE C 963 -38.45 -37.78 38.24
CA ILE C 963 -39.42 -36.74 38.54
C ILE C 963 -40.77 -37.21 38.00
N ALA C 964 -41.80 -37.19 38.85
CA ALA C 964 -43.14 -37.59 38.42
C ALA C 964 -43.91 -36.36 37.94
N VAL C 965 -44.40 -36.38 36.70
CA VAL C 965 -45.09 -35.19 36.22
C VAL C 965 -46.50 -35.37 35.66
N SER C 966 -46.64 -35.97 34.47
CA SER C 966 -47.85 -35.75 33.66
C SER C 966 -47.92 -36.60 32.41
N ARG C 967 -48.93 -36.36 31.58
CA ARG C 967 -49.09 -37.06 30.31
C ARG C 967 -48.95 -36.01 29.20
N GLY C 968 -47.89 -35.20 29.29
CA GLY C 968 -47.70 -34.07 28.39
C GLY C 968 -47.53 -34.42 26.93
N ALA C 969 -46.40 -35.01 26.56
CA ALA C 969 -46.26 -35.56 25.23
C ALA C 969 -46.74 -37.00 25.27
N ASN C 970 -46.54 -37.75 24.18
CA ASN C 970 -46.86 -39.17 24.29
C ASN C 970 -45.65 -39.89 24.86
N TYR C 971 -45.66 -40.05 26.17
CA TYR C 971 -44.68 -40.90 26.82
C TYR C 971 -44.99 -42.37 26.52
N THR C 972 -44.06 -43.24 26.87
CA THR C 972 -44.18 -44.66 26.53
C THR C 972 -44.85 -45.39 27.68
N THR C 973 -45.97 -46.04 27.39
CA THR C 973 -46.60 -46.91 28.37
C THR C 973 -45.89 -48.25 28.41
N LEU C 974 -45.33 -48.59 29.58
CA LEU C 974 -44.67 -49.89 29.66
C LEU C 974 -45.59 -50.98 30.18
N ASN C 975 -46.85 -50.65 30.49
CA ASN C 975 -47.90 -51.59 30.87
C ASN C 975 -47.56 -52.43 32.09
N LYS C 976 -46.87 -51.82 33.04
CA LYS C 976 -46.69 -52.45 34.35
C LYS C 976 -46.50 -51.36 35.39
N THR C 977 -46.94 -51.65 36.60
CA THR C 977 -46.86 -50.73 37.71
C THR C 977 -45.41 -50.56 38.16
N PHE C 978 -45.19 -49.54 38.98
CA PHE C 978 -43.84 -49.13 39.34
C PHE C 978 -43.20 -50.09 40.34
N ASP C 979 -41.88 -50.04 40.40
CA ASP C 979 -41.09 -50.74 41.39
C ASP C 979 -40.49 -49.78 42.42
N ILE C 980 -40.92 -48.52 42.40
CA ILE C 980 -40.35 -47.47 43.23
C ILE C 980 -41.49 -46.82 44.01
N PRO C 981 -41.39 -46.68 45.34
CA PRO C 981 -42.38 -46.00 46.17
C PRO C 981 -42.60 -44.53 45.81
C1 NAG D . -40.75 -31.56 -4.28
C2 NAG D . -41.43 -30.59 -5.29
C3 NAG D . -42.69 -31.22 -5.90
C4 NAG D . -42.36 -32.60 -6.48
C5 NAG D . -41.69 -33.47 -5.42
C6 NAG D . -41.26 -34.81 -5.96
C7 NAG D . -42.34 -28.56 -3.94
C8 NAG D . -43.14 -29.38 -2.95
N2 NAG D . -41.61 -29.20 -4.90
O3 NAG D . -43.19 -30.37 -6.92
O4 NAG D . -43.55 -33.24 -6.93
O5 NAG D . -40.52 -32.83 -4.92
O6 NAG D . -41.89 -35.10 -7.19
O7 NAG D . -42.31 -27.34 -3.85
C1 NAG E . -48.71 -13.89 7.64
C2 NAG E . -49.61 -13.36 6.52
C3 NAG E . -50.52 -14.47 6.01
C4 NAG E . -49.70 -15.66 5.57
C5 NAG E . -48.76 -16.12 6.70
C6 NAG E . -47.79 -17.18 6.24
C7 NAG E . -50.44 -11.06 6.31
C8 NAG E . -51.30 -10.00 6.91
N2 NAG E . -50.40 -12.22 6.97
O3 NAG E . -51.27 -13.97 4.91
O4 NAG E . -50.56 -16.74 5.22
O5 NAG E . -47.96 -15.02 7.16
O6 NAG E . -47.07 -16.74 5.09
O7 NAG E . -49.80 -10.88 5.29
C1 NAG F . -58.19 -7.33 24.06
C2 NAG F . -58.43 -7.19 22.54
C3 NAG F . -57.71 -5.97 21.95
C4 NAG F . -57.93 -4.72 22.80
C5 NAG F . -57.57 -5.02 24.23
C6 NAG F . -57.77 -3.84 25.15
C7 NAG F . -58.76 -9.50 21.72
C8 NAG F . -58.15 -10.64 20.98
N2 NAG F . -58.00 -8.40 21.85
O3 NAG F . -58.16 -5.76 20.63
O4 NAG F . -57.11 -3.66 22.31
O5 NAG F . -58.41 -6.08 24.71
O6 NAG F . -56.98 -2.74 24.73
O7 NAG F . -59.88 -9.56 22.22
C1 NAG G . -63.00 -25.25 26.22
C2 NAG G . -63.78 -25.90 25.05
C3 NAG G . -65.12 -25.19 24.77
C4 NAG G . -65.92 -25.02 26.06
C5 NAG G . -65.05 -24.31 27.10
C6 NAG G . -65.75 -24.14 28.43
C7 NAG G . -62.36 -25.45 22.91
C8 NAG G . -62.35 -23.94 23.05
N2 NAG G . -63.02 -26.21 23.84
O3 NAG G . -65.87 -25.96 23.85
O4 NAG G . -67.09 -24.25 25.82
O5 NAG G . -63.88 -25.09 27.36
O6 NAG G . -64.82 -23.83 29.45
O7 NAG G . -61.79 -25.99 21.97
C1 NAG H . -48.06 -7.94 41.60
C2 NAG H . -49.33 -7.26 41.08
C3 NAG H . -48.97 -5.95 40.36
C4 NAG H . -48.16 -5.06 41.29
C5 NAG H . -46.93 -5.80 41.81
C6 NAG H . -46.19 -5.03 42.87
C7 NAG H . -51.41 -8.15 40.12
C8 NAG H . -52.00 -9.12 39.16
N2 NAG H . -50.07 -8.13 40.19
O3 NAG H . -50.15 -5.28 39.96
O4 NAG H . -47.75 -3.89 40.59
O5 NAG H . -47.34 -7.03 42.43
O6 NAG H . -46.71 -5.31 44.16
O7 NAG H . -52.10 -7.40 40.81
C1 NAG I . -21.55 23.64 -36.13
C2 NAG I . -23.02 23.42 -35.75
C3 NAG I . -23.81 24.70 -35.94
C4 NAG I . -23.19 25.83 -35.14
C5 NAG I . -21.77 26.04 -35.61
C6 NAG I . -21.06 27.11 -34.84
C7 NAG I . -24.26 21.32 -36.07
C8 NAG I . -24.46 21.29 -34.58
N2 NAG I . -23.57 22.36 -36.56
O3 NAG I . -25.15 24.48 -35.51
O4 NAG I . -23.90 27.03 -35.41
O5 NAG I . -21.03 24.81 -35.43
O6 NAG I . -20.27 26.53 -33.82
O7 NAG I . -24.71 20.45 -36.80
C1 NAG J . -61.43 -12.14 44.24
C2 NAG J . -60.88 -12.17 45.68
C3 NAG J . -59.57 -11.40 45.78
C4 NAG J . -59.69 -10.00 45.18
C5 NAG J . -60.39 -10.03 43.82
C6 NAG J . -59.62 -9.32 42.74
C7 NAG J . -62.59 -12.40 47.42
C8 NAG J . -63.53 -11.69 48.33
N2 NAG J . -61.85 -11.64 46.62
O3 NAG J . -58.56 -12.13 45.09
O4 NAG J . -60.44 -9.17 46.06
O5 NAG J . -60.54 -11.40 43.40
O6 NAG J . -59.31 -10.19 41.66
O7 NAG J . -62.52 -13.63 47.40
C1 NAG K . 8.75 11.95 -57.18
C2 NAG K . 9.59 13.00 -57.92
C3 NAG K . 9.19 13.06 -59.39
C4 NAG K . 9.28 11.67 -60.03
C5 NAG K . 8.43 10.68 -59.24
C6 NAG K . 8.58 9.26 -59.73
C7 NAG K . 10.34 14.76 -56.38
C8 NAG K . 10.06 16.14 -55.85
N2 NAG K . 9.48 14.31 -57.30
O3 NAG K . 10.04 13.97 -60.07
O4 NAG K . 8.83 11.72 -61.37
O5 NAG K . 8.85 10.67 -57.85
O6 NAG K . 9.59 8.56 -59.02
O7 NAG K . 11.29 14.09 -55.99
C1 NAG L . 33.49 30.20 -48.51
C2 NAG L . 34.03 28.78 -48.29
C3 NAG L . 35.38 28.61 -48.98
C4 NAG L . 35.29 29.02 -50.45
C5 NAG L . 34.73 30.43 -50.57
C6 NAG L . 34.49 30.84 -52.01
C7 NAG L . 33.60 27.36 -46.35
C8 NAG L . 33.81 27.16 -44.88
N2 NAG L . 34.13 28.46 -46.87
O3 NAG L . 35.81 27.26 -48.88
O4 NAG L . 36.59 28.98 -51.03
O5 NAG L . 33.46 30.50 -49.92
O6 NAG L . 33.32 30.21 -52.52
O7 NAG L . 32.97 26.56 -47.03
C1 NAG M . -43.95 17.17 2.79
C2 NAG M . -44.18 18.22 1.70
C3 NAG M . -44.20 19.63 2.30
C4 NAG M . -45.18 19.72 3.47
C5 NAG M . -44.84 18.64 4.50
C6 NAG M . -45.81 18.61 5.65
C7 NAG M . -43.41 18.31 -0.63
C8 NAG M . -42.23 18.19 -1.54
N2 NAG M . -43.16 18.13 0.68
O3 NAG M . -44.57 20.56 1.29
O4 NAG M . -45.10 21.00 4.08
O5 NAG M . -44.90 17.36 3.87
O6 NAG M . -47.11 18.23 5.20
O7 NAG M . -44.53 18.56 -1.04
C1 NAG N . 8.76 45.72 -29.95
C2 NAG N . 7.36 46.27 -29.61
C3 NAG N . 6.61 46.65 -30.90
C4 NAG N . 7.46 47.60 -31.74
C5 NAG N . 8.82 46.99 -32.02
C6 NAG N . 9.74 47.93 -32.76
C7 NAG N . 6.16 45.55 -27.60
C8 NAG N . 5.35 44.45 -26.97
N2 NAG N . 6.58 45.31 -28.85
O3 NAG N . 5.38 47.26 -30.57
O4 NAG N . 6.80 47.88 -32.97
O5 NAG N . 9.47 46.68 -30.78
O6 NAG N . 9.00 48.89 -33.50
O7 NAG N . 6.41 46.59 -27.02
C1 NAG O . 1.62 48.54 -13.80
C2 NAG O . 0.43 49.47 -13.62
C3 NAG O . 0.11 50.15 -14.94
C4 NAG O . 1.32 50.90 -15.46
C5 NAG O . 2.52 49.95 -15.56
C6 NAG O . 3.80 50.65 -15.90
C7 NAG O . -1.43 49.20 -12.04
C8 NAG O . -2.60 48.36 -11.63
N2 NAG O . -0.74 48.77 -13.10
O3 NAG O . -0.99 51.05 -14.76
O4 NAG O . 1.06 51.46 -16.73
O5 NAG O . 2.75 49.29 -14.30
O6 NAG O . 4.10 51.68 -14.96
O7 NAG O . -1.11 50.22 -11.43
C1 NAG P . -16.97 -10.34 -30.23
C2 NAG P . -16.34 -11.72 -30.38
C3 NAG P . -17.23 -12.59 -31.26
C4 NAG P . -18.64 -12.67 -30.69
C5 NAG P . -19.20 -11.28 -30.47
C6 NAG P . -20.52 -11.30 -29.74
C7 NAG P . -13.99 -12.32 -30.42
C8 NAG P . -12.65 -12.13 -31.08
N2 NAG P . -15.01 -11.63 -30.93
O3 NAG P . -16.67 -13.90 -31.32
O4 NAG P . -19.49 -13.38 -31.59
O5 NAG P . -18.30 -10.48 -29.69
O6 NAG P . -20.59 -12.40 -28.84
O7 NAG P . -14.13 -13.08 -29.47
C1 NAG Q . -30.58 7.38 -27.07
C2 NAG Q . -31.34 6.32 -27.88
C3 NAG Q . -30.35 5.35 -28.53
C4 NAG Q . -29.28 6.11 -29.31
C5 NAG Q . -28.64 7.18 -28.45
C6 NAG Q . -27.68 8.07 -29.22
C7 NAG Q . -33.54 5.97 -26.84
C8 NAG Q . -34.35 5.10 -25.93
N2 NAG Q . -32.26 5.60 -27.03
O3 NAG Q . -31.07 4.49 -29.41
O4 NAG Q . -28.27 5.19 -29.74
O5 NAG Q . -29.65 8.04 -27.91
O6 NAG Q . -28.36 9.14 -29.86
O7 NAG Q . -34.00 6.96 -27.39
C1 NAG R . -35.41 18.69 -18.54
C2 NAG R . -34.40 18.69 -19.70
C3 NAG R . -35.12 18.87 -21.03
C4 NAG R . -36.20 17.81 -21.19
C5 NAG R . -37.16 17.86 -20.00
C6 NAG R . -38.22 16.79 -20.04
C7 NAG R . -32.24 19.50 -18.90
C8 NAG R . -31.30 20.66 -18.80
N2 NAG R . -33.40 19.72 -19.52
O3 NAG R . -34.16 18.74 -22.07
O4 NAG R . -36.93 18.03 -22.39
O5 NAG R . -36.42 17.67 -18.78
O6 NAG R . -37.64 15.50 -19.89
O7 NAG R . -31.97 18.41 -18.40
C1 NAG S . -36.50 29.47 -11.03
C2 NAG S . -36.28 30.96 -11.29
C3 NAG S . -37.41 31.78 -10.66
C4 NAG S . -38.76 31.28 -11.16
C5 NAG S . -38.90 29.79 -10.89
C6 NAG S . -40.17 29.20 -11.45
C7 NAG S . -34.00 31.83 -11.56
C8 NAG S . -32.74 32.23 -10.86
N2 NAG S . -35.00 31.39 -10.78
O3 NAG S . -37.23 33.15 -10.99
O4 NAG S . -39.82 31.98 -10.52
O5 NAG S . -37.82 29.08 -11.51
O6 NAG S . -40.23 29.37 -12.86
O7 NAG S . -34.12 31.89 -12.78
C1 NAG T . 15.62 34.22 -49.31
C2 NAG T . 17.01 34.82 -49.02
C3 NAG T . 17.15 36.19 -49.68
C4 NAG T . 16.80 36.12 -51.17
C5 NAG T . 15.44 35.46 -51.37
C6 NAG T . 15.11 35.24 -52.83
C7 NAG T . 18.35 34.40 -47.01
C8 NAG T . 18.44 34.58 -45.53
N2 NAG T . 17.26 34.91 -47.60
O3 NAG T . 18.48 36.64 -49.51
O4 NAG T . 16.78 37.43 -51.72
O5 NAG T . 15.41 34.18 -50.74
O6 NAG T . 16.28 35.13 -53.63
O7 NAG T . 19.21 33.81 -47.65
C1 NAG U . -39.25 -5.00 -3.18
C2 NAG U . -38.61 -6.26 -3.77
C3 NAG U . -39.40 -7.51 -3.38
C4 NAG U . -39.69 -7.54 -1.88
C5 NAG U . -40.30 -6.20 -1.46
C6 NAG U . -40.63 -6.17 0.01
C7 NAG U . -37.45 -5.71 -5.86
C8 NAG U . -37.58 -5.54 -7.34
N2 NAG U . -38.52 -6.18 -5.22
O3 NAG U . -38.68 -8.67 -3.79
O4 NAG U . -40.68 -8.51 -1.53
O5 NAG U . -39.41 -5.14 -1.78
O6 NAG U . -39.40 -6.23 0.73
O7 NAG U . -36.40 -5.44 -5.28
C1 NAG V . -34.74 13.31 35.93
C2 NAG V . -33.70 14.19 36.67
C3 NAG V . -34.35 15.00 37.80
C4 NAG V . -35.54 15.79 37.26
C5 NAG V . -36.51 14.85 36.55
C6 NAG V . -37.66 15.59 35.90
C7 NAG V . -32.08 12.57 37.91
C8 NAG V . -33.16 11.82 38.67
N2 NAG V . -32.42 13.57 37.05
O3 NAG V . -33.37 15.89 38.34
O4 NAG V . -36.22 16.46 38.31
O5 NAG V . -35.84 14.14 35.49
O6 NAG V . -37.79 16.91 36.41
O7 NAG V . -30.90 12.27 38.06
C1 NAG W . -20.70 -0.86 46.86
C2 NAG W . -20.08 0.21 47.75
C3 NAG W . -21.17 0.99 48.47
C4 NAG W . -22.16 1.57 47.47
C5 NAG W . -22.71 0.47 46.56
C6 NAG W . -23.54 1.02 45.43
C7 NAG W . -17.90 0.07 48.86
C8 NAG W . -17.07 -0.63 49.89
N2 NAG W . -19.15 -0.36 48.70
O3 NAG W . -20.56 2.05 49.20
O4 NAG W . -23.24 2.17 48.17
O5 NAG W . -21.62 -0.25 45.95
O6 NAG W . -22.81 2.00 44.70
O7 NAG W . -17.44 1.00 48.18
C1 NAG X . -18.51 -17.33 58.11
C2 NAG X . -18.13 -15.84 58.27
C3 NAG X . -16.73 -15.55 57.68
C4 NAG X . -15.70 -16.58 58.11
C5 NAG X . -16.22 -17.97 57.81
C6 NAG X . -15.26 -19.05 58.23
C7 NAG X . -20.25 -14.60 58.24
C8 NAG X . -21.15 -13.72 57.45
N2 NAG X . -19.12 -14.98 57.65
O3 NAG X . -16.32 -14.25 58.08
O4 NAG X . -14.48 -16.36 57.41
O5 NAG X . -17.44 -18.17 58.53
O6 NAG X . -14.01 -18.90 57.55
O7 NAG X . -20.54 -14.97 59.37
C1 NAG Y . -36.96 -15.82 60.66
C2 NAG Y . -37.46 -14.50 61.28
C3 NAG Y . -36.87 -14.23 62.68
C4 NAG Y . -37.04 -15.46 63.56
C5 NAG Y . -36.45 -16.69 62.87
C6 NAG Y . -36.61 -17.96 63.67
C7 NAG Y . -36.45 -12.60 59.80
C8 NAG Y . -35.00 -13.01 60.00
N2 NAG Y . -37.43 -13.31 60.40
O3 NAG Y . -37.54 -13.12 63.26
O4 NAG Y . -36.39 -15.27 64.81
O5 NAG Y . -37.11 -16.89 61.61
O6 NAG Y . -36.39 -19.10 62.85
O7 NAG Y . -36.73 -11.63 59.09
C1 NAG Z . -21.22 -35.27 49.09
C2 NAG Z . -20.61 -34.77 50.40
C3 NAG Z . -19.16 -34.35 50.17
C4 NAG Z . -18.36 -35.47 49.54
C5 NAG Z . -19.05 -35.96 48.28
C6 NAG Z . -18.41 -37.20 47.69
C7 NAG Z . -21.55 -33.50 52.29
C8 NAG Z . -22.38 -32.33 52.69
N2 NAG Z . -21.38 -33.68 50.97
O3 NAG Z . -18.56 -33.96 51.41
O4 NAG Z . -17.05 -35.03 49.25
O5 NAG Z . -20.41 -36.31 48.56
O6 NAG Z . -18.99 -38.37 48.25
O7 NAG Z . -21.02 -34.24 53.11
C1 NAG AA . 27.33 33.00 22.19
C2 NAG AA . 26.86 32.79 23.63
C3 NAG AA . 28.06 32.81 24.58
C4 NAG AA . 29.09 31.77 24.16
C5 NAG AA . 29.54 32.08 22.74
C6 NAG AA . 30.52 31.08 22.23
C7 NAG AA . 24.74 33.59 24.58
C8 NAG AA . 24.41 32.14 24.85
N2 NAG AA . 25.92 33.83 24.00
O3 NAG AA . 27.61 32.55 25.89
O4 NAG AA . 30.23 31.88 25.00
O5 NAG AA . 28.39 32.06 21.87
O6 NAG AA . 29.86 30.10 21.44
O7 NAG AA . 23.97 34.50 24.85
C1 NAG BA . -27.39 -35.97 61.93
C2 NAG BA . -27.62 -37.43 61.48
C3 NAG BA . -26.73 -37.76 60.28
C4 NAG BA . -25.28 -37.43 60.56
C5 NAG BA . -25.14 -36.03 61.16
C6 NAG BA . -24.14 -35.16 60.42
C7 NAG BA . -28.38 -38.94 63.25
C8 NAG BA . -27.96 -39.88 64.33
N2 NAG BA . -27.40 -38.36 62.56
O3 NAG BA . -27.21 -37.05 59.15
O4 NAG BA . -24.71 -38.38 61.45
O5 NAG BA . -26.40 -35.35 61.10
O6 NAG BA . -24.75 -33.98 59.94
O7 NAG BA . -29.56 -38.71 63.01
C1 NAG CA . 23.45 53.15 -10.62
C2 NAG CA . 24.70 53.62 -11.37
C3 NAG CA . 24.99 55.08 -11.05
C4 NAG CA . 23.78 55.94 -11.37
C5 NAG CA . 22.56 55.42 -10.60
C6 NAG CA . 21.28 56.15 -10.96
C7 NAG CA . 26.22 51.73 -11.77
C8 NAG CA . 27.43 50.99 -11.29
N2 NAG CA . 25.85 52.78 -11.04
O3 NAG CA . 26.11 55.52 -11.82
O4 NAG CA . 24.02 57.30 -10.99
O5 NAG CA . 22.34 54.03 -10.93
O6 NAG CA . 20.59 55.49 -12.02
O7 NAG CA . 25.61 51.38 -12.78
C1 NAG DA . 42.50 39.28 -32.18
C2 NAG DA . 41.14 39.28 -32.88
C3 NAG DA . 41.27 39.86 -34.29
C4 NAG DA . 41.93 41.24 -34.24
C5 NAG DA . 43.26 41.16 -33.50
C6 NAG DA . 43.91 42.51 -33.31
C7 NAG DA . 39.34 37.66 -32.53
C8 NAG DA . 38.90 36.23 -32.67
N2 NAG DA . 40.58 37.94 -32.95
O3 NAG DA . 39.99 39.97 -34.89
O4 NAG DA . 42.16 41.71 -35.57
O5 NAG DA . 43.05 40.61 -32.19
O6 NAG DA . 43.26 43.23 -32.26
O7 NAG DA . 38.61 38.52 -32.05
C1 NAG EA . 11.04 -2.08 45.92
C2 NAG EA . 12.26 -1.18 46.21
C3 NAG EA . 13.52 -2.02 46.45
C4 NAG EA . 13.26 -3.10 47.50
C5 NAG EA . 12.07 -3.95 47.09
C6 NAG EA . 11.70 -4.98 48.12
C7 NAG EA . 12.88 1.01 45.31
C8 NAG EA . 13.07 1.83 44.08
N2 NAG EA . 12.48 -0.24 45.12
O3 NAG EA . 14.58 -1.17 46.88
O4 NAG EA . 14.42 -3.94 47.63
O5 NAG EA . 10.93 -3.10 46.94
O6 NAG EA . 11.27 -4.37 49.32
O7 NAG EA . 13.07 1.47 46.45
C1 NAG FA . 51.25 20.40 -4.53
C2 NAG FA . 51.55 20.10 -3.05
C3 NAG FA . 52.07 21.36 -2.36
C4 NAG FA . 53.27 21.93 -3.11
C5 NAG FA . 52.87 22.20 -4.56
C6 NAG FA . 54.04 22.69 -5.39
C7 NAG FA . 50.32 18.36 -1.83
C8 NAG FA . 49.04 18.01 -1.16
N2 NAG FA . 50.38 19.59 -2.36
O3 NAG FA . 52.46 21.03 -1.02
O4 NAG FA . 53.69 23.15 -2.49
O5 NAG FA . 52.41 20.98 -5.16
O6 NAG FA . 55.03 23.30 -4.57
O7 NAG FA . 51.26 17.58 -1.91
C1 NAG GA . 50.11 4.68 3.91
C2 NAG GA . 50.85 4.43 5.22
C3 NAG GA . 51.72 5.64 5.54
C4 NAG GA . 52.68 5.91 4.40
C5 NAG GA . 51.91 6.08 3.08
C6 NAG GA . 52.82 6.18 1.89
C7 NAG GA . 50.06 3.10 7.11
C8 NAG GA . 49.03 2.95 8.18
N2 NAG GA . 49.92 4.15 6.30
O3 NAG GA . 52.43 5.39 6.75
O4 NAG GA . 53.44 7.08 4.66
O5 NAG GA . 51.06 4.93 2.85
O6 NAG GA . 53.68 5.05 1.79
O7 NAG GA . 50.98 2.29 6.97
C1 NAG HA . -6.39 32.92 13.56
C2 NAG HA . -7.63 33.27 12.76
C3 NAG HA . -8.43 34.35 13.47
C4 NAG HA . -8.77 33.94 14.89
C5 NAG HA . -7.51 33.52 15.64
C6 NAG HA . -7.82 32.90 16.99
C7 NAG HA . -7.93 33.20 10.35
C8 NAG HA . -7.46 33.71 9.02
N2 NAG HA . -7.28 33.66 11.42
O3 NAG HA . -9.61 34.61 12.74
O4 NAG HA . -9.38 35.01 15.59
O5 NAG HA . -6.77 32.53 14.90
O6 NAG HA . -9.07 32.23 16.97
O7 NAG HA . -8.87 32.43 10.45
C1 NAG IA . 8.70 27.81 29.56
C2 NAG IA . 7.74 28.84 30.11
C3 NAG IA . 7.04 29.58 28.97
C4 NAG IA . 8.04 30.12 27.96
C5 NAG IA . 9.00 29.02 27.52
C6 NAG IA . 10.12 29.54 26.63
C7 NAG IA . 6.94 28.08 32.31
C8 NAG IA . 5.83 27.42 33.06
N2 NAG IA . 6.76 28.23 30.99
O3 NAG IA . 6.27 30.65 29.51
O4 NAG IA . 7.34 30.61 26.82
O5 NAG IA . 9.61 28.43 28.67
O6 NAG IA . 11.20 30.03 27.40
O7 NAG IA . 7.95 28.48 32.87
C1 NAG JA . 17.56 17.83 36.35
C2 NAG JA . 17.90 18.87 35.27
C3 NAG JA . 18.23 20.21 35.92
C4 NAG JA . 17.10 20.64 36.85
C5 NAG JA . 16.82 19.56 37.88
C6 NAG JA . 15.66 19.88 38.78
C7 NAG JA . 18.78 17.76 33.28
C8 NAG JA . 20.02 17.38 32.52
N2 NAG JA . 18.99 18.42 34.42
O3 NAG JA . 18.43 21.17 34.90
O4 NAG JA . 17.47 21.85 37.52
O5 NAG JA . 16.50 18.33 37.19
O6 NAG JA . 14.44 19.92 38.05
O7 NAG JA . 17.66 17.44 32.91
C1 NAG KA . 26.53 8.63 39.30
C2 NAG KA . 28.06 8.59 39.25
C3 NAG KA . 28.60 7.92 40.52
C4 NAG KA . 28.06 8.62 41.76
C5 NAG KA . 26.53 8.63 41.72
C6 NAG KA . 25.92 9.40 42.87
C7 NAG KA . 29.22 8.51 37.09
C8 NAG KA . 29.63 7.65 35.94
N2 NAG KA . 28.53 7.91 38.07
O3 NAG KA . 30.02 7.99 40.50
O4 NAG KA . 28.50 7.95 42.94
O5 NAG KA . 26.09 9.28 40.52
O6 NAG KA . 26.33 10.75 42.86
O7 NAG KA . 29.50 9.71 37.14
C1 NAG LA . 44.49 40.87 -14.03
C2 NAG LA . 45.17 40.36 -15.30
C3 NAG LA . 46.65 40.74 -15.30
C4 NAG LA . 46.82 42.24 -15.06
C5 NAG LA . 46.07 42.68 -13.81
C6 NAG LA . 46.08 44.17 -13.60
C7 NAG LA . 44.55 38.35 -16.55
C8 NAG LA . 44.45 36.85 -16.54
N2 NAG LA . 45.02 38.92 -15.44
O3 NAG LA . 47.22 40.39 -16.56
O4 NAG LA . 48.20 42.54 -14.90
O5 NAG LA . 44.68 42.28 -13.91
O6 NAG LA . 46.26 44.88 -14.82
O7 NAG LA . 44.19 39.00 -17.53
C1 NAG MA . -8.89 7.35 38.00
C2 NAG MA . -9.93 8.09 37.16
C3 NAG MA . -11.31 7.99 37.80
C4 NAG MA . -11.65 6.55 38.17
C5 NAG MA . -10.50 5.96 38.98
C6 NAG MA . -10.79 4.53 39.40
C7 NAG MA . -8.86 9.95 35.95
C8 NAG MA . -8.44 11.39 36.01
N2 NAG MA . -9.57 9.49 36.99
O3 NAG MA . -12.29 8.55 36.91
O4 NAG MA . -12.79 6.48 39.05
O5 NAG MA . -9.31 6.01 38.21
O6 NAG MA . -10.85 3.74 38.22
O7 NAG MA . -8.59 9.24 34.99
C1 NAG NA . 2.15 -34.64 38.34
C2 NAG NA . 2.99 -35.61 37.47
C3 NAG NA . 3.50 -36.81 38.29
C4 NAG NA . 4.23 -36.32 39.54
C5 NAG NA . 3.33 -35.37 40.33
C6 NAG NA . 4.03 -34.77 41.53
C7 NAG NA . 1.36 -36.68 35.73
C8 NAG NA . 0.37 -37.19 36.75
N2 NAG NA . 2.46 -35.98 36.16
O3 NAG NA . 4.37 -37.58 37.48
O4 NAG NA . 4.59 -37.41 40.37
O5 NAG NA . 2.91 -34.27 39.51
O6 NAG NA . 5.21 -35.49 41.86
O7 NAG NA . 1.18 -36.86 34.54
C1 NAG OA . -12.08 -44.02 23.27
C2 NAG OA . -11.13 -45.13 22.85
C3 NAG OA . -10.63 -45.88 24.08
C4 NAG OA . -10.01 -44.92 25.07
C5 NAG OA . -10.97 -43.79 25.41
C6 NAG OA . -10.31 -42.71 26.24
C7 NAG OA . -11.22 -46.37 20.75
C8 NAG OA . -12.01 -47.32 19.90
N2 NAG OA . -11.77 -46.04 21.92
O3 NAG OA . -9.68 -46.85 23.67
O4 NAG OA . -9.67 -45.62 26.27
O5 NAG OA . -11.43 -43.14 24.21
O6 NAG OA . -9.14 -42.23 25.60
O7 NAG OA . -10.15 -45.92 20.38
C1 NAG PA . -30.00 -52.28 19.65
C2 NAG PA . -28.53 -52.73 19.48
C3 NAG PA . -27.98 -52.32 18.11
C4 NAG PA . -28.94 -52.66 16.96
C5 NAG PA . -30.30 -52.06 17.28
C6 NAG PA . -31.32 -52.35 16.22
C7 NAG PA . -27.58 -52.75 21.73
C8 NAG PA . -26.67 -52.04 22.70
N2 NAG PA . -27.70 -52.19 20.53
O3 NAG PA . -26.74 -52.98 17.89
O4 NAG PA . -28.46 -52.10 15.75
O5 NAG PA . -30.78 -52.64 18.50
O6 NAG PA . -30.92 -51.83 14.96
O7 NAG PA . -28.19 -53.76 22.05
C1 NAG QA . -31.18 -53.48 38.25
C2 NAG QA . -30.06 -54.27 38.97
C3 NAG QA . -30.00 -55.74 38.51
C4 NAG QA . -31.39 -56.38 38.56
C5 NAG QA . -32.37 -55.53 37.78
C6 NAG QA . -33.78 -56.07 37.82
C7 NAG QA . -27.81 -53.25 38.12
C8 NAG QA . -28.08 -53.49 36.65
N2 NAG QA . -28.74 -53.63 39.05
O3 NAG QA . -29.10 -56.45 39.35
O4 NAG QA . -31.35 -57.69 38.02
O5 NAG QA . -32.42 -54.20 38.32
O6 NAG QA . -34.71 -55.08 37.41
O7 NAG QA . -26.77 -52.72 38.49
C1 NAG RA . -46.11 -39.99 19.42
C2 NAG RA . -45.80 -41.42 18.96
C3 NAG RA . -45.18 -41.40 17.58
C4 NAG RA . -46.07 -40.65 16.60
C5 NAG RA . -46.38 -39.25 17.13
C6 NAG RA . -47.41 -38.52 16.30
C7 NAG RA . -45.03 -43.42 20.17
C8 NAG RA . -44.06 -43.95 21.18
N2 NAG RA . -44.94 -42.11 19.91
O3 NAG RA . -44.96 -42.73 17.10
O4 NAG RA . -45.42 -40.55 15.33
O5 NAG RA . -46.94 -39.34 18.45
O6 NAG RA . -48.72 -38.81 16.75
O7 NAG RA . -45.85 -44.13 19.61
C1 NAG SA . 31.21 -29.98 -21.35
C2 NAG SA . 30.67 -31.32 -20.83
C3 NAG SA . 30.66 -32.35 -21.95
C4 NAG SA . 29.84 -31.84 -23.12
C5 NAG SA . 30.47 -30.56 -23.62
C6 NAG SA . 29.70 -29.95 -24.75
C7 NAG SA . 31.03 -32.21 -18.56
C8 NAG SA . 29.53 -32.19 -18.40
N2 NAG SA . 31.51 -31.78 -19.73
O3 NAG SA . 30.10 -33.55 -21.45
O4 NAG SA . 29.93 -32.79 -24.19
O5 NAG SA . 30.48 -29.60 -22.55
O6 NAG SA . 28.82 -28.94 -24.28
O7 NAG SA . 31.77 -32.58 -17.67
C1 NAG TA . -49.94 -51.93 26.22
C2 NAG TA . -51.30 -51.20 26.24
C3 NAG TA . -51.31 -50.04 25.25
C4 NAG TA . -50.85 -50.50 23.87
C5 NAG TA . -49.59 -51.35 23.94
C6 NAG TA . -48.48 -50.87 23.03
C7 NAG TA . -53.20 -52.61 26.91
C8 NAG TA . -54.27 -53.53 26.44
N2 NAG TA . -52.39 -52.12 25.96
O3 NAG TA . -50.45 -49.02 25.73
O4 NAG TA . -51.89 -51.25 23.24
O5 NAG TA . -49.06 -51.30 25.28
O6 NAG TA . -47.31 -50.56 23.76
O7 NAG TA . -53.06 -52.31 28.09
C1 NAG UA . 56.58 -1.10 -16.90
C2 NAG UA . 57.33 -0.56 -18.13
C3 NAG UA . 58.72 -1.15 -18.21
C4 NAG UA . 59.49 -0.90 -16.91
C5 NAG UA . 58.69 -1.44 -15.73
C6 NAG UA . 59.32 -1.12 -14.39
C7 NAG UA . 55.74 0.04 -19.91
C8 NAG UA . 55.06 -0.40 -21.17
N2 NAG UA . 56.59 -0.83 -19.36
O3 NAG UA . 59.42 -0.59 -19.31
O4 NAG UA . 60.76 -1.53 -16.95
O5 NAG UA . 57.38 -0.87 -15.72
O6 NAG UA . 58.79 0.08 -13.86
O7 NAG UA . 55.52 1.14 -19.41
C1 NAG VA . 49.35 20.89 -38.91
C2 NAG VA . 49.32 21.70 -37.61
C3 NAG VA . 50.18 22.96 -37.74
C4 NAG VA . 51.58 22.61 -38.21
C5 NAG VA . 51.52 21.79 -39.50
C6 NAG VA . 52.88 21.29 -39.94
C7 NAG VA . 47.47 21.79 -36.02
C8 NAG VA . 46.05 22.22 -35.77
N2 NAG VA . 47.96 22.05 -37.24
O3 NAG VA . 50.23 23.63 -36.50
O4 NAG VA . 52.32 23.80 -38.46
O5 NAG VA . 50.71 20.62 -39.29
O6 NAG VA . 53.30 20.20 -39.15
O7 NAG VA . 48.13 21.23 -35.15
C1 NAG WA . -9.38 -45.58 -8.36
C2 NAG WA . -8.41 -46.13 -9.42
C3 NAG WA . -9.14 -46.31 -10.76
C4 NAG WA . -10.41 -47.13 -10.59
C5 NAG WA . -11.30 -46.48 -9.54
C6 NAG WA . -12.55 -47.26 -9.26
C7 NAG WA . -6.03 -45.69 -9.80
C8 NAG WA . -4.97 -44.64 -9.96
N2 NAG WA . -7.27 -45.24 -9.58
O3 NAG WA . -8.26 -46.98 -11.67
O4 NAG WA . -11.11 -47.21 -11.83
O5 NAG WA . -10.58 -46.38 -8.31
O6 NAG WA . -12.23 -48.52 -8.66
O7 NAG WA . -5.78 -46.90 -9.86
C1 NAG XA . 26.77 -3.58 -48.31
C2 NAG XA . 26.22 -4.99 -48.57
C3 NAG XA . 27.37 -5.95 -48.87
C4 NAG XA . 28.22 -5.41 -50.03
C5 NAG XA . 28.71 -4.01 -49.70
C6 NAG XA . 29.48 -3.39 -50.83
C7 NAG XA . 24.15 -5.77 -47.50
C8 NAG XA . 23.53 -6.27 -46.24
N2 NAG XA . 25.46 -5.48 -47.43
O3 NAG XA . 26.85 -7.22 -49.22
O4 NAG XA . 29.34 -6.27 -50.25
O5 NAG XA . 27.58 -3.16 -49.44
O6 NAG XA . 30.03 -4.38 -51.70
O7 NAG XA . 23.52 -5.65 -48.54
C1 NAG YA . 9.70 -8.93 -48.72
C2 NAG YA . 9.31 -10.23 -49.40
C3 NAG YA . 10.52 -10.85 -50.10
C4 NAG YA . 11.11 -9.85 -51.08
C5 NAG YA . 11.43 -8.53 -50.39
C6 NAG YA . 11.87 -7.45 -51.35
C7 NAG YA . 7.55 -11.78 -48.69
C8 NAG YA . 7.08 -12.71 -47.63
N2 NAG YA . 8.72 -11.17 -48.47
O3 NAG YA . 10.14 -12.04 -50.75
O4 NAG YA . 12.29 -10.38 -51.66
O5 NAG YA . 10.26 -8.02 -49.71
O6 NAG YA . 10.88 -7.23 -52.35
O7 NAG YA . 6.90 -11.57 -49.72
C1 NAG ZA . 28.80 -18.64 11.47
C2 NAG ZA . 29.15 -17.82 12.69
C3 NAG ZA . 29.98 -18.63 13.66
C4 NAG ZA . 29.25 -19.92 14.03
C5 NAG ZA . 28.86 -20.70 12.79
C6 NAG ZA . 27.97 -21.88 13.10
C7 NAG ZA . 29.51 -15.42 12.83
C8 NAG ZA . 30.31 -14.24 12.35
N2 NAG ZA . 29.83 -16.60 12.32
O3 NAG ZA . 30.22 -17.87 14.82
O4 NAG ZA . 30.10 -20.74 14.82
O5 NAG ZA . 28.12 -19.85 11.88
O6 NAG ZA . 27.17 -21.63 14.25
O7 NAG ZA . 28.62 -15.30 13.66
C1 NAG AB . 22.57 -34.69 -3.14
C2 NAG AB . 23.37 -35.34 -2.02
C3 NAG AB . 24.21 -34.30 -1.29
C4 NAG AB . 25.05 -33.48 -2.28
C5 NAG AB . 24.18 -32.94 -3.40
C6 NAG AB . 24.99 -32.26 -4.50
C7 NAG AB . 22.11 -37.29 -1.19
C8 NAG AB . 21.20 -37.80 -0.13
N2 NAG AB . 22.48 -36.01 -1.08
O3 NAG AB . 25.07 -34.95 -0.36
O4 NAG AB . 25.67 -32.39 -1.59
O5 NAG AB . 23.46 -34.01 -4.02
O6 NAG AB . 25.44 -33.20 -5.46
O7 NAG AB . 22.52 -38.00 -2.11
C1 NAG BB . 12.60 -40.31 -12.79
C2 NAG BB . 13.86 -39.47 -13.06
C3 NAG BB . 15.08 -40.38 -13.17
C4 NAG BB . 15.21 -41.27 -11.94
C5 NAG BB . 13.91 -42.06 -11.74
C6 NAG BB . 13.92 -42.90 -10.49
C7 NAG BB . 13.25 -37.40 -14.20
C8 NAG BB . 13.17 -36.68 -15.52
N2 NAG BB . 13.71 -38.65 -14.24
O3 NAG BB . 16.23 -39.56 -13.30
O4 NAG BB . 16.29 -42.18 -12.10
O5 NAG BB . 12.81 -41.14 -11.62
O6 NAG BB . 13.95 -42.09 -9.32
O7 NAG BB . 12.89 -36.89 -13.16
C1 NAG CB . 4.13 -42.32 -22.68
C2 NAG CB . 4.28 -42.40 -24.20
C3 NAG CB . 3.46 -43.57 -24.75
C4 NAG CB . 3.83 -44.87 -24.05
C5 NAG CB . 3.67 -44.70 -22.54
C6 NAG CB . 4.13 -45.91 -21.76
C7 NAG CB . 4.75 -40.37 -25.50
C8 NAG CB . 4.17 -39.12 -26.09
N2 NAG CB . 3.88 -41.15 -24.83
O3 NAG CB . 3.69 -43.68 -26.15
O4 NAG CB . 3.01 -45.93 -24.49
O5 NAG CB . 4.48 -43.60 -22.08
O6 NAG CB . 5.51 -46.18 -21.99
O7 NAG CB . 5.93 -40.65 -25.61
C1 NAG DB . 47.71 2.65 -39.54
C2 NAG DB . 47.53 3.93 -40.36
C3 NAG DB . 48.08 3.73 -41.78
C4 NAG DB . 49.51 3.21 -41.73
C5 NAG DB . 49.62 1.97 -40.85
C6 NAG DB . 51.04 1.50 -40.66
C7 NAG DB . 45.74 5.57 -40.09
C8 NAG DB . 44.25 5.82 -40.19
N2 NAG DB . 46.14 4.34 -40.41
O3 NAG DB . 48.03 4.97 -42.47
O4 NAG DB . 49.95 2.88 -43.05
O5 NAG DB . 49.09 2.25 -39.55
O6 NAG DB . 51.97 2.56 -40.82
O7 NAG DB . 46.52 6.43 -39.71
C1 NAG EB . -1.02 -37.80 12.11
C2 NAG EB . -0.26 -37.02 13.19
C3 NAG EB . -0.64 -37.52 14.58
C4 NAG EB . -2.16 -37.59 14.75
C5 NAG EB . -2.75 -38.38 13.59
C6 NAG EB . -4.25 -38.51 13.71
C7 NAG EB . 1.90 -36.25 12.30
C8 NAG EB . 3.33 -36.62 12.06
N2 NAG EB . 1.17 -37.14 12.99
O3 NAG EB . -0.05 -36.66 15.56
O4 NAG EB . -2.53 -38.35 15.92
O5 NAG EB . -2.42 -37.74 12.36
O6 NAG EB . -4.81 -37.21 13.58
O7 NAG EB . 1.42 -35.21 11.87
#